data_6NF5
#
_entry.id   6NF5
#
loop_
_entity.id
_entity.type
_entity.pdbx_description
1 polymer 'HIV-1 Env BG505 MD64 N332-GT5 SOSIP gp120'
2 polymer 'HIV-1 Env BG505 MD64 N332-GT5 SOSIP gp41'
3 polymer 'BG18-like precursor HMP1 fragment antigen binding heavy chain'
4 polymer 'BG18-like precursor HMP1 fragment antigen binding light chain'
5 polymer 'base-binding RM20A3 fragment antigen binding heavy chain'
6 polymer 'base-binding RM20A3 fragment antigen binding light chain'
7 branched 2-acetamido-2-deoxy-beta-D-glucopyranose-(1-4)-2-acetamido-2-deoxy-beta-D-glucopyranose
8 branched alpha-D-mannopyranose-(1-2)-alpha-D-mannopyranose-(1-3)-beta-D-mannopyranose-(1-4)-2-acetamido-2-deoxy-beta-D-glucopyranose-(1-4)-2-acetamido-2-deoxy-beta-D-glucopyranose
9 branched alpha-D-mannopyranose-(1-2)-alpha-D-mannopyranose-(1-3)-[alpha-D-mannopyranose-(1-6)]beta-D-mannopyranose-(1-4)-2-acetamido-2-deoxy-beta-D-glucopyranose-(1-4)-2-acetamido-2-deoxy-beta-D-glucopyranose
10 non-polymer 2-acetamido-2-deoxy-beta-D-glucopyranose
#
loop_
_entity_poly.entity_id
_entity_poly.type
_entity_poly.pdbx_seq_one_letter_code
_entity_poly.pdbx_strand_id
1 'polypeptide(L)'
;AENLWVTVYYGVPVWKDAETTLFCASDAKAYETEKHNVWATHACVPTDPNPQEIHLENVTEEFNMWKNNMVEQMHEDIIS
LWDQSLKPCVKLTPLCVTLQCTNYAPKLRSMMRGEIKNCSFNMTTELRDKKQKVYSLFYRLDVVQINENQGNRSNNSNKE
YRLINCNTSAITQACPKVSFEPIPIHYCAPAGFAILKCKDKKFNGTGPCPSVSTVQCTHGIKPVVSTQLLLNGSLAEEEV
IIRSENITNNAKNILVQLNTPVQINCTRPSNNTVKSIRIGPGQAFYYFGDVLGHVRMAHCNISKATWNETLGKVVKQLRK
HFGNNTIIRFAQSSGGDLEVTTHSFNCGGEFFYCNTSGLFNSTWISNTSVQGSNSTGSNDSLILPCWIKQIINMWQRIGQ
AMYAPPIQGVIRCVSNITGLILTRDGGSTNSTTETFRPGGGDMRDNWRSELYKYKVVKIEPLGVAPTRCKRRVVGRRRRR
R
;
A,C,J
2 'polypeptide(L)'
;AVGIGAVSLGFLGAAGSTMGAASMTLTVQARNLLSGIVQQQSNLLRAPEPQQHLLKDTHWGIKQLQARVLAVEHYLRDQQ
LLGIWGCSGKLICCTNVPWNSSWSNRNLSEIWDNMTWLQWDKEISNYTQIIYGLLEESQNQQEKNEQDLLALDGTKHHHH
HH
;
B,D,M
3 'polypeptide(L)'
;QVQLQESGPGLVKPSQTLSLTCTVSGGSISSGSYYWSWIRQPAGKGLEWIGRIYTSGSTNYNPSLKSRVTISVDTSKNQF
SLKLSSVTAADTAVYYCAREGFTIFGVVTFSEGYYYGMDVWGKGTTVTVSS
;
H,E,O
4 'polypeptide(L)'
;SYELTQPPSVSVSPGQTARITCSGDALPKQYAYWYQQKPGQAPVLVIYKDSERPSGIPERFSGSSSGTTVTLTISGVQAE
DEADYYCQSADSSGEVFGGGTKLTVL
;
L,F,P
5 'polypeptide(L)'
;EVQLVETGGGLVQPGGSLKLSCRASGYTFSSFAMSWVRQAPGKGLEWVSLINDRGGLTFYVDSVKGRFTISRDNSKNTLS
LQMHSLRDGDTAVYYCATGGMSSALQSSKYYFDFWGQGALVTVSS
;
K,G,Q
6 'polypeptide(L)'
;ALTQPPSVSGSPGQSVTISCTGTSSDIGSYNYVSWYQQHPGKAPKLMIYDVTQRPSGVSDRFSGSKSGNTASLTISGLQA
DDEADYYCSAYAGRQTFYIFGGGTRLTVLGQPKASPTVTLFPPSSEEL
;
N,I,R
#
loop_
_chem_comp.id
_chem_comp.type
_chem_comp.name
_chem_comp.formula
BMA D-saccharide, beta linking beta-D-mannopyranose 'C6 H12 O6'
MAN D-saccharide, alpha linking alpha-D-mannopyranose 'C6 H12 O6'
NAG D-saccharide, beta linking 2-acetamido-2-deoxy-beta-D-glucopyranose 'C8 H15 N O6'
#
# COMPACT_ATOMS: atom_id res chain seq x y z
N ASN A 3 51.93 -5.91 4.48
CA ASN A 3 51.84 -5.35 5.81
C ASN A 3 50.77 -4.29 5.90
N LEU A 4 49.85 -4.35 4.97
CA LEU A 4 48.70 -3.45 4.94
C LEU A 4 47.50 -4.22 5.37
N TRP A 5 46.55 -3.53 5.95
CA TRP A 5 45.35 -4.16 6.50
C TRP A 5 44.09 -3.64 5.88
N VAL A 6 43.07 -4.48 5.85
CA VAL A 6 41.80 -4.06 5.29
C VAL A 6 41.07 -3.18 6.27
N THR A 7 40.66 -1.99 5.82
CA THR A 7 39.85 -1.17 6.70
C THR A 7 38.55 -0.97 6.02
N VAL A 8 37.57 -0.58 6.79
CA VAL A 8 36.23 -0.41 6.28
C VAL A 8 35.75 1.00 6.40
N TYR A 9 35.26 1.53 5.30
CA TYR A 9 34.74 2.88 5.27
C TYR A 9 33.28 2.92 4.90
N TYR A 10 32.49 3.56 5.73
CA TYR A 10 31.06 3.68 5.48
C TYR A 10 30.76 5.13 5.25
N GLY A 11 30.02 5.44 4.19
CA GLY A 11 29.77 6.83 3.83
C GLY A 11 30.64 7.21 2.63
N VAL A 12 31.17 6.22 1.96
CA VAL A 12 32.00 6.39 0.79
C VAL A 12 31.21 6.96 -0.39
N PRO A 13 31.64 8.05 -1.04
CA PRO A 13 30.91 8.72 -2.10
C PRO A 13 30.95 8.03 -3.45
N VAL A 14 30.35 6.86 -3.52
CA VAL A 14 30.26 6.11 -4.77
C VAL A 14 28.86 5.70 -5.07
N TRP A 15 28.62 5.35 -6.31
CA TRP A 15 27.32 4.95 -6.75
C TRP A 15 27.34 4.00 -7.91
N LYS A 16 26.20 3.38 -8.14
CA LYS A 16 26.01 2.49 -9.27
C LYS A 16 24.72 2.86 -9.97
N ASP A 17 24.65 2.63 -11.27
CA ASP A 17 23.43 2.95 -12.00
C ASP A 17 22.27 2.16 -11.47
N ALA A 18 21.09 2.77 -11.37
CA ALA A 18 19.97 2.01 -10.87
C ALA A 18 18.64 2.50 -11.41
N GLU A 19 17.69 1.59 -11.48
CA GLU A 19 16.36 1.95 -11.92
C GLU A 19 15.37 1.91 -10.78
N THR A 20 15.00 3.06 -10.27
CA THR A 20 14.08 3.07 -9.14
C THR A 20 12.93 3.99 -9.39
N THR A 21 12.06 4.03 -8.42
CA THR A 21 10.89 4.87 -8.43
C THR A 21 11.22 6.27 -7.96
N LEU A 22 10.86 7.25 -8.74
CA LEU A 22 11.07 8.62 -8.32
C LEU A 22 9.77 9.16 -7.80
N PHE A 23 9.82 10.14 -6.92
CA PHE A 23 8.57 10.66 -6.47
C PHE A 23 8.32 11.94 -7.20
N CYS A 24 7.07 12.29 -7.29
CA CYS A 24 6.68 13.49 -7.99
C CYS A 24 6.47 14.61 -6.99
N ALA A 25 7.07 15.74 -7.29
CA ALA A 25 6.97 16.94 -6.49
C ALA A 25 6.30 18.04 -7.29
N SER A 26 5.59 18.91 -6.62
CA SER A 26 4.75 19.91 -7.30
C SER A 26 4.74 21.32 -6.74
N ASP A 27 4.00 22.16 -7.43
CA ASP A 27 3.78 23.55 -7.06
C ASP A 27 2.38 23.93 -7.51
N ALA A 28 2.00 25.18 -7.23
CA ALA A 28 0.71 25.83 -7.57
C ALA A 28 -0.02 26.23 -6.30
N HIS A 36 -10.53 23.87 -11.69
CA HIS A 36 -9.61 22.85 -11.20
C HIS A 36 -8.65 22.46 -12.33
N ASN A 37 -7.73 21.53 -12.09
CA ASN A 37 -6.70 21.18 -13.09
C ASN A 37 -6.38 19.71 -13.04
N VAL A 38 -6.28 19.11 -14.21
CA VAL A 38 -6.05 17.68 -14.31
C VAL A 38 -4.78 17.23 -13.58
N TRP A 39 -3.76 18.07 -13.48
CA TRP A 39 -2.53 17.66 -12.79
C TRP A 39 -2.47 18.00 -11.32
N ALA A 40 -3.51 18.62 -10.79
CA ALA A 40 -3.54 18.95 -9.37
C ALA A 40 -4.08 17.77 -8.59
N THR A 41 -3.31 16.69 -8.56
CA THR A 41 -3.79 15.45 -7.96
C THR A 41 -3.42 15.28 -6.51
N HIS A 42 -2.44 16.03 -6.08
CA HIS A 42 -1.87 15.97 -4.73
C HIS A 42 -1.15 14.66 -4.47
N ALA A 43 -0.96 13.86 -5.52
CA ALA A 43 -0.16 12.66 -5.44
C ALA A 43 1.27 13.10 -5.61
N CYS A 44 1.39 14.23 -6.29
CA CYS A 44 2.63 14.87 -6.60
C CYS A 44 2.74 15.95 -5.53
N VAL A 45 3.71 15.77 -4.65
CA VAL A 45 3.89 16.51 -3.41
C VAL A 45 4.35 17.94 -3.51
N PRO A 46 3.61 18.92 -2.99
CA PRO A 46 3.99 20.32 -3.03
C PRO A 46 5.36 20.43 -2.42
N THR A 47 6.26 21.08 -3.12
CA THR A 47 7.61 21.19 -2.66
C THR A 47 8.19 22.56 -2.74
N ASP A 48 9.43 22.61 -2.32
CA ASP A 48 10.29 23.77 -2.42
C ASP A 48 11.14 23.54 -3.67
N PRO A 49 10.94 24.28 -4.77
CA PRO A 49 11.67 24.14 -6.02
C PRO A 49 13.17 24.40 -5.86
N ASN A 50 13.61 25.01 -4.73
CA ASN A 50 15.01 25.32 -4.48
C ASN A 50 15.92 24.30 -5.15
N PRO A 51 16.58 24.66 -6.26
CA PRO A 51 17.41 23.81 -7.06
C PRO A 51 18.77 23.62 -6.45
N GLN A 52 18.82 22.96 -5.32
CA GLN A 52 20.12 22.80 -4.70
C GLN A 52 20.91 21.91 -5.63
N GLU A 53 22.16 22.29 -5.88
CA GLU A 53 23.01 21.54 -6.79
C GLU A 53 24.45 21.48 -6.35
N ILE A 54 25.03 20.28 -6.39
CA ILE A 54 26.43 20.13 -6.05
C ILE A 54 27.28 19.78 -7.26
N HIS A 55 28.18 20.64 -7.63
CA HIS A 55 28.99 20.36 -8.81
C HIS A 55 30.02 19.30 -8.49
N LEU A 56 30.22 18.32 -9.38
CA LEU A 56 31.23 17.32 -9.10
C LEU A 56 32.44 17.73 -9.92
N GLU A 57 33.39 18.38 -9.27
CA GLU A 57 34.46 19.05 -9.99
C GLU A 57 35.32 18.19 -10.87
N ASN A 58 35.64 16.98 -10.45
CA ASN A 58 36.52 16.14 -11.25
C ASN A 58 35.86 14.82 -11.62
N VAL A 59 34.54 14.83 -11.82
CA VAL A 59 33.87 13.59 -12.17
C VAL A 59 33.35 13.56 -13.57
N THR A 60 33.66 12.52 -14.30
CA THR A 60 33.10 12.37 -15.63
C THR A 60 32.39 11.05 -15.64
N GLU A 61 31.14 11.06 -16.07
CA GLU A 61 30.35 9.84 -16.14
C GLU A 61 29.47 9.82 -17.36
N GLU A 62 29.30 8.65 -17.96
CA GLU A 62 28.45 8.53 -19.13
C GLU A 62 26.97 8.42 -18.85
N PHE A 63 26.24 8.98 -19.79
CA PHE A 63 24.80 9.02 -19.86
C PHE A 63 24.30 8.30 -21.09
N ASN A 64 23.07 7.83 -21.03
CA ASN A 64 22.44 7.26 -22.21
C ASN A 64 20.95 7.53 -22.17
N MET A 65 20.53 8.58 -22.87
CA MET A 65 19.15 9.03 -22.82
C MET A 65 18.17 8.05 -23.42
N TRP A 66 18.64 7.08 -24.17
CA TRP A 66 17.74 6.18 -24.85
C TRP A 66 17.39 4.99 -23.98
N LYS A 67 18.05 4.89 -22.83
CA LYS A 67 17.84 3.77 -21.94
C LYS A 67 17.46 4.32 -20.57
N ASN A 68 16.93 5.51 -20.58
CA ASN A 68 16.61 6.21 -19.35
C ASN A 68 15.24 5.83 -18.78
N ASN A 69 15.23 5.15 -17.65
CA ASN A 69 13.99 4.68 -17.08
C ASN A 69 13.15 5.81 -16.50
N MET A 70 13.72 7.01 -16.42
CA MET A 70 12.96 8.14 -15.92
C MET A 70 11.90 8.47 -16.95
N VAL A 71 12.19 8.16 -18.21
CA VAL A 71 11.31 8.46 -19.29
C VAL A 71 10.19 7.48 -19.22
N GLU A 72 10.54 6.23 -18.96
CA GLU A 72 9.48 5.25 -18.86
C GLU A 72 8.58 5.58 -17.68
N GLN A 73 9.16 6.01 -16.57
CA GLN A 73 8.29 6.35 -15.47
C GLN A 73 7.42 7.53 -15.79
N MET A 74 7.96 8.57 -16.43
CA MET A 74 7.13 9.72 -16.69
C MET A 74 5.99 9.35 -17.60
N HIS A 75 6.24 8.50 -18.58
CA HIS A 75 5.21 8.08 -19.49
C HIS A 75 4.08 7.41 -18.75
N GLU A 76 4.42 6.48 -17.87
CA GLU A 76 3.37 5.79 -17.14
C GLU A 76 2.68 6.69 -16.15
N ASP A 77 3.40 7.63 -15.51
CA ASP A 77 2.74 8.47 -14.55
C ASP A 77 1.75 9.38 -15.22
N ILE A 78 2.07 9.89 -16.40
CA ILE A 78 1.14 10.76 -17.08
C ILE A 78 -0.08 10.02 -17.55
N ILE A 79 0.09 8.84 -18.13
CA ILE A 79 -1.09 8.14 -18.57
C ILE A 79 -1.95 7.77 -17.41
N SER A 80 -1.35 7.27 -16.33
CA SER A 80 -2.11 6.88 -15.17
C SER A 80 -2.88 8.06 -14.62
N LEU A 81 -2.23 9.22 -14.53
CA LEU A 81 -2.90 10.41 -14.02
C LEU A 81 -4.07 10.78 -14.87
N TRP A 82 -3.87 10.80 -16.17
CA TRP A 82 -4.92 11.22 -17.06
C TRP A 82 -6.13 10.33 -16.87
N ASP A 83 -5.90 9.02 -16.83
CA ASP A 83 -6.96 8.06 -16.71
C ASP A 83 -7.69 8.23 -15.38
N GLN A 84 -6.96 8.50 -14.30
CA GLN A 84 -7.64 8.67 -13.02
C GLN A 84 -8.48 9.92 -13.01
N SER A 85 -8.04 10.97 -13.68
CA SER A 85 -8.85 12.17 -13.68
C SER A 85 -10.16 11.97 -14.43
N LEU A 86 -10.17 11.17 -15.49
CA LEU A 86 -11.41 10.89 -16.23
C LEU A 86 -12.31 9.88 -15.55
N LYS A 87 -11.72 8.99 -14.76
CA LYS A 87 -12.46 7.92 -14.11
C LYS A 87 -13.86 8.25 -13.56
N PRO A 88 -14.09 9.31 -12.74
CA PRO A 88 -15.38 9.60 -12.13
C PRO A 88 -16.36 10.41 -12.99
N CYS A 89 -16.02 10.69 -14.24
CA CYS A 89 -16.83 11.57 -15.05
C CYS A 89 -17.88 10.82 -15.87
N VAL A 90 -18.84 11.57 -16.43
CA VAL A 90 -19.98 11.01 -17.15
C VAL A 90 -19.65 10.18 -18.36
N LYS A 91 -20.25 9.00 -18.46
CA LYS A 91 -20.01 8.14 -19.60
C LYS A 91 -21.10 8.42 -20.61
N LEU A 92 -20.72 8.78 -21.82
CA LEU A 92 -21.67 9.15 -22.84
C LEU A 92 -22.08 7.97 -23.65
N THR A 93 -22.52 6.94 -22.96
CA THR A 93 -22.97 5.74 -23.62
C THR A 93 -24.12 6.05 -24.55
N PRO A 94 -25.15 6.83 -24.13
CA PRO A 94 -26.30 7.17 -24.91
C PRO A 94 -26.02 7.92 -26.19
N LEU A 95 -24.82 8.48 -26.37
CA LEU A 95 -24.57 9.20 -27.58
C LEU A 95 -24.18 8.29 -28.73
N CYS A 96 -23.86 7.03 -28.45
CA CYS A 96 -23.52 6.15 -29.56
C CYS A 96 -24.80 5.52 -30.09
N VAL A 97 -25.55 6.35 -30.79
CA VAL A 97 -26.87 6.09 -31.32
C VAL A 97 -26.92 6.56 -32.76
N THR A 98 -27.77 5.98 -33.58
CA THR A 98 -27.85 6.46 -34.95
C THR A 98 -28.21 7.93 -34.90
N LEU A 99 -27.43 8.73 -35.59
CA LEU A 99 -27.54 10.17 -35.63
C LEU A 99 -27.98 10.66 -37.01
N GLN A 100 -28.91 11.62 -37.07
CA GLN A 100 -29.35 12.15 -38.38
C GLN A 100 -28.74 13.50 -38.69
N CYS A 101 -28.03 13.64 -39.82
CA CYS A 101 -27.35 14.93 -40.02
C CYS A 101 -27.49 15.56 -41.39
N THR A 102 -27.36 16.88 -41.35
CA THR A 102 -27.22 17.79 -42.49
C THR A 102 -26.05 18.73 -42.26
N ASN A 103 -25.73 19.55 -43.24
CA ASN A 103 -24.63 20.48 -43.04
C ASN A 103 -25.08 21.71 -42.27
N TYR A 104 -24.23 22.20 -41.36
CA TYR A 104 -24.55 23.38 -40.58
C TYR A 104 -24.77 24.64 -41.39
N ALA A 105 -23.89 24.91 -42.31
CA ALA A 105 -24.01 26.10 -43.13
C ALA A 105 -23.75 25.73 -44.57
N PRO A 106 -24.70 25.09 -45.27
CA PRO A 106 -24.54 24.63 -46.64
C PRO A 106 -24.11 25.77 -47.54
N LYS A 107 -24.57 26.96 -47.20
CA LYS A 107 -24.29 28.15 -47.95
C LYS A 107 -23.00 28.80 -47.49
N LEU A 108 -21.93 28.12 -47.79
CA LEU A 108 -20.60 28.52 -47.44
C LEU A 108 -19.66 28.02 -48.51
N ARG A 109 -18.80 28.89 -49.04
CA ARG A 109 -17.89 28.47 -50.10
C ARG A 109 -16.43 28.36 -49.67
N SER A 110 -16.19 28.57 -48.39
CA SER A 110 -14.86 28.57 -47.80
C SER A 110 -14.38 27.17 -47.48
N MET A 111 -13.16 27.09 -46.97
CA MET A 111 -12.55 25.83 -46.55
C MET A 111 -13.37 25.04 -45.53
N MET A 112 -14.26 25.72 -44.81
CA MET A 112 -15.08 25.07 -43.79
C MET A 112 -16.38 24.53 -44.31
N ARG A 113 -16.65 24.67 -45.60
CA ARG A 113 -17.93 24.18 -46.02
C ARG A 113 -17.92 22.68 -45.85
N GLY A 114 -18.97 22.17 -45.26
CA GLY A 114 -19.13 20.73 -45.07
C GLY A 114 -18.42 20.21 -43.83
N GLU A 115 -17.66 21.07 -43.15
CA GLU A 115 -16.90 20.65 -41.99
C GLU A 115 -17.74 20.52 -40.72
N ILE A 116 -18.74 21.37 -40.56
CA ILE A 116 -19.54 21.32 -39.35
C ILE A 116 -20.90 20.79 -39.70
N LYS A 117 -21.33 19.74 -39.01
CA LYS A 117 -22.61 19.13 -39.28
C LYS A 117 -23.61 19.34 -38.17
N ASN A 118 -24.83 19.55 -38.59
CA ASN A 118 -25.96 19.77 -37.69
C ASN A 118 -26.77 18.50 -37.56
N CYS A 119 -26.60 17.88 -36.42
CA CYS A 119 -27.17 16.57 -36.21
C CYS A 119 -28.23 16.51 -35.16
N SER A 120 -29.16 15.56 -35.32
CA SER A 120 -30.15 15.36 -34.28
C SER A 120 -30.17 13.94 -33.72
N PHE A 121 -30.56 13.87 -32.45
CA PHE A 121 -30.64 12.64 -31.69
C PHE A 121 -31.95 12.42 -31.00
N ASN A 122 -32.28 11.15 -30.80
CA ASN A 122 -33.30 10.81 -29.81
C ASN A 122 -32.55 10.45 -28.53
N MET A 123 -32.43 11.41 -27.63
CA MET A 123 -31.57 11.33 -26.48
C MET A 123 -32.28 10.92 -25.20
N THR A 124 -31.56 10.25 -24.32
CA THR A 124 -32.04 9.87 -23.01
C THR A 124 -32.26 11.10 -22.12
N THR A 125 -33.35 11.13 -21.36
CA THR A 125 -33.61 12.20 -20.37
C THR A 125 -33.29 11.65 -19.00
N GLU A 126 -33.40 12.47 -17.96
CA GLU A 126 -33.09 11.94 -16.65
C GLU A 126 -34.09 10.90 -16.15
N LEU A 127 -35.27 10.78 -16.77
CA LEU A 127 -36.16 9.73 -16.31
C LEU A 127 -36.05 8.58 -17.28
N ARG A 128 -36.10 7.38 -16.75
CA ARG A 128 -35.95 6.20 -17.58
C ARG A 128 -36.94 6.06 -18.73
N ASP A 129 -38.17 6.51 -18.59
CA ASP A 129 -39.12 6.33 -19.65
C ASP A 129 -39.25 7.49 -20.62
N LYS A 130 -38.40 8.50 -20.53
CA LYS A 130 -38.55 9.63 -21.42
C LYS A 130 -37.32 9.93 -22.25
N LYS A 131 -37.59 10.37 -23.48
CA LYS A 131 -36.60 10.77 -24.46
C LYS A 131 -36.79 12.22 -24.84
N GLN A 132 -35.73 12.83 -25.36
CA GLN A 132 -35.78 14.22 -25.81
C GLN A 132 -35.11 14.37 -27.15
N LYS A 133 -35.56 15.33 -27.95
CA LYS A 133 -34.88 15.55 -29.22
C LYS A 133 -33.82 16.59 -29.06
N VAL A 134 -32.62 16.22 -29.46
CA VAL A 134 -31.49 17.09 -29.31
C VAL A 134 -30.82 17.44 -30.59
N TYR A 135 -30.55 18.71 -30.78
CA TYR A 135 -29.79 19.16 -31.93
C TYR A 135 -28.44 19.63 -31.45
N SER A 136 -27.39 19.22 -32.15
CA SER A 136 -26.04 19.60 -31.77
C SER A 136 -25.09 19.66 -32.94
N LEU A 137 -23.97 20.35 -32.76
CA LEU A 137 -23.01 20.41 -33.82
C LEU A 137 -21.78 19.53 -33.59
N PHE A 138 -21.40 18.84 -34.64
CA PHE A 138 -20.25 17.95 -34.68
C PHE A 138 -19.32 18.31 -35.79
N TYR A 139 -18.06 17.96 -35.65
CA TYR A 139 -17.16 18.22 -36.74
C TYR A 139 -17.15 17.00 -37.62
N ARG A 140 -16.86 17.18 -38.89
CA ARG A 140 -16.80 16.08 -39.82
C ARG A 140 -15.94 14.95 -39.32
N LEU A 141 -14.86 15.26 -38.65
CA LEU A 141 -13.92 14.26 -38.19
C LEU A 141 -14.45 13.40 -37.03
N ASP A 142 -15.57 13.78 -36.44
CA ASP A 142 -16.15 13.06 -35.33
C ASP A 142 -17.14 11.99 -35.78
N VAL A 143 -17.61 12.06 -37.05
CA VAL A 143 -18.66 11.14 -37.50
C VAL A 143 -18.38 10.44 -38.81
N VAL A 144 -19.04 9.31 -39.00
CA VAL A 144 -19.00 8.62 -40.27
C VAL A 144 -20.38 8.26 -40.71
N GLN A 145 -20.57 8.01 -41.99
CA GLN A 145 -21.89 7.60 -42.44
C GLN A 145 -22.08 6.14 -42.23
N ILE A 146 -23.32 5.76 -42.04
CA ILE A 146 -23.70 4.38 -41.89
C ILE A 146 -24.06 3.76 -43.21
N ASN A 147 -24.86 4.47 -44.00
CA ASN A 147 -25.31 3.96 -45.26
C ASN A 147 -25.68 2.49 -45.16
N ASN A 158 -31.51 13.67 -45.43
CA ASN A 158 -30.46 13.61 -44.42
C ASN A 158 -29.82 12.25 -44.44
N LYS A 159 -28.59 12.16 -43.95
CA LYS A 159 -27.91 10.88 -43.93
C LYS A 159 -27.77 10.39 -42.52
N GLU A 160 -27.68 9.07 -42.37
CA GLU A 160 -27.48 8.50 -41.06
C GLU A 160 -26.00 8.31 -40.78
N TYR A 161 -25.61 8.77 -39.60
CA TYR A 161 -24.28 8.79 -39.06
C TYR A 161 -24.12 8.12 -37.71
N ARG A 162 -22.90 7.73 -37.43
CA ARG A 162 -22.56 7.25 -36.11
C ARG A 162 -21.30 7.94 -35.68
N LEU A 163 -21.10 8.05 -34.39
CA LEU A 163 -19.87 8.64 -33.91
C LEU A 163 -18.74 7.66 -34.13
N ILE A 164 -17.55 8.16 -34.38
CA ILE A 164 -16.39 7.28 -34.64
C ILE A 164 -15.97 6.35 -33.51
N ASN A 165 -16.35 6.66 -32.29
CA ASN A 165 -15.95 5.83 -31.20
C ASN A 165 -16.71 4.53 -31.19
N CYS A 166 -17.80 4.45 -31.93
CA CYS A 166 -18.66 3.30 -31.88
C CYS A 166 -17.98 2.03 -32.38
N ASN A 167 -16.83 2.15 -33.02
CA ASN A 167 -16.12 0.95 -33.43
C ASN A 167 -15.41 0.30 -32.25
N THR A 168 -14.94 1.11 -31.30
CA THR A 168 -14.13 0.57 -30.21
C THR A 168 -14.46 0.90 -28.78
N SER A 169 -15.15 1.99 -28.50
CA SER A 169 -15.27 2.38 -27.11
C SER A 169 -16.39 3.32 -26.72
N ALA A 170 -16.66 3.37 -25.43
CA ALA A 170 -17.55 4.37 -24.89
C ALA A 170 -16.74 5.64 -24.77
N ILE A 171 -17.39 6.78 -24.78
CA ILE A 171 -16.65 8.02 -24.64
C ILE A 171 -16.91 8.62 -23.28
N THR A 172 -15.87 9.00 -22.56
CA THR A 172 -16.07 9.63 -21.28
C THR A 172 -16.06 11.16 -21.43
N GLN A 173 -17.04 11.84 -20.85
CA GLN A 173 -17.13 13.30 -20.90
C GLN A 173 -15.93 13.82 -20.14
N ALA A 174 -15.18 14.73 -20.73
CA ALA A 174 -13.95 15.18 -20.09
C ALA A 174 -14.07 16.17 -18.97
N CYS A 175 -14.66 15.72 -17.90
CA CYS A 175 -14.73 16.42 -16.63
C CYS A 175 -14.71 17.95 -16.73
N PRO A 176 -15.73 18.59 -17.32
CA PRO A 176 -15.73 19.92 -17.90
C PRO A 176 -15.75 21.05 -16.87
N LYS A 177 -14.76 21.02 -15.99
CA LYS A 177 -14.53 21.93 -14.90
C LYS A 177 -13.03 22.01 -14.72
N VAL A 178 -12.38 20.96 -15.25
CA VAL A 178 -10.97 20.70 -15.09
C VAL A 178 -10.14 21.15 -16.28
N SER A 179 -9.16 21.99 -16.01
CA SER A 179 -8.22 22.53 -16.98
C SER A 179 -7.17 21.54 -17.42
N PHE A 180 -6.70 21.69 -18.64
CA PHE A 180 -5.60 20.88 -19.15
C PHE A 180 -4.30 21.66 -19.23
N GLU A 181 -4.21 22.78 -18.53
CA GLU A 181 -2.98 23.53 -18.54
C GLU A 181 -1.84 22.64 -17.99
N PRO A 182 -0.71 22.51 -18.69
CA PRO A 182 0.41 21.67 -18.36
C PRO A 182 1.28 22.20 -17.24
N ILE A 183 0.78 22.14 -16.02
CA ILE A 183 1.49 22.60 -14.85
C ILE A 183 2.74 21.76 -14.71
N PRO A 184 3.95 22.33 -14.58
CA PRO A 184 5.18 21.59 -14.51
C PRO A 184 5.29 20.80 -13.25
N ILE A 185 5.96 19.67 -13.35
CA ILE A 185 6.23 18.83 -12.19
C ILE A 185 7.70 18.59 -12.08
N HIS A 186 8.14 18.16 -10.91
CA HIS A 186 9.55 17.87 -10.74
C HIS A 186 9.73 16.42 -10.32
N TYR A 187 10.72 15.75 -10.84
CA TYR A 187 10.98 14.42 -10.33
C TYR A 187 12.07 14.50 -9.31
N CYS A 188 11.88 13.79 -8.22
CA CYS A 188 12.86 13.85 -7.15
C CYS A 188 13.33 12.49 -6.67
N ALA A 189 14.60 12.38 -6.36
CA ALA A 189 15.12 11.13 -5.85
C ALA A 189 14.68 10.88 -4.42
N PRO A 190 14.41 9.63 -4.04
CA PRO A 190 14.18 9.18 -2.68
C PRO A 190 15.51 9.12 -1.96
N ALA A 191 15.49 9.04 -0.63
CA ALA A 191 16.74 8.93 0.10
C ALA A 191 17.48 7.68 -0.37
N GLY A 192 18.80 7.76 -0.41
CA GLY A 192 19.62 6.65 -0.87
C GLY A 192 19.94 6.74 -2.36
N PHE A 193 19.29 7.67 -3.06
CA PHE A 193 19.45 7.89 -4.49
C PHE A 193 19.77 9.31 -4.84
N ALA A 194 20.34 9.50 -6.00
CA ALA A 194 20.66 10.84 -6.43
C ALA A 194 20.45 11.01 -7.92
N ILE A 195 20.19 12.24 -8.36
CA ILE A 195 20.05 12.47 -9.77
C ILE A 195 21.24 13.25 -10.29
N LEU A 196 21.87 12.69 -11.30
CA LEU A 196 23.01 13.34 -11.88
C LEU A 196 22.57 14.08 -13.11
N LYS A 197 22.89 15.36 -13.14
CA LYS A 197 22.54 16.25 -14.23
C LYS A 197 23.74 16.42 -15.14
N CYS A 198 23.58 16.17 -16.43
CA CYS A 198 24.72 16.23 -17.37
C CYS A 198 25.43 17.57 -17.36
N LYS A 199 24.71 18.67 -17.56
CA LYS A 199 25.26 20.04 -17.55
C LYS A 199 26.29 20.35 -18.62
N ASP A 200 26.44 19.50 -19.60
CA ASP A 200 27.43 19.78 -20.59
C ASP A 200 26.80 20.58 -21.69
N LYS A 201 27.57 20.93 -22.68
CA LYS A 201 27.05 21.64 -23.82
C LYS A 201 27.20 20.73 -25.00
N LYS A 202 26.35 20.89 -25.98
CA LYS A 202 26.45 20.09 -27.19
C LYS A 202 26.41 18.62 -26.83
N PHE A 203 25.56 18.26 -25.88
CA PHE A 203 25.45 16.89 -25.48
C PHE A 203 24.45 16.20 -26.37
N ASN A 204 24.90 15.13 -27.01
CA ASN A 204 24.10 14.44 -28.01
C ASN A 204 23.32 13.26 -27.45
N GLY A 205 23.24 13.15 -26.15
CA GLY A 205 22.43 12.11 -25.53
C GLY A 205 23.18 10.90 -25.02
N THR A 206 24.39 10.66 -25.50
CA THR A 206 25.11 9.51 -24.97
C THR A 206 26.54 9.86 -24.67
N GLY A 207 27.19 9.07 -23.84
CA GLY A 207 28.60 9.27 -23.60
C GLY A 207 28.81 10.16 -22.39
N PRO A 208 30.05 10.52 -22.08
CA PRO A 208 30.47 11.25 -20.90
C PRO A 208 30.01 12.68 -20.84
N CYS A 209 29.71 13.14 -19.63
CA CYS A 209 29.40 14.52 -19.31
C CYS A 209 30.31 15.08 -18.23
N PRO A 210 31.47 15.64 -18.57
CA PRO A 210 32.50 16.15 -17.65
C PRO A 210 32.02 17.27 -16.72
N SER A 211 30.87 17.86 -17.03
CA SER A 211 30.28 18.94 -16.27
C SER A 211 29.24 18.46 -15.23
N VAL A 212 29.09 17.16 -15.10
CA VAL A 212 28.05 16.59 -14.25
C VAL A 212 27.98 17.10 -12.82
N SER A 213 26.73 17.33 -12.38
CA SER A 213 26.44 17.81 -11.05
C SER A 213 25.32 17.00 -10.42
N THR A 214 25.22 17.02 -9.10
CA THR A 214 24.16 16.29 -8.42
C THR A 214 23.03 17.15 -7.92
N VAL A 215 21.82 16.74 -8.22
CA VAL A 215 20.64 17.45 -7.78
C VAL A 215 19.67 16.52 -7.07
N GLN A 216 18.76 17.08 -6.29
CA GLN A 216 17.76 16.25 -5.66
C GLN A 216 16.56 16.09 -6.57
N CYS A 217 16.26 17.17 -7.28
CA CYS A 217 15.10 17.22 -8.15
C CYS A 217 15.43 17.77 -9.51
N THR A 218 14.65 17.39 -10.50
CA THR A 218 14.78 17.89 -11.85
C THR A 218 14.15 19.25 -11.91
N HIS A 219 14.36 19.93 -13.02
CA HIS A 219 13.74 21.21 -13.25
C HIS A 219 12.29 20.91 -13.46
N GLY A 220 11.45 21.93 -13.42
CA GLY A 220 10.05 21.61 -13.65
C GLY A 220 9.90 21.27 -15.11
N ILE A 221 9.16 20.21 -15.39
CA ILE A 221 8.90 19.83 -16.75
C ILE A 221 7.44 19.90 -17.05
N LYS A 222 7.08 20.65 -18.08
CA LYS A 222 5.70 20.76 -18.42
C LYS A 222 5.29 19.55 -19.24
N PRO A 223 4.25 18.81 -18.87
CA PRO A 223 3.77 17.63 -19.54
C PRO A 223 2.97 18.00 -20.77
N VAL A 224 3.64 18.60 -21.73
CA VAL A 224 3.02 19.04 -22.96
C VAL A 224 2.95 17.86 -23.90
N VAL A 225 1.79 17.64 -24.47
CA VAL A 225 1.61 16.52 -25.38
C VAL A 225 1.44 17.01 -26.80
N SER A 226 2.31 16.55 -27.71
CA SER A 226 2.24 16.98 -29.11
C SER A 226 2.86 16.01 -30.10
N THR A 227 2.56 16.27 -31.38
CA THR A 227 3.14 15.53 -32.50
C THR A 227 3.79 16.50 -33.46
N GLN A 228 4.71 15.99 -34.32
CA GLN A 228 5.43 16.73 -35.37
C GLN A 228 6.45 17.68 -34.76
N LEU A 229 5.96 18.65 -34.00
CA LEU A 229 6.79 19.62 -33.34
C LEU A 229 6.66 19.56 -31.85
N LEU A 230 7.74 19.90 -31.18
CA LEU A 230 7.79 19.94 -29.74
C LEU A 230 7.53 21.36 -29.28
N LEU A 231 6.58 21.53 -28.39
CA LEU A 231 6.25 22.87 -27.92
C LEU A 231 6.62 23.11 -26.47
N ASN A 232 7.00 24.34 -26.20
CA ASN A 232 7.24 24.87 -24.86
C ASN A 232 8.22 24.05 -24.04
N GLY A 233 9.27 23.53 -24.66
CA GLY A 233 10.27 22.77 -23.93
C GLY A 233 11.50 23.60 -23.71
N SER A 234 12.61 22.93 -23.45
CA SER A 234 13.86 23.61 -23.22
C SER A 234 14.57 23.86 -24.53
N LEU A 235 15.29 24.96 -24.60
CA LEU A 235 16.10 25.24 -25.76
C LEU A 235 17.51 24.85 -25.53
N ALA A 236 18.20 24.56 -26.61
CA ALA A 236 19.61 24.26 -26.58
C ALA A 236 20.34 25.51 -26.17
N GLU A 237 21.40 25.36 -25.41
CA GLU A 237 22.18 26.49 -24.94
C GLU A 237 22.95 27.26 -26.00
N GLU A 238 23.48 26.56 -26.99
CA GLU A 238 24.33 27.23 -27.98
C GLU A 238 23.91 27.05 -29.44
N GLU A 239 23.73 25.81 -29.86
CA GLU A 239 23.48 25.48 -31.25
C GLU A 239 22.47 24.38 -31.35
N VAL A 240 21.85 24.23 -32.49
CA VAL A 240 20.88 23.17 -32.63
C VAL A 240 21.54 21.82 -32.41
N ILE A 241 20.93 20.99 -31.58
CA ILE A 241 21.52 19.70 -31.30
C ILE A 241 20.66 18.60 -31.85
N ILE A 242 21.27 17.74 -32.63
CA ILE A 242 20.53 16.66 -33.24
C ILE A 242 20.84 15.35 -32.55
N ARG A 243 19.82 14.70 -32.00
CA ARG A 243 20.02 13.48 -31.25
C ARG A 243 19.21 12.31 -31.77
N SER A 244 19.81 11.13 -31.73
CA SER A 244 19.12 9.91 -32.14
C SER A 244 19.74 8.74 -31.42
N GLU A 245 19.02 7.62 -31.38
CA GLU A 245 19.56 6.40 -30.78
C GLU A 245 20.62 5.81 -31.68
N ASN A 246 20.31 5.80 -32.96
CA ASN A 246 21.18 5.27 -33.99
C ASN A 246 20.99 6.08 -35.26
N ILE A 247 21.88 6.99 -35.49
CA ILE A 247 21.75 7.95 -36.57
C ILE A 247 21.86 7.34 -37.95
N THR A 248 22.38 6.13 -38.04
CA THR A 248 22.55 5.49 -39.33
C THR A 248 21.41 4.56 -39.65
N ASN A 249 20.47 4.45 -38.72
CA ASN A 249 19.35 3.55 -38.86
C ASN A 249 18.10 4.35 -39.18
N ASN A 250 17.55 4.17 -40.36
CA ASN A 250 16.41 4.98 -40.78
C ASN A 250 15.11 4.54 -40.10
N ALA A 251 15.18 3.49 -39.30
CA ALA A 251 14.04 3.02 -38.55
C ALA A 251 13.90 3.78 -37.23
N LYS A 252 14.88 4.60 -36.90
CA LYS A 252 14.84 5.35 -35.64
C LYS A 252 14.56 6.79 -35.96
N ASN A 253 13.91 7.50 -35.06
CA ASN A 253 13.70 8.91 -35.36
C ASN A 253 14.80 9.79 -34.80
N ILE A 254 14.69 11.07 -35.10
CA ILE A 254 15.62 12.09 -34.71
C ILE A 254 14.96 13.19 -33.91
N LEU A 255 15.52 13.51 -32.78
CA LEU A 255 14.99 14.59 -31.98
C LEU A 255 15.85 15.81 -32.22
N VAL A 256 15.25 16.89 -32.67
CA VAL A 256 16.03 18.07 -32.93
C VAL A 256 15.68 19.14 -31.94
N GLN A 257 16.68 19.58 -31.18
CA GLN A 257 16.48 20.60 -30.18
C GLN A 257 16.97 21.94 -30.67
N LEU A 258 16.08 22.90 -30.74
CA LEU A 258 16.45 24.19 -31.27
C LEU A 258 17.14 25.04 -30.23
N ASN A 259 17.99 25.96 -30.68
CA ASN A 259 18.67 26.90 -29.81
C ASN A 259 18.01 28.27 -29.84
N THR A 260 16.81 28.32 -30.39
CA THR A 260 16.03 29.52 -30.49
C THR A 260 14.59 29.06 -30.66
N PRO A 261 13.60 29.72 -30.08
CA PRO A 261 12.22 29.36 -30.23
C PRO A 261 11.70 29.85 -31.55
N VAL A 262 10.70 29.20 -32.07
CA VAL A 262 9.98 29.77 -33.18
C VAL A 262 8.60 30.07 -32.67
N GLN A 263 8.18 31.30 -32.74
CA GLN A 263 6.89 31.57 -32.16
C GLN A 263 5.80 31.15 -33.08
N ILE A 264 4.82 30.46 -32.53
CA ILE A 264 3.67 30.02 -33.27
C ILE A 264 2.39 30.55 -32.63
N ASN A 265 1.54 31.14 -33.45
CA ASN A 265 0.28 31.71 -32.99
C ASN A 265 -0.91 30.95 -33.53
N CYS A 266 -1.62 30.24 -32.69
CA CYS A 266 -2.74 29.43 -33.19
C CYS A 266 -4.07 29.96 -32.71
N THR A 267 -5.08 29.74 -33.52
CA THR A 267 -6.38 30.18 -33.12
C THR A 267 -7.56 29.45 -33.70
N ARG A 268 -8.65 29.56 -32.97
CA ARG A 268 -9.96 29.10 -33.41
C ARG A 268 -10.87 30.30 -33.34
N PRO A 269 -10.88 31.14 -34.37
CA PRO A 269 -11.52 32.44 -34.44
C PRO A 269 -13.00 32.32 -34.72
N SER A 270 -13.71 31.63 -33.86
CA SER A 270 -15.14 31.41 -34.03
C SER A 270 -15.77 31.51 -32.68
N ASN A 271 -16.69 32.42 -32.52
CA ASN A 271 -17.29 32.62 -31.21
C ASN A 271 -18.37 31.59 -30.99
N ASN A 272 -18.05 30.55 -30.24
CA ASN A 272 -19.01 29.48 -30.10
C ASN A 272 -19.77 29.58 -28.82
N THR A 273 -20.97 29.02 -28.84
CA THR A 273 -21.81 28.91 -27.67
C THR A 273 -22.07 27.46 -27.38
N VAL A 274 -21.94 27.10 -26.11
CA VAL A 274 -22.05 25.74 -25.61
C VAL A 274 -23.31 25.53 -24.79
N LYS A 275 -24.00 24.44 -25.09
CA LYS A 275 -25.24 24.07 -24.44
C LYS A 275 -25.08 22.83 -23.57
N SER A 276 -26.00 22.64 -22.63
CA SER A 276 -25.93 21.51 -21.69
C SER A 276 -27.24 20.77 -21.48
N ILE A 277 -27.19 19.46 -21.71
CA ILE A 277 -28.35 18.59 -21.57
C ILE A 277 -28.22 17.45 -20.60
N ARG A 278 -29.22 17.35 -19.72
CA ARG A 278 -29.25 16.26 -18.75
C ARG A 278 -29.60 14.98 -19.46
N ILE A 279 -28.82 13.94 -19.20
CA ILE A 279 -29.02 12.63 -19.80
C ILE A 279 -29.12 11.52 -18.81
N GLY A 280 -29.39 11.87 -17.58
CA GLY A 280 -29.48 10.88 -16.54
C GLY A 280 -29.55 11.54 -15.18
N PRO A 281 -29.77 10.77 -14.13
CA PRO A 281 -29.90 11.20 -12.77
C PRO A 281 -28.56 11.66 -12.23
N GLY A 282 -28.25 12.92 -12.56
CA GLY A 282 -26.98 13.53 -12.19
C GLY A 282 -25.97 13.64 -13.32
N GLN A 283 -26.39 13.37 -14.54
CA GLN A 283 -25.45 13.44 -15.64
C GLN A 283 -25.90 14.41 -16.69
N ALA A 284 -24.96 15.09 -17.29
CA ALA A 284 -25.26 16.00 -18.38
C ALA A 284 -24.08 16.03 -19.28
N PHE A 285 -24.32 16.33 -20.53
CA PHE A 285 -23.20 16.42 -21.43
C PHE A 285 -23.22 17.77 -22.04
N TYR A 286 -22.06 18.16 -22.51
CA TYR A 286 -21.94 19.47 -23.11
C TYR A 286 -21.76 19.36 -24.57
N TYR A 287 -22.30 20.29 -25.30
CA TYR A 287 -22.14 20.23 -26.72
C TYR A 287 -22.12 21.55 -27.41
N PHE A 288 -21.62 21.51 -28.62
CA PHE A 288 -21.49 22.69 -29.43
C PHE A 288 -22.87 23.07 -29.90
N GLY A 289 -23.30 24.23 -29.44
CA GLY A 289 -24.63 24.73 -29.66
C GLY A 289 -24.73 25.41 -30.98
N ASP A 290 -24.05 26.54 -31.09
CA ASP A 290 -24.10 27.32 -32.31
C ASP A 290 -22.87 28.20 -32.47
N VAL A 291 -22.83 28.94 -33.57
CA VAL A 291 -21.76 29.87 -33.87
C VAL A 291 -22.29 31.29 -33.92
N LEU A 292 -21.76 32.15 -33.09
CA LEU A 292 -22.27 33.50 -32.98
C LEU A 292 -21.63 34.45 -33.97
N GLY A 293 -21.86 34.21 -35.23
CA GLY A 293 -21.26 35.07 -36.23
C GLY A 293 -21.11 34.45 -37.60
N HIS A 294 -19.93 33.94 -37.86
CA HIS A 294 -19.63 33.36 -39.15
C HIS A 294 -18.56 32.32 -38.92
N VAL A 295 -18.62 31.24 -39.67
CA VAL A 295 -17.68 30.14 -39.55
C VAL A 295 -16.35 30.39 -40.23
N ARG A 296 -15.27 30.14 -39.50
CA ARG A 296 -13.90 30.27 -39.98
C ARG A 296 -13.12 29.02 -39.61
N MET A 297 -12.06 28.73 -40.36
CA MET A 297 -11.20 27.61 -40.07
C MET A 297 -10.12 27.98 -39.08
N ALA A 298 -9.83 27.06 -38.18
CA ALA A 298 -8.78 27.23 -37.20
C ALA A 298 -7.46 27.21 -37.93
N HIS A 299 -6.49 27.93 -37.43
CA HIS A 299 -5.20 27.94 -38.11
C HIS A 299 -4.05 28.38 -37.24
N CYS A 300 -2.82 28.12 -37.70
CA CYS A 300 -1.62 28.59 -37.02
C CYS A 300 -0.68 29.42 -37.88
N ASN A 301 -0.19 30.49 -37.29
CA ASN A 301 0.73 31.43 -37.92
C ASN A 301 2.16 31.30 -37.42
N ILE A 302 3.05 31.06 -38.36
CA ILE A 302 4.48 30.93 -38.14
C ILE A 302 5.20 31.99 -38.94
N SER A 303 6.14 32.73 -38.37
CA SER A 303 6.82 33.71 -39.20
C SER A 303 7.59 32.96 -40.27
N LYS A 304 7.42 33.33 -41.54
CA LYS A 304 8.07 32.56 -42.59
C LYS A 304 9.58 32.66 -42.56
N ALA A 305 10.10 33.86 -42.35
CA ALA A 305 11.54 34.01 -42.35
C ALA A 305 12.17 33.26 -41.20
N THR A 306 11.49 33.25 -40.06
CA THR A 306 12.04 32.60 -38.87
C THR A 306 12.12 31.12 -39.14
N TRP A 307 11.08 30.57 -39.73
CA TRP A 307 11.09 29.16 -40.02
C TRP A 307 12.21 28.82 -40.96
N ASN A 308 12.43 29.66 -41.98
CA ASN A 308 13.51 29.37 -42.92
C ASN A 308 14.86 29.40 -42.24
N GLU A 309 15.07 30.34 -41.32
CA GLU A 309 16.33 30.38 -40.62
C GLU A 309 16.50 29.14 -39.77
N THR A 310 15.40 28.70 -39.18
CA THR A 310 15.39 27.55 -38.32
C THR A 310 15.78 26.32 -39.10
N LEU A 311 15.22 26.15 -40.28
CA LEU A 311 15.61 24.99 -41.04
C LEU A 311 17.04 25.13 -41.47
N GLY A 312 17.50 26.33 -41.81
CA GLY A 312 18.87 26.44 -42.24
C GLY A 312 19.80 25.93 -41.15
N LYS A 313 19.49 26.24 -39.89
CA LYS A 313 20.30 25.77 -38.78
C LYS A 313 20.25 24.25 -38.65
N VAL A 314 19.07 23.67 -38.84
CA VAL A 314 18.94 22.24 -38.74
C VAL A 314 19.72 21.55 -39.83
N VAL A 315 19.65 22.06 -41.04
CA VAL A 315 20.35 21.46 -42.14
C VAL A 315 21.84 21.55 -41.91
N LYS A 316 22.31 22.71 -41.50
CA LYS A 316 23.72 22.90 -41.26
C LYS A 316 24.21 21.88 -40.26
N GLN A 317 23.44 21.63 -39.21
CA GLN A 317 23.85 20.65 -38.23
C GLN A 317 23.71 19.23 -38.74
N LEU A 318 22.73 18.90 -39.57
CA LEU A 318 22.66 17.52 -40.05
C LEU A 318 23.91 17.19 -40.82
N ARG A 319 24.40 18.15 -41.58
CA ARG A 319 25.57 18.02 -42.43
C ARG A 319 26.84 17.72 -41.64
N LYS A 320 26.85 17.98 -40.34
CA LYS A 320 28.04 17.74 -39.54
C LYS A 320 28.34 16.26 -39.45
N HIS A 321 27.31 15.42 -39.47
CA HIS A 321 27.56 14.00 -39.38
C HIS A 321 26.91 13.23 -40.51
N PHE A 322 26.07 13.90 -41.28
CA PHE A 322 25.38 13.23 -42.34
C PHE A 322 25.17 14.14 -43.53
N GLY A 323 25.72 13.76 -44.68
CA GLY A 323 25.51 14.60 -45.85
C GLY A 323 26.33 15.90 -45.94
N ASN A 324 27.60 15.89 -45.55
CA ASN A 324 28.40 17.12 -45.56
C ASN A 324 28.29 17.89 -46.86
N ASN A 325 28.30 17.17 -47.98
CA ASN A 325 28.22 17.77 -49.29
C ASN A 325 27.03 17.27 -50.08
N THR A 326 25.95 16.90 -49.39
CA THR A 326 24.81 16.32 -50.08
C THR A 326 23.55 17.16 -49.92
N ILE A 327 22.43 16.60 -50.34
CA ILE A 327 21.16 17.30 -50.34
C ILE A 327 20.20 16.84 -49.27
N ILE A 328 19.69 17.82 -48.52
CA ILE A 328 18.70 17.56 -47.50
C ILE A 328 17.35 18.05 -47.95
N ARG A 329 16.40 17.16 -48.02
CA ARG A 329 15.07 17.54 -48.47
C ARG A 329 14.03 17.35 -47.41
N PHE A 330 13.22 18.37 -47.21
CA PHE A 330 12.14 18.25 -46.26
C PHE A 330 10.86 18.00 -47.00
N ALA A 331 10.04 17.12 -46.44
CA ALA A 331 8.77 16.75 -47.02
C ALA A 331 7.69 16.55 -45.97
N GLN A 332 6.46 16.57 -46.41
CA GLN A 332 5.29 16.36 -45.57
C GLN A 332 5.21 14.90 -45.20
N SER A 333 4.47 14.63 -44.13
CA SER A 333 4.31 13.29 -43.62
C SER A 333 3.69 12.37 -44.65
N SER A 334 4.01 11.08 -44.53
CA SER A 334 3.60 10.06 -45.48
C SER A 334 2.18 9.51 -45.45
N GLY A 335 1.47 9.64 -44.34
CA GLY A 335 0.12 9.11 -44.27
C GLY A 335 -0.17 8.28 -43.03
N GLY A 336 -1.46 8.18 -42.73
CA GLY A 336 -1.98 7.49 -41.57
C GLY A 336 -3.13 8.37 -41.10
N ASP A 337 -3.66 8.15 -39.91
CA ASP A 337 -4.76 9.02 -39.51
C ASP A 337 -4.15 10.31 -38.98
N LEU A 338 -4.97 11.25 -38.57
CA LEU A 338 -4.45 12.55 -38.17
C LEU A 338 -3.50 12.51 -37.00
N GLU A 339 -3.73 11.61 -36.07
CA GLU A 339 -2.89 11.56 -34.89
C GLU A 339 -1.41 11.29 -35.21
N VAL A 340 -1.11 10.77 -36.39
CA VAL A 340 0.26 10.53 -36.77
C VAL A 340 0.71 11.29 -38.02
N THR A 341 -0.16 12.10 -38.61
CA THR A 341 0.20 12.79 -39.85
C THR A 341 0.22 14.28 -39.70
N THR A 342 -0.45 14.80 -38.69
CA THR A 342 -0.54 16.22 -38.48
C THR A 342 0.02 16.59 -37.14
N HIS A 343 0.23 17.87 -36.98
CA HIS A 343 0.71 18.47 -35.76
C HIS A 343 -0.41 18.44 -34.83
N SER A 344 -0.13 18.20 -33.59
CA SER A 344 -1.27 18.22 -32.71
C SER A 344 -0.92 18.75 -31.40
N PHE A 345 -1.89 19.41 -30.82
CA PHE A 345 -1.74 19.96 -29.50
C PHE A 345 -3.05 20.26 -28.86
N ASN A 346 -3.04 20.43 -27.57
CA ASN A 346 -4.20 20.91 -26.87
C ASN A 346 -3.96 22.35 -26.53
N CYS A 347 -4.93 23.21 -26.77
CA CYS A 347 -4.79 24.60 -26.38
C CYS A 347 -6.10 25.23 -25.99
N GLY A 348 -6.13 25.71 -24.77
CA GLY A 348 -7.32 26.34 -24.22
C GLY A 348 -8.27 25.26 -23.74
N GLY A 349 -7.83 24.02 -23.91
CA GLY A 349 -8.59 22.83 -23.63
C GLY A 349 -9.08 22.19 -24.94
N GLU A 350 -8.96 22.90 -26.06
CA GLU A 350 -9.40 22.37 -27.36
C GLU A 350 -8.33 21.52 -28.03
N PHE A 351 -8.75 20.57 -28.86
CA PHE A 351 -7.79 19.71 -29.59
C PHE A 351 -7.65 20.02 -31.05
N PHE A 352 -6.45 20.46 -31.42
CA PHE A 352 -6.15 20.89 -32.77
C PHE A 352 -5.28 19.93 -33.52
N TYR A 353 -5.56 19.80 -34.82
CA TYR A 353 -4.77 19.01 -35.76
C TYR A 353 -4.36 19.92 -36.91
N CYS A 354 -3.07 20.14 -37.09
CA CYS A 354 -2.68 21.11 -38.11
C CYS A 354 -1.82 20.51 -39.21
N ASN A 355 -2.06 20.97 -40.41
CA ASN A 355 -1.32 20.49 -41.56
C ASN A 355 0.00 21.22 -41.71
N THR A 356 1.08 20.49 -41.47
CA THR A 356 2.45 20.98 -41.45
C THR A 356 3.14 20.87 -42.77
N SER A 357 2.44 20.49 -43.81
CA SER A 357 3.11 20.35 -45.08
C SER A 357 3.75 21.64 -45.55
N GLY A 358 3.20 22.78 -45.14
CA GLY A 358 3.73 24.07 -45.51
C GLY A 358 5.08 24.37 -44.86
N LEU A 359 5.45 23.59 -43.87
CA LEU A 359 6.71 23.78 -43.18
C LEU A 359 7.82 22.89 -43.70
N PHE A 360 7.47 21.89 -44.49
CA PHE A 360 8.44 20.92 -44.93
C PHE A 360 8.31 20.74 -46.40
N ASN A 361 8.71 21.77 -47.12
CA ASN A 361 8.55 21.81 -48.56
C ASN A 361 9.75 22.46 -49.21
N SER A 362 10.92 21.88 -49.00
CA SER A 362 12.11 22.51 -49.54
C SER A 362 13.27 21.57 -49.72
N THR A 363 14.17 21.93 -50.65
CA THR A 363 15.37 21.15 -50.85
C THR A 363 16.58 22.04 -50.63
N TRP A 364 17.45 21.62 -49.74
CA TRP A 364 18.63 22.35 -49.37
C TRP A 364 19.86 21.67 -49.96
N ILE A 365 20.53 22.36 -50.87
CA ILE A 365 21.64 21.73 -51.58
C ILE A 365 22.99 22.33 -51.24
N SER A 366 23.92 21.49 -50.78
CA SER A 366 25.29 21.91 -50.46
C SER A 366 25.57 23.37 -50.78
N ASP A 380 4.11 38.40 -44.16
CA ASP A 380 5.11 37.37 -44.39
C ASP A 380 4.92 36.17 -43.47
N SER A 381 3.70 35.95 -43.05
CA SER A 381 3.38 34.79 -42.23
C SER A 381 3.17 33.56 -43.08
N LEU A 382 3.35 32.41 -42.46
CA LEU A 382 3.09 31.11 -43.04
C LEU A 382 1.86 30.57 -42.33
N ILE A 383 0.86 30.10 -43.07
CA ILE A 383 -0.36 29.64 -42.40
C ILE A 383 -0.64 28.17 -42.53
N LEU A 384 -0.82 27.52 -41.40
CA LEU A 384 -1.17 26.12 -41.36
C LEU A 384 -2.67 26.00 -41.10
N PRO A 385 -3.48 25.35 -41.92
CA PRO A 385 -4.88 25.17 -41.66
C PRO A 385 -4.98 24.17 -40.55
N CYS A 386 -5.98 24.31 -39.68
CA CYS A 386 -6.19 23.36 -38.61
C CYS A 386 -7.63 22.90 -38.47
N TRP A 387 -7.76 21.66 -38.08
CA TRP A 387 -9.03 21.01 -37.82
C TRP A 387 -9.13 20.68 -36.37
N ILE A 388 -10.33 20.58 -35.85
CA ILE A 388 -10.42 20.16 -34.47
C ILE A 388 -11.29 18.95 -34.33
N LYS A 389 -11.14 18.24 -33.23
CA LYS A 389 -11.95 17.05 -32.96
C LYS A 389 -12.55 17.09 -31.58
N GLN A 390 -13.73 16.50 -31.41
CA GLN A 390 -14.34 16.41 -30.10
C GLN A 390 -14.05 15.04 -29.51
N ILE A 391 -13.92 14.04 -30.37
CA ILE A 391 -13.67 12.70 -29.87
C ILE A 391 -12.20 12.40 -30.00
N ILE A 392 -11.57 12.21 -28.87
CA ILE A 392 -10.13 12.06 -28.75
C ILE A 392 -9.69 10.70 -28.25
N ASN A 393 -8.66 10.13 -28.87
CA ASN A 393 -8.12 8.85 -28.46
C ASN A 393 -6.61 9.00 -28.18
N MET A 394 -6.26 9.37 -26.96
CA MET A 394 -4.87 9.69 -26.63
C MET A 394 -4.00 8.44 -26.41
N TRP A 395 -2.70 8.59 -26.70
CA TRP A 395 -1.65 7.57 -26.47
C TRP A 395 -1.92 6.23 -27.11
N GLN A 396 -2.60 6.23 -28.23
CA GLN A 396 -2.92 5.00 -28.93
C GLN A 396 -3.61 4.00 -28.03
N ARG A 397 -4.43 4.44 -27.09
CA ARG A 397 -5.09 3.50 -26.23
C ARG A 397 -6.39 3.13 -26.86
N ILE A 398 -6.41 1.94 -27.42
CA ILE A 398 -7.54 1.51 -28.17
C ILE A 398 -8.49 0.90 -27.19
N GLY A 399 -9.71 1.36 -27.22
CA GLY A 399 -10.70 0.92 -26.28
C GLY A 399 -11.10 2.05 -25.35
N GLN A 400 -10.42 3.18 -25.42
CA GLN A 400 -10.82 4.32 -24.61
C GLN A 400 -11.01 5.53 -25.51
N ALA A 401 -11.91 6.42 -25.10
CA ALA A 401 -12.11 7.67 -25.82
C ALA A 401 -12.56 8.73 -24.86
N MET A 402 -12.21 9.95 -25.18
CA MET A 402 -12.60 11.10 -24.40
C MET A 402 -13.40 12.08 -25.20
N TYR A 403 -14.42 12.67 -24.60
CA TYR A 403 -15.18 13.70 -25.27
C TYR A 403 -14.76 15.03 -24.76
N ALA A 404 -14.16 15.82 -25.60
CA ALA A 404 -13.75 17.10 -25.15
C ALA A 404 -14.94 18.01 -25.30
N PRO A 405 -15.39 18.73 -24.26
CA PRO A 405 -16.50 19.60 -24.39
C PRO A 405 -15.98 20.72 -25.24
N PRO A 406 -16.81 21.37 -26.00
CA PRO A 406 -16.50 22.55 -26.74
C PRO A 406 -16.33 23.68 -25.80
N ILE A 407 -15.58 24.66 -26.22
CA ILE A 407 -15.29 25.81 -25.41
C ILE A 407 -15.91 27.09 -25.90
N GLN A 408 -16.67 27.70 -25.01
CA GLN A 408 -17.36 28.93 -25.28
C GLN A 408 -16.40 30.07 -25.57
N GLY A 409 -16.72 30.88 -26.56
CA GLY A 409 -15.86 32.00 -26.91
C GLY A 409 -14.86 31.63 -27.99
N VAL A 410 -13.75 32.36 -27.99
CA VAL A 410 -12.70 32.28 -29.00
C VAL A 410 -11.37 31.92 -28.40
N ILE A 411 -10.63 31.03 -29.07
CA ILE A 411 -9.34 30.60 -28.55
C ILE A 411 -8.14 31.19 -29.26
N ARG A 412 -7.24 31.74 -28.46
CA ARG A 412 -5.97 32.29 -28.93
C ARG A 412 -4.84 31.62 -28.16
N CYS A 413 -3.89 31.06 -28.90
CA CYS A 413 -2.77 30.35 -28.32
C CYS A 413 -1.46 30.93 -28.76
N VAL A 414 -0.53 31.07 -27.85
CA VAL A 414 0.80 31.51 -28.21
C VAL A 414 1.77 30.52 -27.67
N SER A 415 2.65 29.98 -28.49
CA SER A 415 3.59 29.00 -27.96
C SER A 415 4.94 29.02 -28.65
N ASN A 416 5.89 28.35 -28.01
CA ASN A 416 7.25 28.29 -28.53
C ASN A 416 7.58 26.95 -29.16
N ILE A 417 7.91 26.94 -30.43
CA ILE A 417 8.33 25.67 -30.97
C ILE A 417 9.74 25.56 -30.48
N THR A 418 10.05 24.49 -29.78
CA THR A 418 11.37 24.30 -29.22
C THR A 418 12.08 23.14 -29.87
N GLY A 419 11.38 22.39 -30.67
CA GLY A 419 12.02 21.27 -31.32
C GLY A 419 11.17 20.56 -32.34
N LEU A 420 11.79 19.61 -33.00
CA LEU A 420 11.16 18.82 -34.04
C LEU A 420 11.37 17.35 -33.86
N ILE A 421 10.42 16.54 -34.31
CA ILE A 421 10.72 15.12 -34.40
C ILE A 421 10.75 14.78 -35.86
N LEU A 422 11.88 14.31 -36.35
CA LEU A 422 12.03 13.97 -37.76
C LEU A 422 12.39 12.54 -37.97
N THR A 423 12.01 11.99 -39.10
CA THR A 423 12.42 10.66 -39.47
C THR A 423 13.03 10.81 -40.84
N ARG A 424 13.76 9.83 -41.32
CA ARG A 424 14.26 9.97 -42.66
C ARG A 424 13.99 8.72 -43.44
N ASP A 425 13.78 8.87 -44.72
CA ASP A 425 13.48 7.72 -45.54
C ASP A 425 14.53 6.63 -45.35
N SER A 431 21.59 7.76 -52.36
CA SER A 431 22.20 8.50 -53.46
C SER A 431 22.83 9.79 -52.96
N THR A 432 22.29 10.91 -53.43
CA THR A 432 22.76 12.23 -53.07
C THR A 432 21.75 12.99 -52.24
N THR A 433 20.51 12.51 -52.22
CA THR A 433 19.49 13.25 -51.49
C THR A 433 18.82 12.40 -50.45
N GLU A 434 18.72 12.94 -49.25
CA GLU A 434 18.00 12.27 -48.20
C GLU A 434 16.77 13.08 -47.86
N THR A 435 15.66 12.39 -47.61
CA THR A 435 14.41 13.06 -47.31
C THR A 435 13.97 12.88 -45.87
N PHE A 436 13.68 14.00 -45.26
CA PHE A 436 13.26 14.08 -43.88
C PHE A 436 11.81 14.46 -43.77
N ARG A 437 11.11 13.74 -42.92
CA ARG A 437 9.70 13.98 -42.67
C ARG A 437 9.42 14.08 -41.19
N PRO A 438 8.44 14.84 -40.76
CA PRO A 438 7.98 14.88 -39.40
C PRO A 438 7.50 13.54 -38.88
N GLY A 439 7.81 13.26 -37.62
CA GLY A 439 7.40 12.05 -36.92
C GLY A 439 6.49 12.38 -35.73
N GLY A 440 6.23 11.39 -34.88
CA GLY A 440 5.36 11.61 -33.74
C GLY A 440 4.68 10.31 -33.34
N GLY A 441 3.56 10.44 -32.64
CA GLY A 441 2.79 9.29 -32.18
C GLY A 441 3.26 8.73 -30.84
N ASP A 442 4.53 8.37 -30.77
CA ASP A 442 5.07 7.81 -29.53
C ASP A 442 5.50 8.94 -28.61
N MET A 443 4.70 9.14 -27.58
CA MET A 443 4.86 10.27 -26.68
C MET A 443 6.12 10.21 -25.88
N ARG A 444 6.77 9.08 -25.79
CA ARG A 444 7.98 9.06 -24.99
C ARG A 444 9.03 9.96 -25.58
N ASP A 445 8.94 10.25 -26.86
CA ASP A 445 9.89 11.11 -27.52
C ASP A 445 9.79 12.54 -27.02
N ASN A 446 8.64 12.88 -26.45
CA ASN A 446 8.44 14.22 -25.99
C ASN A 446 9.00 14.41 -24.61
N TRP A 447 9.40 13.32 -23.96
CA TRP A 447 9.90 13.43 -22.61
C TRP A 447 11.37 13.18 -22.63
N ARG A 448 11.86 12.44 -23.62
CA ARG A 448 13.29 12.22 -23.71
C ARG A 448 13.96 13.57 -23.92
N SER A 449 13.29 14.46 -24.62
CA SER A 449 13.80 15.77 -24.93
C SER A 449 14.01 16.65 -23.69
N GLU A 450 13.40 16.32 -22.56
CA GLU A 450 13.60 17.08 -21.33
C GLU A 450 14.42 16.28 -20.32
N LEU A 451 14.25 14.96 -20.34
CA LEU A 451 14.92 14.11 -19.37
C LEU A 451 16.28 13.60 -19.79
N TYR A 452 16.73 13.89 -21.00
CA TYR A 452 18.04 13.44 -21.47
C TYR A 452 19.19 13.94 -20.60
N LYS A 453 18.97 14.99 -19.85
CA LYS A 453 19.99 15.54 -19.01
C LYS A 453 20.11 14.81 -17.69
N TYR A 454 19.19 13.92 -17.36
CA TYR A 454 19.26 13.34 -16.04
C TYR A 454 19.47 11.84 -16.00
N LYS A 455 20.22 11.40 -15.00
CA LYS A 455 20.45 10.00 -14.74
C LYS A 455 20.22 9.68 -13.27
N VAL A 456 19.65 8.52 -12.96
CA VAL A 456 19.44 8.18 -11.56
C VAL A 456 20.39 7.11 -11.11
N VAL A 457 21.08 7.38 -9.99
CA VAL A 457 22.01 6.39 -9.49
C VAL A 457 21.72 6.07 -8.05
N LYS A 458 22.15 4.89 -7.64
CA LYS A 458 22.00 4.42 -6.28
C LYS A 458 23.27 4.65 -5.52
N ILE A 459 23.18 5.19 -4.34
CA ILE A 459 24.38 5.41 -3.58
C ILE A 459 24.73 4.10 -2.93
N GLU A 460 26.01 3.72 -3.03
CA GLU A 460 26.48 2.46 -2.46
C GLU A 460 27.63 2.71 -1.50
N PRO A 461 27.36 3.31 -0.34
CA PRO A 461 28.32 3.92 0.56
C PRO A 461 29.04 2.95 1.46
N LEU A 462 29.60 1.91 0.91
CA LEU A 462 30.37 1.00 1.73
C LEU A 462 31.48 0.40 0.94
N GLY A 463 32.69 0.47 1.47
CA GLY A 463 33.77 -0.15 0.75
C GLY A 463 34.99 -0.33 1.60
N VAL A 464 35.98 -0.95 1.02
CA VAL A 464 37.20 -1.24 1.74
C VAL A 464 38.38 -0.76 0.96
N ALA A 465 39.48 -0.59 1.66
CA ALA A 465 40.76 -0.17 1.07
C ALA A 465 41.85 -0.57 2.04
N PRO A 466 43.10 -0.76 1.62
CA PRO A 466 44.22 -1.00 2.50
C PRO A 466 44.68 0.24 3.23
N THR A 467 45.06 0.09 4.49
CA THR A 467 45.69 1.16 5.26
C THR A 467 46.74 0.51 6.13
N ARG A 468 47.43 1.29 6.94
CA ARG A 468 48.45 0.70 7.80
C ARG A 468 47.95 0.41 9.21
N CYS A 469 46.65 0.55 9.43
CA CYS A 469 46.08 0.41 10.77
C CYS A 469 45.54 -0.95 11.10
N LYS A 470 45.89 -1.46 12.27
CA LYS A 470 45.42 -2.77 12.70
C LYS A 470 44.69 -2.69 14.03
N ARG A 471 43.72 -3.57 14.26
CA ARG A 471 43.06 -3.59 15.56
C ARG A 471 44.02 -4.06 16.64
N ARG A 472 43.85 -3.52 17.85
CA ARG A 472 44.70 -3.95 18.96
C ARG A 472 44.47 -5.39 19.39
N VAL A 473 43.24 -5.89 19.27
CA VAL A 473 42.86 -7.24 19.68
C VAL A 473 43.96 -7.93 20.50
N LEU B 9 31.72 21.56 0.28
CA LEU B 9 31.42 20.53 -0.70
C LEU B 9 29.94 20.20 -0.77
N GLY B 10 29.48 19.32 0.10
CA GLY B 10 28.09 18.90 0.08
C GLY B 10 28.01 17.47 -0.41
N PHE B 11 26.80 16.98 -0.57
CA PHE B 11 26.59 15.58 -0.92
C PHE B 11 27.22 15.23 -2.24
N LEU B 12 28.08 14.21 -2.21
CA LEU B 12 28.89 13.73 -3.32
C LEU B 12 29.87 14.75 -3.83
N GLY B 13 30.09 15.83 -3.11
CA GLY B 13 31.03 16.83 -3.57
C GLY B 13 32.42 16.24 -3.69
N ALA B 14 32.72 15.27 -2.85
CA ALA B 14 34.02 14.62 -2.83
C ALA B 14 34.12 13.48 -3.82
N ALA B 15 33.09 13.22 -4.59
CA ALA B 15 33.15 12.08 -5.49
C ALA B 15 34.33 12.13 -6.44
N GLY B 16 34.74 13.31 -6.88
CA GLY B 16 35.89 13.41 -7.79
C GLY B 16 37.22 13.61 -7.07
N SER B 17 37.19 13.65 -5.76
CA SER B 17 38.37 13.90 -4.96
C SER B 17 39.10 12.61 -4.74
N THR B 18 40.32 12.69 -4.26
CA THR B 18 41.03 11.46 -4.06
C THR B 18 40.43 10.70 -2.91
N MET B 19 40.75 9.42 -2.84
CA MET B 19 40.21 8.59 -1.78
C MET B 19 40.56 9.11 -0.42
N GLY B 20 41.79 9.62 -0.28
CA GLY B 20 42.23 10.16 0.97
C GLY B 20 41.40 11.37 1.34
N ALA B 21 41.30 12.32 0.41
CA ALA B 21 40.56 13.54 0.70
C ALA B 21 39.10 13.30 1.01
N ALA B 22 38.54 12.32 0.34
CA ALA B 22 37.13 11.99 0.46
C ALA B 22 36.81 11.31 1.76
N SER B 23 37.80 10.89 2.52
CA SER B 23 37.56 10.20 3.76
C SER B 23 37.03 11.19 4.78
N MET B 24 37.14 12.48 4.50
CA MET B 24 36.69 13.48 5.42
C MET B 24 35.22 13.83 5.23
N THR B 25 34.54 13.21 4.26
CA THR B 25 33.14 13.55 3.99
C THR B 25 32.18 12.40 4.21
N LEU B 26 32.60 11.41 5.00
CA LEU B 26 31.77 10.24 5.21
C LEU B 26 30.47 10.60 5.93
N THR B 27 30.54 11.60 6.80
CA THR B 27 29.40 12.04 7.56
C THR B 27 28.32 12.57 6.62
N VAL B 28 28.76 13.31 5.61
CA VAL B 28 27.85 13.93 4.68
C VAL B 28 27.12 12.89 3.90
N GLN B 29 27.84 11.89 3.44
CA GLN B 29 27.15 10.90 2.67
C GLN B 29 26.23 10.07 3.53
N ALA B 30 26.63 9.75 4.76
CA ALA B 30 25.82 8.88 5.59
C ALA B 30 24.45 9.48 5.88
N ARG B 31 24.39 10.79 6.07
CA ARG B 31 23.13 11.41 6.39
C ARG B 31 22.13 11.46 5.25
N ASN B 32 22.58 11.24 4.03
CA ASN B 32 21.69 11.35 2.90
C ASN B 32 21.18 10.00 2.44
N LEU B 33 21.44 8.99 3.27
CA LEU B 33 20.94 7.68 2.98
C LEU B 33 19.57 7.58 3.60
N LEU B 34 19.32 8.35 4.66
CA LEU B 34 18.03 8.35 5.29
C LEU B 34 17.25 9.62 4.97
N SER B 35 17.93 10.77 4.89
CA SER B 35 17.21 12.00 4.61
C SER B 35 17.16 12.27 3.12
N HIS B 59 -2.53 0.53 -8.27
CA HIS B 59 -2.51 1.71 -7.41
C HIS B 59 -1.16 2.41 -7.56
N TRP B 60 -1.18 3.74 -7.55
CA TRP B 60 0.05 4.53 -7.74
C TRP B 60 0.86 4.71 -6.47
N GLY B 61 0.25 5.26 -5.43
CA GLY B 61 0.98 5.59 -4.21
C GLY B 61 1.70 4.39 -3.62
N ILE B 62 1.15 3.19 -3.79
CA ILE B 62 1.81 2.02 -3.26
C ILE B 62 3.21 1.81 -3.81
N LYS B 63 3.55 2.27 -5.03
CA LYS B 63 4.90 2.03 -5.51
C LYS B 63 5.89 2.98 -4.85
N GLN B 64 5.40 4.10 -4.33
CA GLN B 64 6.28 5.07 -3.69
C GLN B 64 6.58 4.52 -2.32
N LEU B 65 5.57 3.88 -1.75
CA LEU B 65 5.70 3.31 -0.44
C LEU B 65 6.64 2.13 -0.53
N GLN B 66 6.51 1.34 -1.59
CA GLN B 66 7.41 0.22 -1.76
C GLN B 66 8.83 0.67 -1.86
N ALA B 67 9.09 1.74 -2.59
CA ALA B 67 10.45 2.20 -2.71
C ALA B 67 11.03 2.61 -1.37
N ARG B 68 10.23 3.25 -0.52
CA ARG B 68 10.75 3.63 0.79
C ARG B 68 11.07 2.41 1.62
N VAL B 69 10.24 1.38 1.55
CA VAL B 69 10.50 0.20 2.33
C VAL B 69 11.76 -0.47 1.87
N LEU B 70 11.98 -0.57 0.56
CA LEU B 70 13.18 -1.20 0.09
C LEU B 70 14.40 -0.42 0.47
N ALA B 71 14.32 0.92 0.46
CA ALA B 71 15.47 1.71 0.86
C ALA B 71 15.85 1.40 2.29
N VAL B 72 14.84 1.20 3.16
CA VAL B 72 15.12 0.86 4.53
C VAL B 72 15.78 -0.49 4.63
N GLU B 73 15.29 -1.47 3.89
CA GLU B 73 15.93 -2.77 3.97
C GLU B 73 17.37 -2.69 3.51
N HIS B 74 17.65 -1.90 2.47
CA HIS B 74 19.01 -1.82 2.00
C HIS B 74 19.88 -1.23 3.10
N TYR B 75 19.41 -0.15 3.72
CA TYR B 75 20.16 0.50 4.77
C TYR B 75 20.49 -0.50 5.86
N LEU B 76 19.50 -1.26 6.29
CA LEU B 76 19.73 -2.20 7.36
C LEU B 76 20.72 -3.27 6.97
N ARG B 77 20.75 -3.70 5.71
CA ARG B 77 21.73 -4.71 5.34
C ARG B 77 23.14 -4.18 5.49
N ASP B 78 23.37 -2.92 5.13
CA ASP B 78 24.71 -2.38 5.30
C ASP B 78 25.06 -2.29 6.76
N GLN B 79 24.08 -1.91 7.58
CA GLN B 79 24.37 -1.80 8.99
C GLN B 79 24.61 -3.16 9.59
N GLN B 80 23.89 -4.19 9.12
CA GLN B 80 24.11 -5.50 9.66
C GLN B 80 25.50 -5.96 9.37
N LEU B 81 26.03 -5.69 8.18
CA LEU B 81 27.39 -6.14 7.91
C LEU B 81 28.37 -5.44 8.81
N LEU B 82 28.18 -4.16 9.04
CA LEU B 82 29.12 -3.50 9.90
C LEU B 82 29.05 -4.09 11.30
N GLY B 83 27.85 -4.46 11.74
CA GLY B 83 27.70 -5.10 13.02
C GLY B 83 28.43 -6.45 13.04
N ILE B 84 28.21 -7.27 12.02
CA ILE B 84 28.81 -8.59 11.96
C ILE B 84 30.30 -8.54 11.93
N TRP B 85 30.87 -7.59 11.23
CA TRP B 85 32.31 -7.45 11.12
C TRP B 85 32.97 -6.85 12.34
N GLY B 86 32.21 -6.45 13.36
CA GLY B 86 32.80 -5.85 14.54
C GLY B 86 33.08 -4.38 14.37
N CYS B 87 32.33 -3.72 13.52
CA CYS B 87 32.51 -2.31 13.25
C CYS B 87 31.15 -1.63 13.29
N SER B 88 30.44 -1.83 14.39
CA SER B 88 29.06 -1.42 14.54
C SER B 88 28.72 0.06 14.71
N GLY B 89 29.66 0.87 15.15
CA GLY B 89 29.32 2.27 15.40
C GLY B 89 30.37 3.23 14.91
N LYS B 90 31.01 2.89 13.80
CA LYS B 90 32.07 3.71 13.28
C LYS B 90 31.90 3.99 11.80
N LEU B 91 32.36 5.15 11.35
CA LEU B 91 32.34 5.37 9.92
C LEU B 91 33.64 4.80 9.37
N ILE B 92 34.68 4.81 10.21
CA ILE B 92 35.97 4.26 9.84
C ILE B 92 36.43 3.24 10.86
N CYS B 93 36.78 2.05 10.44
CA CYS B 93 37.32 1.11 11.42
C CYS B 93 38.34 0.19 10.83
N CYS B 94 39.10 -0.45 11.70
CA CYS B 94 40.15 -1.36 11.29
C CYS B 94 39.79 -2.77 11.57
N THR B 95 40.39 -3.70 10.82
CA THR B 95 40.11 -5.10 11.00
C THR B 95 41.41 -5.86 11.09
N ASN B 96 41.34 -7.16 11.34
CA ASN B 96 42.52 -7.98 11.41
C ASN B 96 42.77 -8.77 10.14
N VAL B 97 42.09 -8.42 9.07
CA VAL B 97 42.31 -9.12 7.83
C VAL B 97 43.39 -8.38 7.05
N PRO B 98 44.49 -9.01 6.68
CA PRO B 98 45.59 -8.41 5.96
C PRO B 98 45.16 -8.19 4.55
N TRP B 99 45.74 -7.21 3.89
CA TRP B 99 45.42 -7.02 2.51
C TRP B 99 46.23 -7.99 1.70
N ASN B 100 45.59 -8.71 0.81
CA ASN B 100 46.28 -9.64 -0.07
C ASN B 100 46.82 -8.88 -1.27
N SER B 101 48.04 -9.16 -1.68
CA SER B 101 48.59 -8.48 -2.85
C SER B 101 47.87 -8.86 -4.13
N SER B 102 47.16 -9.97 -4.10
CA SER B 102 46.41 -10.42 -5.26
C SER B 102 45.20 -9.52 -5.50
N TRP B 103 44.80 -8.76 -4.49
CA TRP B 103 43.64 -7.90 -4.59
C TRP B 103 44.05 -6.57 -5.14
N SER B 104 44.39 -6.58 -6.41
CA SER B 104 44.79 -5.37 -7.11
C SER B 104 45.85 -4.57 -6.39
N ASN B 105 47.02 -5.14 -6.17
CA ASN B 105 48.04 -4.38 -5.50
C ASN B 105 48.43 -3.20 -6.34
N ARG B 106 48.09 -2.04 -5.82
CA ARG B 106 48.31 -0.77 -6.46
C ARG B 106 49.08 0.14 -5.55
N ASN B 107 49.99 -0.42 -4.78
CA ASN B 107 50.78 0.41 -3.87
C ASN B 107 49.90 0.96 -2.77
N LEU B 108 50.46 1.83 -1.94
CA LEU B 108 49.64 2.42 -0.90
C LEU B 108 49.33 3.88 -1.20
N SER B 109 50.37 4.65 -1.51
CA SER B 109 50.18 6.07 -1.74
C SER B 109 49.50 6.34 -3.05
N GLU B 110 49.61 5.42 -4.00
CA GLU B 110 48.95 5.62 -5.26
C GLU B 110 47.46 5.52 -5.06
N ILE B 111 47.02 4.57 -4.23
CA ILE B 111 45.62 4.42 -4.00
C ILE B 111 45.05 5.62 -3.27
N TRP B 112 45.70 6.02 -2.19
CA TRP B 112 45.09 7.09 -1.45
C TRP B 112 45.22 8.50 -2.03
N ASP B 113 46.31 8.79 -2.75
CA ASP B 113 46.51 10.11 -3.33
C ASP B 113 46.18 10.30 -4.80
N ASN B 114 46.20 9.26 -5.64
CA ASN B 114 45.99 9.46 -7.06
C ASN B 114 44.84 8.64 -7.62
N MET B 115 43.85 8.36 -6.80
CA MET B 115 42.71 7.58 -7.24
C MET B 115 41.47 8.07 -6.54
N THR B 116 40.30 7.99 -7.18
CA THR B 116 39.03 8.34 -6.53
C THR B 116 38.32 7.08 -6.08
N TRP B 117 37.32 7.21 -5.21
CA TRP B 117 36.62 6.01 -4.74
C TRP B 117 35.86 5.30 -5.83
N LEU B 118 35.41 6.05 -6.82
CA LEU B 118 34.68 5.48 -7.93
C LEU B 118 35.57 4.54 -8.72
N GLN B 119 36.86 4.86 -8.82
CA GLN B 119 37.78 4.03 -9.57
C GLN B 119 38.16 2.83 -8.75
N TRP B 120 38.34 3.04 -7.47
CA TRP B 120 38.75 1.97 -6.59
C TRP B 120 37.70 0.88 -6.55
N ASP B 121 36.43 1.29 -6.61
CA ASP B 121 35.34 0.35 -6.57
C ASP B 121 35.32 -0.54 -7.80
N LYS B 122 36.06 -0.21 -8.84
CA LYS B 122 36.11 -1.06 -10.01
C LYS B 122 37.38 -1.88 -9.92
N GLU B 123 38.44 -1.30 -9.36
CA GLU B 123 39.73 -1.98 -9.27
C GLU B 123 39.62 -3.24 -8.47
N ILE B 124 38.78 -3.25 -7.46
CA ILE B 124 38.62 -4.45 -6.66
C ILE B 124 37.21 -5.01 -6.66
N SER B 125 36.42 -4.78 -7.71
CA SER B 125 35.06 -5.28 -7.69
C SER B 125 34.92 -6.80 -7.64
N ASN B 126 35.92 -7.55 -8.08
CA ASN B 126 35.80 -9.00 -8.06
C ASN B 126 36.32 -9.61 -6.77
N TYR B 127 36.72 -8.78 -5.84
CA TYR B 127 37.25 -9.31 -4.61
C TYR B 127 36.36 -8.97 -3.45
N THR B 128 35.28 -8.26 -3.71
CA THR B 128 34.42 -7.79 -2.64
C THR B 128 33.86 -8.92 -1.82
N GLN B 129 33.42 -9.98 -2.47
CA GLN B 129 32.83 -11.04 -1.70
C GLN B 129 33.88 -11.81 -0.92
N ILE B 130 35.09 -11.87 -1.44
CA ILE B 130 36.14 -12.57 -0.74
C ILE B 130 36.49 -11.81 0.50
N ILE B 131 36.63 -10.50 0.36
CA ILE B 131 36.98 -9.69 1.49
C ILE B 131 35.89 -9.75 2.51
N TYR B 132 34.64 -9.65 2.11
CA TYR B 132 33.60 -9.69 3.11
C TYR B 132 33.60 -11.01 3.84
N GLY B 133 33.80 -12.12 3.14
CA GLY B 133 33.81 -13.38 3.84
C GLY B 133 34.93 -13.41 4.89
N LEU B 134 36.10 -12.89 4.54
CA LEU B 134 37.20 -12.89 5.48
C LEU B 134 36.91 -12.02 6.66
N LEU B 135 36.25 -10.90 6.44
CA LEU B 135 35.93 -10.00 7.53
C LEU B 135 34.97 -10.62 8.50
N GLU B 136 34.06 -11.46 8.02
CA GLU B 136 33.12 -12.12 8.91
C GLU B 136 33.83 -13.20 9.72
N GLU B 137 34.74 -13.93 9.07
CA GLU B 137 35.41 -15.00 9.79
C GLU B 137 36.33 -14.43 10.84
N SER B 138 37.07 -13.38 10.51
CA SER B 138 37.97 -12.79 11.48
C SER B 138 37.28 -11.76 12.34
N GLN B 139 36.17 -12.20 12.88
CA GLN B 139 35.35 -11.55 13.85
C GLN B 139 34.88 -12.65 14.71
N ASN B 140 34.32 -13.69 14.11
CA ASN B 140 33.84 -14.77 14.94
C ASN B 140 34.99 -15.35 15.74
N GLN B 141 36.19 -15.33 15.14
CA GLN B 141 37.32 -15.82 15.88
C GLN B 141 37.63 -14.90 17.04
N GLN B 142 37.39 -13.60 16.87
CA GLN B 142 37.70 -12.67 17.92
C GLN B 142 36.68 -12.73 19.01
N GLU B 143 35.41 -12.91 18.68
CA GLU B 143 34.41 -12.97 19.72
C GLU B 143 34.65 -14.18 20.60
N LYS B 144 35.03 -15.30 20.01
CA LYS B 144 35.28 -16.45 20.84
C LYS B 144 36.49 -16.24 21.73
N ASN B 145 37.54 -15.58 21.23
CA ASN B 145 38.66 -15.38 22.10
C ASN B 145 38.28 -14.46 23.25
N GLU B 146 37.47 -13.44 22.98
CA GLU B 146 37.10 -12.55 24.06
C GLU B 146 36.27 -13.28 25.09
N GLN B 147 35.37 -14.15 24.62
CA GLN B 147 34.53 -14.89 25.53
C GLN B 147 35.38 -15.77 26.43
N ASP B 148 36.43 -16.40 25.90
CA ASP B 148 37.23 -17.25 26.76
C ASP B 148 37.94 -16.43 27.82
N LEU B 149 38.44 -15.26 27.45
CA LEU B 149 39.19 -14.46 28.40
C LEU B 149 38.33 -13.97 29.54
N LEU B 150 37.06 -13.74 29.29
CA LEU B 150 36.17 -13.27 30.32
C LEU B 150 35.80 -14.35 31.31
N ALA B 151 36.23 -15.59 31.04
CA ALA B 151 35.97 -16.68 31.94
C ALA B 151 37.21 -17.02 32.76
N LEU B 152 38.27 -16.23 32.66
CA LEU B 152 39.45 -16.52 33.46
C LEU B 152 39.39 -15.71 34.74
N ASP B 153 39.21 -16.41 35.84
CA ASP B 153 39.03 -15.77 37.12
C ASP B 153 40.21 -14.86 37.48
N VAL C 2 -16.51 54.52 -57.72
CA VAL C 2 -16.03 54.09 -59.03
C VAL C 2 -17.15 54.02 -60.05
N GLN C 3 -16.90 54.57 -61.22
CA GLN C 3 -17.87 54.48 -62.30
C GLN C 3 -17.37 53.56 -63.37
N LEU C 4 -18.28 52.93 -64.09
CA LEU C 4 -17.85 52.03 -65.16
C LEU C 4 -18.38 52.51 -66.47
N GLN C 5 -17.49 52.69 -67.44
CA GLN C 5 -17.93 53.17 -68.75
C GLN C 5 -17.59 52.22 -69.88
N GLU C 6 -18.61 51.63 -70.48
CA GLU C 6 -18.40 50.72 -71.58
C GLU C 6 -18.18 51.45 -72.90
N SER C 7 -17.47 50.79 -73.80
CA SER C 7 -17.26 51.27 -75.16
C SER C 7 -17.06 50.14 -76.16
N GLY C 8 -17.54 50.33 -77.36
CA GLY C 8 -17.34 49.33 -78.39
C GLY C 8 -18.17 49.74 -79.60
N PRO C 9 -18.15 48.95 -80.68
CA PRO C 9 -18.91 49.21 -81.88
C PRO C 9 -20.37 49.22 -81.50
N GLY C 10 -21.16 50.12 -82.09
CA GLY C 10 -22.60 50.11 -81.81
C GLY C 10 -23.31 49.33 -82.90
N LEU C 11 -22.51 48.86 -83.85
CA LEU C 11 -22.92 48.11 -85.02
C LEU C 11 -21.85 47.16 -85.50
N VAL C 12 -22.22 45.92 -85.65
CA VAL C 12 -21.37 44.88 -86.18
C VAL C 12 -22.16 44.16 -87.25
N LYS C 13 -21.52 43.70 -88.28
CA LYS C 13 -22.25 42.97 -89.30
C LYS C 13 -22.57 41.59 -88.74
N PRO C 14 -23.57 40.90 -89.26
CA PRO C 14 -23.78 39.51 -88.99
C PRO C 14 -22.52 38.80 -89.46
N SER C 15 -22.16 37.75 -88.75
CA SER C 15 -20.96 36.94 -89.01
C SER C 15 -19.69 37.79 -88.95
N GLN C 16 -19.65 38.67 -87.97
CA GLN C 16 -18.51 39.56 -87.72
C GLN C 16 -18.27 39.65 -86.22
N THR C 17 -17.02 39.70 -85.79
CA THR C 17 -16.65 39.75 -84.38
C THR C 17 -16.80 41.13 -83.71
N LEU C 18 -16.75 41.12 -82.37
CA LEU C 18 -16.81 42.33 -81.52
C LEU C 18 -15.72 42.42 -80.47
N SER C 19 -15.35 43.65 -80.18
CA SER C 19 -14.42 43.95 -79.10
C SER C 19 -14.98 45.11 -78.31
N LEU C 20 -15.23 44.84 -77.05
CA LEU C 20 -15.83 45.80 -76.15
C LEU C 20 -14.89 46.04 -74.98
N THR C 21 -14.86 47.27 -74.49
CA THR C 21 -14.04 47.56 -73.33
C THR C 21 -14.85 48.29 -72.29
N CYS C 22 -14.28 48.36 -71.10
CA CYS C 22 -14.86 49.10 -69.99
C CYS C 22 -13.80 49.79 -69.16
N THR C 23 -13.95 51.10 -69.00
CA THR C 23 -12.99 51.85 -68.22
C THR C 23 -13.44 51.94 -66.79
N VAL C 24 -12.52 51.65 -65.87
CA VAL C 24 -12.84 51.73 -64.47
C VAL C 24 -12.44 53.10 -63.96
N SER C 25 -13.42 53.99 -63.87
CA SER C 25 -13.14 55.39 -63.62
C SER C 25 -13.16 55.74 -62.16
N GLY C 26 -12.00 56.16 -61.68
CA GLY C 26 -11.85 56.47 -60.27
C GLY C 26 -11.46 55.21 -59.51
N GLY C 27 -11.26 54.12 -60.24
CA GLY C 27 -10.92 52.86 -59.60
C GLY C 27 -9.73 52.28 -60.31
N SER C 28 -9.50 51.00 -60.08
CA SER C 28 -8.38 50.34 -60.71
C SER C 28 -8.62 48.87 -60.82
N ILE C 29 -7.88 48.23 -61.72
CA ILE C 29 -7.95 46.79 -61.79
C ILE C 29 -6.60 46.31 -61.33
N SER C 30 -6.56 45.71 -60.16
CA SER C 30 -5.28 45.31 -59.60
C SER C 30 -5.48 44.31 -58.50
N SER C 31 -6.06 44.78 -57.42
CA SER C 31 -6.28 43.97 -56.25
C SER C 31 -7.62 44.27 -55.63
N GLY C 32 -7.80 43.75 -54.43
CA GLY C 32 -9.05 43.86 -53.72
C GLY C 32 -9.81 42.56 -53.86
N SER C 33 -10.97 42.48 -53.26
CA SER C 33 -11.77 41.27 -53.23
C SER C 33 -12.69 41.15 -54.45
N TYR C 34 -12.65 42.17 -55.31
CA TYR C 34 -13.50 42.33 -56.47
C TYR C 34 -13.16 41.49 -57.67
N TYR C 35 -14.18 41.14 -58.44
CA TYR C 35 -13.99 40.41 -59.68
C TYR C 35 -14.63 41.23 -60.80
N TRP C 36 -14.10 41.13 -62.01
CA TRP C 36 -14.69 41.89 -63.09
C TRP C 36 -15.53 41.00 -63.99
N SER C 37 -16.70 41.48 -64.41
CA SER C 37 -17.51 40.61 -65.27
C SER C 37 -18.43 41.33 -66.24
N TRP C 38 -18.89 40.55 -67.23
CA TRP C 38 -19.83 41.05 -68.22
C TRP C 38 -21.13 40.25 -68.22
N ILE C 39 -22.22 40.96 -68.46
CA ILE C 39 -23.54 40.33 -68.60
C ILE C 39 -24.28 40.92 -69.81
N ARG C 40 -25.00 40.07 -70.52
CA ARG C 40 -25.72 40.48 -71.70
C ARG C 40 -27.22 40.66 -71.48
N GLN C 41 -27.81 41.66 -72.11
CA GLN C 41 -29.25 41.80 -72.03
C GLN C 41 -29.90 42.16 -73.34
N PRO C 42 -30.46 41.21 -74.09
CA PRO C 42 -31.14 41.45 -75.34
C PRO C 42 -32.22 42.43 -74.97
N ALA C 43 -32.60 43.32 -75.87
CA ALA C 43 -33.54 44.38 -75.48
C ALA C 43 -34.85 43.87 -74.89
N GLY C 44 -35.37 42.75 -75.38
CA GLY C 44 -36.64 42.22 -74.89
C GLY C 44 -36.49 41.05 -73.91
N LYS C 45 -35.28 40.78 -73.46
CA LYS C 45 -35.03 39.59 -72.63
C LYS C 45 -34.42 39.90 -71.26
N GLY C 46 -34.32 38.85 -70.45
CA GLY C 46 -33.71 38.98 -69.15
C GLY C 46 -32.21 38.93 -69.33
N LEU C 47 -31.49 38.86 -68.24
CA LEU C 47 -30.04 38.92 -68.30
C LEU C 47 -29.40 37.56 -68.53
N GLU C 48 -28.30 37.53 -69.27
CA GLU C 48 -27.48 36.35 -69.50
C GLU C 48 -26.03 36.61 -69.11
N TRP C 49 -25.50 35.90 -68.14
CA TRP C 49 -24.14 36.20 -67.71
C TRP C 49 -23.19 35.81 -68.81
N ILE C 50 -22.18 36.64 -69.10
CA ILE C 50 -21.23 36.28 -70.16
C ILE C 50 -20.01 35.62 -69.60
N GLY C 51 -19.44 36.24 -68.58
CA GLY C 51 -18.21 35.72 -68.00
C GLY C 51 -17.55 36.67 -67.01
N ARG C 52 -16.59 36.14 -66.28
CA ARG C 52 -15.84 36.84 -65.25
C ARG C 52 -14.35 36.61 -65.28
N ILE C 53 -13.62 37.64 -64.88
CA ILE C 53 -12.17 37.61 -64.77
C ILE C 53 -11.66 38.13 -63.43
N TYR C 54 -10.67 37.46 -62.93
CA TYR C 54 -10.02 37.82 -61.69
C TYR C 54 -8.90 38.78 -62.06
N THR C 55 -8.41 39.60 -61.13
CA THR C 55 -7.33 40.53 -61.53
C THR C 55 -6.05 39.76 -61.85
N SER C 56 -6.02 38.51 -61.41
CA SER C 56 -4.95 37.54 -61.62
C SER C 56 -4.92 37.05 -63.06
N GLY C 57 -5.99 37.31 -63.80
CA GLY C 57 -6.15 36.87 -65.17
C GLY C 57 -7.00 35.60 -65.32
N SER C 58 -7.29 34.91 -64.23
CA SER C 58 -8.12 33.71 -64.31
C SER C 58 -9.54 34.04 -64.73
N THR C 59 -10.13 33.20 -65.60
CA THR C 59 -11.50 33.43 -66.06
C THR C 59 -12.46 32.27 -65.94
N ASN C 60 -13.74 32.63 -66.05
CA ASN C 60 -14.92 31.76 -66.01
C ASN C 60 -15.96 32.24 -67.00
N TYR C 61 -16.30 31.42 -67.99
CA TYR C 61 -17.24 31.88 -69.01
C TYR C 61 -18.54 31.12 -68.94
N ASN C 62 -19.62 31.78 -69.34
CA ASN C 62 -20.91 31.14 -69.40
C ASN C 62 -20.82 30.04 -70.41
N PRO C 63 -21.10 28.78 -70.08
CA PRO C 63 -21.03 27.67 -71.00
C PRO C 63 -21.74 27.96 -72.32
N SER C 64 -22.84 28.74 -72.30
CA SER C 64 -23.56 29.02 -73.54
C SER C 64 -22.74 29.79 -74.56
N LEU C 65 -21.78 30.57 -74.09
CA LEU C 65 -20.92 31.37 -74.93
C LEU C 65 -19.47 30.98 -74.74
N LYS C 66 -19.18 29.88 -74.06
CA LYS C 66 -17.79 29.61 -73.73
C LYS C 66 -16.85 29.57 -74.93
N SER C 67 -17.28 28.93 -75.99
CA SER C 67 -16.46 28.75 -77.18
C SER C 67 -16.32 30.02 -77.99
N ARG C 68 -17.11 31.03 -77.64
CA ARG C 68 -17.16 32.25 -78.37
C ARG C 68 -16.56 33.43 -77.60
N VAL C 69 -16.10 33.21 -76.36
CA VAL C 69 -15.69 34.37 -75.57
C VAL C 69 -14.31 34.35 -74.91
N THR C 70 -13.63 35.49 -75.04
CA THR C 70 -12.36 35.76 -74.37
C THR C 70 -12.48 37.02 -73.52
N ILE C 71 -12.02 36.95 -72.27
CA ILE C 71 -12.02 38.10 -71.37
C ILE C 71 -10.62 38.39 -70.87
N SER C 72 -10.26 39.68 -70.81
CA SER C 72 -8.95 40.11 -70.38
C SER C 72 -8.94 41.46 -69.68
N VAL C 73 -8.04 41.64 -68.71
CA VAL C 73 -7.92 42.94 -68.05
C VAL C 73 -6.60 43.60 -68.25
N ASP C 74 -6.65 44.86 -68.63
CA ASP C 74 -5.47 45.66 -68.79
C ASP C 74 -5.29 46.45 -67.50
N THR C 75 -4.36 45.99 -66.69
CA THR C 75 -4.17 46.54 -65.36
C THR C 75 -3.30 47.78 -65.40
N SER C 76 -2.76 48.09 -66.58
CA SER C 76 -1.94 49.28 -66.71
C SER C 76 -2.88 50.43 -67.06
N LYS C 77 -3.95 50.07 -67.76
CA LYS C 77 -4.95 51.04 -68.20
C LYS C 77 -6.18 51.08 -67.32
N ASN C 78 -6.39 50.04 -66.49
CA ASN C 78 -7.59 49.90 -65.68
C ASN C 78 -8.79 49.81 -66.60
N GLN C 79 -8.59 49.04 -67.67
CA GLN C 79 -9.61 48.77 -68.65
C GLN C 79 -9.86 47.29 -68.80
N PHE C 80 -11.12 46.97 -68.71
CA PHE C 80 -11.66 45.64 -68.78
C PHE C 80 -12.17 45.32 -70.17
N SER C 81 -11.60 44.29 -70.81
CA SER C 81 -11.97 43.97 -72.18
C SER C 81 -12.74 42.65 -72.33
N LEU C 82 -13.60 42.66 -73.34
CA LEU C 82 -14.39 41.52 -73.79
C LEU C 82 -14.29 41.30 -75.29
N LYS C 83 -13.90 40.10 -75.69
CA LYS C 83 -13.81 39.79 -77.10
C LYS C 83 -14.76 38.66 -77.44
N LEU C 84 -15.59 38.93 -78.43
CA LEU C 84 -16.59 37.97 -78.86
C LEU C 84 -16.26 37.44 -80.24
N SER C 85 -16.56 36.16 -80.46
CA SER C 85 -16.37 35.55 -81.77
C SER C 85 -17.41 36.07 -82.71
N SER C 86 -17.54 35.47 -83.88
CA SER C 86 -18.44 36.05 -84.86
C SER C 86 -19.82 36.19 -84.24
N VAL C 87 -20.39 37.37 -84.43
CA VAL C 87 -21.66 37.82 -83.91
C VAL C 87 -22.79 37.70 -84.92
N THR C 88 -23.94 37.23 -84.44
CA THR C 88 -25.16 37.03 -85.20
C THR C 88 -26.38 37.75 -84.63
N ALA C 89 -27.53 37.57 -85.28
CA ALA C 89 -28.76 38.27 -84.89
C ALA C 89 -29.18 38.01 -83.45
N ALA C 90 -28.89 36.83 -82.95
CA ALA C 90 -29.25 36.45 -81.58
C ALA C 90 -28.48 37.25 -80.53
N ASP C 91 -27.43 37.93 -80.96
CA ASP C 91 -26.55 38.66 -80.08
C ASP C 91 -26.85 40.16 -80.04
N THR C 92 -27.98 40.59 -80.63
CA THR C 92 -28.37 42.00 -80.62
C THR C 92 -28.83 42.38 -79.24
N ALA C 93 -27.86 42.72 -78.42
CA ALA C 93 -28.05 42.92 -77.00
C ALA C 93 -27.20 44.00 -76.40
N VAL C 94 -27.57 44.38 -75.19
CA VAL C 94 -26.79 45.31 -74.42
C VAL C 94 -25.71 44.55 -73.65
N TYR C 95 -24.49 45.01 -73.73
CA TYR C 95 -23.41 44.37 -73.03
C TYR C 95 -22.95 45.23 -71.87
N TYR C 96 -23.18 44.73 -70.65
CA TYR C 96 -22.87 45.50 -69.45
C TYR C 96 -21.59 45.10 -68.77
N CYS C 97 -20.90 46.12 -68.30
CA CYS C 97 -19.72 46.01 -67.48
C CYS C 97 -20.08 46.17 -66.04
N ALA C 98 -19.61 45.25 -65.21
CA ALA C 98 -19.89 45.40 -63.80
C ALA C 98 -18.81 44.79 -62.93
N ARG C 99 -18.75 45.30 -61.70
CA ARG C 99 -17.82 44.79 -60.73
C ARG C 99 -18.59 43.94 -59.72
N GLU C 100 -18.11 42.72 -59.50
CA GLU C 100 -18.72 41.81 -58.54
C GLU C 100 -17.95 41.91 -57.27
N GLY C 101 -18.65 41.91 -56.16
CA GLY C 101 -18.00 42.02 -54.87
C GLY C 101 -17.67 40.70 -54.19
N PHE C 102 -17.12 40.82 -53.00
CA PHE C 102 -16.72 39.73 -52.15
C PHE C 102 -16.26 40.43 -50.90
N THR C 103 -16.28 39.78 -49.76
CA THR C 103 -15.81 40.43 -48.56
C THR C 103 -14.85 39.53 -47.89
N ILE C 104 -14.34 39.92 -46.74
CA ILE C 104 -13.50 39.00 -46.00
C ILE C 104 -13.86 38.94 -44.51
N PHE C 105 -13.96 37.72 -44.01
CA PHE C 105 -14.16 37.43 -42.61
C PHE C 105 -12.91 36.88 -42.01
N GLY C 106 -12.28 36.01 -42.76
CA GLY C 106 -11.14 35.31 -42.24
C GLY C 106 -9.96 35.39 -43.14
N VAL C 107 -9.38 34.24 -43.38
CA VAL C 107 -8.17 34.10 -44.14
C VAL C 107 -8.49 34.17 -45.62
N VAL C 108 -7.78 35.02 -46.34
CA VAL C 108 -8.06 35.18 -47.75
C VAL C 108 -7.76 33.90 -48.52
N THR C 109 -6.79 33.14 -48.07
CA THR C 109 -6.39 31.92 -48.75
C THR C 109 -7.35 30.79 -48.48
N PHE C 110 -8.30 31.00 -47.58
CA PHE C 110 -9.29 30.00 -47.27
C PHE C 110 -10.64 30.41 -47.85
N SER C 111 -10.66 31.50 -48.63
CA SER C 111 -11.86 32.07 -49.22
C SER C 111 -12.97 32.36 -48.21
N GLU C 112 -12.61 32.89 -47.06
CA GLU C 112 -13.62 33.17 -46.05
C GLU C 112 -14.24 34.54 -46.24
N GLY C 113 -15.22 34.67 -47.18
CA GLY C 113 -15.76 36.01 -47.51
C GLY C 113 -17.06 36.18 -48.33
N TYR C 114 -18.11 35.43 -48.03
CA TYR C 114 -19.37 35.54 -48.79
C TYR C 114 -19.08 35.51 -50.30
N TYR C 115 -19.82 36.35 -51.03
CA TYR C 115 -19.78 36.60 -52.44
C TYR C 115 -20.82 37.65 -52.69
N TYR C 116 -20.59 38.57 -53.61
CA TYR C 116 -21.64 39.48 -54.02
C TYR C 116 -21.76 39.39 -55.51
N GLY C 117 -22.94 39.64 -56.01
CA GLY C 117 -23.06 39.67 -57.44
C GLY C 117 -22.61 41.04 -57.89
N MET C 118 -23.02 41.42 -59.06
CA MET C 118 -22.57 42.69 -59.58
C MET C 118 -23.10 43.83 -58.72
N ASP C 119 -22.19 44.59 -58.12
CA ASP C 119 -22.56 45.70 -57.24
C ASP C 119 -22.46 47.02 -57.98
N VAL C 120 -21.47 47.10 -58.85
CA VAL C 120 -21.22 48.34 -59.56
C VAL C 120 -21.43 48.09 -61.01
N TRP C 121 -22.31 48.85 -61.60
CA TRP C 121 -22.66 48.68 -62.99
C TRP C 121 -22.35 49.88 -63.85
N GLY C 122 -22.09 49.62 -65.12
CA GLY C 122 -21.94 50.66 -66.11
C GLY C 122 -23.30 50.93 -66.76
N LYS C 123 -23.30 51.43 -67.99
CA LYS C 123 -24.58 51.78 -68.61
C LYS C 123 -24.99 50.73 -69.62
N GLY C 124 -23.99 50.12 -70.22
CA GLY C 124 -24.20 49.07 -71.21
C GLY C 124 -24.01 49.52 -72.65
N THR C 125 -23.25 48.74 -73.43
CA THR C 125 -23.03 49.05 -74.83
C THR C 125 -24.13 48.38 -75.61
N THR C 126 -24.82 49.13 -76.45
CA THR C 126 -25.89 48.48 -77.20
C THR C 126 -25.35 48.18 -78.56
N VAL C 127 -25.42 46.93 -78.98
CA VAL C 127 -24.88 46.60 -80.28
C VAL C 127 -25.91 46.07 -81.26
N THR C 128 -25.98 46.74 -82.40
CA THR C 128 -26.83 46.34 -83.51
C THR C 128 -26.02 45.34 -84.31
N VAL C 129 -26.60 44.23 -84.72
CA VAL C 129 -25.79 43.29 -85.50
C VAL C 129 -26.11 43.39 -86.98
N GLU D 3 -30.46 27.41 -63.88
CA GLU D 3 -31.12 26.25 -63.29
C GLU D 3 -32.35 26.69 -62.51
N LEU D 4 -32.56 28.00 -62.50
CA LEU D 4 -33.71 28.54 -61.78
C LEU D 4 -34.86 28.87 -62.67
N THR D 5 -36.06 28.77 -62.12
CA THR D 5 -37.25 29.23 -62.82
C THR D 5 -37.91 30.31 -61.99
N GLN D 6 -38.63 31.20 -62.66
CA GLN D 6 -39.30 32.34 -62.06
C GLN D 6 -40.67 32.46 -62.70
N PRO D 7 -41.68 33.08 -62.06
CA PRO D 7 -42.95 33.38 -62.70
C PRO D 7 -42.62 34.48 -63.70
N PRO D 8 -43.31 34.58 -64.83
CA PRO D 8 -43.08 35.66 -65.77
C PRO D 8 -43.53 37.03 -65.28
N SER D 9 -44.49 37.06 -64.36
CA SER D 9 -44.96 38.32 -63.84
C SER D 9 -45.65 38.21 -62.50
N VAL D 10 -45.68 39.33 -61.83
CA VAL D 10 -46.38 39.56 -60.58
C VAL D 10 -47.01 40.93 -60.64
N SER D 11 -48.16 41.11 -60.05
CA SER D 11 -48.67 42.46 -60.01
C SER D 11 -49.38 42.69 -58.72
N VAL D 12 -49.23 43.90 -58.20
CA VAL D 12 -49.91 44.27 -56.98
C VAL D 12 -50.55 45.64 -57.06
N SER D 13 -51.47 45.93 -56.17
CA SER D 13 -51.97 47.29 -56.05
C SER D 13 -50.94 48.02 -55.19
N PRO D 14 -50.78 49.33 -55.29
CA PRO D 14 -49.88 50.06 -54.44
C PRO D 14 -50.26 49.78 -52.99
N GLY D 15 -49.27 49.52 -52.16
CA GLY D 15 -49.43 49.25 -50.73
C GLY D 15 -49.45 47.76 -50.40
N GLN D 16 -49.62 46.91 -51.41
CA GLN D 16 -49.63 45.46 -51.20
C GLN D 16 -48.24 44.89 -51.25
N THR D 17 -48.07 43.66 -50.74
CA THR D 17 -46.76 43.03 -50.78
C THR D 17 -46.56 42.20 -52.04
N ALA D 18 -45.47 42.49 -52.77
CA ALA D 18 -45.13 41.71 -53.96
C ALA D 18 -44.40 40.51 -53.49
N ARG D 19 -44.68 39.37 -54.08
CA ARG D 19 -43.98 38.16 -53.73
C ARG D 19 -43.42 37.51 -54.97
N ILE D 20 -42.14 37.72 -55.18
CA ILE D 20 -41.49 37.23 -56.37
C ILE D 20 -40.64 36.05 -56.00
N THR D 21 -40.85 34.94 -56.67
CA THR D 21 -40.09 33.78 -56.27
C THR D 21 -39.24 33.23 -57.36
N CYS D 22 -38.22 32.52 -56.93
CA CYS D 22 -37.34 31.75 -57.78
C CYS D 22 -37.14 30.37 -57.19
N SER D 23 -37.00 29.39 -58.04
CA SER D 23 -36.72 28.09 -57.49
C SER D 23 -35.82 27.25 -58.35
N GLY D 24 -35.15 26.30 -57.72
CA GLY D 24 -34.27 25.38 -58.43
C GLY D 24 -33.27 24.68 -57.52
N ASP D 25 -32.62 23.67 -58.08
CA ASP D 25 -31.70 22.76 -57.39
C ASP D 25 -30.50 23.36 -56.69
N ALA D 26 -29.98 24.49 -57.16
CA ALA D 26 -28.81 25.08 -56.52
C ALA D 26 -29.15 25.77 -55.19
N LEU D 27 -30.40 26.19 -55.02
CA LEU D 27 -30.76 26.99 -53.87
C LEU D 27 -30.56 26.41 -52.48
N PRO D 28 -30.74 25.12 -52.19
CA PRO D 28 -30.52 24.58 -50.87
C PRO D 28 -29.06 24.75 -50.44
N LYS D 29 -28.16 24.94 -51.41
CA LYS D 29 -26.73 25.04 -51.13
C LYS D 29 -26.16 26.44 -51.37
N GLN D 30 -26.87 27.28 -52.10
CA GLN D 30 -26.33 28.57 -52.45
C GLN D 30 -27.19 29.74 -52.07
N TYR D 31 -26.56 30.87 -51.83
CA TYR D 31 -27.33 32.03 -51.49
C TYR D 31 -27.97 32.62 -52.70
N ALA D 32 -29.17 33.14 -52.54
CA ALA D 32 -29.76 33.89 -53.61
C ALA D 32 -29.37 35.35 -53.51
N TYR D 33 -29.29 35.96 -54.67
CA TYR D 33 -29.07 37.39 -54.77
C TYR D 33 -30.19 37.94 -55.62
N TRP D 34 -30.67 39.14 -55.33
CA TRP D 34 -31.74 39.76 -56.10
C TRP D 34 -31.48 41.18 -56.53
N TYR D 35 -31.97 41.50 -57.73
CA TYR D 35 -31.86 42.82 -58.31
C TYR D 35 -33.19 43.42 -58.74
N GLN D 36 -33.28 44.74 -58.65
CA GLN D 36 -34.41 45.53 -59.15
C GLN D 36 -33.96 46.36 -60.34
N GLN D 37 -34.40 46.02 -61.55
CA GLN D 37 -34.00 46.75 -62.74
C GLN D 37 -35.06 47.68 -63.29
N LYS D 38 -34.80 48.97 -63.21
CA LYS D 38 -35.75 49.92 -63.74
C LYS D 38 -35.50 49.93 -65.25
N PRO D 39 -36.50 50.06 -66.10
CA PRO D 39 -36.30 50.11 -67.52
C PRO D 39 -35.31 51.20 -67.86
N GLY D 40 -34.37 50.88 -68.75
CA GLY D 40 -33.37 51.85 -69.19
C GLY D 40 -32.16 51.95 -68.26
N GLN D 41 -32.18 51.22 -67.15
CA GLN D 41 -31.08 51.29 -66.20
C GLN D 41 -30.44 49.93 -65.95
N ALA D 42 -29.18 49.95 -65.53
CA ALA D 42 -28.55 48.72 -65.12
C ALA D 42 -29.27 48.26 -63.85
N PRO D 43 -29.40 46.97 -63.56
CA PRO D 43 -30.03 46.42 -62.37
C PRO D 43 -29.42 46.89 -61.07
N VAL D 44 -30.26 47.13 -60.09
CA VAL D 44 -29.82 47.54 -58.77
C VAL D 44 -29.86 46.40 -57.79
N LEU D 45 -28.75 46.12 -57.13
CA LEU D 45 -28.81 45.03 -56.17
C LEU D 45 -29.70 45.44 -55.02
N VAL D 46 -30.66 44.59 -54.66
CA VAL D 46 -31.53 44.91 -53.53
C VAL D 46 -31.30 43.94 -52.38
N ILE D 47 -31.08 42.69 -52.70
CA ILE D 47 -30.87 41.66 -51.71
C ILE D 47 -29.68 40.80 -52.02
N TYR D 48 -28.91 40.46 -51.01
CA TYR D 48 -27.79 39.57 -51.21
C TYR D 48 -27.69 38.57 -50.08
N LYS D 49 -27.01 37.47 -50.34
CA LYS D 49 -26.75 36.50 -49.30
C LYS D 49 -28.05 36.09 -48.59
N ASP D 50 -29.13 35.83 -49.33
CA ASP D 50 -30.40 35.47 -48.70
C ASP D 50 -30.93 36.47 -47.67
N SER D 51 -31.63 37.45 -48.17
CA SER D 51 -32.32 38.50 -47.43
C SER D 51 -31.52 39.60 -46.73
N GLU D 52 -30.23 39.74 -47.01
CA GLU D 52 -29.52 40.85 -46.42
C GLU D 52 -29.66 41.99 -47.42
N ARG D 53 -29.84 43.24 -46.99
CA ARG D 53 -29.96 44.25 -48.03
C ARG D 53 -28.78 45.21 -47.92
N PRO D 54 -28.26 45.75 -49.05
CA PRO D 54 -27.22 46.75 -49.11
C PRO D 54 -27.68 48.04 -48.49
N SER D 55 -26.77 48.81 -47.93
CA SER D 55 -27.18 50.08 -47.40
C SER D 55 -27.73 50.90 -48.54
N GLY D 56 -28.80 51.65 -48.27
CA GLY D 56 -29.45 52.50 -49.26
C GLY D 56 -30.70 51.82 -49.83
N ILE D 57 -30.86 50.53 -49.57
CA ILE D 57 -32.03 49.82 -50.03
C ILE D 57 -33.11 49.89 -48.96
N PRO D 58 -34.35 50.30 -49.31
CA PRO D 58 -35.48 50.45 -48.41
C PRO D 58 -35.81 49.18 -47.67
N GLU D 59 -36.36 49.39 -46.48
CA GLU D 59 -36.80 48.37 -45.53
C GLU D 59 -37.95 47.54 -46.07
N ARG D 60 -38.52 48.01 -47.17
CA ARG D 60 -39.59 47.34 -47.87
C ARG D 60 -39.07 46.00 -48.36
N PHE D 61 -37.76 45.95 -48.70
CA PHE D 61 -37.16 44.75 -49.28
C PHE D 61 -36.62 43.80 -48.24
N SER D 62 -37.18 42.60 -48.25
CA SER D 62 -36.86 41.51 -47.34
C SER D 62 -37.18 40.21 -48.07
N GLY D 63 -36.95 39.08 -47.44
CA GLY D 63 -37.27 37.83 -48.12
C GLY D 63 -36.92 36.64 -47.25
N SER D 64 -37.15 35.47 -47.80
CA SER D 64 -36.87 34.23 -47.07
C SER D 64 -36.71 33.05 -47.99
N SER D 65 -36.22 31.95 -47.46
CA SER D 65 -36.11 30.77 -48.30
C SER D 65 -36.24 29.48 -47.53
N SER D 66 -36.60 28.44 -48.26
CA SER D 66 -36.67 27.08 -47.74
C SER D 66 -36.43 26.10 -48.85
N GLY D 67 -35.47 25.20 -48.66
CA GLY D 67 -35.19 24.20 -49.66
C GLY D 67 -34.77 24.86 -50.95
N THR D 68 -35.49 24.51 -52.02
CA THR D 68 -35.24 25.00 -53.35
C THR D 68 -35.98 26.27 -53.73
N THR D 69 -36.75 26.86 -52.81
CA THR D 69 -37.47 28.09 -53.18
C THR D 69 -37.09 29.31 -52.34
N VAL D 70 -36.85 30.41 -53.03
CA VAL D 70 -36.54 31.69 -52.41
C VAL D 70 -37.55 32.75 -52.80
N THR D 71 -38.01 33.51 -51.82
CA THR D 71 -38.97 34.56 -52.08
C THR D 71 -38.44 35.94 -51.73
N LEU D 72 -38.63 36.85 -52.66
CA LEU D 72 -38.28 38.24 -52.53
C LEU D 72 -39.56 38.96 -52.24
N THR D 73 -39.65 39.56 -51.08
CA THR D 73 -40.88 40.19 -50.74
C THR D 73 -40.69 41.69 -50.60
N ILE D 74 -41.63 42.42 -51.17
CA ILE D 74 -41.54 43.86 -51.05
C ILE D 74 -42.78 44.32 -50.34
N SER D 75 -42.65 44.77 -49.10
CA SER D 75 -43.83 45.18 -48.35
C SER D 75 -44.20 46.60 -48.69
N GLY D 76 -45.48 46.94 -48.81
CA GLY D 76 -45.77 48.32 -49.08
C GLY D 76 -45.30 48.75 -50.46
N VAL D 77 -45.49 47.90 -51.47
CA VAL D 77 -44.98 48.18 -52.81
C VAL D 77 -45.53 49.45 -53.38
N GLN D 78 -44.65 50.29 -53.90
CA GLN D 78 -45.13 51.53 -54.47
C GLN D 78 -45.02 51.51 -55.97
N ALA D 79 -45.56 52.54 -56.63
CA ALA D 79 -45.47 52.59 -58.08
C ALA D 79 -44.02 52.63 -58.52
N GLU D 80 -43.19 53.25 -57.71
CA GLU D 80 -41.78 53.42 -57.95
C GLU D 80 -41.01 52.10 -57.94
N ASP D 81 -41.64 51.03 -57.42
CA ASP D 81 -41.00 49.74 -57.36
C ASP D 81 -41.20 48.88 -58.59
N GLU D 82 -42.13 49.26 -59.51
CA GLU D 82 -42.31 48.38 -60.66
C GLU D 82 -40.95 48.21 -61.33
N ALA D 83 -40.61 46.98 -61.68
CA ALA D 83 -39.29 46.70 -62.26
C ALA D 83 -39.16 45.28 -62.76
N ASP D 84 -38.09 45.04 -63.50
CA ASP D 84 -37.71 43.69 -63.85
C ASP D 84 -36.88 43.14 -62.70
N TYR D 85 -37.39 42.12 -62.02
CA TYR D 85 -36.67 41.59 -60.88
C TYR D 85 -35.93 40.35 -61.23
N TYR D 86 -34.70 40.28 -60.78
CA TYR D 86 -33.89 39.14 -61.10
C TYR D 86 -33.36 38.46 -59.89
N CYS D 87 -33.15 37.17 -60.01
CA CYS D 87 -32.53 36.39 -58.98
C CYS D 87 -31.41 35.55 -59.55
N GLN D 88 -30.40 35.34 -58.72
CA GLN D 88 -29.33 34.46 -59.13
C GLN D 88 -28.81 33.59 -58.02
N SER D 89 -28.29 32.46 -58.47
CA SER D 89 -27.61 31.41 -57.75
C SER D 89 -26.72 30.89 -58.86
N ALA D 90 -25.87 29.90 -58.63
CA ALA D 90 -24.98 29.53 -59.70
C ALA D 90 -24.84 28.05 -60.01
N ASP D 91 -24.70 27.79 -61.31
CA ASP D 91 -24.42 26.50 -61.89
C ASP D 91 -24.73 25.33 -60.95
N VAL D 96 -23.47 31.03 -64.17
CA VAL D 96 -23.60 31.36 -62.76
C VAL D 96 -24.67 32.41 -62.50
N PHE D 97 -25.76 32.35 -63.27
CA PHE D 97 -26.86 33.31 -63.09
C PHE D 97 -28.21 32.57 -63.09
N GLY D 98 -29.29 33.32 -62.91
CA GLY D 98 -30.65 32.82 -62.85
C GLY D 98 -31.54 33.35 -63.95
N GLY D 99 -32.44 34.26 -63.57
CA GLY D 99 -33.46 34.82 -64.48
C GLY D 99 -34.38 35.77 -63.72
N GLY D 100 -35.55 36.12 -64.26
CA GLY D 100 -36.39 37.08 -63.55
C GLY D 100 -37.88 37.15 -63.92
N THR D 101 -38.57 38.04 -63.19
CA THR D 101 -40.02 38.30 -63.18
C THR D 101 -40.40 39.77 -63.38
N LYS D 102 -41.46 40.06 -64.16
CA LYS D 102 -41.89 41.45 -64.28
C LYS D 102 -42.92 41.90 -63.25
N LEU D 103 -42.58 42.90 -62.44
CA LEU D 103 -43.48 43.45 -61.44
C LEU D 103 -44.12 44.71 -61.87
N THR D 104 -45.45 44.71 -61.88
CA THR D 104 -46.19 45.92 -62.19
C THR D 104 -46.92 46.27 -60.90
N VAL D 105 -47.40 47.50 -60.78
CA VAL D 105 -48.05 47.85 -59.52
C VAL D 105 -49.42 48.46 -59.75
N GLU E 1 42.49 -44.96 26.43
CA GLU E 1 43.60 -44.57 27.27
C GLU E 1 44.23 -43.27 26.81
N VAL E 2 44.23 -42.29 27.69
CA VAL E 2 44.84 -41.01 27.35
C VAL E 2 46.32 -41.05 27.48
N GLN E 3 46.99 -40.67 26.41
CA GLN E 3 48.43 -40.62 26.43
C GLN E 3 48.94 -39.36 25.79
N LEU E 4 49.97 -38.80 26.40
CA LEU E 4 50.65 -37.64 25.87
C LEU E 4 52.09 -38.06 25.70
N VAL E 5 52.60 -38.00 24.48
CA VAL E 5 53.96 -38.46 24.27
C VAL E 5 54.87 -37.42 23.68
N GLU E 6 55.84 -37.02 24.48
CA GLU E 6 56.78 -36.01 24.07
C GLU E 6 57.93 -36.54 23.25
N THR E 7 58.41 -35.71 22.37
CA THR E 7 59.61 -35.93 21.61
C THR E 7 60.43 -34.68 21.51
N GLY E 8 61.54 -34.80 20.80
CA GLY E 8 62.46 -33.68 20.67
C GLY E 8 63.31 -33.62 21.93
N GLY E 9 63.89 -32.47 22.21
CA GLY E 9 64.78 -32.34 23.36
C GLY E 9 66.21 -32.58 22.94
N GLY E 10 67.09 -32.78 23.92
CA GLY E 10 68.52 -32.91 23.65
C GLY E 10 69.31 -31.77 24.26
N LEU E 11 70.63 -31.79 24.08
CA LEU E 11 71.47 -30.74 24.64
C LEU E 11 71.72 -29.71 23.56
N VAL E 12 71.54 -28.47 23.93
CA VAL E 12 71.73 -27.34 23.04
C VAL E 12 72.64 -26.32 23.72
N GLN E 13 73.42 -25.60 22.95
CA GLN E 13 74.28 -24.60 23.54
C GLN E 13 73.42 -23.42 24.02
N PRO E 14 73.82 -22.70 25.07
CA PRO E 14 73.18 -21.48 25.49
C PRO E 14 73.21 -20.54 24.32
N GLY E 15 72.13 -19.83 24.10
CA GLY E 15 72.01 -18.91 22.99
C GLY E 15 71.42 -19.59 21.75
N GLY E 16 71.25 -20.91 21.80
CA GLY E 16 70.71 -21.66 20.68
C GLY E 16 69.20 -21.78 20.80
N SER E 17 68.64 -22.76 20.08
CA SER E 17 67.20 -22.97 20.08
C SER E 17 66.87 -24.43 19.80
N LEU E 18 65.67 -24.82 20.16
CA LEU E 18 65.16 -26.16 19.82
C LEU E 18 63.66 -26.18 19.87
N LYS E 19 63.08 -27.22 19.33
CA LYS E 19 61.65 -27.36 19.39
C LYS E 19 61.24 -28.72 19.93
N LEU E 20 60.24 -28.69 20.80
CA LEU E 20 59.66 -29.88 21.37
C LEU E 20 58.30 -30.12 20.77
N SER E 21 57.87 -31.35 20.81
CA SER E 21 56.51 -31.61 20.39
C SER E 21 55.93 -32.75 21.18
N CYS E 22 54.62 -32.80 21.19
CA CYS E 22 53.87 -33.81 21.91
C CYS E 22 52.68 -34.31 21.10
N ARG E 23 52.61 -35.62 20.95
CA ARG E 23 51.50 -36.17 20.21
C ARG E 23 50.52 -36.66 21.23
N ALA E 24 49.25 -36.62 20.92
CA ALA E 24 48.33 -37.10 21.93
C ALA E 24 47.14 -37.82 21.38
N SER E 25 46.63 -38.74 22.18
CA SER E 25 45.43 -39.47 21.84
C SER E 25 44.67 -39.99 23.04
N GLY E 26 43.55 -40.64 22.75
CA GLY E 26 42.65 -41.20 23.76
C GLY E 26 41.56 -40.22 24.18
N TYR E 27 41.56 -39.05 23.58
CA TYR E 27 40.61 -38.01 23.88
C TYR E 27 40.50 -37.11 22.68
N THR E 28 39.48 -36.28 22.64
CA THR E 28 39.42 -35.34 21.54
C THR E 28 40.43 -34.25 21.84
N PHE E 29 41.41 -34.10 20.97
CA PHE E 29 42.49 -33.16 21.22
C PHE E 29 41.94 -31.76 21.30
N SER E 30 41.08 -31.45 20.35
CA SER E 30 40.47 -30.15 20.20
C SER E 30 39.53 -29.77 21.33
N SER E 31 39.22 -30.69 22.25
CA SER E 31 38.34 -30.34 23.34
C SER E 31 39.09 -29.84 24.58
N PHE E 32 40.41 -29.93 24.60
CA PHE E 32 41.12 -29.55 25.83
C PHE E 32 42.21 -28.54 25.64
N ALA E 33 42.34 -27.68 26.62
CA ALA E 33 43.44 -26.73 26.71
C ALA E 33 44.68 -27.50 27.12
N MET E 34 45.84 -27.01 26.74
CA MET E 34 47.07 -27.69 27.09
C MET E 34 48.16 -26.76 27.54
N SER E 35 49.16 -27.32 28.16
CA SER E 35 50.25 -26.54 28.68
C SER E 35 51.56 -27.29 28.73
N TRP E 36 52.62 -26.52 28.92
CA TRP E 36 53.92 -27.10 29.18
C TRP E 36 54.33 -26.73 30.58
N VAL E 37 54.84 -27.74 31.29
CA VAL E 37 55.31 -27.57 32.65
C VAL E 37 56.75 -28.04 32.75
N ARG E 38 57.56 -27.22 33.38
CA ARG E 38 58.97 -27.44 33.53
C ARG E 38 59.37 -28.11 34.84
N GLN E 39 60.19 -29.15 34.74
CA GLN E 39 60.75 -29.80 35.91
C GLN E 39 62.24 -29.67 35.96
N ALA E 40 62.70 -28.63 36.62
CA ALA E 40 64.12 -28.41 36.66
C ALA E 40 64.69 -29.50 37.56
N PRO E 41 65.95 -29.92 37.37
CA PRO E 41 66.60 -30.97 38.13
C PRO E 41 66.87 -30.57 39.57
N GLY E 42 65.82 -30.71 40.37
CA GLY E 42 65.84 -30.34 41.79
C GLY E 42 64.79 -29.29 42.16
N LYS E 43 63.99 -28.83 41.19
CA LYS E 43 62.94 -27.86 41.50
C LYS E 43 61.57 -28.50 41.39
N GLY E 44 61.46 -29.54 40.58
CA GLY E 44 60.20 -30.25 40.45
C GLY E 44 59.19 -29.68 39.50
N LEU E 45 58.58 -28.55 39.84
CA LEU E 45 57.57 -28.03 38.94
C LEU E 45 57.51 -26.51 38.82
N GLU E 46 57.49 -26.05 37.58
CA GLU E 46 57.31 -24.64 37.21
C GLU E 46 56.36 -24.52 36.01
N TRP E 47 55.37 -23.65 36.08
CA TRP E 47 54.51 -23.52 34.90
C TRP E 47 55.21 -22.71 33.84
N VAL E 48 55.14 -23.12 32.56
CA VAL E 48 55.78 -22.34 31.53
C VAL E 48 54.80 -21.67 30.59
N SER E 49 53.91 -22.44 30.00
CA SER E 49 52.99 -21.86 29.03
C SER E 49 51.67 -22.59 28.92
N LEU E 50 50.63 -21.85 28.55
CA LEU E 50 49.26 -22.34 28.37
C LEU E 50 48.65 -21.92 27.07
N ILE E 51 48.04 -22.86 26.38
CA ILE E 51 47.36 -22.56 25.13
C ILE E 51 45.91 -23.07 25.19
N ASN E 52 44.96 -22.30 24.65
CA ASN E 52 43.58 -22.79 24.71
C ASN E 52 43.32 -23.84 23.65
N ASP E 53 42.12 -24.39 23.64
CA ASP E 53 41.80 -25.48 22.74
C ASP E 53 41.72 -25.17 21.26
N ARG E 54 41.47 -23.93 20.92
CA ARG E 54 41.40 -23.55 19.53
C ARG E 54 42.73 -23.07 19.02
N GLY E 55 43.73 -22.99 19.90
CA GLY E 55 45.05 -22.53 19.54
C GLY E 55 45.15 -21.02 19.30
N GLY E 56 44.26 -20.23 19.88
CA GLY E 56 44.28 -18.79 19.61
C GLY E 56 44.79 -17.94 20.76
N LEU E 57 44.76 -18.48 21.96
CA LEU E 57 45.18 -17.72 23.12
C LEU E 57 46.32 -18.39 23.80
N THR E 58 47.39 -17.64 24.00
CA THR E 58 48.54 -18.19 24.66
C THR E 58 48.94 -17.33 25.83
N PHE E 59 49.42 -17.98 26.87
CA PHE E 59 49.89 -17.28 28.04
C PHE E 59 51.24 -17.82 28.44
N TYR E 60 52.11 -16.96 28.94
CA TYR E 60 53.43 -17.39 29.35
C TYR E 60 53.85 -16.92 30.70
N VAL E 61 54.71 -17.68 31.34
CA VAL E 61 55.36 -17.24 32.54
C VAL E 61 56.31 -16.15 32.07
N ASP E 62 56.45 -15.08 32.85
CA ASP E 62 57.28 -13.97 32.41
C ASP E 62 58.68 -14.35 31.96
N SER E 63 59.30 -15.33 32.61
CA SER E 63 60.68 -15.70 32.29
C SER E 63 60.91 -16.23 30.88
N VAL E 64 59.87 -16.62 30.17
CA VAL E 64 60.04 -17.12 28.81
C VAL E 64 59.21 -16.30 27.85
N LYS E 65 58.61 -15.23 28.36
CA LYS E 65 57.62 -14.48 27.61
C LYS E 65 58.14 -13.95 26.29
N GLY E 66 59.39 -13.52 26.25
CA GLY E 66 59.94 -12.98 25.01
C GLY E 66 60.72 -14.02 24.22
N ARG E 67 60.68 -15.28 24.66
CA ARG E 67 61.50 -16.29 24.01
C ARG E 67 60.78 -17.52 23.48
N PHE E 68 59.69 -17.93 24.13
CA PHE E 68 59.04 -19.18 23.76
C PHE E 68 57.73 -19.02 23.02
N THR E 69 57.46 -19.93 22.09
CA THR E 69 56.18 -19.98 21.40
C THR E 69 55.44 -21.31 21.61
N ILE E 70 54.18 -21.23 22.05
CA ILE E 70 53.39 -22.44 22.26
C ILE E 70 52.38 -22.49 21.13
N SER E 71 52.26 -23.64 20.48
CA SER E 71 51.36 -23.76 19.35
C SER E 71 50.68 -25.11 19.20
N ARG E 72 49.56 -25.11 18.46
CA ARG E 72 48.81 -26.33 18.23
C ARG E 72 48.35 -26.59 16.82
N ASP E 73 48.23 -27.87 16.51
CA ASP E 73 47.65 -28.33 15.27
C ASP E 73 46.63 -29.42 15.60
N ASN E 74 45.37 -29.04 15.50
CA ASN E 74 44.32 -29.94 15.94
C ASN E 74 43.99 -31.00 14.91
N SER E 75 44.58 -30.93 13.72
CA SER E 75 44.28 -31.97 12.75
C SER E 75 45.27 -33.10 12.98
N LYS E 76 46.43 -32.73 13.52
CA LYS E 76 47.49 -33.68 13.81
C LYS E 76 47.48 -34.17 15.25
N ASN E 77 46.67 -33.54 16.09
CA ASN E 77 46.61 -33.85 17.51
C ASN E 77 47.98 -33.66 18.11
N THR E 78 48.59 -32.52 17.73
CA THR E 78 49.91 -32.16 18.17
C THR E 78 50.03 -30.82 18.87
N LEU E 79 50.73 -30.86 19.98
CA LEU E 79 51.09 -29.69 20.77
C LEU E 79 52.57 -29.44 20.54
N SER E 80 52.99 -28.18 20.42
CA SER E 80 54.41 -27.96 20.27
C SER E 80 54.91 -26.71 20.96
N LEU E 81 56.21 -26.71 21.24
CA LEU E 81 56.88 -25.59 21.88
C LEU E 81 58.22 -25.24 21.25
N GLN E 82 58.32 -24.01 20.78
CA GLN E 82 59.56 -23.55 20.18
C GLN E 82 60.29 -22.69 21.18
N MET E 83 61.50 -23.10 21.54
CA MET E 83 62.25 -22.33 22.51
C MET E 83 63.46 -21.64 21.90
N HIS E 84 63.47 -20.31 21.93
CA HIS E 84 64.57 -19.53 21.38
C HIS E 84 65.42 -18.92 22.46
N SER E 85 66.66 -18.56 22.11
CA SER E 85 67.52 -17.83 23.04
C SER E 85 67.59 -18.54 24.38
N LEU E 86 67.98 -19.79 24.32
CA LEU E 86 68.06 -20.68 25.47
C LEU E 86 69.10 -20.26 26.48
N ARG E 87 68.79 -20.53 27.75
CA ARG E 87 69.69 -20.24 28.86
C ARG E 87 69.94 -21.52 29.66
N ASP E 88 71.01 -21.58 30.43
CA ASP E 88 71.33 -22.76 31.21
C ASP E 88 70.25 -23.03 32.24
N GLY E 89 69.60 -21.96 32.67
CA GLY E 89 68.52 -21.98 33.62
C GLY E 89 67.27 -22.68 33.08
N ASP E 90 67.24 -23.00 31.78
CA ASP E 90 66.11 -23.67 31.18
C ASP E 90 66.33 -25.19 31.15
N THR E 91 67.41 -25.68 31.76
CA THR E 91 67.58 -27.13 31.79
C THR E 91 66.47 -27.72 32.63
N ALA E 92 65.73 -28.64 32.06
CA ALA E 92 64.58 -29.23 32.73
C ALA E 92 63.96 -30.34 31.92
N VAL E 93 63.09 -31.10 32.55
CA VAL E 93 62.22 -31.96 31.79
C VAL E 93 60.96 -31.16 31.45
N TYR E 94 60.57 -31.18 30.20
CA TYR E 94 59.38 -30.44 29.79
C TYR E 94 58.23 -31.36 29.51
N TYR E 95 57.19 -31.20 30.32
CA TYR E 95 56.04 -32.05 30.25
C TYR E 95 54.90 -31.48 29.48
N CYS E 96 54.30 -32.34 28.69
CA CYS E 96 53.10 -32.07 27.95
C CYS E 96 51.97 -32.35 28.91
N ALA E 97 51.02 -31.43 29.05
CA ALA E 97 49.92 -31.71 29.95
C ALA E 97 48.61 -31.14 29.43
N THR E 98 47.52 -31.79 29.83
CA THR E 98 46.19 -31.27 29.48
C THR E 98 45.55 -30.73 30.71
N GLY E 99 44.96 -29.55 30.56
CA GLY E 99 44.28 -28.88 31.65
C GLY E 99 44.50 -27.39 31.64
N GLY E 100 44.19 -26.76 32.76
CA GLY E 100 44.26 -25.33 32.87
C GLY E 100 42.92 -24.69 32.49
N MET E 101 42.98 -23.68 31.64
CA MET E 101 41.79 -22.93 31.26
C MET E 101 40.85 -23.75 30.41
N SER E 102 39.62 -23.30 30.28
CA SER E 102 38.71 -24.00 29.39
C SER E 102 37.93 -23.03 28.52
N SER E 103 36.93 -23.57 27.85
CA SER E 103 36.08 -22.95 26.84
C SER E 103 35.05 -21.95 27.33
N ALA E 104 34.87 -21.87 28.62
CA ALA E 104 33.88 -21.03 29.30
C ALA E 104 32.47 -21.55 29.19
N LEU E 105 32.29 -22.68 28.51
CA LEU E 105 31.01 -23.32 28.43
C LEU E 105 31.07 -24.64 29.14
N GLN E 106 32.28 -25.01 29.55
CA GLN E 106 32.53 -26.34 30.06
C GLN E 106 33.35 -26.50 31.32
N SER E 107 32.84 -26.02 32.44
CA SER E 107 33.45 -26.26 33.74
C SER E 107 34.95 -26.04 33.85
N SER E 108 35.39 -24.79 33.72
CA SER E 108 36.81 -24.50 33.75
C SER E 108 37.47 -25.19 34.92
N LYS E 109 38.62 -25.78 34.63
CA LYS E 109 39.37 -26.58 35.55
C LYS E 109 40.43 -25.92 36.39
N TYR E 110 41.35 -25.23 35.76
CA TYR E 110 42.47 -24.61 36.45
C TYR E 110 43.41 -25.61 37.15
N TYR E 111 43.48 -26.82 36.63
CA TYR E 111 44.37 -27.85 37.13
C TYR E 111 44.76 -28.74 35.97
N PHE E 112 45.79 -29.57 36.14
CA PHE E 112 46.19 -30.45 35.05
C PHE E 112 45.75 -31.87 35.30
N ASP E 113 45.02 -32.47 34.34
CA ASP E 113 44.50 -33.84 34.45
C ASP E 113 45.47 -34.90 33.96
N PHE E 114 46.17 -34.60 32.88
CA PHE E 114 47.06 -35.60 32.31
C PHE E 114 48.41 -35.06 32.05
N TRP E 115 49.39 -35.92 32.22
CA TRP E 115 50.76 -35.58 31.98
C TRP E 115 51.42 -36.60 31.06
N GLY E 116 52.35 -36.13 30.26
CA GLY E 116 53.17 -37.01 29.45
C GLY E 116 54.36 -37.35 30.30
N GLN E 117 55.45 -37.86 29.73
CA GLN E 117 56.57 -38.20 30.60
C GLN E 117 57.63 -37.12 30.57
N GLY E 118 57.61 -36.34 29.51
CA GLY E 118 58.45 -35.20 29.33
C GLY E 118 59.73 -35.39 28.54
N ALA E 119 60.12 -34.34 27.83
CA ALA E 119 61.34 -34.35 27.04
C ALA E 119 62.44 -33.76 27.89
N LEU E 120 63.65 -34.26 27.77
CA LEU E 120 64.73 -33.65 28.55
C LEU E 120 65.53 -32.67 27.73
N VAL E 121 65.57 -31.45 28.22
CA VAL E 121 66.26 -30.38 27.56
C VAL E 121 67.39 -29.88 28.42
N THR E 122 68.59 -29.89 27.85
CA THR E 122 69.78 -29.43 28.57
C THR E 122 70.41 -28.27 27.86
N VAL E 123 70.75 -27.23 28.60
CA VAL E 123 71.35 -26.07 27.99
C VAL E 123 72.61 -25.63 28.72
N ALA F 1 56.49 -18.58 45.11
CA ALA F 1 56.04 -19.97 45.14
C ALA F 1 55.21 -20.24 46.37
N LEU F 2 54.54 -21.37 46.37
CA LEU F 2 53.76 -21.78 47.55
C LEU F 2 54.73 -22.61 48.39
N THR F 3 54.54 -22.70 49.70
CA THR F 3 55.48 -23.52 50.46
C THR F 3 54.91 -24.76 51.07
N GLN F 4 55.52 -25.89 50.72
CA GLN F 4 55.18 -27.17 51.30
C GLN F 4 56.49 -27.59 51.96
N PRO F 5 56.68 -27.38 53.23
CA PRO F 5 57.97 -27.58 53.82
C PRO F 5 58.30 -29.06 53.89
N PRO F 6 59.59 -29.43 53.85
CA PRO F 6 60.07 -30.76 54.13
C PRO F 6 59.90 -30.93 55.63
N SER F 7 59.56 -32.10 56.14
CA SER F 7 59.25 -33.33 55.43
C SER F 7 58.14 -33.97 56.24
N VAL F 8 57.49 -34.94 55.66
CA VAL F 8 56.38 -35.60 56.31
C VAL F 8 56.60 -37.09 56.36
N SER F 9 56.25 -37.70 57.47
CA SER F 9 56.44 -39.13 57.57
C SER F 9 55.52 -39.79 58.55
N GLY F 10 55.49 -41.11 58.47
CA GLY F 10 54.74 -41.91 59.43
C GLY F 10 54.84 -43.38 59.11
N SER F 11 54.35 -44.21 60.01
CA SER F 11 54.38 -45.65 59.83
C SER F 11 53.23 -46.05 58.93
N PRO F 12 53.28 -47.20 58.28
CA PRO F 12 52.19 -47.68 57.48
C PRO F 12 50.95 -47.74 58.36
N GLY F 13 49.85 -47.27 57.82
CA GLY F 13 48.57 -47.26 58.51
C GLY F 13 48.28 -45.98 59.26
N GLN F 14 49.27 -45.10 59.42
CA GLN F 14 49.04 -43.86 60.14
C GLN F 14 48.59 -42.79 59.18
N SER F 15 47.85 -41.80 59.64
CA SER F 15 47.50 -40.72 58.74
C SER F 15 48.60 -39.67 58.80
N VAL F 16 48.75 -38.95 57.69
CA VAL F 16 49.69 -37.83 57.64
C VAL F 16 49.08 -36.61 56.97
N THR F 17 49.62 -35.44 57.27
CA THR F 17 49.16 -34.23 56.60
C THR F 17 50.30 -33.51 55.93
N ILE F 18 50.09 -33.14 54.69
CA ILE F 18 51.07 -32.41 53.92
C ILE F 18 50.53 -31.00 53.73
N SER F 19 51.26 -29.99 54.20
CA SER F 19 50.77 -28.63 54.08
C SER F 19 51.23 -27.93 52.82
N CYS F 20 50.57 -26.83 52.50
CA CYS F 20 50.87 -25.91 51.40
C CYS F 20 50.44 -24.49 51.70
N THR F 21 51.38 -23.64 52.07
CA THR F 21 51.04 -22.30 52.49
C THR F 21 51.25 -21.29 51.38
N GLY F 22 50.24 -20.47 51.13
CA GLY F 22 50.29 -19.46 50.09
C GLY F 22 50.53 -18.12 50.69
N THR F 23 49.96 -17.08 50.08
CA THR F 23 50.24 -15.74 50.57
C THR F 23 48.99 -15.03 51.03
N SER F 24 48.35 -14.35 50.12
CA SER F 24 47.18 -13.57 50.44
C SER F 24 46.11 -13.79 49.41
N SER F 25 46.32 -13.23 48.25
CA SER F 25 45.36 -13.34 47.18
C SER F 25 45.38 -14.65 46.40
N ASP F 26 46.46 -15.43 46.43
CA ASP F 26 46.44 -16.59 45.54
C ASP F 26 45.57 -17.73 46.02
N ILE F 27 45.87 -18.31 47.16
CA ILE F 27 45.01 -19.43 47.50
C ILE F 27 43.96 -18.95 48.46
N GLY F 28 44.14 -17.73 48.90
CA GLY F 28 43.14 -17.06 49.71
C GLY F 28 41.88 -16.83 48.86
N SER F 29 42.04 -16.24 47.66
CA SER F 29 40.87 -15.93 46.84
C SER F 29 40.46 -17.00 45.85
N TYR F 30 41.36 -17.88 45.43
CA TYR F 30 40.96 -18.83 44.43
C TYR F 30 40.89 -20.26 44.91
N ASN F 31 39.73 -20.88 44.78
CA ASN F 31 39.56 -22.26 45.20
C ASN F 31 39.96 -23.22 44.11
N TYR F 32 41.19 -23.08 43.67
CA TYR F 32 41.73 -23.91 42.64
C TYR F 32 43.09 -24.37 43.05
N VAL F 33 43.14 -25.23 44.05
CA VAL F 33 44.41 -25.68 44.57
C VAL F 33 44.48 -27.16 44.36
N SER F 34 45.47 -27.59 43.64
CA SER F 34 45.57 -29.00 43.35
C SER F 34 46.76 -29.62 43.98
N TRP F 35 46.69 -30.92 44.13
CA TRP F 35 47.79 -31.70 44.65
C TRP F 35 48.15 -32.81 43.73
N TYR F 36 49.45 -33.04 43.60
CA TYR F 36 50.01 -34.09 42.77
C TYR F 36 50.96 -35.02 43.51
N GLN F 37 50.96 -36.28 43.11
CA GLN F 37 51.85 -37.31 43.65
C GLN F 37 52.97 -37.57 42.65
N GLN F 38 54.20 -37.21 43.02
CA GLN F 38 55.34 -37.29 42.14
C GLN F 38 56.30 -38.42 42.44
N HIS F 39 56.34 -39.40 41.56
CA HIS F 39 57.21 -40.53 41.76
C HIS F 39 58.61 -40.18 41.22
N PRO F 40 59.67 -40.78 41.75
CA PRO F 40 61.05 -40.49 41.43
C PRO F 40 61.48 -40.96 40.05
N GLY F 41 61.10 -40.18 39.05
CA GLY F 41 61.40 -40.48 37.66
C GLY F 41 60.17 -40.70 36.79
N LYS F 42 58.99 -40.50 37.35
CA LYS F 42 57.74 -40.67 36.59
C LYS F 42 56.97 -39.36 36.55
N ALA F 43 56.10 -39.19 35.57
CA ALA F 43 55.26 -38.00 35.56
C ALA F 43 54.35 -38.00 36.78
N PRO F 44 53.98 -36.85 37.34
CA PRO F 44 53.10 -36.73 38.49
C PRO F 44 51.67 -37.11 38.19
N LYS F 45 51.01 -37.63 39.21
CA LYS F 45 49.59 -37.97 39.15
C LYS F 45 48.74 -36.98 39.91
N LEU F 46 47.60 -36.61 39.35
CA LEU F 46 46.70 -35.72 40.07
C LEU F 46 45.95 -36.43 41.17
N MET F 47 45.96 -35.84 42.36
CA MET F 47 45.24 -36.39 43.49
C MET F 47 44.05 -35.55 43.86
N ILE F 48 44.28 -34.27 44.07
CA ILE F 48 43.25 -33.35 44.54
C ILE F 48 43.15 -32.15 43.63
N TYR F 49 41.94 -31.64 43.44
CA TYR F 49 41.73 -30.41 42.68
C TYR F 49 40.60 -29.59 43.29
N ASP F 50 40.52 -28.32 42.90
CA ASP F 50 39.59 -27.39 43.51
C ASP F 50 40.09 -27.33 44.94
N VAL F 51 39.34 -27.82 45.89
CA VAL F 51 39.86 -27.83 47.24
C VAL F 51 39.81 -29.25 47.78
N THR F 52 38.64 -29.86 47.62
CA THR F 52 38.33 -31.17 48.16
C THR F 52 38.04 -32.27 47.12
N GLN F 53 38.21 -32.02 45.82
CA GLN F 53 37.81 -33.04 44.85
C GLN F 53 38.94 -33.92 44.45
N ARG F 54 38.62 -35.13 44.01
CA ARG F 54 39.66 -36.00 43.49
C ARG F 54 39.13 -36.66 42.24
N PRO F 55 39.96 -36.95 41.24
CA PRO F 55 39.60 -37.59 40.01
C PRO F 55 39.39 -39.07 40.21
N SER F 56 38.67 -39.66 39.28
CA SER F 56 38.50 -41.09 39.29
C SER F 56 39.88 -41.68 39.17
N GLY F 57 40.10 -42.78 39.87
CA GLY F 57 41.40 -43.44 39.86
C GLY F 57 42.14 -43.13 41.16
N VAL F 58 41.65 -42.15 41.92
CA VAL F 58 42.25 -41.82 43.18
C VAL F 58 41.37 -42.34 44.30
N SER F 59 41.99 -43.10 45.16
CA SER F 59 41.34 -43.74 46.27
C SER F 59 41.02 -42.78 47.40
N ASP F 60 40.20 -43.29 48.31
CA ASP F 60 39.67 -42.60 49.48
C ASP F 60 40.74 -42.14 50.43
N ARG F 61 41.95 -42.66 50.27
CA ARG F 61 43.02 -42.28 51.15
C ARG F 61 43.30 -40.80 51.03
N PHE F 62 43.12 -40.23 49.83
CA PHE F 62 43.49 -38.85 49.62
C PHE F 62 42.29 -37.92 49.70
N SER F 63 42.39 -36.95 50.58
CA SER F 63 41.36 -35.95 50.80
C SER F 63 42.05 -34.67 51.17
N GLY F 64 41.33 -33.59 51.33
CA GLY F 64 42.04 -32.37 51.68
C GLY F 64 41.11 -31.23 51.98
N SER F 65 41.70 -30.09 52.31
CA SER F 65 40.96 -28.91 52.68
C SER F 65 41.79 -27.65 52.56
N LYS F 66 41.12 -26.51 52.71
CA LYS F 66 41.77 -25.22 52.71
C LYS F 66 41.13 -24.28 53.71
N SER F 67 41.95 -23.47 54.37
CA SER F 67 41.48 -22.45 55.29
C SER F 67 42.42 -21.26 55.28
N GLY F 68 41.88 -20.06 55.33
CA GLY F 68 42.77 -18.90 55.32
C GLY F 68 43.55 -18.91 54.02
N ASN F 69 44.87 -18.87 54.12
CA ASN F 69 45.75 -18.87 52.97
C ASN F 69 46.58 -20.13 52.95
N THR F 70 46.11 -21.17 53.64
CA THR F 70 46.85 -22.41 53.70
C THR F 70 46.00 -23.62 53.31
N ALA F 71 46.57 -24.46 52.47
CA ALA F 71 45.93 -25.68 52.01
C ALA F 71 46.66 -26.90 52.53
N SER F 72 45.95 -28.01 52.59
CA SER F 72 46.62 -29.24 52.98
C SER F 72 46.03 -30.49 52.33
N LEU F 73 46.88 -31.49 52.22
CA LEU F 73 46.54 -32.80 51.73
C LEU F 73 46.59 -33.79 52.86
N THR F 74 45.54 -34.57 52.99
CA THR F 74 45.48 -35.56 54.04
C THR F 74 45.49 -36.96 53.49
N ILE F 75 46.36 -37.79 54.06
CA ILE F 75 46.37 -39.18 53.69
C ILE F 75 45.83 -39.91 54.91
N SER F 76 44.69 -40.59 54.74
CA SER F 76 43.90 -41.20 55.83
C SER F 76 44.49 -42.44 56.51
N GLY F 77 45.52 -43.01 55.92
CA GLY F 77 46.16 -44.21 56.41
C GLY F 77 47.15 -44.64 55.35
N LEU F 78 48.35 -44.18 55.58
CA LEU F 78 49.52 -44.22 54.74
C LEU F 78 50.01 -45.56 54.30
N GLN F 79 50.25 -45.69 53.01
CA GLN F 79 50.77 -46.93 52.48
C GLN F 79 52.22 -46.72 52.12
N ALA F 80 53.00 -47.79 52.01
CA ALA F 80 54.39 -47.69 51.57
C ALA F 80 54.45 -47.22 50.12
N ASP F 81 53.35 -47.40 49.42
CA ASP F 81 53.22 -47.07 48.04
C ASP F 81 53.06 -45.57 47.85
N ASP F 82 52.94 -44.83 48.94
CA ASP F 82 52.76 -43.40 48.88
C ASP F 82 54.08 -42.66 49.02
N GLU F 83 55.22 -43.38 49.02
CA GLU F 83 56.49 -42.67 49.09
C GLU F 83 56.81 -42.00 47.78
N ALA F 84 56.37 -40.75 47.74
CA ALA F 84 56.41 -39.86 46.61
C ALA F 84 56.58 -38.44 47.11
N ASP F 85 57.01 -37.57 46.22
CA ASP F 85 57.05 -36.17 46.57
C ASP F 85 55.65 -35.62 46.37
N TYR F 86 55.23 -34.70 47.19
CA TYR F 86 53.94 -34.11 46.94
C TYR F 86 54.10 -32.68 46.58
N TYR F 87 53.29 -32.29 45.63
CA TYR F 87 53.27 -30.94 45.16
C TYR F 87 51.90 -30.36 45.21
N CYS F 88 51.84 -29.12 45.59
CA CYS F 88 50.60 -28.38 45.54
C CYS F 88 50.77 -27.32 44.50
N SER F 89 49.69 -26.90 43.90
CA SER F 89 49.74 -25.81 42.96
C SER F 89 48.44 -25.06 42.96
N ALA F 90 48.46 -23.81 42.52
CA ALA F 90 47.20 -23.11 42.49
C ALA F 90 47.10 -22.04 41.44
N TYR F 91 45.87 -21.72 41.09
CA TYR F 91 45.58 -20.66 40.15
C TYR F 91 46.01 -19.31 40.71
N ALA F 92 46.64 -18.51 39.87
CA ALA F 92 47.20 -17.22 40.23
C ALA F 92 46.61 -15.97 39.57
N GLY F 93 45.29 -15.94 39.43
CA GLY F 93 44.57 -14.73 39.02
C GLY F 93 44.79 -14.19 37.61
N ARG F 94 45.14 -15.04 36.68
CA ARG F 94 45.42 -14.66 35.30
C ARG F 94 46.64 -13.73 35.22
N GLN F 95 47.47 -13.70 36.26
CA GLN F 95 48.67 -12.89 36.18
C GLN F 95 49.84 -13.80 35.95
N THR F 96 49.95 -14.84 36.76
CA THR F 96 51.04 -15.78 36.58
C THR F 96 50.48 -17.15 36.25
N PHE F 97 49.17 -17.20 36.20
CA PHE F 97 48.40 -18.39 35.93
C PHE F 97 48.49 -19.49 36.93
N TYR F 98 49.65 -20.11 37.07
CA TYR F 98 49.74 -21.16 38.06
C TYR F 98 51.01 -21.07 38.84
N ILE F 99 50.88 -21.26 40.13
CA ILE F 99 52.02 -21.27 40.99
C ILE F 99 52.19 -22.63 41.59
N PHE F 100 53.37 -23.18 41.44
CA PHE F 100 53.63 -24.46 42.05
C PHE F 100 54.31 -24.20 43.36
N GLY F 101 54.05 -25.04 44.34
CA GLY F 101 54.76 -24.90 45.57
C GLY F 101 56.06 -25.64 45.52
N GLY F 102 56.96 -25.31 46.42
CA GLY F 102 58.14 -26.13 46.51
C GLY F 102 57.53 -27.39 47.04
N GLY F 103 57.96 -28.56 46.58
CA GLY F 103 57.31 -29.78 47.05
C GLY F 103 57.93 -30.29 48.32
N THR F 104 57.37 -31.38 48.81
CA THR F 104 57.86 -32.00 50.03
C THR F 104 57.83 -33.51 49.96
N ARG F 105 58.79 -34.15 50.61
CA ARG F 105 58.90 -35.60 50.57
C ARG F 105 58.22 -36.36 51.69
N LEU F 106 57.43 -37.39 51.30
CA LEU F 106 56.78 -38.29 52.24
C LEU F 106 57.50 -39.62 52.38
N THR F 107 57.88 -39.94 53.62
CA THR F 107 58.57 -41.19 53.98
C THR F 107 57.67 -42.05 54.87
N VAL F 108 57.54 -43.33 54.56
CA VAL F 108 56.63 -44.16 55.33
C VAL F 108 57.37 -44.95 56.43
N ASN G 3 33.22 24.69 32.22
CA ASN G 3 33.82 23.41 32.53
C ASN G 3 32.80 22.30 32.53
N LEU G 4 31.70 22.55 31.86
CA LEU G 4 30.63 21.58 31.69
C LEU G 4 30.69 21.07 30.29
N TRP G 5 30.25 19.85 30.09
CA TRP G 5 30.31 19.19 28.80
C TRP G 5 28.96 18.78 28.29
N VAL G 6 28.83 18.74 26.97
CA VAL G 6 27.56 18.31 26.39
C VAL G 6 27.42 16.82 26.49
N THR G 7 26.32 16.35 27.04
CA THR G 7 26.09 14.92 27.04
C THR G 7 24.84 14.68 26.28
N VAL G 8 24.67 13.45 25.85
CA VAL G 8 23.53 13.10 25.05
C VAL G 8 22.66 12.07 25.71
N TYR G 9 21.38 12.37 25.77
CA TYR G 9 20.42 11.46 26.36
C TYR G 9 19.38 11.01 25.36
N TYR G 10 19.22 9.71 25.24
CA TYR G 10 18.24 9.15 24.34
C TYR G 10 17.20 8.44 25.15
N GLY G 11 15.93 8.70 24.88
CA GLY G 11 14.86 8.14 25.70
C GLY G 11 14.30 9.24 26.61
N VAL G 12 14.60 10.47 26.29
CA VAL G 12 14.14 11.62 27.03
C VAL G 12 12.62 11.81 26.91
N PRO G 13 11.86 11.93 28.00
CA PRO G 13 10.40 12.01 27.99
C PRO G 13 9.83 13.34 27.56
N VAL G 14 10.05 13.69 26.30
CA VAL G 14 9.52 14.93 25.73
C VAL G 14 8.76 14.68 24.47
N TRP G 15 7.96 15.64 24.08
CA TRP G 15 7.18 15.52 22.89
C TRP G 15 6.86 16.84 22.25
N LYS G 16 6.40 16.78 21.02
CA LYS G 16 5.96 17.93 20.28
C LYS G 16 4.61 17.64 19.66
N ASP G 17 3.79 18.66 19.47
CA ASP G 17 2.48 18.43 18.87
C ASP G 17 2.64 17.89 17.46
N ALA G 18 1.78 16.94 17.08
CA ALA G 18 1.92 16.42 15.73
C ALA G 18 0.61 15.93 15.16
N GLU G 19 0.52 15.97 13.85
CA GLU G 19 -0.67 15.48 13.18
C GLU G 19 -0.37 14.21 12.43
N THR G 20 -0.78 13.08 12.96
CA THR G 20 -0.48 11.83 12.30
C THR G 20 -1.72 10.99 12.15
N THR G 21 -1.52 9.84 11.55
CA THR G 21 -2.56 8.88 11.32
C THR G 21 -2.75 8.00 12.53
N LEU G 22 -3.97 7.89 13.00
CA LEU G 22 -4.25 7.00 14.11
C LEU G 22 -4.82 5.74 13.56
N PHE G 23 -4.68 4.65 14.28
CA PHE G 23 -5.28 3.45 13.76
C PHE G 23 -6.55 3.22 14.50
N CYS G 24 -7.43 2.51 13.88
CA CYS G 24 -8.72 2.23 14.47
C CYS G 24 -8.70 0.84 15.09
N ALA G 25 -9.14 0.78 16.33
CA ALA G 25 -9.24 -0.44 17.09
C ALA G 25 -10.69 -0.74 17.42
N SER G 26 -11.03 -2.01 17.52
CA SER G 26 -12.43 -2.41 17.66
C SER G 26 -12.75 -3.52 18.64
N ASP G 27 -14.03 -3.80 18.72
CA ASP G 27 -14.58 -4.86 19.56
C ASP G 27 -15.81 -5.41 18.85
N ALA G 28 -16.44 -6.42 19.46
CA ALA G 28 -17.67 -7.12 19.02
C ALA G 28 -17.36 -8.58 18.77
N HIS G 36 -25.44 -8.57 9.82
CA HIS G 36 -24.11 -7.98 9.74
C HIS G 36 -24.20 -6.50 10.17
N ASN G 37 -23.09 -5.76 10.15
CA ASN G 37 -23.07 -4.38 10.64
C ASN G 37 -22.14 -3.52 9.82
N VAL G 38 -22.60 -2.33 9.49
CA VAL G 38 -21.85 -1.44 8.65
C VAL G 38 -20.45 -1.13 9.19
N TRP G 39 -20.26 -1.14 10.51
CA TRP G 39 -18.94 -0.82 11.07
C TRP G 39 -18.05 -2.03 11.31
N ALA G 40 -18.54 -3.22 11.01
CA ALA G 40 -17.74 -4.43 11.20
C ALA G 40 -16.89 -4.65 9.96
N THR G 41 -15.94 -3.77 9.74
CA THR G 41 -15.16 -3.81 8.50
C THR G 41 -13.87 -4.59 8.60
N HIS G 42 -13.43 -4.81 9.82
CA HIS G 42 -12.17 -5.47 10.14
C HIS G 42 -10.96 -4.66 9.70
N ALA G 43 -11.19 -3.41 9.30
CA ALA G 43 -10.13 -2.49 9.01
C ALA G 43 -9.71 -1.90 10.33
N CYS G 44 -10.68 -1.93 11.24
CA CYS G 44 -10.56 -1.41 12.57
C CYS G 44 -10.30 -2.67 13.39
N VAL G 45 -9.09 -2.74 13.92
CA VAL G 45 -8.50 -3.93 14.54
C VAL G 45 -9.04 -4.35 15.89
N PRO G 46 -9.56 -5.58 16.05
CA PRO G 46 -10.07 -6.06 17.32
C PRO G 46 -8.99 -5.89 18.34
N THR G 47 -9.33 -5.28 19.45
CA THR G 47 -8.35 -5.03 20.47
C THR G 47 -8.79 -5.37 21.85
N ASP G 48 -7.88 -5.11 22.75
CA ASP G 48 -8.07 -5.19 24.18
C ASP G 48 -8.37 -3.78 24.64
N PRO G 49 -9.60 -3.44 25.05
CA PRO G 49 -10.02 -2.13 25.50
C PRO G 49 -9.25 -1.65 26.74
N ASN G 50 -8.54 -2.55 27.45
CA ASN G 50 -7.79 -2.22 28.65
C ASN G 50 -7.27 -0.78 28.57
N PRO G 51 -7.87 0.15 29.32
CA PRO G 51 -7.57 1.56 29.33
C PRO G 51 -6.34 1.85 30.14
N GLN G 52 -5.20 1.40 29.67
CA GLN G 52 -4.02 1.66 30.46
C GLN G 52 -3.81 3.16 30.41
N GLU G 53 -3.51 3.75 31.56
CA GLU G 53 -3.33 5.18 31.64
C GLU G 53 -2.24 5.59 32.61
N ILE G 54 -1.37 6.50 32.17
CA ILE G 54 -0.33 7.00 33.03
C ILE G 54 -0.55 8.45 33.40
N HIS G 55 -0.76 8.73 34.67
CA HIS G 55 -1.01 10.10 35.06
C HIS G 55 0.27 10.90 35.02
N LEU G 56 0.25 12.12 34.49
CA LEU G 56 1.46 12.91 34.49
C LEU G 56 1.32 13.88 35.65
N GLU G 57 1.96 13.54 36.76
CA GLU G 57 1.68 14.24 38.01
C GLU G 57 1.95 15.72 38.03
N ASN G 58 3.01 16.17 37.38
CA ASN G 58 3.33 17.60 37.43
C ASN G 58 3.37 18.19 36.03
N VAL G 59 2.54 17.70 35.11
CA VAL G 59 2.57 18.26 33.77
C VAL G 59 1.33 19.02 33.42
N THR G 60 1.51 20.22 32.90
CA THR G 60 0.38 20.99 32.43
C THR G 60 0.64 21.32 31.00
N GLU G 61 -0.31 21.02 30.14
CA GLU G 61 -0.17 21.29 28.73
C GLU G 61 -1.46 21.76 28.11
N GLU G 62 -1.39 22.71 27.17
CA GLU G 62 -2.58 23.19 26.52
C GLU G 62 -3.12 22.33 25.40
N PHE G 63 -4.43 22.38 25.31
CA PHE G 63 -5.25 21.72 24.33
C PHE G 63 -6.01 22.72 23.48
N ASN G 64 -6.38 22.33 22.28
CA ASN G 64 -7.24 23.15 21.46
C ASN G 64 -8.14 22.29 20.62
N MET G 65 -9.35 22.05 21.08
CA MET G 65 -10.27 21.14 20.43
C MET G 65 -10.71 21.58 19.06
N TRP G 66 -10.50 22.83 18.71
CA TRP G 66 -11.00 23.34 17.45
C TRP G 66 -9.99 23.14 16.35
N LYS G 67 -8.80 22.69 16.71
CA LYS G 67 -7.73 22.49 15.74
C LYS G 67 -7.26 21.06 15.83
N ASN G 68 -8.13 20.21 16.31
CA ASN G 68 -7.79 18.82 16.55
C ASN G 68 -7.93 17.94 15.31
N ASN G 69 -6.82 17.46 14.80
CA ASN G 69 -6.83 16.69 13.56
C ASN G 69 -7.42 15.30 13.76
N MET G 70 -7.68 14.91 15.02
CA MET G 70 -8.28 13.63 15.27
C MET G 70 -9.71 13.69 14.80
N VAL G 71 -10.28 14.90 14.81
CA VAL G 71 -11.64 15.11 14.43
C VAL G 71 -11.69 15.01 12.94
N GLU G 72 -10.71 15.61 12.29
CA GLU G 72 -10.71 15.52 10.84
C GLU G 72 -10.52 14.08 10.42
N GLN G 73 -9.67 13.33 11.11
CA GLN G 73 -9.52 11.96 10.70
C GLN G 73 -10.79 11.18 10.94
N MET G 74 -11.47 11.37 12.07
CA MET G 74 -12.65 10.60 12.32
C MET G 74 -13.70 10.87 11.27
N HIS G 75 -13.82 12.13 10.86
CA HIS G 75 -14.78 12.52 9.86
C HIS G 75 -14.53 11.77 8.58
N GLU G 76 -13.28 11.76 8.13
CA GLU G 76 -12.98 11.07 6.89
C GLU G 76 -13.11 9.57 7.02
N ASP G 77 -12.74 9.00 8.17
CA ASP G 77 -12.85 7.55 8.29
C ASP G 77 -14.28 7.11 8.25
N ILE G 78 -15.18 7.87 8.87
CA ILE G 78 -16.57 7.47 8.85
C ILE G 78 -17.17 7.59 7.48
N ILE G 79 -16.90 8.67 6.78
CA ILE G 79 -17.48 8.78 5.45
C ILE G 79 -16.93 7.71 4.55
N SER G 80 -15.63 7.48 4.61
CA SER G 80 -15.03 6.48 3.76
C SER G 80 -15.63 5.12 4.04
N LEU G 81 -15.81 4.78 5.32
CA LEU G 81 -16.39 3.52 5.68
C LEU G 81 -17.77 3.36 5.14
N TRP G 82 -18.59 4.38 5.33
CA TRP G 82 -19.96 4.32 4.91
C TRP G 82 -20.02 4.04 3.42
N ASP G 83 -19.22 4.78 2.66
CA ASP G 83 -19.22 4.66 1.23
C ASP G 83 -18.76 3.27 0.80
N GLN G 84 -17.76 2.71 1.47
CA GLN G 84 -17.32 1.37 1.10
C GLN G 84 -18.37 0.33 1.39
N SER G 85 -19.13 0.50 2.46
CA SER G 85 -20.15 -0.48 2.75
C SER G 85 -21.25 -0.48 1.70
N LEU G 86 -21.60 0.70 1.16
CA LEU G 86 -22.62 0.76 0.10
C LEU G 86 -22.11 0.35 -1.27
N LYS G 87 -20.82 0.50 -1.51
CA LYS G 87 -20.22 0.21 -2.80
C LYS G 87 -20.74 -1.02 -3.57
N PRO G 88 -20.82 -2.25 -3.00
CA PRO G 88 -21.22 -3.46 -3.71
C PRO G 88 -22.72 -3.71 -3.81
N CYS G 89 -23.54 -2.78 -3.34
CA CYS G 89 -24.98 -3.03 -3.27
C CYS G 89 -25.72 -2.57 -4.51
N VAL G 90 -26.98 -3.00 -4.64
CA VAL G 90 -27.80 -2.75 -5.83
C VAL G 90 -28.05 -1.30 -6.16
N LYS G 91 -27.86 -0.94 -7.42
CA LYS G 91 -28.10 0.42 -7.83
C LYS G 91 -29.50 0.50 -8.38
N LEU G 92 -30.33 1.37 -7.82
CA LEU G 92 -31.71 1.45 -8.20
C LEU G 92 -31.90 2.44 -9.32
N THR G 93 -31.15 2.24 -10.37
CA THR G 93 -31.24 3.10 -11.52
C THR G 93 -32.65 3.07 -12.08
N PRO G 94 -33.28 1.88 -12.27
CA PRO G 94 -34.59 1.72 -12.82
C PRO G 94 -35.71 2.40 -12.06
N LEU G 95 -35.47 2.82 -10.82
CA LEU G 95 -36.55 3.45 -10.09
C LEU G 95 -36.68 4.92 -10.44
N CYS G 96 -35.70 5.51 -11.12
CA CYS G 96 -35.86 6.91 -11.47
C CYS G 96 -36.58 6.99 -12.81
N VAL G 97 -37.87 6.72 -12.73
CA VAL G 97 -38.80 6.60 -13.84
C VAL G 97 -40.05 7.38 -13.50
N THR G 98 -40.77 7.86 -14.49
CA THR G 98 -42.00 8.56 -14.17
C THR G 98 -42.89 7.62 -13.39
N LEU G 99 -43.36 8.09 -12.25
CA LEU G 99 -44.15 7.35 -11.30
C LEU G 99 -45.59 7.88 -11.24
N GLN G 100 -46.59 7.00 -11.19
CA GLN G 100 -47.99 7.46 -11.11
C GLN G 100 -48.56 7.31 -9.71
N CYS G 101 -49.04 8.40 -9.08
CA CYS G 101 -49.45 8.22 -7.70
C CYS G 101 -50.79 8.83 -7.31
N THR G 102 -51.35 8.20 -6.28
CA THR G 102 -52.51 8.63 -5.51
C THR G 102 -52.21 8.56 -4.02
N ASN G 103 -53.12 9.01 -3.19
CA ASN G 103 -52.87 8.92 -1.76
C ASN G 103 -53.18 7.55 -1.22
N TYR G 104 -52.36 7.05 -0.29
CA TYR G 104 -52.57 5.75 0.31
C TYR G 104 -53.86 5.59 1.05
N ALA G 105 -54.18 6.54 1.89
CA ALA G 105 -55.40 6.48 2.67
C ALA G 105 -56.07 7.83 2.62
N PRO G 106 -56.74 8.20 1.52
CA PRO G 106 -57.37 9.49 1.34
C PRO G 106 -58.33 9.77 2.47
N LYS G 107 -58.93 8.71 2.98
CA LYS G 107 -59.90 8.79 4.04
C LYS G 107 -59.23 8.76 5.40
N LEU G 108 -58.54 9.83 5.68
CA LEU G 108 -57.80 10.01 6.90
C LEU G 108 -57.80 11.49 7.22
N ARG G 109 -58.14 11.85 8.46
CA ARG G 109 -58.19 13.26 8.83
C ARG G 109 -57.08 13.71 9.77
N SER G 110 -56.18 12.79 10.06
CA SER G 110 -55.06 13.00 10.98
C SER G 110 -53.90 13.71 10.32
N MET G 111 -52.87 13.97 11.11
CA MET G 111 -51.64 14.58 10.62
C MET G 111 -50.97 13.84 9.46
N MET G 112 -51.27 12.56 9.30
CA MET G 112 -50.67 11.77 8.23
C MET G 112 -51.44 11.78 6.95
N ARG G 113 -52.55 12.50 6.89
CA ARG G 113 -53.26 12.45 5.65
C ARG G 113 -52.40 13.08 4.59
N GLY G 114 -52.28 12.41 3.47
CA GLY G 114 -51.53 12.90 2.34
C GLY G 114 -50.04 12.61 2.44
N GLU G 115 -49.59 12.06 3.57
CA GLU G 115 -48.18 11.79 3.77
C GLU G 115 -47.68 10.55 3.06
N ILE G 116 -48.51 9.53 2.95
CA ILE G 116 -48.07 8.29 2.33
C ILE G 116 -48.76 8.15 1.00
N LYS G 117 -47.98 7.98 -0.05
CA LYS G 117 -48.54 7.86 -1.38
C LYS G 117 -48.40 6.48 -1.96
N ASN G 118 -49.44 6.08 -2.66
CA ASN G 118 -49.52 4.79 -3.33
C ASN G 118 -49.22 4.93 -4.79
N CYS G 119 -48.02 4.51 -5.16
CA CYS G 119 -47.54 4.74 -6.47
C CYS G 119 -47.33 3.50 -7.30
N SER G 120 -47.46 3.64 -8.62
CA SER G 120 -47.16 2.53 -9.48
C SER G 120 -46.08 2.82 -10.51
N PHE G 121 -45.37 1.75 -10.87
CA PHE G 121 -44.27 1.77 -11.82
C PHE G 121 -44.37 0.76 -12.92
N ASN G 122 -43.77 1.09 -14.05
CA ASN G 122 -43.45 0.06 -15.03
C ASN G 122 -42.00 -0.31 -14.79
N MET G 123 -41.79 -1.39 -14.04
CA MET G 123 -40.49 -1.77 -13.53
C MET G 123 -39.78 -2.82 -14.36
N THR G 124 -38.46 -2.77 -14.34
CA THR G 124 -37.61 -3.76 -14.97
C THR G 124 -37.73 -5.12 -14.28
N THR G 125 -37.79 -6.21 -15.05
CA THR G 125 -37.76 -7.58 -14.49
C THR G 125 -36.38 -8.13 -14.68
N GLU G 126 -36.12 -9.35 -14.21
CA GLU G 126 -34.78 -9.89 -14.40
C GLU G 126 -34.44 -10.19 -15.85
N LEU G 127 -35.43 -10.26 -16.75
CA LEU G 127 -35.06 -10.50 -18.13
C LEU G 127 -35.10 -9.17 -18.85
N ARG G 128 -34.17 -8.97 -19.76
CA ARG G 128 -34.08 -7.71 -20.47
C ARG G 128 -35.33 -7.29 -21.23
N ASP G 129 -36.10 -8.21 -21.79
CA ASP G 129 -37.23 -7.81 -22.56
C ASP G 129 -38.56 -7.76 -21.80
N LYS G 130 -38.55 -7.93 -20.48
CA LYS G 130 -39.81 -7.91 -19.77
C LYS G 130 -39.88 -6.87 -18.68
N LYS G 131 -41.09 -6.34 -18.52
CA LYS G 131 -41.46 -5.35 -17.52
C LYS G 131 -42.54 -5.90 -16.61
N GLN G 132 -42.64 -5.33 -15.42
CA GLN G 132 -43.66 -5.71 -14.46
C GLN G 132 -44.32 -4.50 -13.84
N LYS G 133 -45.59 -4.62 -13.46
CA LYS G 133 -46.22 -3.49 -12.80
C LYS G 133 -46.07 -3.62 -11.32
N VAL G 134 -45.54 -2.57 -10.73
CA VAL G 134 -45.27 -2.56 -9.31
C VAL G 134 -45.97 -1.50 -8.56
N TYR G 135 -46.60 -1.86 -7.47
CA TYR G 135 -47.23 -0.90 -6.58
C TYR G 135 -46.41 -0.82 -5.32
N SER G 136 -46.15 0.38 -4.84
CA SER G 136 -45.37 0.57 -3.63
C SER G 136 -45.71 1.84 -2.90
N LEU G 137 -45.34 1.91 -1.63
CA LEU G 137 -45.60 3.10 -0.89
C LEU G 137 -44.36 3.96 -0.66
N PHE G 138 -44.56 5.25 -0.85
CA PHE G 138 -43.54 6.28 -0.66
C PHE G 138 -44.00 7.34 0.27
N TYR G 139 -43.07 8.02 0.90
CA TYR G 139 -43.48 9.11 1.74
C TYR G 139 -43.48 10.35 0.90
N ARG G 140 -44.29 11.32 1.26
CA ARG G 140 -44.37 12.57 0.55
C ARG G 140 -43.01 13.19 0.33
N LEU G 141 -42.13 13.07 1.31
CA LEU G 141 -40.82 13.68 1.24
C LEU G 141 -39.87 13.04 0.23
N ASP G 142 -40.24 11.88 -0.30
CA ASP G 142 -39.41 11.15 -1.25
C ASP G 142 -39.72 11.54 -2.69
N VAL G 143 -40.87 12.19 -2.94
CA VAL G 143 -41.28 12.47 -4.33
C VAL G 143 -41.70 13.90 -4.59
N VAL G 144 -41.62 14.29 -5.85
CA VAL G 144 -42.12 15.58 -6.30
C VAL G 144 -42.98 15.39 -7.51
N GLN G 145 -43.85 16.35 -7.79
CA GLN G 145 -44.65 16.25 -8.99
C GLN G 145 -43.88 16.74 -10.17
N ILE G 146 -44.20 16.19 -11.32
CA ILE G 146 -43.61 16.59 -12.57
C ILE G 146 -44.41 17.68 -13.23
N ASN G 147 -45.73 17.50 -13.27
CA ASN G 147 -46.59 18.47 -13.92
C ASN G 147 -45.98 18.94 -15.22
N ASN G 158 -54.76 10.74 -11.37
CA ASN G 158 -53.49 10.55 -10.70
C ASN G 158 -52.48 11.56 -11.22
N LYS G 159 -51.46 11.84 -10.43
CA LYS G 159 -50.46 12.80 -10.86
C LYS G 159 -49.16 12.09 -11.15
N GLU G 160 -48.36 12.69 -12.02
CA GLU G 160 -47.06 12.11 -12.32
C GLU G 160 -46.00 12.72 -11.42
N TYR G 161 -45.21 11.83 -10.84
CA TYR G 161 -44.13 12.08 -9.91
C TYR G 161 -42.79 11.51 -10.31
N ARG G 162 -41.76 12.09 -9.73
CA ARG G 162 -40.43 11.54 -9.87
C ARG G 162 -39.82 11.49 -8.50
N LEU G 163 -38.87 10.61 -8.31
CA LEU G 163 -38.19 10.56 -7.03
C LEU G 163 -37.26 11.75 -6.94
N ILE G 164 -37.06 12.26 -5.73
CA ILE G 164 -36.20 13.43 -5.54
C ILE G 164 -34.74 13.28 -5.92
N ASN G 165 -34.25 12.08 -6.00
CA ASN G 165 -32.87 11.90 -6.35
C ASN G 165 -32.61 12.17 -7.80
N CYS G 166 -33.66 12.23 -8.60
CA CYS G 166 -33.50 12.35 -10.03
C CYS G 166 -32.87 13.67 -10.44
N ASN G 167 -32.76 14.62 -9.54
CA ASN G 167 -32.08 15.86 -9.87
C ASN G 167 -30.57 15.67 -9.86
N THR G 168 -30.07 14.80 -8.98
CA THR G 168 -28.61 14.69 -8.82
C THR G 168 -27.97 13.33 -8.84
N SER G 169 -28.67 12.25 -8.57
CA SER G 169 -27.97 10.99 -8.41
C SER G 169 -28.75 9.72 -8.53
N ALA G 170 -28.02 8.62 -8.73
CA ALA G 170 -28.60 7.30 -8.65
C ALA G 170 -28.72 6.97 -7.18
N ILE G 171 -29.64 6.10 -6.83
CA ILE G 171 -29.77 5.74 -5.43
C ILE G 171 -29.26 4.33 -5.21
N THR G 172 -28.41 4.13 -4.23
CA THR G 172 -27.94 2.79 -3.96
C THR G 172 -28.79 2.14 -2.85
N GLN G 173 -29.24 0.91 -3.08
CA GLN G 173 -30.04 0.17 -2.11
C GLN G 173 -29.15 -0.06 -0.91
N ALA G 174 -29.61 0.26 0.28
CA ALA G 174 -28.75 0.17 1.44
C ALA G 174 -28.53 -1.18 2.04
N CYS G 175 -27.87 -2.01 1.29
CA CYS G 175 -27.37 -3.31 1.70
C CYS G 175 -28.19 -3.99 2.80
N PRO G 176 -29.45 -4.39 2.54
CA PRO G 176 -30.51 -4.62 3.52
C PRO G 176 -30.37 -5.94 4.27
N LYS G 177 -29.22 -6.09 4.92
CA LYS G 177 -28.80 -7.22 5.71
C LYS G 177 -27.92 -6.67 6.81
N VAL G 178 -27.44 -5.45 6.55
CA VAL G 178 -26.46 -4.74 7.36
C VAL G 178 -27.07 -3.71 8.28
N SER G 179 -26.79 -3.86 9.56
CA SER G 179 -27.23 -2.98 10.62
C SER G 179 -26.50 -1.67 10.67
N PHE G 180 -27.18 -0.64 11.15
CA PHE G 180 -26.56 0.66 11.35
C PHE G 180 -26.31 0.95 12.81
N GLU G 181 -26.33 -0.06 13.65
CA GLU G 181 -26.07 0.16 15.06
C GLU G 181 -24.66 0.76 15.22
N PRO G 182 -24.48 1.88 15.93
CA PRO G 182 -23.24 2.59 16.11
C PRO G 182 -22.28 1.94 17.09
N ILE G 183 -21.66 0.85 16.65
CA ILE G 183 -20.71 0.11 17.46
C ILE G 183 -19.54 1.04 17.73
N PRO G 184 -19.10 1.24 18.99
CA PRO G 184 -18.04 2.14 19.32
C PRO G 184 -16.72 1.69 18.80
N ILE G 185 -15.88 2.65 18.48
CA ILE G 185 -14.52 2.36 18.05
C ILE G 185 -13.55 3.10 18.91
N HIS G 186 -12.29 2.70 18.89
CA HIS G 186 -11.29 3.38 19.67
C HIS G 186 -10.19 3.89 18.75
N TYR G 187 -9.70 5.09 18.99
CA TYR G 187 -8.55 5.51 18.21
C TYR G 187 -7.32 5.26 19.00
N CYS G 188 -6.31 4.74 18.35
CA CYS G 188 -5.08 4.40 19.05
C CYS G 188 -3.83 4.97 18.40
N ALA G 189 -2.90 5.41 19.22
CA ALA G 189 -1.66 5.93 18.68
C ALA G 189 -0.76 4.80 18.16
N PRO G 190 -0.02 5.01 17.07
CA PRO G 190 1.01 4.16 16.56
C PRO G 190 2.25 4.30 17.43
N ALA G 191 3.19 3.38 17.34
CA ALA G 191 4.41 3.51 18.12
C ALA G 191 5.09 4.83 17.76
N GLY G 192 5.71 5.46 18.75
CA GLY G 192 6.38 6.74 18.54
C GLY G 192 5.47 7.91 18.87
N PHE G 193 4.18 7.65 19.08
CA PHE G 193 3.17 8.64 19.39
C PHE G 193 2.38 8.34 20.64
N ALA G 194 1.78 9.35 21.20
CA ALA G 194 0.98 9.15 22.39
C ALA G 194 -0.24 10.02 22.39
N ILE G 195 -1.28 9.60 23.09
CA ILE G 195 -2.45 10.43 23.20
C ILE G 195 -2.57 11.00 24.59
N LEU G 196 -2.67 12.30 24.67
CA LEU G 196 -2.79 12.95 25.94
C LEU G 196 -4.25 13.26 26.19
N LYS G 197 -4.73 12.80 27.32
CA LYS G 197 -6.11 12.97 27.73
C LYS G 197 -6.20 14.11 28.72
N CYS G 198 -7.05 15.09 28.46
CA CYS G 198 -7.14 16.27 29.33
C CYS G 198 -7.42 15.94 30.78
N LYS G 199 -8.48 15.18 31.06
CA LYS G 199 -8.87 14.77 32.41
C LYS G 199 -9.22 15.88 33.39
N ASP G 200 -9.40 17.08 32.91
CA ASP G 200 -9.71 18.13 33.84
C ASP G 200 -11.19 18.22 33.98
N LYS G 201 -11.66 19.13 34.81
CA LYS G 201 -13.07 19.34 34.96
C LYS G 201 -13.35 20.72 34.46
N LYS G 202 -14.56 20.94 33.99
CA LYS G 202 -14.95 22.26 33.51
C LYS G 202 -14.00 22.72 32.44
N PHE G 203 -13.60 21.80 31.57
CA PHE G 203 -12.70 22.15 30.50
C PHE G 203 -13.50 22.66 29.33
N ASN G 204 -13.17 23.87 28.90
CA ASN G 204 -13.95 24.54 27.88
C ASN G 204 -13.39 24.36 26.47
N GLY G 205 -12.47 23.43 26.30
CA GLY G 205 -11.95 23.13 24.98
C GLY G 205 -10.61 23.73 24.64
N THR G 206 -10.18 24.77 25.33
CA THR G 206 -8.87 25.30 25.01
C THR G 206 -8.09 25.61 26.26
N GLY G 207 -6.78 25.70 26.13
CA GLY G 207 -5.97 26.12 27.26
C GLY G 207 -5.47 24.90 28.02
N PRO G 208 -4.78 25.10 29.14
CA PRO G 208 -4.11 24.07 29.92
C PRO G 208 -5.02 23.09 30.62
N CYS G 209 -4.56 21.85 30.70
CA CYS G 209 -5.19 20.79 31.45
C CYS G 209 -4.24 20.17 32.46
N PRO G 210 -4.13 20.68 33.68
CA PRO G 210 -3.22 20.27 34.75
C PRO G 210 -3.38 18.81 35.19
N SER G 211 -4.49 18.19 34.79
CA SER G 211 -4.81 16.80 35.14
C SER G 211 -4.40 15.81 34.05
N VAL G 212 -3.74 16.27 33.02
CA VAL G 212 -3.41 15.46 31.85
C VAL G 212 -2.71 14.13 32.13
N SER G 213 -3.17 13.11 31.41
CA SER G 213 -2.63 11.77 31.50
C SER G 213 -2.39 11.17 30.13
N THR G 214 -1.54 10.17 30.05
CA THR G 214 -1.25 9.54 28.76
C THR G 214 -1.92 8.20 28.57
N VAL G 215 -2.56 8.04 27.43
CA VAL G 215 -3.23 6.80 27.10
C VAL G 215 -2.79 6.29 25.74
N GLN G 216 -3.00 5.01 25.49
CA GLN G 216 -2.68 4.49 24.17
C GLN G 216 -3.85 4.65 23.24
N CYS G 217 -5.04 4.48 23.80
CA CYS G 217 -6.27 4.52 23.05
C CYS G 217 -7.32 5.39 23.71
N THR G 218 -8.22 5.91 22.91
CA THR G 218 -9.34 6.70 23.39
C THR G 218 -10.38 5.76 23.91
N HIS G 219 -11.39 6.32 24.57
CA HIS G 219 -12.50 5.55 25.05
C HIS G 219 -13.25 5.15 23.82
N GLY G 220 -14.17 4.20 23.94
CA GLY G 220 -14.90 3.87 22.74
C GLY G 220 -15.83 5.01 22.42
N ILE G 221 -15.89 5.38 21.17
CA ILE G 221 -16.78 6.44 20.75
C ILE G 221 -17.78 5.91 19.78
N LYS G 222 -19.05 6.11 20.08
CA LYS G 222 -20.07 5.63 19.19
C LYS G 222 -20.25 6.63 18.07
N PRO G 223 -20.17 6.23 16.79
CA PRO G 223 -20.31 7.08 15.64
C PRO G 223 -21.76 7.39 15.37
N VAL G 224 -22.37 8.11 16.29
CA VAL G 224 -23.76 8.48 16.19
C VAL G 224 -23.87 9.71 15.33
N VAL G 225 -24.76 9.68 14.36
CA VAL G 225 -24.93 10.80 13.47
C VAL G 225 -26.25 11.50 13.73
N SER G 226 -26.20 12.80 14.04
CA SER G 226 -27.42 13.55 14.33
C SER G 226 -27.30 15.05 14.10
N THR G 227 -28.46 15.70 14.09
CA THR G 227 -28.58 17.15 14.00
C THR G 227 -29.38 17.68 15.18
N GLN G 228 -29.24 18.99 15.48
CA GLN G 228 -29.96 19.72 16.54
C GLN G 228 -29.48 19.31 17.93
N LEU G 229 -29.68 18.03 18.24
CA LEU G 229 -29.28 17.48 19.51
C LEU G 229 -28.27 16.37 19.34
N LEU G 230 -27.42 16.23 20.32
CA LEU G 230 -26.42 15.20 20.34
C LEU G 230 -26.94 14.05 21.17
N LEU G 231 -26.89 12.85 20.60
CA LEU G 231 -27.41 11.68 21.30
C LEU G 231 -26.33 10.70 21.70
N ASN G 232 -26.55 10.06 22.83
CA ASN G 232 -25.76 8.95 23.34
C ASN G 232 -24.28 9.25 23.44
N GLY G 233 -23.89 10.46 23.82
CA GLY G 233 -22.49 10.78 23.97
C GLY G 233 -22.11 10.80 25.43
N SER G 234 -21.01 11.48 25.71
CA SER G 234 -20.53 11.59 27.07
C SER G 234 -21.19 12.74 27.78
N LEU G 235 -21.40 12.60 29.07
CA LEU G 235 -21.93 13.68 29.87
C LEU G 235 -20.83 14.39 30.57
N ALA G 236 -21.09 15.64 30.89
CA ALA G 236 -20.17 16.44 31.65
C ALA G 236 -20.12 15.87 33.04
N GLU G 237 -18.97 15.91 33.67
CA GLU G 237 -18.79 15.38 35.00
C GLU G 237 -19.51 16.13 36.13
N GLU G 238 -19.58 17.46 36.03
CA GLU G 238 -20.15 18.24 37.12
C GLU G 238 -21.29 19.18 36.73
N GLU G 239 -21.06 20.01 35.74
CA GLU G 239 -21.99 21.06 35.36
C GLU G 239 -22.04 21.19 33.87
N VAL G 240 -23.09 21.80 33.35
CA VAL G 240 -23.16 21.96 31.92
C VAL G 240 -22.00 22.80 31.43
N ILE G 241 -21.33 22.32 30.39
CA ILE G 241 -20.18 23.04 29.87
C ILE G 241 -20.48 23.58 28.50
N ILE G 242 -20.27 24.86 28.33
CA ILE G 242 -20.54 25.48 27.06
C ILE G 242 -19.25 25.79 26.34
N ARG G 243 -19.08 25.23 25.14
CA ARG G 243 -17.86 25.40 24.39
C ARG G 243 -18.05 25.97 23.00
N SER G 244 -17.14 26.82 22.59
CA SER G 244 -17.18 27.38 21.25
C SER G 244 -15.78 27.76 20.84
N GLU G 245 -15.57 27.95 19.54
CA GLU G 245 -14.27 28.38 19.04
C GLU G 245 -14.04 29.83 19.37
N ASN G 246 -15.08 30.60 19.19
CA ASN G 246 -15.08 32.03 19.45
C ASN G 246 -16.46 32.44 19.92
N ILE G 247 -16.61 32.59 21.20
CA ILE G 247 -17.89 32.82 21.81
C ILE G 247 -18.50 34.18 21.49
N THR G 248 -17.69 35.10 21.00
CA THR G 248 -18.17 36.43 20.69
C THR G 248 -18.53 36.57 19.23
N ASN G 249 -18.32 35.51 18.47
CA ASN G 249 -18.56 35.51 17.05
C ASN G 249 -19.83 34.75 16.74
N ASN G 250 -20.86 35.42 16.27
CA ASN G 250 -22.15 34.77 16.05
C ASN G 250 -22.14 33.88 14.80
N ALA G 251 -21.02 33.86 14.09
CA ALA G 251 -20.86 33.01 12.93
C ALA G 251 -20.39 31.62 13.34
N LYS G 252 -20.06 31.43 14.61
CA LYS G 252 -19.58 30.14 15.08
C LYS G 252 -20.66 29.52 15.91
N ASN G 253 -20.73 28.19 15.95
CA ASN G 253 -21.74 27.61 16.80
C ASN G 253 -21.21 27.29 18.19
N ILE G 254 -22.12 26.81 19.02
CA ILE G 254 -21.87 26.47 20.40
C ILE G 254 -22.20 25.03 20.70
N LEU G 255 -21.29 24.31 21.30
CA LEU G 255 -21.55 22.94 21.67
C LEU G 255 -21.87 22.92 23.15
N VAL G 256 -23.03 22.43 23.49
CA VAL G 256 -23.39 22.40 24.89
C VAL G 256 -23.41 20.98 25.39
N GLN G 257 -22.58 20.70 26.38
CA GLN G 257 -22.50 19.36 26.94
C GLN G 257 -23.24 19.28 28.25
N LEU G 258 -24.23 18.42 28.30
CA LEU G 258 -25.05 18.35 29.50
C LEU G 258 -24.38 17.50 30.55
N ASN G 259 -24.71 17.78 31.81
CA ASN G 259 -24.21 17.00 32.94
C ASN G 259 -25.26 16.02 33.46
N THR G 260 -26.29 15.82 32.66
CA THR G 260 -27.37 14.91 32.97
C THR G 260 -28.01 14.58 31.63
N PRO G 261 -28.45 13.35 31.39
CA PRO G 261 -29.10 12.98 30.17
C PRO G 261 -30.53 13.43 30.18
N VAL G 262 -31.09 13.65 29.03
CA VAL G 262 -32.52 13.82 28.95
C VAL G 262 -33.04 12.64 28.18
N GLN G 263 -33.92 11.87 28.77
CA GLN G 263 -34.32 10.69 28.04
C GLN G 263 -35.33 11.04 26.99
N ILE G 264 -35.11 10.53 25.80
CA ILE G 264 -36.01 10.73 24.69
C ILE G 264 -36.50 9.38 24.15
N ASN G 265 -37.81 9.27 23.99
CA ASN G 265 -38.42 8.05 23.50
C ASN G 265 -39.05 8.24 22.14
N CYS G 266 -38.48 7.65 21.11
CA CYS G 266 -39.02 7.88 19.77
C CYS G 266 -39.65 6.63 19.19
N THR G 267 -40.63 6.83 18.34
CA THR G 267 -41.25 5.70 17.74
C THR G 267 -41.90 5.92 16.40
N ARG G 268 -42.03 4.82 15.69
CA ARG G 268 -42.79 4.74 14.45
C ARG G 268 -43.81 3.64 14.67
N PRO G 269 -44.95 3.96 15.28
CA PRO G 269 -45.97 3.06 15.76
C PRO G 269 -46.89 2.60 14.64
N SER G 270 -46.32 1.99 13.62
CA SER G 270 -47.06 1.53 12.46
C SER G 270 -46.52 0.21 12.07
N ASN G 271 -47.34 -0.81 12.06
CA ASN G 271 -46.85 -2.14 11.75
C ASN G 271 -46.74 -2.30 10.25
N ASN G 272 -45.54 -2.17 9.72
CA ASN G 272 -45.42 -2.20 8.29
C ASN G 272 -44.97 -3.54 7.78
N THR G 273 -45.35 -3.81 6.55
CA THR G 273 -44.92 -5.01 5.85
C THR G 273 -44.14 -4.61 4.62
N VAL G 274 -43.01 -5.29 4.44
CA VAL G 274 -42.05 -5.02 3.39
C VAL G 274 -42.04 -6.10 2.33
N LYS G 275 -42.06 -5.67 1.08
CA LYS G 275 -42.08 -6.55 -0.08
C LYS G 275 -40.78 -6.49 -0.86
N SER G 276 -40.51 -7.53 -1.67
CA SER G 276 -39.27 -7.59 -2.45
C SER G 276 -39.44 -8.01 -3.90
N ILE G 277 -38.92 -7.16 -4.79
CA ILE G 277 -39.01 -7.38 -6.22
C ILE G 277 -37.70 -7.46 -6.97
N ARG G 278 -37.57 -8.51 -7.76
CA ARG G 278 -36.37 -8.68 -8.57
C ARG G 278 -36.41 -7.70 -9.71
N ILE G 279 -35.30 -6.99 -9.91
CA ILE G 279 -35.18 -5.99 -10.97
C ILE G 279 -33.99 -6.20 -11.85
N GLY G 280 -33.46 -7.39 -11.82
CA GLY G 280 -32.29 -7.69 -12.61
C GLY G 280 -31.71 -9.05 -12.23
N PRO G 281 -30.72 -9.51 -12.95
CA PRO G 281 -30.06 -10.77 -12.77
C PRO G 281 -29.21 -10.75 -11.52
N GLY G 282 -29.89 -10.99 -10.39
CA GLY G 282 -29.28 -10.95 -9.08
C GLY G 282 -29.58 -9.70 -8.26
N GLN G 283 -30.52 -8.89 -8.73
CA GLN G 283 -30.82 -7.68 -7.98
C GLN G 283 -32.27 -7.63 -7.58
N ALA G 284 -32.53 -7.09 -6.43
CA ALA G 284 -33.88 -6.90 -5.97
C ALA G 284 -33.91 -5.70 -5.10
N PHE G 285 -35.05 -5.06 -5.02
CA PHE G 285 -35.13 -3.93 -4.15
C PHE G 285 -36.24 -4.17 -3.19
N TYR G 286 -36.15 -3.47 -2.08
CA TYR G 286 -37.15 -3.63 -1.06
C TYR G 286 -38.01 -2.43 -0.98
N TYR G 287 -39.26 -2.64 -0.67
CA TYR G 287 -40.13 -1.50 -0.57
C TYR G 287 -41.25 -1.66 0.39
N PHE G 288 -41.81 -0.53 0.75
CA PHE G 288 -42.89 -0.47 1.70
C PHE G 288 -44.12 -0.98 1.00
N GLY G 289 -44.61 -2.10 1.52
CA GLY G 289 -45.71 -2.83 0.95
C GLY G 289 -47.01 -2.28 1.40
N ASP G 290 -47.29 -2.42 2.67
CA ASP G 290 -48.55 -1.97 3.23
C ASP G 290 -48.45 -1.70 4.71
N VAL G 291 -49.55 -1.26 5.29
CA VAL G 291 -49.67 -0.99 6.72
C VAL G 291 -50.68 -1.92 7.35
N LEU G 292 -50.26 -2.70 8.31
CA LEU G 292 -51.12 -3.69 8.91
C LEU G 292 -51.93 -3.15 10.05
N GLY G 293 -52.81 -2.22 9.76
CA GLY G 293 -53.62 -1.65 10.82
C GLY G 293 -54.18 -0.29 10.52
N HIS G 294 -53.49 0.73 10.99
CA HIS G 294 -53.94 2.09 10.82
C HIS G 294 -52.71 2.97 10.83
N VAL G 295 -52.72 4.01 10.03
CA VAL G 295 -51.60 4.92 9.92
C VAL G 295 -51.49 5.93 11.03
N ARG G 296 -50.30 6.05 11.61
CA ARG G 296 -49.98 6.98 12.68
C ARG G 296 -48.71 7.72 12.32
N MET G 297 -48.53 8.91 12.89
CA MET G 297 -47.32 9.68 12.69
C MET G 297 -46.25 9.30 13.69
N ALA G 298 -45.01 9.25 13.21
CA ALA G 298 -43.87 8.96 14.05
C ALA G 298 -43.67 10.13 14.98
N HIS G 299 -43.17 9.89 16.16
CA HIS G 299 -42.97 10.98 17.09
C HIS G 299 -41.99 10.68 18.20
N CYS G 300 -41.54 11.75 18.88
CA CYS G 300 -40.66 11.59 20.04
C CYS G 300 -41.18 12.25 21.31
N ASN G 301 -41.05 11.53 22.41
CA ASN G 301 -41.47 11.95 23.74
C ASN G 301 -40.31 12.35 24.65
N ILE G 302 -40.37 13.58 25.12
CA ILE G 302 -39.41 14.16 26.02
C ILE G 302 -40.11 14.57 27.30
N SER G 303 -39.59 14.22 28.47
CA SER G 303 -40.30 14.66 29.67
C SER G 303 -40.27 16.18 29.71
N LYS G 304 -41.42 16.83 29.88
CA LYS G 304 -41.43 18.28 29.82
C LYS G 304 -40.66 18.93 30.94
N ALA G 305 -40.84 18.43 32.15
CA ALA G 305 -40.16 19.06 33.28
C ALA G 305 -38.67 18.91 33.16
N THR G 306 -38.22 17.76 32.66
CA THR G 306 -36.79 17.49 32.55
C THR G 306 -36.20 18.46 31.56
N TRP G 307 -36.88 18.67 30.45
CA TRP G 307 -36.38 19.58 29.46
C TRP G 307 -36.28 20.97 30.04
N ASN G 308 -37.28 21.39 30.81
CA ASN G 308 -37.23 22.72 31.39
C ASN G 308 -36.07 22.88 32.34
N GLU G 309 -35.78 21.85 33.13
CA GLU G 309 -34.65 21.93 34.04
C GLU G 309 -33.36 22.02 33.24
N THR G 310 -33.31 21.28 32.15
CA THR G 310 -32.15 21.23 31.30
C THR G 310 -31.88 22.59 30.73
N LEU G 311 -32.91 23.27 30.23
CA LEU G 311 -32.65 24.58 29.71
C LEU G 311 -32.27 25.51 30.83
N GLY G 312 -32.86 25.36 32.00
CA GLY G 312 -32.50 26.28 33.05
C GLY G 312 -31.00 26.19 33.32
N LYS G 313 -30.44 24.98 33.29
CA LYS G 313 -29.02 24.81 33.51
C LYS G 313 -28.20 25.45 32.38
N VAL G 314 -28.67 25.31 31.15
CA VAL G 314 -27.95 25.89 30.04
C VAL G 314 -27.95 27.40 30.12
N VAL G 315 -29.09 27.98 30.47
CA VAL G 315 -29.19 29.42 30.56
C VAL G 315 -28.29 29.92 31.66
N LYS G 316 -28.34 29.26 32.81
CA LYS G 316 -27.53 29.68 33.92
C LYS G 316 -26.07 29.70 33.53
N GLN G 317 -25.63 28.69 32.78
CA GLN G 317 -24.25 28.68 32.35
C GLN G 317 -23.96 29.69 31.25
N LEU G 318 -24.89 29.98 30.35
CA LEU G 318 -24.58 30.98 29.33
C LEU G 318 -24.29 32.31 29.99
N ARG G 319 -25.04 32.62 31.04
CA ARG G 319 -24.95 33.85 31.79
C ARG G 319 -23.58 34.04 32.45
N LYS G 320 -22.81 32.97 32.61
CA LYS G 320 -21.51 33.09 33.25
C LYS G 320 -20.56 33.91 32.42
N HIS G 321 -20.70 33.86 31.10
CA HIS G 321 -19.80 34.62 30.26
C HIS G 321 -20.54 35.51 29.28
N PHE G 322 -21.84 35.33 29.19
CA PHE G 322 -22.62 36.08 28.25
C PHE G 322 -23.99 36.39 28.78
N GLY G 323 -24.32 37.67 28.93
CA GLY G 323 -25.66 38.00 29.40
C GLY G 323 -25.93 37.81 30.89
N ASN G 324 -25.00 38.14 31.78
CA ASN G 324 -25.19 37.91 33.21
C ASN G 324 -26.54 38.42 33.72
N ASN G 325 -26.94 39.58 33.24
CA ASN G 325 -28.19 40.19 33.64
C ASN G 325 -29.12 40.43 32.46
N THR G 326 -29.02 39.61 31.43
CA THR G 326 -29.81 39.84 30.23
C THR G 326 -30.77 38.69 29.93
N ILE G 327 -31.37 38.76 28.76
CA ILE G 327 -32.38 37.79 28.37
C ILE G 327 -31.91 36.79 27.34
N ILE G 328 -32.15 35.52 27.65
CA ILE G 328 -31.83 34.43 26.74
C ILE G 328 -33.10 33.86 26.17
N ARG G 329 -33.20 33.89 24.85
CA ARG G 329 -34.39 33.39 24.21
C ARG G 329 -34.11 32.22 23.31
N PHE G 330 -34.90 31.19 23.46
CA PHE G 330 -34.75 30.04 22.60
C PHE G 330 -35.81 30.08 21.53
N ALA G 331 -35.41 29.72 20.32
CA ALA G 331 -36.30 29.71 19.18
C ALA G 331 -36.04 28.54 18.26
N GLN G 332 -37.00 28.26 17.41
CA GLN G 332 -36.92 27.19 16.42
C GLN G 332 -35.98 27.61 15.32
N SER G 333 -35.50 26.63 14.58
CA SER G 333 -34.56 26.85 13.51
C SER G 333 -35.15 27.75 12.44
N SER G 334 -34.25 28.46 11.74
CA SER G 334 -34.62 29.47 10.75
C SER G 334 -35.07 29.03 9.36
N GLY G 335 -34.73 27.83 8.93
CA GLY G 335 -35.14 27.40 7.60
C GLY G 335 -34.02 26.78 6.78
N GLY G 336 -34.43 26.00 5.79
CA GLY G 336 -33.56 25.24 4.90
C GLY G 336 -34.27 23.92 4.71
N ASP G 337 -33.63 22.91 4.16
CA ASP G 337 -34.36 21.67 4.00
C ASP G 337 -34.29 20.93 5.32
N LEU G 338 -34.91 19.77 5.41
CA LEU G 338 -35.00 19.09 6.69
C LEU G 338 -33.67 18.72 7.30
N GLU G 339 -32.71 18.39 6.48
CA GLU G 339 -31.43 17.97 7.01
C GLU G 339 -30.74 19.04 7.86
N VAL G 340 -31.14 20.29 7.74
CA VAL G 340 -30.56 21.35 8.53
C VAL G 340 -31.57 22.09 9.42
N THR G 341 -32.84 21.69 9.39
CA THR G 341 -33.86 22.41 10.18
C THR G 341 -34.48 21.57 11.24
N THR G 342 -34.39 20.26 11.11
CA THR G 342 -34.99 19.34 12.05
C THR G 342 -33.95 18.46 12.67
N HIS G 343 -34.36 17.81 13.73
CA HIS G 343 -33.56 16.86 14.46
C HIS G 343 -33.49 15.68 13.64
N SER G 344 -32.37 15.04 13.63
CA SER G 344 -32.37 13.85 12.82
C SER G 344 -31.54 12.80 13.42
N PHE G 345 -31.97 11.59 13.18
CA PHE G 345 -31.25 10.44 13.66
C PHE G 345 -31.64 9.19 12.93
N ASN G 346 -30.82 8.18 13.02
CA ASN G 346 -31.18 6.89 12.53
C ASN G 346 -31.53 6.02 13.72
N CYS G 347 -32.63 5.31 13.65
CA CYS G 347 -32.97 4.41 14.73
C CYS G 347 -33.71 3.18 14.25
N GLY G 348 -33.12 2.03 14.54
CA GLY G 348 -33.66 0.76 14.14
C GLY G 348 -33.30 0.50 12.70
N GLY G 349 -32.58 1.45 12.13
CA GLY G 349 -32.19 1.48 10.74
C GLY G 349 -33.03 2.50 9.97
N GLU G 350 -34.10 3.02 10.58
CA GLU G 350 -34.97 4.00 9.92
C GLU G 350 -34.46 5.43 10.10
N PHE G 351 -34.78 6.30 9.14
CA PHE G 351 -34.35 7.71 9.22
C PHE G 351 -35.45 8.68 9.58
N PHE G 352 -35.29 9.30 10.74
CA PHE G 352 -36.28 10.21 11.30
C PHE G 352 -35.87 11.65 11.24
N TYR G 353 -36.84 12.51 10.97
CA TYR G 353 -36.70 13.96 10.99
C TYR G 353 -37.73 14.53 11.96
N CYS G 354 -37.30 15.17 13.03
CA CYS G 354 -38.28 15.62 14.02
C CYS G 354 -38.29 17.11 14.23
N ASN G 355 -39.48 17.64 14.41
CA ASN G 355 -39.64 19.05 14.61
C ASN G 355 -39.42 19.44 16.07
N THR G 356 -38.33 20.15 16.30
CA THR G 356 -37.84 20.54 17.61
C THR G 356 -38.33 21.88 18.04
N SER G 357 -39.24 22.49 17.31
CA SER G 357 -39.70 23.81 17.70
C SER G 357 -40.33 23.79 19.09
N GLY G 358 -40.89 22.67 19.50
CA GLY G 358 -41.52 22.56 20.81
C GLY G 358 -40.51 22.58 21.95
N LEU G 359 -39.24 22.43 21.64
CA LEU G 359 -38.19 22.44 22.64
C LEU G 359 -37.54 23.79 22.79
N PHE G 360 -37.76 24.69 21.85
CA PHE G 360 -37.08 25.96 21.86
C PHE G 360 -38.09 27.06 21.68
N ASN G 361 -38.88 27.26 22.70
CA ASN G 361 -39.99 28.19 22.65
C ASN G 361 -40.13 28.91 23.98
N SER G 362 -39.09 29.61 24.38
CA SER G 362 -39.15 30.25 25.68
C SER G 362 -38.20 31.41 25.84
N THR G 363 -38.55 32.33 26.74
CA THR G 363 -37.68 33.45 27.04
C THR G 363 -37.34 33.42 28.52
N TRP G 364 -36.05 33.42 28.80
CA TRP G 364 -35.54 33.35 30.15
C TRP G 364 -34.96 34.70 30.54
N ILE G 365 -35.58 35.34 31.53
CA ILE G 365 -35.18 36.70 31.87
C ILE G 365 -34.54 36.81 33.24
N SER G 366 -33.32 37.33 33.29
CA SER G 366 -32.59 37.55 34.54
C SER G 366 -33.38 37.19 35.79
N ASP G 380 -47.47 14.59 31.21
CA ASP G 380 -46.61 15.76 31.19
C ASP G 380 -45.48 15.61 30.19
N SER G 381 -45.71 14.81 29.16
CA SER G 381 -44.74 14.65 28.09
C SER G 381 -44.82 15.79 27.09
N LEU G 382 -43.73 16.00 26.39
CA LEU G 382 -43.63 16.94 25.30
C LEU G 382 -43.52 16.10 24.04
N ILE G 383 -44.32 16.40 23.01
CA ILE G 383 -44.26 15.56 21.81
C ILE G 383 -43.77 16.25 20.57
N LEU G 384 -42.76 15.67 19.95
CA LEU G 384 -42.22 16.18 18.71
C LEU G 384 -42.77 15.32 17.57
N PRO G 385 -43.44 15.85 16.56
CA PRO G 385 -43.90 15.08 15.43
C PRO G 385 -42.68 14.73 14.62
N CYS G 386 -42.68 13.56 14.00
CA CYS G 386 -41.58 13.16 13.16
C CYS G 386 -42.00 12.61 11.81
N TRP G 387 -41.18 12.88 10.83
CA TRP G 387 -41.35 12.40 9.47
C TRP G 387 -40.24 11.48 9.13
N ILE G 388 -40.45 10.58 8.20
CA ILE G 388 -39.33 9.74 7.81
C ILE G 388 -39.09 9.84 6.33
N LYS G 389 -37.90 9.47 5.91
CA LYS G 389 -37.55 9.47 4.49
C LYS G 389 -36.93 8.16 4.07
N GLN G 390 -37.13 7.78 2.81
CA GLN G 390 -36.50 6.59 2.28
C GLN G 390 -35.26 6.98 1.50
N ILE G 391 -35.29 8.17 0.90
CA ILE G 391 -34.15 8.59 0.11
C ILE G 391 -33.32 9.55 0.94
N ILE G 392 -32.11 9.13 1.21
CA ILE G 392 -31.21 9.81 2.12
C ILE G 392 -29.95 10.34 1.45
N ASN G 393 -29.57 11.57 1.79
CA ASN G 393 -28.36 12.18 1.25
C ASN G 393 -27.45 12.62 2.41
N MET G 394 -26.60 11.72 2.89
CA MET G 394 -25.81 12.00 4.09
C MET G 394 -24.58 12.87 3.81
N TRP G 395 -24.17 13.65 4.83
CA TRP G 395 -22.97 14.49 4.85
C TRP G 395 -22.88 15.49 3.72
N GLN G 396 -24.01 15.98 3.26
CA GLN G 396 -24.06 16.94 2.18
C GLN G 396 -23.29 16.46 0.96
N ARG G 397 -23.30 15.16 0.69
CA ARG G 397 -22.58 14.70 -0.47
C ARG G 397 -23.51 14.71 -1.64
N ILE G 398 -23.32 15.70 -2.48
CA ILE G 398 -24.23 15.91 -3.57
C ILE G 398 -23.74 15.05 -4.68
N GLY G 399 -24.62 14.26 -5.22
CA GLY G 399 -24.27 13.33 -6.26
C GLY G 399 -24.40 11.90 -5.76
N GLN G 400 -24.66 11.71 -4.46
CA GLN G 400 -24.87 10.37 -3.96
C GLN G 400 -26.19 10.31 -3.21
N ALA G 401 -26.81 9.15 -3.22
CA ALA G 401 -28.03 8.94 -2.47
C ALA G 401 -28.14 7.50 -2.04
N MET G 402 -28.78 7.29 -0.92
CA MET G 402 -29.00 5.97 -0.41
C MET G 402 -30.47 5.68 -0.25
N TYR G 403 -30.88 4.45 -0.56
CA TYR G 403 -32.25 4.07 -0.34
C TYR G 403 -32.33 3.22 0.87
N ALA G 404 -32.99 3.73 1.88
CA ALA G 404 -33.10 2.96 3.08
C ALA G 404 -34.28 2.03 2.89
N PRO G 405 -34.16 0.72 3.06
CA PRO G 405 -35.26 -0.17 2.91
C PRO G 405 -36.12 0.14 4.07
N PRO G 406 -37.41 -0.04 3.98
CA PRO G 406 -38.35 0.07 5.04
C PRO G 406 -38.16 -1.10 5.95
N ILE G 407 -38.55 -0.92 7.18
CA ILE G 407 -38.40 -1.94 8.18
C ILE G 407 -39.70 -2.54 8.67
N GLN G 408 -39.79 -3.85 8.55
CA GLN G 408 -40.95 -4.60 8.94
C GLN G 408 -41.21 -4.50 10.43
N GLY G 409 -42.47 -4.34 10.81
CA GLY G 409 -42.81 -4.24 12.21
C GLY G 409 -42.85 -2.80 12.67
N VAL G 410 -42.63 -2.63 13.98
CA VAL G 410 -42.75 -1.35 14.69
C VAL G 410 -41.45 -0.96 15.35
N ILE G 411 -41.08 0.32 15.25
CA ILE G 411 -39.84 0.78 15.84
C ILE G 411 -39.99 1.57 17.12
N ARG G 412 -39.24 1.16 18.13
CA ARG G 412 -39.18 1.82 19.43
C ARG G 412 -37.72 2.15 19.73
N CYS G 413 -37.46 3.42 20.01
CA CYS G 413 -36.11 3.90 20.28
C CYS G 413 -36.02 4.55 21.62
N VAL G 414 -34.97 4.27 22.35
CA VAL G 414 -34.75 4.96 23.62
C VAL G 414 -33.36 5.53 23.58
N SER G 415 -33.21 6.81 23.83
CA SER G 415 -31.87 7.37 23.79
C SER G 415 -31.64 8.50 24.76
N ASN G 416 -30.38 8.84 24.95
CA ASN G 416 -30.00 9.90 25.88
C ASN G 416 -29.59 11.17 25.17
N ILE G 417 -30.30 12.26 25.42
CA ILE G 417 -29.82 13.48 24.83
C ILE G 417 -28.69 13.86 25.73
N THR G 418 -27.51 14.04 25.17
CA THR G 418 -26.33 14.36 25.95
C THR G 418 -25.84 15.75 25.65
N GLY G 419 -26.39 16.37 24.63
CA GLY G 419 -25.95 17.72 24.31
C GLY G 419 -26.75 18.39 23.23
N LEU G 420 -26.41 19.64 23.00
CA LEU G 420 -27.08 20.47 22.03
C LEU G 420 -26.11 21.19 21.12
N ILE G 421 -26.52 21.46 19.89
CA ILE G 421 -25.72 22.38 19.10
C ILE G 421 -26.55 23.62 18.91
N LEU G 422 -26.07 24.74 19.38
CA LEU G 422 -26.80 25.99 19.28
C LEU G 422 -26.04 27.04 18.51
N THR G 423 -26.75 27.95 17.88
CA THR G 423 -26.13 29.08 17.23
C THR G 423 -26.84 30.28 17.81
N ARG G 424 -26.30 31.46 17.64
CA ARG G 424 -27.04 32.61 18.13
C ARG G 424 -27.11 33.66 17.06
N ASP G 425 -28.18 34.40 17.05
CA ASP G 425 -28.33 35.43 16.04
C ASP G 425 -27.12 36.33 16.00
N SER G 431 -28.83 44.22 21.94
CA SER G 431 -29.64 44.93 22.92
C SER G 431 -29.61 44.23 24.27
N THR G 432 -30.77 43.75 24.69
CA THR G 432 -30.93 43.05 25.95
C THR G 432 -31.26 41.59 25.77
N THR G 433 -31.66 41.22 24.56
CA THR G 433 -32.05 39.84 24.34
C THR G 433 -31.26 39.19 23.24
N GLU G 434 -30.75 38.01 23.53
CA GLU G 434 -30.06 37.25 22.52
C GLU G 434 -30.88 36.01 22.22
N THR G 435 -30.94 35.64 20.95
CA THR G 435 -31.72 34.48 20.53
C THR G 435 -30.86 33.33 20.06
N PHE G 436 -31.14 32.18 20.64
CA PHE G 436 -30.45 30.95 20.37
C PHE G 436 -31.32 29.97 19.62
N ARG G 437 -30.74 29.38 18.60
CA ARG G 437 -31.42 28.42 17.76
C ARG G 437 -30.59 27.16 17.60
N PRO G 438 -31.19 26.00 17.44
CA PRO G 438 -30.50 24.77 17.12
C PRO G 438 -29.73 24.84 15.81
N GLY G 439 -28.56 24.23 15.80
CA GLY G 439 -27.69 24.13 14.64
C GLY G 439 -27.50 22.67 14.21
N GLY G 440 -26.56 22.43 13.30
CA GLY G 440 -26.33 21.07 12.81
C GLY G 440 -25.77 21.11 11.40
N GLY G 441 -25.94 20.01 10.70
CA GLY G 441 -25.45 19.87 9.32
C GLY G 441 -23.99 19.42 9.23
N ASP G 442 -23.10 20.16 9.86
CA ASP G 442 -21.68 19.80 9.82
C ASP G 442 -21.38 18.79 10.89
N MET G 443 -21.19 17.56 10.45
CA MET G 443 -21.03 16.42 11.33
C MET G 443 -19.79 16.48 12.17
N ARG G 444 -18.83 17.30 11.82
CA ARG G 444 -17.63 17.31 12.63
C ARG G 444 -17.94 17.78 14.04
N ASP G 445 -19.02 18.52 14.21
CA ASP G 445 -19.40 19.03 15.50
C ASP G 445 -19.81 17.90 16.43
N ASN G 446 -20.19 16.77 15.85
CA ASN G 446 -20.64 15.67 16.66
C ASN G 446 -19.48 14.85 17.15
N TRP G 447 -18.29 15.11 16.64
CA TRP G 447 -17.14 14.34 17.03
C TRP G 447 -16.26 15.18 17.90
N ARG G 448 -16.32 16.49 17.74
CA ARG G 448 -15.53 17.35 18.59
C ARG G 448 -15.99 17.16 20.03
N SER G 449 -17.28 16.90 20.20
CA SER G 449 -17.87 16.71 21.50
C SER G 449 -17.34 15.48 22.25
N GLU G 450 -16.70 14.53 21.56
CA GLU G 450 -16.12 13.37 22.20
C GLU G 450 -14.60 13.43 22.19
N LEU G 451 -14.04 14.02 21.13
CA LEU G 451 -12.61 14.07 20.98
C LEU G 451 -11.93 15.29 21.58
N TYR G 452 -12.68 16.23 22.13
CA TYR G 452 -12.10 17.41 22.75
C TYR G 452 -11.13 17.10 23.89
N LYS G 453 -11.25 15.92 24.46
CA LYS G 453 -10.41 15.53 25.56
C LYS G 453 -9.07 15.01 25.09
N TYR G 454 -8.88 14.78 23.80
CA TYR G 454 -7.64 14.15 23.41
C TYR G 454 -6.76 14.97 22.48
N LYS G 455 -5.46 14.82 22.69
CA LYS G 455 -4.46 15.46 21.83
C LYS G 455 -3.41 14.44 21.41
N VAL G 456 -2.92 14.52 20.18
CA VAL G 456 -1.88 13.58 19.75
C VAL G 456 -0.55 14.25 19.66
N VAL G 457 0.45 13.65 20.30
CA VAL G 457 1.78 14.21 20.25
C VAL G 457 2.79 13.20 19.79
N LYS G 458 3.88 13.70 19.24
CA LYS G 458 4.98 12.88 18.77
C LYS G 458 6.05 12.85 19.80
N ILE G 459 6.57 11.68 20.09
CA ILE G 459 7.60 11.59 21.08
C ILE G 459 8.89 11.95 20.38
N GLU G 460 9.67 12.82 21.01
CA GLU G 460 10.94 13.27 20.43
C GLU G 460 12.09 13.00 21.40
N PRO G 461 12.45 11.74 21.61
CA PRO G 461 13.28 11.25 22.68
C PRO G 461 14.76 11.43 22.49
N LEU G 462 15.18 12.63 22.16
CA LEU G 462 16.61 12.85 22.02
C LEU G 462 16.93 14.25 22.41
N GLY G 463 17.90 14.42 23.28
CA GLY G 463 18.27 15.77 23.63
C GLY G 463 19.59 15.83 24.34
N VAL G 464 20.01 17.04 24.62
CA VAL G 464 21.29 17.25 25.24
C VAL G 464 21.14 18.14 26.44
N ALA G 465 22.11 18.09 27.32
CA ALA G 465 22.17 18.90 28.52
C ALA G 465 23.61 18.93 28.99
N PRO G 466 24.07 19.94 29.74
CA PRO G 466 25.39 19.96 30.33
C PRO G 466 25.51 19.04 31.52
N THR G 467 26.66 18.38 31.66
CA THR G 467 27.00 17.58 32.84
C THR G 467 28.47 17.79 33.10
N ARG G 468 29.01 17.16 34.11
CA ARG G 468 30.43 17.32 34.39
C ARG G 468 31.28 16.20 33.80
N CYS G 469 30.69 15.35 32.98
CA CYS G 469 31.39 14.19 32.45
C CYS G 469 32.01 14.37 31.10
N LYS G 470 33.25 13.96 30.96
CA LYS G 470 33.95 14.08 29.68
C LYS G 470 34.46 12.73 29.19
N ARG G 471 34.55 12.53 27.88
CA ARG G 471 35.11 11.28 27.37
C ARG G 471 36.59 11.20 27.69
N ARG G 472 37.08 9.99 27.92
CA ARG G 472 38.51 9.80 28.18
C ARG G 472 39.40 10.11 26.99
N VAL G 473 38.91 9.85 25.78
CA VAL G 473 39.67 10.05 24.55
C VAL G 473 41.15 10.33 24.81
N LEU H 9 6.13 4.27 37.62
CA LEU H 9 5.79 5.35 36.70
C LEU H 9 5.14 4.84 35.43
N GLY H 10 5.93 4.43 34.46
CA GLY H 10 5.40 3.99 33.18
C GLY H 10 5.73 5.02 32.12
N PHE H 11 5.23 4.81 30.92
CA PHE H 11 5.56 5.65 29.80
C PHE H 11 5.15 7.08 30.02
N LEU H 12 6.13 7.98 29.90
CA LEU H 12 6.03 9.41 30.14
C LEU H 12 5.68 9.75 31.57
N GLY H 13 5.77 8.80 32.48
CA GLY H 13 5.44 9.07 33.87
C GLY H 13 6.37 10.12 34.43
N ALA H 14 7.59 10.14 33.93
CA ALA H 14 8.61 11.07 34.38
C ALA H 14 8.54 12.41 33.67
N ALA H 15 7.60 12.61 32.78
CA ALA H 15 7.57 13.85 32.02
C ALA H 15 7.50 15.08 32.92
N GLY H 16 6.83 14.99 34.06
CA GLY H 16 6.75 16.16 34.95
C GLY H 16 7.85 16.19 36.01
N SER H 17 8.72 15.20 35.99
CA SER H 17 9.77 15.07 36.98
C SER H 17 10.94 15.90 36.57
N THR H 18 11.88 16.10 37.47
CA THR H 18 12.99 16.93 37.09
C THR H 18 13.85 16.18 36.11
N MET H 19 14.70 16.93 35.42
CA MET H 19 15.56 16.32 34.43
C MET H 19 16.43 15.25 35.02
N GLY H 20 16.93 15.48 36.23
CA GLY H 20 17.76 14.51 36.89
C GLY H 20 16.97 13.25 37.17
N ALA H 21 15.81 13.39 37.79
CA ALA H 21 15.01 12.23 38.13
C ALA H 21 14.59 11.42 36.93
N ALA H 22 14.31 12.11 35.85
CA ALA H 22 13.82 11.53 34.63
C ALA H 22 14.89 10.77 33.89
N SER H 23 16.14 10.91 34.27
CA SER H 23 17.22 10.25 33.58
C SER H 23 17.16 8.76 33.88
N MET H 24 16.38 8.38 34.89
CA MET H 24 16.29 6.99 35.25
C MET H 24 15.21 6.25 34.47
N THR H 25 14.50 6.92 33.57
CA THR H 25 13.40 6.29 32.84
C THR H 25 13.63 6.24 31.34
N LEU H 26 14.88 6.37 30.92
CA LEU H 26 15.18 6.40 29.49
C LEU H 26 14.82 5.08 28.83
N THR H 27 14.96 3.99 29.56
CA THR H 27 14.66 2.66 29.06
C THR H 27 13.19 2.56 28.70
N VAL H 28 12.36 3.14 29.56
CA VAL H 28 10.93 3.06 29.37
C VAL H 28 10.52 3.79 28.14
N GLN H 29 11.07 4.96 27.94
CA GLN H 29 10.66 5.68 26.77
C GLN H 29 11.19 5.03 25.51
N ALA H 30 12.41 4.50 25.55
CA ALA H 30 12.99 3.93 24.34
C ALA H 30 12.18 2.78 23.80
N ARG H 31 11.63 1.97 24.67
CA ARG H 31 10.89 0.80 24.22
C ARG H 31 9.55 1.12 23.58
N ASN H 32 9.05 2.34 23.77
CA ASN H 32 7.75 2.67 23.25
C ASN H 32 7.83 3.42 21.95
N LEU H 33 9.03 3.45 21.40
CA LEU H 33 9.23 4.08 20.12
C LEU H 33 8.98 3.03 19.06
N LEU H 34 9.21 1.76 19.41
CA LEU H 34 8.97 0.68 18.49
C LEU H 34 7.71 -0.09 18.85
N SER H 35 7.44 -0.29 20.15
CA SER H 35 6.26 -1.05 20.52
C SER H 35 5.08 -0.13 20.71
N HIS H 59 -7.32 4.48 -1.21
CA HIS H 59 -7.29 3.28 -0.37
C HIS H 59 -7.04 3.68 1.07
N TRP H 60 -7.70 3.00 2.01
CA TRP H 60 -7.58 3.34 3.43
C TRP H 60 -6.37 2.72 4.10
N GLY H 61 -6.24 1.40 4.03
CA GLY H 61 -5.17 0.71 4.76
C GLY H 61 -3.79 1.24 4.39
N ILE H 62 -3.61 1.68 3.16
CA ILE H 62 -2.32 2.21 2.79
C ILE H 62 -1.85 3.38 3.63
N LYS H 63 -2.75 4.18 4.23
CA LYS H 63 -2.25 5.32 5.02
C LYS H 63 -1.76 4.84 6.38
N GLN H 64 -2.21 3.66 6.81
CA GLN H 64 -1.78 3.14 8.10
C GLN H 64 -0.40 2.58 7.90
N LEU H 65 -0.22 2.00 6.71
CA LEU H 65 1.04 1.40 6.37
C LEU H 65 2.06 2.51 6.19
N GLN H 66 1.65 3.61 5.56
CA GLN H 66 2.55 4.73 5.40
C GLN H 66 3.01 5.25 6.73
N ALA H 67 2.10 5.37 7.69
CA ALA H 67 2.50 5.87 8.99
C ALA H 67 3.53 4.99 9.64
N ARG H 68 3.39 3.67 9.52
CA ARG H 68 4.37 2.79 10.13
C ARG H 68 5.73 2.95 9.46
N VAL H 69 5.75 3.12 8.15
CA VAL H 69 7.01 3.27 7.47
C VAL H 69 7.69 4.54 7.90
N LEU H 70 6.94 5.63 8.00
CA LEU H 70 7.56 6.88 8.41
C LEU H 70 8.07 6.80 9.83
N ALA H 71 7.36 6.09 10.72
CA ALA H 71 7.85 5.97 12.08
C ALA H 71 9.19 5.25 12.09
N VAL H 72 9.36 4.26 11.23
CA VAL H 72 10.63 3.57 11.14
C VAL H 72 11.71 4.50 10.65
N GLU H 73 11.43 5.29 9.62
CA GLU H 73 12.46 6.18 9.15
C GLU H 73 12.86 7.17 10.23
N HIS H 74 11.90 7.66 11.00
CA HIS H 74 12.24 8.61 12.04
C HIS H 74 13.16 7.94 13.04
N TYR H 75 12.82 6.73 13.46
CA TYR H 75 13.62 6.01 14.42
C TYR H 75 15.04 5.87 13.92
N LEU H 76 15.19 5.47 12.67
CA LEU H 76 16.52 5.28 12.14
C LEU H 76 17.30 6.58 12.09
N ARG H 77 16.66 7.71 11.83
CA ARG H 77 17.41 8.96 11.81
C ARG H 77 17.99 9.26 13.18
N ASP H 78 17.24 8.99 14.25
CA ASP H 78 17.80 9.26 15.56
C ASP H 78 18.94 8.32 15.83
N GLN H 79 18.81 7.08 15.40
CA GLN H 79 19.88 6.14 15.64
C GLN H 79 21.10 6.50 14.83
N GLN H 80 20.91 7.00 13.62
CA GLN H 80 22.05 7.38 12.82
C GLN H 80 22.80 8.49 13.48
N LEU H 81 22.12 9.47 14.07
CA LEU H 81 22.87 10.53 14.72
C LEU H 81 23.66 10.01 15.88
N LEU H 82 23.09 9.11 16.66
CA LEU H 82 23.84 8.61 17.77
C LEU H 82 25.06 7.87 17.26
N GLY H 83 24.92 7.16 16.15
CA GLY H 83 26.05 6.48 15.56
C GLY H 83 27.12 7.48 15.11
N ILE H 84 26.71 8.53 14.40
CA ILE H 84 27.62 9.53 13.88
C ILE H 84 28.37 10.24 14.96
N TRP H 85 27.71 10.55 16.05
CA TRP H 85 28.32 11.24 17.17
C TRP H 85 29.22 10.38 18.03
N GLY H 86 29.32 9.08 17.75
CA GLY H 86 30.15 8.22 18.57
C GLY H 86 29.45 7.73 19.82
N CYS H 87 28.14 7.66 19.78
CA CYS H 87 27.35 7.24 20.92
C CYS H 87 26.33 6.21 20.45
N SER H 88 26.81 5.18 19.78
CA SER H 88 25.99 4.19 19.09
C SER H 88 25.21 3.18 19.89
N GLY H 89 25.60 2.91 21.12
CA GLY H 89 24.90 1.87 21.87
C GLY H 89 24.64 2.25 23.30
N LYS H 90 24.37 3.51 23.54
CA LYS H 90 24.15 3.99 24.89
C LYS H 90 22.91 4.84 25.00
N LEU H 91 22.26 4.80 26.15
CA LEU H 91 21.15 5.72 26.33
C LEU H 91 21.73 7.02 26.85
N ILE H 92 22.85 6.92 27.57
CA ILE H 92 23.54 8.08 28.10
C ILE H 92 25.00 8.07 27.67
N CYS H 93 25.48 9.13 27.08
CA CYS H 93 26.90 9.16 26.77
C CYS H 93 27.49 10.54 26.85
N CYS H 94 28.81 10.59 26.90
CA CYS H 94 29.52 11.85 27.01
C CYS H 94 30.22 12.18 25.75
N THR H 95 30.48 13.47 25.53
CA THR H 95 31.15 13.90 24.33
C THR H 95 32.27 14.85 24.70
N ASN H 96 33.05 15.28 23.73
CA ASN H 96 34.13 16.22 23.97
C ASN H 96 33.76 17.64 23.61
N VAL H 97 32.50 17.91 23.41
CA VAL H 97 32.09 19.26 23.10
C VAL H 97 31.76 19.96 24.40
N PRO H 98 32.39 21.08 24.74
CA PRO H 98 32.17 21.83 25.95
C PRO H 98 30.85 22.52 25.84
N TRP H 99 30.22 22.79 26.95
CA TRP H 99 28.99 23.54 26.91
C TRP H 99 29.34 25.00 26.80
N ASN H 100 28.74 25.69 25.86
CA ASN H 100 28.95 27.12 25.71
C ASN H 100 28.03 27.86 26.66
N SER H 101 28.52 28.89 27.33
CA SER H 101 27.67 29.65 28.22
C SER H 101 26.59 30.42 27.48
N SER H 102 26.79 30.61 26.19
CA SER H 102 25.81 31.31 25.37
C SER H 102 24.57 30.45 25.16
N TRP H 103 24.69 29.15 25.40
CA TRP H 103 23.58 28.23 25.18
C TRP H 103 22.76 28.17 26.44
N SER H 104 22.06 29.24 26.70
CA SER H 104 21.18 29.33 27.86
C SER H 104 21.84 28.92 29.16
N ASN H 105 22.89 29.62 29.57
CA ASN H 105 23.51 29.24 30.81
C ASN H 105 22.55 29.44 31.94
N ARG H 106 22.15 28.33 32.52
CA ARG H 106 21.20 28.27 33.59
C ARG H 106 21.78 27.52 34.76
N ASN H 107 23.07 27.68 34.98
CA ASN H 107 23.71 27.00 36.10
C ASN H 107 23.73 25.51 35.85
N LEU H 108 24.17 24.74 36.84
CA LEU H 108 24.17 23.29 36.66
C LEU H 108 23.08 22.64 37.48
N SER H 109 23.03 22.97 38.77
CA SER H 109 22.06 22.34 39.64
C SER H 109 20.66 22.82 39.39
N GLU H 110 20.52 24.02 38.84
CA GLU H 110 19.20 24.52 38.54
C GLU H 110 18.61 23.70 37.42
N ILE H 111 19.43 23.36 36.42
CA ILE H 111 18.92 22.60 35.32
C ILE H 111 18.55 21.20 35.75
N TRP H 112 19.43 20.53 36.48
CA TRP H 112 19.10 19.16 36.79
C TRP H 112 18.06 18.96 37.89
N ASP H 113 17.99 19.85 38.88
CA ASP H 113 17.04 19.70 39.97
C ASP H 113 15.75 20.51 39.91
N ASN H 114 15.70 21.65 39.21
CA ASN H 114 14.50 22.46 39.23
C ASN H 114 13.91 22.73 37.86
N MET H 115 14.10 21.80 36.95
CA MET H 115 13.59 21.96 35.60
C MET H 115 13.19 20.61 35.05
N THR H 116 12.17 20.56 34.19
CA THR H 116 11.78 19.30 33.54
C THR H 116 12.34 19.26 32.13
N TRP H 117 12.37 18.09 31.49
CA TRP H 117 12.91 18.01 30.14
C TRP H 117 12.11 18.78 29.12
N LEU H 118 10.82 18.91 29.37
CA LEU H 118 9.94 19.64 28.47
C LEU H 118 10.33 21.11 28.45
N GLN H 119 10.78 21.65 29.59
CA GLN H 119 11.16 23.04 29.66
C GLN H 119 12.52 23.24 29.05
N TRP H 120 13.39 22.29 29.30
CA TRP H 120 14.75 22.39 28.81
C TRP H 120 14.76 22.40 27.30
N ASP H 121 13.86 21.64 26.70
CA ASP H 121 13.77 21.54 25.26
C ASP H 121 13.36 22.87 24.63
N LYS H 122 12.85 23.81 25.43
CA LYS H 122 12.49 25.09 24.88
C LYS H 122 13.62 26.06 25.19
N GLU H 123 14.28 25.88 26.33
CA GLU H 123 15.35 26.77 26.76
C GLU H 123 16.48 26.78 25.76
N ILE H 124 16.75 25.64 25.15
CA ILE H 124 17.80 25.58 24.16
C ILE H 124 17.35 25.19 22.77
N SER H 125 16.10 25.46 22.41
CA SER H 125 15.64 25.03 21.08
C SER H 125 16.36 25.70 19.91
N ASN H 126 16.95 26.87 20.10
CA ASN H 126 17.62 27.52 18.98
C ASN H 126 19.08 27.14 18.88
N TYR H 127 19.53 26.24 19.73
CA TYR H 127 20.92 25.88 19.69
C TYR H 127 21.09 24.45 19.29
N THR H 128 19.99 23.75 19.04
CA THR H 128 20.06 22.35 18.74
C THR H 128 20.88 22.05 17.52
N GLN H 129 20.73 22.84 16.47
CA GLN H 129 21.48 22.53 15.28
C GLN H 129 22.95 22.85 15.46
N ILE H 130 23.25 23.83 16.28
CA ILE H 130 24.64 24.19 16.51
C ILE H 130 25.30 23.08 17.26
N ILE H 131 24.63 22.59 18.29
CA ILE H 131 25.20 21.55 19.09
C ILE H 131 25.36 20.32 18.26
N TYR H 132 24.38 19.96 17.46
CA TYR H 132 24.55 18.76 16.68
C TYR H 132 25.71 18.89 15.72
N GLY H 133 25.88 20.04 15.09
CA GLY H 133 26.99 20.17 14.19
C GLY H 133 28.32 19.98 14.92
N LEU H 134 28.43 20.53 16.13
CA LEU H 134 29.66 20.38 16.89
C LEU H 134 29.89 18.95 17.27
N LEU H 135 28.83 18.23 17.61
CA LEU H 135 28.99 16.85 17.99
C LEU H 135 29.47 16.00 16.84
N GLU H 136 29.07 16.33 15.63
CA GLU H 136 29.52 15.56 14.48
C GLU H 136 30.99 15.86 14.19
N GLU H 137 31.38 17.13 14.33
CA GLU H 137 32.75 17.47 14.02
C GLU H 137 33.68 16.87 15.05
N SER H 138 33.32 16.94 16.32
CA SER H 138 34.18 16.38 17.35
C SER H 138 33.90 14.91 17.57
N GLN H 139 33.90 14.21 16.47
CA GLN H 139 33.83 12.78 16.33
C GLN H 139 34.72 12.48 15.20
N ASN H 140 34.53 13.18 14.08
CA ASN H 140 35.39 12.89 12.96
C ASN H 140 36.83 13.16 13.34
N GLN H 141 37.04 14.15 14.20
CA GLN H 141 38.39 14.42 14.64
C GLN H 141 38.89 13.25 15.48
N GLN H 142 38.01 12.63 16.24
CA GLN H 142 38.43 11.55 17.10
C GLN H 142 38.70 10.30 16.31
N GLU H 143 37.89 10.02 15.29
CA GLU H 143 38.11 8.81 14.52
C GLU H 143 39.44 8.89 13.81
N LYS H 144 39.79 10.07 13.30
CA LYS H 144 41.06 10.17 12.64
C LYS H 144 42.21 10.02 13.63
N ASN H 145 42.09 10.54 14.83
CA ASN H 145 43.18 10.35 15.74
C ASN H 145 43.32 8.88 16.11
N GLU H 146 42.21 8.18 16.27
CA GLU H 146 42.32 6.77 16.61
C GLU H 146 42.96 6.00 15.48
N GLN H 147 42.60 6.35 14.24
CA GLN H 147 43.14 5.65 13.11
C GLN H 147 44.66 5.86 13.06
N ASP H 148 45.15 7.05 13.36
CA ASP H 148 46.58 7.24 13.30
C ASP H 148 47.28 6.41 14.36
N LEU H 149 46.71 6.33 15.55
CA LEU H 149 47.37 5.61 16.63
C LEU H 149 47.47 4.13 16.33
N LEU H 150 46.51 3.59 15.62
CA LEU H 150 46.53 2.18 15.30
C LEU H 150 47.56 1.82 14.25
N ALA H 151 48.21 2.84 13.68
CA ALA H 151 49.24 2.62 12.70
C ALA H 151 50.62 2.79 13.30
N LEU H 152 50.71 2.98 14.62
CA LEU H 152 52.03 3.12 15.22
C LEU H 152 52.48 1.77 15.72
N ASP H 153 53.50 1.24 15.08
CA ASP H 153 53.98 -0.10 15.37
C ASP H 153 54.40 -0.25 16.83
N VAL I 2 -75.66 6.40 28.48
CA VAL I 2 -76.11 7.78 28.56
C VAL I 2 -77.36 8.00 27.73
N GLN I 3 -78.32 8.70 28.33
CA GLN I 3 -79.53 9.05 27.61
C GLN I 3 -79.56 10.54 27.34
N LEU I 4 -80.21 10.92 26.26
CA LEU I 4 -80.29 12.34 25.95
C LEU I 4 -81.72 12.80 25.95
N GLN I 5 -82.00 13.83 26.72
CA GLN I 5 -83.38 14.33 26.78
C GLN I 5 -83.52 15.78 26.38
N GLU I 6 -84.18 16.02 25.26
CA GLU I 6 -84.38 17.37 24.79
C GLU I 6 -85.54 18.06 25.49
N SER I 7 -85.47 19.38 25.54
CA SER I 7 -86.53 20.21 26.06
C SER I 7 -86.56 21.59 25.43
N GLY I 8 -87.74 22.13 25.25
CA GLY I 8 -87.86 23.48 24.70
C GLY I 8 -89.32 23.75 24.44
N PRO I 9 -89.68 24.92 23.92
CA PRO I 9 -91.03 25.29 23.59
C PRO I 9 -91.54 24.31 22.57
N GLY I 10 -92.81 23.91 22.66
CA GLY I 10 -93.37 23.03 21.65
C GLY I 10 -94.10 23.86 20.61
N LEU I 11 -94.11 25.16 20.86
CA LEU I 11 -94.76 26.17 20.07
C LEU I 11 -94.07 27.51 20.16
N VAL I 12 -93.76 28.06 19.02
CA VAL I 12 -93.16 29.37 18.89
C VAL I 12 -93.96 30.12 17.85
N LYS I 13 -94.11 31.41 17.99
CA LYS I 13 -94.83 32.15 16.99
C LYS I 13 -93.93 32.28 15.77
N PRO I 14 -94.47 32.53 14.58
CA PRO I 14 -93.70 32.93 13.44
C PRO I 14 -93.02 34.21 13.84
N SER I 15 -91.82 34.41 13.33
CA SER I 15 -90.97 35.58 13.60
C SER I 15 -90.69 35.72 15.10
N GLN I 16 -90.42 34.59 15.73
CA GLN I 16 -90.09 34.52 17.16
C GLN I 16 -88.98 33.51 17.36
N THR I 17 -88.04 33.78 18.27
CA THR I 17 -86.89 32.91 18.52
C THR I 17 -87.19 31.67 19.37
N LEU I 18 -86.23 30.73 19.38
CA LEU I 18 -86.27 29.48 20.17
C LEU I 18 -85.02 29.21 20.98
N SER I 19 -85.23 28.56 22.11
CA SER I 19 -84.15 28.08 22.96
C SER I 19 -84.47 26.66 23.37
N LEU I 20 -83.59 25.76 22.96
CA LEU I 20 -83.75 24.36 23.20
C LEU I 20 -82.58 23.84 24.02
N THR I 21 -82.83 22.89 24.88
CA THR I 21 -81.74 22.30 25.64
C THR I 21 -81.80 20.80 25.57
N CYS I 22 -80.71 20.17 25.99
CA CYS I 22 -80.62 18.73 26.09
C CYS I 22 -79.83 18.29 27.30
N THR I 23 -80.44 17.46 28.12
CA THR I 23 -79.77 16.99 29.32
C THR I 23 -79.06 15.69 29.03
N VAL I 24 -77.80 15.62 29.45
CA VAL I 24 -77.04 14.41 29.24
C VAL I 24 -77.16 13.55 30.49
N SER I 25 -78.04 12.57 30.43
CA SER I 25 -78.42 11.83 31.61
C SER I 25 -77.58 10.59 31.81
N GLY I 26 -76.86 10.59 32.91
CA GLY I 26 -75.95 9.49 33.20
C GLY I 26 -74.60 9.76 32.57
N GLY I 27 -74.46 10.92 31.95
CA GLY I 27 -73.22 11.26 31.29
C GLY I 27 -72.80 12.63 31.72
N SER I 28 -71.88 13.21 30.97
CA SER I 28 -71.41 14.54 31.30
C SER I 28 -70.88 15.24 30.09
N ILE I 29 -70.80 16.57 30.18
CA ILE I 29 -70.17 17.30 29.11
C ILE I 29 -68.90 17.86 29.70
N SER I 30 -67.78 17.33 29.29
CA SER I 30 -66.52 17.74 29.88
C SER I 30 -65.36 17.36 29.00
N SER I 31 -65.16 16.06 28.91
CA SER I 31 -64.06 15.53 28.15
C SER I 31 -64.48 14.29 27.40
N GLY I 32 -63.48 13.59 26.88
CA GLY I 32 -63.70 12.41 26.06
C GLY I 32 -63.55 12.81 24.61
N SER I 33 -63.70 11.85 23.72
CA SER I 33 -63.50 12.05 22.30
C SER I 33 -64.78 12.55 21.59
N TYR I 34 -65.85 12.68 22.37
CA TYR I 34 -67.18 13.02 21.91
C TYR I 34 -67.42 14.48 21.59
N TYR I 35 -68.32 14.72 20.63
CA TYR I 35 -68.71 16.07 20.28
C TYR I 35 -70.22 16.16 20.43
N TRP I 36 -70.74 17.33 20.76
CA TRP I 36 -72.17 17.44 20.91
C TRP I 36 -72.80 18.13 19.72
N SER I 37 -73.94 17.64 19.25
CA SER I 37 -74.53 18.29 18.08
C SER I 37 -76.03 18.20 17.96
N TRP I 38 -76.57 19.07 17.11
CA TRP I 38 -78.00 19.08 16.82
C TRP I 38 -78.29 18.86 15.34
N ILE I 39 -79.38 18.16 15.09
CA ILE I 39 -79.86 17.93 13.71
C ILE I 39 -81.37 18.17 13.64
N ARG I 40 -81.82 18.76 12.55
CA ARG I 40 -83.23 19.06 12.37
C ARG I 40 -83.94 18.08 11.43
N GLN I 41 -85.18 17.76 11.74
CA GLN I 41 -85.94 16.93 10.82
C GLN I 41 -87.38 17.39 10.66
N PRO I 42 -87.72 18.13 9.60
CA PRO I 42 -89.06 18.58 9.32
C PRO I 42 -89.86 17.31 9.25
N ALA I 43 -91.12 17.32 9.63
CA ALA I 43 -91.86 16.07 9.71
C ALA I 43 -91.89 15.26 8.42
N GLY I 44 -91.95 15.93 7.27
CA GLY I 44 -92.00 15.24 5.99
C GLY I 44 -90.67 15.19 5.24
N LYS I 45 -89.59 15.58 5.90
CA LYS I 45 -88.29 15.69 5.20
C LYS I 45 -87.18 14.84 5.82
N GLY I 46 -86.05 14.83 5.12
CA GLY I 46 -84.89 14.13 5.61
C GLY I 46 -84.20 15.00 6.63
N LEU I 47 -83.04 14.59 7.08
CA LEU I 47 -82.36 15.30 8.14
C LEU I 47 -81.50 16.45 7.62
N GLU I 48 -81.43 17.54 8.40
CA GLU I 48 -80.57 18.68 8.14
C GLU I 48 -79.67 18.96 9.33
N TRP I 49 -78.37 18.88 9.18
CA TRP I 49 -77.50 19.08 10.34
C TRP I 49 -77.58 20.53 10.76
N ILE I 50 -77.66 20.80 12.06
CA ILE I 50 -77.72 22.19 12.51
C ILE I 50 -76.36 22.71 12.88
N GLY I 51 -75.66 21.94 13.70
CA GLY I 51 -74.37 22.36 14.18
C GLY I 51 -73.80 21.49 15.29
N ARG I 52 -72.53 21.71 15.58
CA ARG I 52 -71.77 20.97 16.57
C ARG I 52 -70.90 21.83 17.46
N ILE I 53 -70.75 21.38 18.70
CA ILE I 53 -69.89 22.00 19.68
C ILE I 53 -68.96 21.03 20.38
N TYR I 54 -67.76 21.48 20.59
CA TYR I 54 -66.75 20.71 21.29
C TYR I 54 -66.89 21.03 22.76
N THR I 55 -66.39 20.20 23.66
CA THR I 55 -66.56 20.54 25.09
C THR I 55 -65.73 21.76 25.45
N SER I 56 -64.79 22.10 24.57
CA SER I 56 -63.91 23.24 24.65
C SER I 56 -64.64 24.54 24.36
N GLY I 57 -65.84 24.42 23.80
CA GLY I 57 -66.66 25.55 23.41
C GLY I 57 -66.59 25.89 21.92
N SER I 58 -65.63 25.30 21.19
CA SER I 58 -65.53 25.57 19.76
C SER I 58 -66.72 25.03 19.00
N THR I 59 -67.22 25.79 18.02
CA THR I 59 -68.37 25.35 17.22
C THR I 59 -68.21 25.38 15.71
N ASN I 60 -69.14 24.66 15.08
CA ASN I 60 -69.30 24.50 13.63
C ASN I 60 -70.77 24.47 13.26
N TYR I 61 -71.23 25.43 12.47
CA TYR I 61 -72.65 25.49 12.15
C TYR I 61 -72.91 25.18 10.70
N ASN I 62 -74.07 24.64 10.42
CA ASN I 62 -74.48 24.37 9.05
C ASN I 62 -74.59 25.70 8.36
N PRO I 63 -73.88 25.96 7.26
CA PRO I 63 -73.93 27.20 6.54
C PRO I 63 -75.36 27.66 6.28
N SER I 64 -76.31 26.74 6.06
CA SER I 64 -77.68 27.15 5.78
C SER I 64 -78.34 27.89 6.93
N LEU I 65 -77.90 27.62 8.15
CA LEU I 65 -78.43 28.24 9.33
C LEU I 65 -77.35 28.99 10.08
N LYS I 66 -76.18 29.20 9.49
CA LYS I 66 -75.09 29.76 10.27
C LYS I 66 -75.40 31.09 10.93
N SER I 67 -76.05 31.98 10.20
CA SER I 67 -76.36 33.32 10.68
C SER I 67 -77.48 33.33 11.70
N ARG I 68 -78.15 32.20 11.84
CA ARG I 68 -79.29 32.08 12.69
C ARG I 68 -79.01 31.24 13.93
N VAL I 69 -77.81 30.67 14.07
CA VAL I 69 -77.62 29.72 15.18
C VAL I 69 -76.43 29.91 16.11
N THR I 70 -76.73 29.77 17.39
CA THR I 70 -75.74 29.76 18.46
C THR I 70 -75.84 28.46 19.27
N ILE I 71 -74.69 27.82 19.51
CA ILE I 71 -74.64 26.59 20.30
C ILE I 71 -73.70 26.76 21.48
N SER I 72 -74.11 26.24 22.64
CA SER I 72 -73.34 26.35 23.87
C SER I 72 -73.52 25.18 24.82
N VAL I 73 -72.46 24.82 25.56
CA VAL I 73 -72.59 23.76 26.54
C VAL I 73 -72.36 24.19 27.96
N ASP I 74 -73.28 23.82 28.82
CA ASP I 74 -73.16 24.09 30.21
C ASP I 74 -72.57 22.87 30.87
N THR I 75 -71.29 22.94 31.18
CA THR I 75 -70.54 21.82 31.67
C THR I 75 -70.73 21.63 33.17
N SER I 76 -71.41 22.60 33.79
CA SER I 76 -71.66 22.49 35.21
C SER I 76 -72.97 21.71 35.38
N LYS I 77 -73.85 21.89 34.40
CA LYS I 77 -75.15 21.23 34.39
C LYS I 77 -75.20 19.98 33.53
N ASN I 78 -74.22 19.80 32.63
CA ASN I 78 -74.22 18.72 31.66
C ASN I 78 -75.44 18.85 30.78
N GLN I 79 -75.69 20.10 30.40
CA GLN I 79 -76.78 20.46 29.51
C GLN I 79 -76.27 21.18 28.28
N PHE I 80 -76.72 20.67 27.18
CA PHE I 80 -76.38 21.13 25.85
C PHE I 80 -77.46 22.05 25.29
N SER I 81 -77.09 23.29 24.98
CA SER I 81 -78.08 24.26 24.52
C SER I 81 -77.94 24.66 23.05
N LEU I 82 -79.09 24.97 22.47
CA LEU I 82 -79.25 25.48 21.12
C LEU I 82 -80.13 26.72 21.07
N LYS I 83 -79.61 27.79 20.50
CA LYS I 83 -80.38 29.02 20.38
C LYS I 83 -80.57 29.36 18.92
N LEU I 84 -81.81 29.54 18.55
CA LEU I 84 -82.16 29.85 17.18
C LEU I 84 -82.68 31.27 17.06
N SER I 85 -82.36 31.93 15.95
CA SER I 85 -82.86 33.26 15.67
C SER I 85 -84.32 33.18 15.34
N SER I 86 -84.89 34.26 14.84
CA SER I 86 -86.33 34.24 14.65
C SER I 86 -86.69 33.07 13.76
N VAL I 87 -87.71 32.34 14.20
CA VAL I 87 -88.24 31.13 13.61
C VAL I 87 -89.47 31.38 12.75
N THR I 88 -89.51 30.70 11.61
CA THR I 88 -90.57 30.77 10.62
C THR I 88 -91.18 29.42 10.27
N ALA I 89 -92.13 29.42 9.34
CA ALA I 89 -92.86 28.20 8.96
C ALA I 89 -91.95 27.09 8.45
N ALA I 90 -90.87 27.45 7.81
CA ALA I 90 -89.92 26.49 7.25
C ALA I 90 -89.18 25.71 8.33
N ASP I 91 -89.27 26.18 9.57
CA ASP I 91 -88.55 25.60 10.68
C ASP I 91 -89.44 24.68 11.54
N THR I 92 -90.64 24.34 11.05
CA THR I 92 -91.54 23.44 11.79
C THR I 92 -91.01 22.04 11.70
N ALA I 93 -90.10 21.74 12.60
CA ALA I 93 -89.32 20.53 12.58
C ALA I 93 -89.00 19.96 13.94
N VAL I 94 -88.54 18.73 13.92
CA VAL I 94 -88.06 18.08 15.11
C VAL I 94 -86.58 18.41 15.31
N TYR I 95 -86.23 18.83 16.50
CA TYR I 95 -84.86 19.17 16.78
C TYR I 95 -84.24 18.13 17.69
N TYR I 96 -83.26 17.39 17.14
CA TYR I 96 -82.65 16.30 17.88
C TYR I 96 -81.31 16.61 18.48
N CYS I 97 -81.13 16.09 19.67
CA CYS I 97 -79.89 16.13 20.41
C CYS I 97 -79.16 14.84 20.23
N ALA I 98 -77.88 14.92 19.89
CA ALA I 98 -77.13 13.70 19.77
C ALA I 98 -75.66 13.89 20.08
N ARG I 99 -75.02 12.79 20.45
CA ARG I 99 -73.61 12.79 20.72
C ARG I 99 -72.90 12.11 19.56
N GLU I 100 -71.89 12.80 19.02
CA GLU I 100 -71.10 12.27 17.92
C GLU I 100 -69.85 11.67 18.50
N GLY I 101 -69.46 10.53 17.99
CA GLY I 101 -68.27 9.87 18.49
C GLY I 101 -66.98 10.20 17.77
N PHE I 102 -65.93 9.54 18.21
CA PHE I 102 -64.58 9.67 17.69
C PHE I 102 -63.83 8.63 18.49
N THR I 103 -62.72 8.14 17.98
CA THR I 103 -61.96 7.18 18.74
C THR I 103 -60.55 7.60 18.77
N ILE I 104 -59.68 6.81 19.37
CA ILE I 104 -58.27 7.15 19.30
C ILE I 104 -57.40 5.93 18.96
N PHE I 105 -56.50 6.13 18.02
CA PHE I 105 -55.48 5.18 17.63
C PHE I 105 -54.15 5.62 18.11
N GLY I 106 -53.91 6.89 17.95
CA GLY I 106 -52.60 7.42 18.25
C GLY I 106 -52.65 8.60 19.16
N VAL I 107 -51.94 9.62 18.75
CA VAL I 107 -51.77 10.82 19.52
C VAL I 107 -53.00 11.70 19.38
N VAL I 108 -53.54 12.13 20.50
CA VAL I 108 -54.75 12.94 20.45
C VAL I 108 -54.49 14.28 19.77
N THR I 109 -53.30 14.81 19.91
CA THR I 109 -52.95 16.08 19.34
C THR I 109 -52.70 16.00 17.84
N PHE I 110 -52.69 14.78 17.31
CA PHE I 110 -52.48 14.59 15.89
C PHE I 110 -53.80 14.15 15.25
N SER I 111 -54.90 14.15 16.03
CA SER I 111 -56.21 13.71 15.60
C SER I 111 -56.24 12.32 15.01
N GLU I 112 -55.51 11.40 15.61
CA GLU I 112 -55.48 10.05 15.07
C GLU I 112 -56.62 9.20 15.62
N GLY I 113 -57.85 9.34 15.04
CA GLY I 113 -59.02 8.65 15.62
C GLY I 113 -60.36 8.53 14.84
N TYR I 114 -60.33 8.19 13.57
CA TYR I 114 -61.57 8.07 12.78
C TYR I 114 -62.44 9.31 12.99
N TYR I 115 -63.75 9.06 13.08
CA TYR I 115 -64.84 9.96 13.34
C TYR I 115 -66.08 9.12 13.35
N TYR I 116 -67.05 9.44 14.19
CA TYR I 116 -68.34 8.79 14.10
C TYR I 116 -69.38 9.84 14.00
N GLY I 117 -70.47 9.51 13.36
CA GLY I 117 -71.54 10.46 13.31
C GLY I 117 -72.30 10.31 14.62
N MET I 118 -73.51 10.78 14.63
CA MET I 118 -74.26 10.73 15.85
C MET I 118 -74.51 9.29 16.27
N ASP I 119 -73.99 8.91 17.44
CA ASP I 119 -74.13 7.55 17.95
C ASP I 119 -75.24 7.46 18.97
N VAL I 120 -75.36 8.52 19.75
CA VAL I 120 -76.34 8.54 20.83
C VAL I 120 -77.33 9.61 20.53
N TRP I 121 -78.59 9.22 20.47
CA TRP I 121 -79.64 10.15 20.13
C TRP I 121 -80.66 10.31 21.22
N GLY I 122 -81.28 11.48 21.25
CA GLY I 122 -82.41 11.76 22.13
C GLY I 122 -83.70 11.43 21.37
N LYS I 123 -84.80 12.06 21.75
CA LYS I 123 -86.08 11.71 21.12
C LYS I 123 -86.48 12.78 20.11
N GLY I 124 -86.06 14.00 20.39
CA GLY I 124 -86.33 15.13 19.52
C GLY I 124 -87.45 16.04 20.00
N THR I 125 -87.21 17.35 20.00
CA THR I 125 -88.23 18.31 20.41
C THR I 125 -89.01 18.68 19.19
N THR I 126 -90.32 18.59 19.24
CA THR I 126 -91.08 18.93 18.06
C THR I 126 -91.60 20.32 18.26
N VAL I 127 -91.30 21.21 17.32
CA VAL I 127 -91.76 22.58 17.50
C VAL I 127 -92.71 23.05 16.43
N THR I 128 -93.88 23.51 16.88
CA THR I 128 -94.88 24.10 16.02
C THR I 128 -94.53 25.56 15.90
N VAL I 129 -94.56 26.14 14.72
CA VAL I 129 -94.21 27.55 14.63
C VAL I 129 -95.46 28.42 14.51
N GLU J 3 -73.81 17.68 -0.45
CA GLU J 3 -73.16 17.51 -1.74
C GLU J 3 -73.49 16.14 -2.31
N LEU J 4 -74.24 15.37 -1.54
CA LEU J 4 -74.61 14.03 -1.97
C LEU J 4 -76.00 13.96 -2.53
N THR J 5 -76.19 13.03 -3.46
CA THR J 5 -77.52 12.74 -3.96
C THR J 5 -77.83 11.28 -3.67
N GLN J 6 -79.11 10.98 -3.53
CA GLN J 6 -79.61 9.64 -3.20
C GLN J 6 -80.84 9.39 -4.06
N PRO J 7 -81.22 8.13 -4.35
CA PRO J 7 -82.48 7.83 -5.01
C PRO J 7 -83.55 8.16 -3.98
N PRO J 8 -84.75 8.59 -4.36
CA PRO J 8 -85.82 8.85 -3.41
C PRO J 8 -86.38 7.59 -2.78
N SER J 9 -86.26 6.44 -3.44
CA SER J 9 -86.78 5.22 -2.89
C SER J 9 -86.15 3.98 -3.48
N VAL J 10 -86.27 2.92 -2.73
CA VAL J 10 -85.87 1.58 -3.09
C VAL J 10 -86.93 0.62 -2.55
N SER J 11 -87.20 -0.45 -3.25
CA SER J 11 -88.12 -1.40 -2.65
C SER J 11 -87.71 -2.78 -3.02
N VAL J 12 -87.87 -3.68 -2.06
CA VAL J 12 -87.56 -5.08 -2.30
C VAL J 12 -88.63 -6.01 -1.79
N SER J 13 -88.64 -7.24 -2.25
CA SER J 13 -89.49 -8.24 -1.63
C SER J 13 -88.71 -8.73 -0.41
N PRO J 14 -89.35 -9.24 0.64
CA PRO J 14 -88.65 -9.79 1.76
C PRO J 14 -87.71 -10.87 1.26
N GLY J 15 -86.48 -10.87 1.75
CA GLY J 15 -85.44 -11.84 1.42
C GLY J 15 -84.48 -11.34 0.33
N GLN J 16 -84.85 -10.26 -0.36
CA GLN J 16 -84.00 -9.70 -1.41
C GLN J 16 -83.02 -8.71 -0.83
N THR J 17 -81.96 -8.38 -1.59
CA THR J 17 -81.00 -7.41 -1.12
C THR J 17 -81.36 -5.98 -1.53
N ALA J 18 -81.43 -5.08 -0.54
CA ALA J 18 -81.70 -3.68 -0.83
C ALA J 18 -80.39 -3.06 -1.19
N ARG J 19 -80.38 -2.20 -2.17
CA ARG J 19 -79.17 -1.52 -2.56
C ARG J 19 -79.42 -0.02 -2.59
N ILE J 20 -78.99 0.64 -1.55
CA ILE J 20 -79.24 2.06 -1.40
C ILE J 20 -77.95 2.78 -1.66
N THR J 21 -77.98 3.72 -2.57
CA THR J 21 -76.73 4.37 -2.87
C THR J 21 -76.77 5.85 -2.64
N CYS J 22 -75.58 6.37 -2.44
CA CYS J 22 -75.33 7.80 -2.34
C CYS J 22 -74.13 8.16 -3.19
N SER J 23 -74.16 9.34 -3.77
CA SER J 23 -72.99 9.72 -4.52
C SER J 23 -72.70 11.19 -4.46
N GLY J 24 -71.44 11.54 -4.68
CA GLY J 24 -71.02 12.93 -4.69
C GLY J 24 -69.52 13.10 -4.51
N ASP J 25 -69.06 14.32 -4.76
CA ASP J 25 -67.66 14.73 -4.77
C ASP J 25 -66.84 14.49 -3.51
N ALA J 26 -67.45 14.53 -2.34
CA ALA J 26 -66.68 14.33 -1.11
C ALA J 26 -66.29 12.87 -0.89
N LEU J 27 -67.03 11.93 -1.48
CA LEU J 27 -66.81 10.53 -1.19
C LEU J 27 -65.45 9.91 -1.50
N PRO J 28 -64.72 10.26 -2.54
CA PRO J 28 -63.42 9.69 -2.80
C PRO J 28 -62.43 10.00 -1.67
N LYS J 29 -62.73 11.03 -0.88
CA LYS J 29 -61.85 11.46 0.20
C LYS J 29 -62.40 11.21 1.59
N GLN J 30 -63.69 10.98 1.71
CA GLN J 30 -64.30 10.85 3.02
C GLN J 30 -65.06 9.58 3.24
N TYR J 31 -65.13 9.14 4.47
CA TYR J 31 -65.87 7.94 4.75
C TYR J 31 -67.33 8.21 4.74
N ALA J 32 -68.10 7.26 4.27
CA ALA J 32 -69.53 7.37 4.40
C ALA J 32 -69.98 6.76 5.72
N TYR J 33 -71.04 7.32 6.24
CA TYR J 33 -71.70 6.79 7.41
C TYR J 33 -73.15 6.58 7.03
N TRP J 34 -73.80 5.53 7.54
CA TRP J 34 -75.19 5.28 7.24
C TRP J 34 -76.07 5.01 8.45
N TYR J 35 -77.31 5.47 8.36
CA TYR J 35 -78.32 5.28 9.39
C TYR J 35 -79.61 4.66 8.89
N GLN J 36 -80.24 3.89 9.77
CA GLN J 36 -81.57 3.31 9.54
C GLN J 36 -82.58 3.97 10.47
N GLN J 37 -83.47 4.79 9.95
CA GLN J 37 -84.45 5.47 10.78
C GLN J 37 -85.85 4.90 10.70
N LYS J 38 -86.29 4.34 11.81
CA LYS J 38 -87.63 3.78 11.82
C LYS J 38 -88.54 4.98 12.04
N PRO J 39 -89.73 5.05 11.46
CA PRO J 39 -90.64 6.14 11.66
C PRO J 39 -90.89 6.31 13.14
N GLY J 40 -90.86 7.56 13.60
CA GLY J 40 -91.12 7.88 15.00
C GLY J 40 -89.89 7.74 15.90
N GLN J 41 -88.77 7.31 15.34
CA GLN J 41 -87.57 7.11 16.14
C GLN J 41 -86.39 7.91 15.62
N ALA J 42 -85.44 8.21 16.51
CA ALA J 42 -84.22 8.84 16.07
C ALA J 42 -83.49 7.79 15.21
N PRO J 43 -82.72 8.18 14.19
CA PRO J 43 -81.95 7.29 13.33
C PRO J 43 -80.96 6.42 14.06
N VAL J 44 -80.84 5.18 13.61
CA VAL J 44 -79.90 4.23 14.19
C VAL J 44 -78.67 4.08 13.32
N LEU J 45 -77.49 4.27 13.89
CA LEU J 45 -76.32 4.10 13.05
C LEU J 45 -76.19 2.64 12.69
N VAL J 46 -76.03 2.35 11.40
CA VAL J 46 -75.85 0.95 10.99
C VAL J 46 -74.47 0.72 10.44
N ILE J 47 -73.95 1.69 9.71
CA ILE J 47 -72.64 1.59 9.10
C ILE J 47 -71.81 2.81 9.34
N TYR J 48 -70.53 2.62 9.61
CA TYR J 48 -69.65 3.75 9.78
C TYR J 48 -68.32 3.48 9.11
N LYS J 49 -67.60 4.54 8.81
CA LYS J 49 -66.26 4.41 8.28
C LYS J 49 -66.24 3.47 7.05
N ASP J 50 -67.20 3.62 6.13
CA ASP J 50 -67.24 2.74 4.97
C ASP J 50 -67.30 1.25 5.28
N SER J 51 -68.50 0.78 5.50
CA SER J 51 -68.87 -0.63 5.74
C SER J 51 -68.51 -1.28 7.06
N GLU J 52 -68.09 -0.53 8.08
CA GLU J 52 -67.88 -1.17 9.37
C GLU J 52 -69.20 -1.09 10.09
N ARG J 53 -69.61 -2.11 10.83
CA ARG J 53 -70.90 -1.92 11.50
C ARG J 53 -70.68 -1.91 13.01
N PRO J 54 -71.46 -1.13 13.78
CA PRO J 54 -71.45 -1.08 15.22
C PRO J 54 -71.90 -2.40 15.80
N SER J 55 -71.42 -2.73 16.97
CA SER J 55 -71.89 -3.96 17.59
C SER J 55 -73.39 -3.81 17.81
N GLY J 56 -74.12 -4.90 17.57
CA GLY J 56 -75.57 -4.91 17.74
C GLY J 56 -76.28 -4.77 16.40
N ILE J 57 -75.55 -4.39 15.36
CA ILE J 57 -76.13 -4.26 14.05
C ILE J 57 -75.99 -5.60 13.32
N PRO J 58 -77.08 -6.14 12.74
CA PRO J 58 -77.12 -7.40 12.03
C PRO J 58 -76.16 -7.47 10.88
N GLU J 59 -75.72 -8.69 10.60
CA GLU J 59 -74.79 -9.06 9.55
C GLU J 59 -75.35 -8.83 8.16
N ARG J 60 -76.65 -8.54 8.12
CA ARG J 60 -77.36 -8.22 6.92
C ARG J 60 -76.76 -6.93 6.35
N PHE J 61 -76.29 -6.04 7.23
CA PHE J 61 -75.79 -4.74 6.82
C PHE J 61 -74.31 -4.74 6.49
N SER J 62 -74.02 -4.41 5.26
CA SER J 62 -72.68 -4.37 4.68
C SER J 62 -72.70 -3.34 3.56
N GLY J 63 -71.58 -3.12 2.89
CA GLY J 63 -71.60 -2.16 1.79
C GLY J 63 -70.24 -2.03 1.18
N SER J 64 -70.15 -1.16 0.19
CA SER J 64 -68.89 -0.94 -0.50
C SER J 64 -68.86 0.40 -1.21
N SER J 65 -67.68 0.80 -1.67
CA SER J 65 -67.63 2.05 -2.39
C SER J 65 -66.53 2.08 -3.42
N SER J 66 -66.70 2.96 -4.40
CA SER J 66 -65.71 3.22 -5.42
C SER J 66 -65.86 4.64 -5.93
N GLY J 67 -64.78 5.41 -5.89
CA GLY J 67 -64.83 6.76 -6.39
C GLY J 67 -65.84 7.56 -5.59
N THR J 68 -66.78 8.16 -6.32
CA THR J 68 -67.82 9.00 -5.77
C THR J 68 -69.09 8.28 -5.38
N THR J 69 -69.15 6.95 -5.52
CA THR J 69 -70.39 6.26 -5.14
C THR J 69 -70.21 5.22 -4.04
N VAL J 70 -71.12 5.30 -3.07
CA VAL J 70 -71.16 4.35 -1.95
C VAL J 70 -72.48 3.62 -1.90
N THR J 71 -72.42 2.31 -1.70
CA THR J 71 -73.63 1.51 -1.62
C THR J 71 -73.78 0.81 -0.28
N LEU J 72 -74.98 0.95 0.25
CA LEU J 72 -75.40 0.32 1.48
C LEU J 72 -76.22 -0.86 1.08
N THR J 73 -75.76 -2.04 1.43
CA THR J 73 -76.49 -3.19 1.00
C THR J 73 -77.03 -3.95 2.19
N ILE J 74 -78.29 -4.35 2.07
CA ILE J 74 -78.86 -5.12 3.14
C ILE J 74 -79.24 -6.46 2.59
N SER J 75 -78.54 -7.51 2.97
CA SER J 75 -78.84 -8.82 2.41
C SER J 75 -79.98 -9.47 3.17
N GLY J 76 -80.90 -10.16 2.50
CA GLY J 76 -81.92 -10.81 3.29
C GLY J 76 -82.85 -9.80 3.96
N VAL J 77 -83.22 -8.73 3.25
CA VAL J 77 -84.02 -7.66 3.84
C VAL J 77 -85.34 -8.15 4.37
N GLN J 78 -85.65 -7.78 5.59
CA GLN J 78 -86.91 -8.22 6.16
C GLN J 78 -87.89 -7.07 6.25
N ALA J 79 -89.13 -7.37 6.61
CA ALA J 79 -90.12 -6.31 6.74
C ALA J 79 -89.68 -5.32 7.81
N GLU J 80 -89.00 -5.81 8.82
CA GLU J 80 -88.51 -5.04 9.93
C GLU J 80 -87.44 -4.02 9.53
N ASP J 81 -86.88 -4.16 8.32
CA ASP J 81 -85.86 -3.25 7.85
C ASP J 81 -86.40 -2.03 7.13
N GLU J 82 -87.70 -2.00 6.76
CA GLU J 82 -88.17 -0.83 6.04
C GLU J 82 -87.84 0.39 6.90
N ALA J 83 -87.29 1.42 6.27
CA ALA J 83 -86.86 2.61 7.01
C ALA J 83 -86.44 3.74 6.11
N ASP J 84 -86.27 4.91 6.70
CA ASP J 84 -85.65 6.03 6.03
C ASP J 84 -84.14 5.87 6.18
N TYR J 85 -83.43 5.65 5.09
CA TYR J 85 -82.00 5.43 5.19
C TYR J 85 -81.25 6.66 4.84
N TYR J 86 -80.25 6.97 5.64
CA TYR J 86 -79.48 8.16 5.41
C TYR J 86 -78.04 7.87 5.28
N CYS J 87 -77.37 8.72 4.51
CA CYS J 87 -75.94 8.66 4.36
C CYS J 87 -75.33 10.01 4.56
N GLN J 88 -74.13 10.02 5.11
CA GLN J 88 -73.41 11.27 5.24
C GLN J 88 -71.95 11.16 4.97
N SER J 89 -71.43 12.30 4.55
CA SER J 89 -70.05 12.63 4.26
C SER J 89 -70.09 14.12 4.53
N ALA J 90 -68.99 14.85 4.43
CA ALA J 90 -69.09 16.24 4.82
C ALA J 90 -68.50 17.27 3.87
N ASP J 91 -69.20 18.39 3.83
CA ASP J 91 -68.81 19.60 3.11
C ASP J 91 -67.74 19.35 2.04
N VAL J 96 -72.14 19.43 7.04
CA VAL J 96 -71.39 18.19 7.16
C VAL J 96 -72.30 16.96 7.15
N PHE J 97 -73.37 17.02 6.36
CA PHE J 97 -74.29 15.89 6.26
C PHE J 97 -74.64 15.61 4.79
N GLY J 98 -75.45 14.58 4.56
CA GLY J 98 -75.86 14.14 3.24
C GLY J 98 -77.37 14.24 3.02
N GLY J 99 -78.03 13.08 3.03
CA GLY J 99 -79.47 12.96 2.73
C GLY J 99 -79.88 11.49 2.73
N GLY J 100 -81.05 11.16 2.17
CA GLY J 100 -81.48 9.75 2.25
C GLY J 100 -82.54 9.26 1.25
N THR J 101 -82.84 7.96 1.40
CA THR J 101 -83.72 7.13 0.55
C THR J 101 -84.79 6.35 1.34
N LYS J 102 -86.02 6.26 0.82
CA LYS J 102 -87.03 5.44 1.51
C LYS J 102 -87.06 3.99 1.06
N LEU J 103 -86.83 3.07 2.00
CA LEU J 103 -86.87 1.63 1.73
C LEU J 103 -88.13 1.01 2.19
N THR J 104 -88.84 0.38 1.26
CA THR J 104 -90.04 -0.35 1.60
C THR J 104 -89.70 -1.81 1.30
N VAL J 105 -90.48 -2.75 1.84
CA VAL J 105 -90.12 -4.14 1.60
C VAL J 105 -91.30 -4.94 1.07
N GLU K 1 62.84 23.87 -2.69
CA GLU K 1 63.81 23.60 -1.64
C GLU K 1 63.18 23.58 -0.27
N VAL K 2 63.30 22.46 0.42
CA VAL K 2 62.75 22.37 1.75
C VAL K 2 63.64 22.99 2.77
N GLN K 3 63.06 23.89 3.54
CA GLN K 3 63.80 24.55 4.59
C GLN K 3 63.00 24.63 5.86
N LEU K 4 63.68 24.40 6.96
CA LEU K 4 63.10 24.53 8.27
C LEU K 4 63.94 25.56 8.99
N VAL K 5 63.34 26.65 9.43
CA VAL K 5 64.14 27.69 10.06
C VAL K 5 63.68 28.02 11.46
N GLU K 6 64.55 27.72 12.40
CA GLU K 6 64.25 27.96 13.79
C GLU K 6 64.56 29.36 14.23
N THR K 7 63.78 29.82 15.18
CA THR K 7 63.99 31.05 15.89
C THR K 7 63.73 30.90 17.36
N GLY K 8 63.87 31.99 18.08
CA GLY K 8 63.71 31.97 19.52
C GLY K 8 65.01 31.45 20.12
N GLY K 9 64.93 30.94 21.34
CA GLY K 9 66.12 30.49 22.04
C GLY K 9 66.70 31.59 22.89
N GLY K 10 67.94 31.41 23.34
CA GLY K 10 68.57 32.35 24.25
C GLY K 10 68.84 31.72 25.61
N LEU K 11 69.42 32.50 26.53
CA LEU K 11 69.73 31.98 27.85
C LEU K 11 68.60 32.36 28.78
N VAL K 12 68.15 31.38 29.54
CA VAL K 12 67.07 31.55 30.50
C VAL K 12 67.51 30.99 31.84
N GLN K 13 67.03 31.56 32.91
CA GLN K 13 67.40 31.04 34.22
C GLN K 13 66.69 29.70 34.43
N PRO K 14 67.28 28.77 35.20
CA PRO K 14 66.63 27.54 35.61
C PRO K 14 65.37 27.95 36.33
N GLY K 15 64.30 27.22 36.07
CA GLY K 15 63.00 27.51 36.68
C GLY K 15 62.17 28.45 35.82
N GLY K 16 62.77 28.99 34.75
CA GLY K 16 62.09 29.91 33.85
C GLY K 16 61.44 29.17 32.71
N SER K 17 61.14 29.91 31.64
CA SER K 17 60.48 29.33 30.47
C SER K 17 60.83 30.10 29.22
N LEU K 18 60.66 29.45 28.07
CA LEU K 18 60.81 30.12 26.79
C LEU K 18 60.08 29.37 25.71
N LYS K 19 59.92 30.02 24.57
CA LYS K 19 59.27 29.35 23.47
C LYS K 19 60.10 29.43 22.20
N LEU K 20 60.17 28.32 21.50
CA LEU K 20 60.85 28.22 20.23
C LEU K 20 59.84 28.12 19.12
N SER K 21 60.25 28.50 17.94
CA SER K 21 59.38 28.29 16.80
C SER K 21 60.19 28.00 15.57
N CYS K 22 59.54 27.39 14.61
CA CYS K 22 60.14 27.01 13.35
C CYS K 22 59.21 27.28 12.18
N ARG K 23 59.71 28.01 11.21
CA ARG K 23 58.89 28.27 10.04
C ARG K 23 59.33 27.32 8.99
N ALA K 24 58.43 26.91 8.14
CA ALA K 24 58.89 25.99 7.12
C ALA K 24 58.24 26.16 5.79
N SER K 25 58.99 25.81 4.75
CA SER K 25 58.48 25.84 3.40
C SER K 25 59.17 24.87 2.47
N GLY K 26 58.70 24.87 1.23
CA GLY K 26 59.21 23.99 0.17
C GLY K 26 58.45 22.67 0.08
N TYR K 27 57.45 22.52 0.92
CA TYR K 27 56.65 21.32 1.00
C TYR K 27 55.31 21.68 1.59
N THR K 28 54.33 20.80 1.47
CA THR K 28 53.08 21.10 2.11
C THR K 28 53.27 20.83 3.58
N PHE K 29 53.11 21.85 4.40
CA PHE K 29 53.38 21.71 5.83
C PHE K 29 52.45 20.69 6.43
N SER K 30 51.20 20.82 6.07
CA SER K 30 50.13 19.98 6.57
C SER K 30 50.23 18.51 6.15
N SER K 31 51.16 18.16 5.26
CA SER K 31 51.28 16.78 4.86
C SER K 31 52.28 15.99 5.71
N PHE K 32 53.04 16.66 6.58
CA PHE K 32 54.07 15.94 7.32
C PHE K 32 54.01 16.09 8.81
N ALA K 33 54.33 15.01 9.50
CA ALA K 33 54.50 15.01 10.94
C ALA K 33 55.81 15.69 11.25
N MET K 34 55.91 16.27 12.43
CA MET K 34 57.14 16.96 12.80
C MET K 34 57.56 16.69 14.22
N SER K 35 58.79 17.00 14.51
CA SER K 35 59.34 16.76 15.81
C SER K 35 60.43 17.73 16.20
N TRP K 36 60.73 17.72 17.49
CA TRP K 36 61.88 18.45 17.99
C TRP K 36 62.89 17.45 18.50
N VAL K 37 64.14 17.68 18.13
CA VAL K 37 65.25 16.85 18.54
C VAL K 37 66.30 17.70 19.24
N ARG K 38 66.76 17.23 20.36
CA ARG K 38 67.72 17.92 21.19
C ARG K 38 69.16 17.50 20.97
N GLN K 39 70.04 18.48 20.81
CA GLN K 39 71.46 18.23 20.70
C GLN K 39 72.21 18.84 21.86
N ALA K 40 72.40 18.07 22.90
CA ALA K 40 73.05 18.62 24.06
C ALA K 40 74.52 18.79 23.65
N PRO K 41 75.26 19.73 24.24
CA PRO K 41 76.64 20.03 23.95
C PRO K 41 77.58 18.93 24.38
N GLY K 42 77.66 17.90 23.52
CA GLY K 42 78.46 16.71 23.77
C GLY K 42 77.66 15.41 23.77
N LYS K 43 76.34 15.50 23.55
CA LYS K 43 75.52 14.29 23.50
C LYS K 43 75.05 14.03 22.08
N GLY K 44 74.94 15.08 21.29
CA GLY K 44 74.54 14.93 19.90
C GLY K 44 73.07 14.83 19.61
N LEU K 45 72.43 13.73 19.98
CA LEU K 45 71.01 13.63 19.67
C LEU K 45 70.15 12.94 20.70
N GLU K 46 69.05 13.58 21.05
CA GLU K 46 68.00 13.07 21.92
C GLU K 46 66.61 13.40 21.37
N TRP K 47 65.71 12.45 21.30
CA TRP K 47 64.39 12.82 20.80
C TRP K 47 63.61 13.52 21.91
N VAL K 48 62.89 14.60 21.59
CA VAL K 48 62.12 15.27 22.62
C VAL K 48 60.62 15.14 22.44
N SER K 49 60.14 15.53 21.26
CA SER K 49 58.70 15.48 21.05
C SER K 49 58.30 15.30 19.60
N LEU K 50 57.13 14.69 19.42
CA LEU K 50 56.53 14.41 18.11
C LEU K 50 55.09 14.85 18.01
N ILE K 51 54.76 15.52 16.93
CA ILE K 51 53.39 15.95 16.69
C ILE K 51 52.93 15.46 15.30
N ASN K 52 51.67 15.00 15.20
CA ASN K 52 51.24 14.54 13.88
C ASN K 52 50.89 15.70 12.97
N ASP K 53 50.51 15.41 11.74
CA ASP K 53 50.27 16.45 10.76
C ASP K 53 49.05 17.32 10.96
N ARG K 54 48.07 16.82 11.68
CA ARG K 54 46.88 17.60 11.93
C ARG K 54 46.98 18.38 13.23
N GLY K 55 48.08 18.18 13.95
CA GLY K 55 48.29 18.84 15.23
C GLY K 55 47.43 18.32 16.36
N GLY K 56 46.97 17.07 16.29
CA GLY K 56 46.09 16.55 17.34
C GLY K 56 46.73 15.55 18.27
N LEU K 57 47.81 14.93 17.84
CA LEU K 57 48.46 13.93 18.64
C LEU K 57 49.86 14.32 18.95
N THR K 58 50.19 14.31 20.23
CA THR K 58 51.52 14.66 20.64
C THR K 58 52.12 13.58 21.50
N PHE K 59 53.41 13.40 21.35
CA PHE K 59 54.12 12.43 22.15
C PHE K 59 55.37 13.06 22.71
N TYR K 60 55.74 12.68 23.92
CA TYR K 60 56.94 13.25 24.53
C TYR K 60 57.85 12.23 25.14
N VAL K 61 59.12 12.57 25.18
CA VAL K 61 60.08 11.79 25.93
C VAL K 61 59.72 12.03 27.37
N ASP K 62 59.80 11.01 28.22
CA ASP K 62 59.38 11.17 29.60
C ASP K 62 59.99 12.36 30.33
N SER K 63 61.24 12.68 30.06
CA SER K 63 61.93 13.75 30.77
C SER K 63 61.33 15.15 30.59
N VAL K 64 60.49 15.36 29.59
CA VAL K 64 59.89 16.67 29.38
C VAL K 64 58.38 16.55 29.42
N LYS K 65 57.89 15.36 29.73
CA LYS K 65 56.48 15.05 29.60
C LYS K 65 55.57 15.98 30.37
N GLY K 66 55.99 16.39 31.55
CA GLY K 66 55.15 17.28 32.34
C GLY K 66 55.53 18.74 32.18
N ARG K 67 56.43 19.05 31.25
CA ARG K 67 56.91 20.42 31.13
C ARG K 67 56.78 21.06 29.74
N PHE K 68 56.86 20.27 28.68
CA PHE K 68 56.89 20.86 27.34
C PHE K 68 55.61 20.68 26.55
N THR K 69 55.27 21.68 25.73
CA THR K 69 54.15 21.58 24.81
C THR K 69 54.56 21.74 23.35
N ILE K 70 54.17 20.78 22.51
CA ILE K 70 54.50 20.85 21.09
C ILE K 70 53.21 21.21 20.38
N SER K 71 53.27 22.18 19.48
CA SER K 71 52.07 22.64 18.79
C SER K 71 52.28 23.07 17.36
N ARG K 72 51.19 23.08 16.58
CA ARG K 72 51.23 23.49 15.19
C ARG K 72 50.14 24.41 14.72
N ASP K 73 50.50 25.22 13.73
CA ASP K 73 49.57 26.07 13.02
C ASP K 73 49.80 25.88 11.53
N ASN K 74 48.89 25.16 10.91
CA ASN K 74 49.09 24.79 9.53
C ASN K 74 48.73 25.91 8.56
N SER K 75 48.18 27.01 9.06
CA SER K 75 47.86 28.09 8.14
C SER K 75 49.10 28.97 8.02
N LYS K 76 49.90 28.95 9.08
CA LYS K 76 51.12 29.71 9.15
C LYS K 76 52.35 28.92 8.76
N ASN K 77 52.21 27.61 8.63
CA ASN K 77 53.31 26.72 8.33
C ASN K 77 54.35 26.84 9.42
N THR K 78 53.84 26.83 10.65
CA THR K 78 54.66 26.99 11.83
C THR K 78 54.54 25.86 12.85
N LEU K 79 55.71 25.42 13.29
CA LEU K 79 55.86 24.44 14.35
C LEU K 79 56.34 25.19 15.58
N SER K 80 55.86 24.85 16.76
CA SER K 80 56.39 25.54 17.93
C SER K 80 56.51 24.64 19.16
N LEU K 81 57.39 25.07 20.06
CA LEU K 81 57.63 24.38 21.32
C LEU K 81 57.71 25.30 22.52
N GLN K 82 56.84 25.06 23.47
CA GLN K 82 56.84 25.86 24.69
C GLN K 82 57.49 25.07 25.79
N MET K 83 58.57 25.60 26.34
CA MET K 83 59.26 24.87 27.38
C MET K 83 59.13 25.54 28.75
N HIS K 84 58.49 24.86 29.69
CA HIS K 84 58.30 25.40 31.04
C HIS K 84 59.20 24.73 32.04
N SER K 85 59.42 25.39 33.19
CA SER K 85 60.16 24.77 34.28
C SER K 85 61.47 24.19 33.80
N LEU K 86 62.26 25.05 33.19
CA LEU K 86 63.53 24.70 32.59
C LEU K 86 64.58 24.27 33.58
N ARG K 87 65.42 23.34 33.14
CA ARG K 87 66.53 22.83 33.95
C ARG K 87 67.84 23.01 33.20
N ASP K 88 68.96 22.99 33.90
CA ASP K 88 70.26 23.18 33.26
C ASP K 88 70.54 22.06 32.28
N GLY K 89 69.96 20.91 32.59
CA GLY K 89 70.06 19.71 31.79
C GLY K 89 69.39 19.85 30.42
N ASP K 90 68.63 20.92 30.21
CA ASP K 90 67.95 21.15 28.95
C ASP K 90 68.79 22.03 28.03
N THR K 91 70.03 22.36 28.42
CA THR K 91 70.86 23.15 27.52
C THR K 91 71.15 22.30 26.29
N ALA K 92 70.83 22.81 25.13
CA ALA K 92 70.98 22.09 23.88
C ALA K 92 70.64 22.91 22.68
N VAL K 93 71.00 22.43 21.52
CA VAL K 93 70.45 22.99 20.31
C VAL K 93 69.15 22.22 20.00
N TYR K 94 68.09 22.94 19.74
CA TYR K 94 66.82 22.30 19.44
C TYR K 94 66.48 22.41 17.99
N TYR K 95 66.42 21.25 17.34
CA TYR K 95 66.18 21.17 15.93
C TYR K 95 64.77 20.89 15.55
N CYS K 96 64.34 21.60 14.54
CA CYS K 96 63.06 21.43 13.90
C CYS K 96 63.27 20.32 12.90
N ALA K 97 62.42 19.31 12.87
CA ALA K 97 62.60 18.28 11.89
C ALA K 97 61.28 17.73 11.37
N THR K 98 61.31 17.24 10.14
CA THR K 98 60.11 16.61 9.58
C THR K 98 60.36 15.13 9.49
N GLY K 99 59.36 14.38 9.90
CA GLY K 99 59.43 12.93 9.88
C GLY K 99 58.80 12.30 11.10
N GLY K 100 59.10 11.03 11.30
CA GLY K 100 58.51 10.26 12.36
C GLY K 100 57.22 9.57 11.89
N MET K 101 56.17 9.71 12.66
CA MET K 101 54.91 9.04 12.37
C MET K 101 54.24 9.60 11.14
N SER K 102 53.28 8.87 10.61
CA SER K 102 52.53 9.43 9.49
C SER K 102 51.04 9.20 9.65
N SER K 103 50.32 9.48 8.57
CA SER K 103 48.86 9.48 8.44
C SER K 103 48.17 8.13 8.41
N ALA K 104 48.94 7.08 8.31
CA ALA K 104 48.47 5.69 8.20
C ALA K 104 47.91 5.36 6.83
N LEU K 105 47.90 6.32 5.93
CA LEU K 105 47.49 6.08 4.58
C LEU K 105 48.67 6.26 3.66
N GLN K 106 49.77 6.73 4.24
CA GLN K 106 50.92 7.15 3.45
C GLN K 106 52.30 6.72 3.89
N SER K 107 52.57 5.43 3.85
CA SER K 107 53.91 4.90 4.08
C SER K 107 54.66 5.44 5.29
N SER K 108 54.18 5.11 6.49
CA SER K 108 54.80 5.63 7.69
C SER K 108 56.31 5.45 7.64
N LYS K 109 56.99 6.51 8.03
CA LYS K 109 58.43 6.60 7.97
C LYS K 109 59.24 6.17 9.17
N TYR K 110 58.94 6.73 10.32
CA TYR K 110 59.69 6.46 11.54
C TYR K 110 61.17 6.90 11.46
N TYR K 111 61.44 7.92 10.66
CA TYR K 111 62.77 8.51 10.55
C TYR K 111 62.61 9.97 10.21
N PHE K 112 63.67 10.76 10.35
CA PHE K 112 63.55 12.18 10.04
C PHE K 112 64.21 12.48 8.70
N ASP K 113 63.46 13.14 7.78
CA ASP K 113 63.95 13.49 6.44
C ASP K 113 64.64 14.83 6.38
N PHE K 114 64.11 15.81 7.12
CA PHE K 114 64.67 17.15 7.05
C PHE K 114 64.94 17.71 8.39
N TRP K 115 65.98 18.50 8.46
CA TRP K 115 66.37 19.16 9.67
C TRP K 115 66.58 20.64 9.43
N GLY K 116 66.29 21.43 10.44
CA GLY K 116 66.58 22.85 10.41
C GLY K 116 67.97 22.98 10.99
N GLN K 117 68.39 24.17 11.41
CA GLN K 117 69.76 24.25 11.93
C GLN K 117 69.75 24.25 13.45
N GLY K 118 68.62 24.60 14.00
CA GLY K 118 68.37 24.57 15.42
C GLY K 118 68.59 25.85 16.20
N ALA K 119 67.77 26.02 17.24
CA ALA K 119 67.88 27.18 18.11
C ALA K 119 68.75 26.80 19.27
N LEU K 120 69.55 27.71 19.78
CA LEU K 120 70.35 27.37 20.95
C LEU K 120 69.72 27.85 22.23
N VAL K 121 69.47 26.92 23.11
CA VAL K 121 68.85 27.18 24.37
C VAL K 121 69.79 26.86 25.50
N THR K 122 70.02 27.85 26.36
CA THR K 122 70.92 27.67 27.49
C THR K 122 70.18 27.91 28.79
N VAL K 123 70.36 27.01 29.74
CA VAL K 123 69.67 27.17 31.01
C VAL K 123 70.63 27.02 32.17
N ALA L 1 70.05 3.95 25.47
CA ALA L 1 70.52 4.40 24.16
C ALA L 1 71.06 3.25 23.37
N LEU L 2 71.29 3.50 22.08
CA LEU L 2 71.90 2.48 21.22
C LEU L 2 73.40 2.75 21.29
N THR L 3 74.25 1.76 21.06
CA THR L 3 75.67 2.07 21.13
C THR L 3 76.42 1.98 19.82
N GLN L 4 77.06 3.09 19.46
CA GLN L 4 77.91 3.16 18.30
C GLN L 4 79.26 3.52 18.90
N PRO L 5 80.14 2.58 19.16
CA PRO L 5 81.32 2.88 19.91
C PRO L 5 82.28 3.73 19.09
N PRO L 6 83.11 4.56 19.73
CA PRO L 6 84.21 5.26 19.12
C PRO L 6 85.24 4.18 18.85
N SER L 7 86.00 4.24 17.75
CA SER L 7 85.96 5.22 16.68
C SER L 7 86.25 4.42 15.44
N VAL L 8 85.99 5.01 14.30
CA VAL L 8 86.18 4.34 13.04
C VAL L 8 87.07 5.15 12.14
N SER L 9 87.96 4.49 11.42
CA SER L 9 88.83 5.22 10.55
C SER L 9 89.37 4.40 9.40
N GLY L 10 89.95 5.10 8.44
CA GLY L 10 90.61 4.46 7.32
C GLY L 10 91.18 5.47 6.36
N SER L 11 91.95 5.00 5.41
CA SER L 11 92.55 5.86 4.41
C SER L 11 91.53 6.16 3.33
N PRO L 12 91.68 7.23 2.56
CA PRO L 12 90.79 7.51 1.47
C PRO L 12 90.78 6.32 0.55
N GLY L 13 89.60 5.94 0.11
CA GLY L 13 89.40 4.83 -0.79
C GLY L 13 89.14 3.50 -0.10
N GLN L 14 89.33 3.42 1.21
CA GLN L 14 89.09 2.18 1.92
C GLN L 14 87.66 2.12 2.38
N SER L 15 87.10 0.93 2.55
CA SER L 15 85.76 0.88 3.09
C SER L 15 85.85 0.84 4.61
N VAL L 16 84.81 1.34 5.25
CA VAL L 16 84.71 1.28 6.71
C VAL L 16 83.32 0.85 7.17
N THR L 17 83.24 0.31 8.37
CA THR L 17 81.94 -0.03 8.92
C THR L 17 81.71 0.64 10.26
N ILE L 18 80.55 1.26 10.40
CA ILE L 18 80.17 1.90 11.63
C ILE L 18 79.05 1.08 12.26
N SER L 19 79.27 0.60 13.47
CA SER L 19 78.25 -0.25 14.09
C SER L 19 77.27 0.55 14.95
N CYS L 20 76.15 -0.10 15.27
CA CYS L 20 75.10 0.39 16.16
C CYS L 20 74.38 -0.76 16.85
N THR L 21 74.71 -0.99 18.11
CA THR L 21 74.15 -2.13 18.82
C THR L 21 72.99 -1.74 19.71
N GLY L 22 71.89 -2.45 19.58
CA GLY L 22 70.70 -2.19 20.36
C GLY L 22 70.56 -3.17 21.48
N THR L 23 69.34 -3.52 21.82
CA THR L 23 69.16 -4.41 22.96
C THR L 23 68.47 -5.70 22.57
N SER L 24 67.16 -5.69 22.62
CA SER L 24 66.39 -6.87 22.35
C SER L 24 65.22 -6.54 21.47
N SER L 25 64.25 -5.87 22.04
CA SER L 25 63.06 -5.51 21.31
C SER L 25 63.18 -4.29 20.41
N ASP L 26 64.15 -3.39 20.62
CA ASP L 26 64.10 -2.18 19.81
C ASP L 26 64.54 -2.39 18.37
N ILE L 27 65.78 -2.77 18.13
CA ILE L 27 66.12 -2.87 16.73
C ILE L 27 65.99 -4.30 16.32
N GLY L 28 65.79 -5.15 17.30
CA GLY L 28 65.50 -6.54 17.05
C GLY L 28 64.13 -6.66 16.35
N SER L 29 63.09 -6.01 16.91
CA SER L 29 61.76 -6.13 16.32
C SER L 29 61.39 -5.09 15.30
N TYR L 30 62.01 -3.91 15.31
CA TYR L 30 61.57 -2.90 14.39
C TYR L 30 62.57 -2.57 13.31
N ASN L 31 62.18 -2.72 12.05
CA ASN L 31 63.07 -2.41 10.94
C ASN L 31 62.99 -0.96 10.58
N TYR L 32 63.27 -0.13 11.54
CA TYR L 32 63.25 1.31 11.36
C TYR L 32 64.48 1.88 11.98
N VAL L 33 65.62 1.62 11.38
CA VAL L 33 66.87 2.08 11.94
C VAL L 33 67.49 3.01 10.95
N SER L 34 67.72 4.22 11.35
CA SER L 34 68.27 5.18 10.43
C SER L 34 69.63 5.60 10.81
N TRP L 35 70.36 6.11 9.83
CA TRP L 35 71.67 6.65 10.04
C TRP L 35 71.78 8.05 9.52
N TYR L 36 72.48 8.88 10.29
CA TYR L 36 72.71 10.27 9.95
C TYR L 36 74.19 10.66 9.94
N GLN L 37 74.54 11.58 9.05
CA GLN L 37 75.89 12.13 8.94
C GLN L 37 75.90 13.52 9.57
N GLN L 38 76.63 13.66 10.67
CA GLN L 38 76.66 14.89 11.44
C GLN L 38 77.93 15.71 11.31
N HIS L 39 77.82 16.84 10.66
CA HIS L 39 78.98 17.69 10.47
C HIS L 39 79.16 18.57 11.71
N PRO L 40 80.38 18.99 12.02
CA PRO L 40 80.73 19.75 13.20
C PRO L 40 80.25 21.18 13.20
N GLY L 41 78.97 21.33 13.50
CA GLY L 41 78.30 22.63 13.54
C GLY L 41 77.16 22.77 12.54
N LYS L 42 76.84 21.70 11.83
CA LYS L 42 75.75 21.73 10.86
C LYS L 42 74.66 20.74 11.25
N ALA L 43 73.44 20.94 10.79
CA ALA L 43 72.40 19.95 11.04
C ALA L 43 72.78 18.64 10.36
N PRO L 44 72.40 17.47 10.91
CA PRO L 44 72.68 16.16 10.35
C PRO L 44 71.91 15.88 9.07
N LYS L 45 72.53 15.08 8.21
CA LYS L 45 71.92 14.62 6.98
C LYS L 45 71.51 13.16 7.07
N LEU L 46 70.34 12.84 6.54
CA LEU L 46 69.91 11.44 6.53
C LEU L 46 70.64 10.64 5.47
N MET L 47 71.17 9.49 5.87
CA MET L 47 71.86 8.61 4.94
C MET L 47 71.08 7.36 4.69
N ILE L 48 70.71 6.67 5.75
CA ILE L 48 70.04 5.38 5.67
C ILE L 48 68.76 5.38 6.48
N TYR L 49 67.74 4.69 6.00
CA TYR L 49 66.50 4.52 6.74
C TYR L 49 65.92 3.12 6.52
N ASP L 50 64.98 2.74 7.37
CA ASP L 50 64.45 1.38 7.36
C ASP L 50 65.68 0.56 7.73
N VAL L 51 66.19 -0.23 6.82
CA VAL L 51 67.40 -0.96 7.15
C VAL L 51 68.45 -0.66 6.09
N THR L 52 68.04 -0.81 4.84
CA THR L 52 68.89 -0.69 3.68
C THR L 52 68.56 0.48 2.72
N GLN L 53 67.63 1.37 3.05
CA GLN L 53 67.25 2.39 2.07
C GLN L 53 68.00 3.66 2.24
N ARG L 54 68.14 4.42 1.16
CA ARG L 54 68.74 5.73 1.30
C ARG L 54 67.93 6.70 0.48
N PRO L 55 67.81 7.97 0.89
CA PRO L 55 67.09 9.01 0.20
C PRO L 55 67.84 9.50 -0.99
N SER L 56 67.12 10.12 -1.90
CA SER L 56 67.75 10.74 -3.03
C SER L 56 68.68 11.79 -2.49
N GLY L 57 69.82 11.95 -3.13
CA GLY L 57 70.83 12.91 -2.68
C GLY L 57 71.96 12.17 -1.97
N VAL L 58 71.74 10.90 -1.65
CA VAL L 58 72.77 10.11 -1.01
C VAL L 58 73.33 9.15 -2.02
N SER L 59 74.65 9.20 -2.16
CA SER L 59 75.39 8.41 -3.09
C SER L 59 75.52 6.97 -2.67
N ASP L 60 75.98 6.16 -3.61
CA ASP L 60 76.17 4.72 -3.53
C ASP L 60 77.16 4.32 -2.47
N ARG L 61 77.94 5.27 -1.99
CA ARG L 61 78.92 4.97 -0.98
C ARG L 61 78.25 4.45 0.27
N PHE L 62 77.05 4.94 0.57
CA PHE L 62 76.41 4.58 1.81
C PHE L 62 75.37 3.49 1.63
N SER L 63 75.57 2.42 2.37
CA SER L 63 74.68 1.26 2.34
C SER L 63 74.67 0.69 3.74
N GLY L 64 73.86 -0.32 3.99
CA GLY L 64 73.87 -0.83 5.35
C GLY L 64 73.02 -2.08 5.50
N SER L 65 73.00 -2.59 6.71
CA SER L 65 72.28 -3.82 7.03
C SER L 65 72.01 -3.96 8.51
N LYS L 66 71.19 -4.96 8.84
CA LYS L 66 70.89 -5.28 10.23
C LYS L 66 70.79 -6.78 10.41
N SER L 67 71.28 -7.26 11.55
CA SER L 67 71.17 -8.67 11.92
C SER L 67 71.07 -8.81 13.42
N GLY L 68 70.21 -9.70 13.91
CA GLY L 68 70.11 -9.84 15.35
C GLY L 68 69.61 -8.53 15.92
N ASN L 69 70.35 -7.99 16.88
CA ASN L 69 70.02 -6.73 17.52
C ASN L 69 71.06 -5.68 17.21
N THR L 70 71.81 -5.89 16.13
CA THR L 70 72.85 -4.95 15.76
C THR L 70 72.74 -4.48 14.32
N ALA L 71 72.87 -3.18 14.14
CA ALA L 71 72.82 -2.55 12.83
C ALA L 71 74.17 -1.97 12.46
N SER L 72 74.39 -1.79 11.18
CA SER L 72 75.62 -1.13 10.76
C SER L 72 75.48 -0.33 9.48
N LEU L 73 76.34 0.66 9.38
CA LEU L 73 76.47 1.50 8.21
C LEU L 73 77.77 1.21 7.52
N THR L 74 77.70 1.00 6.22
CA THR L 74 78.88 0.71 5.45
C THR L 74 79.20 1.81 4.48
N ILE L 75 80.46 2.24 4.49
CA ILE L 75 80.91 3.20 3.51
C ILE L 75 81.82 2.43 2.58
N SER L 76 81.45 2.34 1.31
CA SER L 76 82.10 1.48 0.29
C SER L 76 83.49 1.90 -0.18
N GLY L 77 83.89 3.10 0.14
CA GLY L 77 85.17 3.66 -0.27
C GLY L 77 85.17 5.11 0.14
N LEU L 78 85.73 5.29 1.31
CA LEU L 78 85.77 6.47 2.13
C LEU L 78 86.40 7.69 1.52
N GLN L 79 85.69 8.81 1.63
CA GLN L 79 86.20 10.06 1.14
C GLN L 79 86.61 10.92 2.31
N ALA L 80 87.48 11.90 2.09
CA ALA L 80 87.85 12.84 3.16
C ALA L 80 86.64 13.67 3.57
N ASP L 81 85.67 13.74 2.68
CA ASP L 81 84.48 14.51 2.86
C ASP L 81 83.52 13.82 3.82
N ASP L 82 83.85 12.60 4.23
CA ASP L 82 83.01 11.84 5.11
C ASP L 82 83.43 12.01 6.58
N GLU L 83 84.38 12.93 6.86
CA GLU L 83 84.74 13.12 8.27
C GLU L 83 83.67 13.88 9.00
N ALA L 84 82.80 13.08 9.57
CA ALA L 84 81.59 13.46 10.26
C ALA L 84 81.32 12.48 11.38
N ASP L 85 80.50 12.89 12.32
CA ASP L 85 80.07 11.95 13.33
C ASP L 85 78.92 11.16 12.75
N TYR L 86 78.82 9.90 13.08
CA TYR L 86 77.67 9.17 12.61
C TYR L 86 76.80 8.79 13.74
N TYR L 87 75.53 8.89 13.46
CA TYR L 87 74.52 8.54 14.42
C TYR L 87 73.54 7.56 13.87
N CYS L 88 73.16 6.63 14.70
CA CYS L 88 72.12 5.70 14.35
C CYS L 88 70.96 6.00 15.25
N SER L 89 69.77 5.70 14.80
CA SER L 89 68.61 5.86 15.64
C SER L 89 67.56 4.87 15.26
N ALA L 90 66.64 4.57 16.17
CA ALA L 90 65.62 3.64 15.78
C ALA L 90 64.30 3.81 16.50
N TYR L 91 63.26 3.31 15.85
CA TYR L 91 61.93 3.32 16.44
C TYR L 91 61.88 2.44 17.68
N ALA L 92 61.22 2.96 18.71
CA ALA L 92 61.13 2.32 20.01
C ALA L 92 59.75 1.88 20.50
N GLY L 93 58.94 1.35 19.60
CA GLY L 93 57.67 0.68 19.97
C GLY L 93 56.55 1.52 20.54
N ARG L 94 56.51 2.80 20.20
CA ARG L 94 55.51 3.74 20.70
C ARG L 94 55.63 3.92 22.22
N GLN L 95 56.78 3.54 22.80
CA GLN L 95 56.95 3.77 24.22
C GLN L 95 57.85 4.96 24.40
N THR L 96 58.99 4.95 23.72
CA THR L 96 59.90 6.07 23.83
C THR L 96 60.05 6.72 22.48
N PHE L 97 59.36 6.15 21.51
CA PHE L 97 59.35 6.57 20.13
C PHE L 97 60.64 6.46 19.39
N TYR L 98 61.65 7.22 19.76
CA TYR L 98 62.91 7.07 19.06
C TYR L 98 64.07 7.08 19.99
N ILE L 99 64.99 6.18 19.73
CA ILE L 99 66.19 6.11 20.50
C ILE L 99 67.36 6.43 19.66
N PHE L 100 68.15 7.40 20.08
CA PHE L 100 69.34 7.72 19.36
C PHE L 100 70.48 6.96 19.98
N GLY L 101 71.43 6.55 19.19
CA GLY L 101 72.60 5.94 19.75
C GLY L 101 73.61 6.97 20.14
N GLY L 102 74.54 6.59 20.99
CA GLY L 102 75.62 7.51 21.24
C GLY L 102 76.30 7.47 19.89
N GLY L 103 76.78 8.59 19.38
CA GLY L 103 77.37 8.54 18.05
C GLY L 103 78.83 8.19 18.09
N THR L 104 79.42 8.10 16.90
CA THR L 104 80.83 7.77 16.79
C THR L 104 81.51 8.56 15.69
N ARG L 105 82.78 8.87 15.89
CA ARG L 105 83.53 9.67 14.94
C ARG L 105 84.32 8.92 13.90
N LEU L 106 84.15 9.34 12.62
CA LEU L 106 84.91 8.80 11.50
C LEU L 106 86.05 9.71 11.05
N THR L 107 87.26 9.16 11.07
CA THR L 107 88.49 9.87 10.65
C THR L 107 89.06 9.21 9.40
N VAL L 108 89.41 10.02 8.40
CA VAL L 108 89.88 9.45 7.15
C VAL L 108 91.41 9.39 7.09
N ASN M 3 27.50 -19.59 40.15
CA ASN M 3 28.66 -18.88 39.65
C ASN M 3 28.67 -18.81 38.15
N LEU M 4 27.51 -18.99 37.57
CA LEU M 4 27.32 -18.90 36.12
C LEU M 4 26.62 -17.59 35.84
N TRP M 5 26.86 -17.06 34.66
CA TRP M 5 26.32 -15.77 34.28
C TRP M 5 25.47 -15.84 33.04
N VAL M 6 24.51 -14.94 32.95
CA VAL M 6 23.65 -14.92 31.77
C VAL M 6 24.39 -14.31 30.61
N THR M 7 24.43 -15.00 29.49
CA THR M 7 25.02 -14.40 28.31
C THR M 7 23.95 -14.34 27.28
N VAL M 8 24.17 -13.50 26.29
CA VAL M 8 23.19 -13.28 25.27
C VAL M 8 23.71 -13.66 23.90
N TYR M 9 22.93 -14.47 23.21
CA TYR M 9 23.28 -14.91 21.88
C TYR M 9 22.27 -14.46 20.85
N TYR M 10 22.75 -13.79 19.82
CA TYR M 10 21.88 -13.34 18.75
C TYR M 10 22.26 -14.07 17.50
N GLY M 11 21.27 -14.62 16.80
CA GLY M 11 21.57 -15.44 15.63
C GLY M 11 21.36 -16.91 15.99
N VAL M 12 20.68 -17.15 17.08
CA VAL M 12 20.39 -18.48 17.56
C VAL M 12 19.41 -19.22 16.64
N PRO M 13 19.71 -20.43 16.15
CA PRO M 13 18.89 -21.16 15.19
C PRO M 13 17.64 -21.80 15.74
N VAL M 14 16.71 -20.97 16.18
CA VAL M 14 15.43 -21.43 16.69
C VAL M 14 14.28 -20.75 16.01
N TRP M 15 13.12 -21.34 16.13
CA TRP M 15 11.94 -20.80 15.53
C TRP M 15 10.67 -21.16 16.26
N LYS M 16 9.61 -20.45 15.92
CA LYS M 16 8.29 -20.71 16.45
C LYS M 16 7.30 -20.76 15.31
N ASP M 17 6.24 -21.53 15.45
CA ASP M 17 5.25 -21.61 14.39
C ASP M 17 4.63 -20.25 14.14
N ALA M 18 4.38 -19.91 12.88
CA ALA M 18 3.77 -18.62 12.65
C ALA M 18 2.94 -18.58 11.38
N GLU M 19 1.95 -17.71 11.39
CA GLU M 19 1.12 -17.55 10.21
C GLU M 19 1.38 -16.23 9.55
N THR M 20 2.10 -16.25 8.43
CA THR M 20 2.42 -15.01 7.77
C THR M 20 2.08 -15.07 6.31
N THR M 21 2.33 -13.97 5.65
CA THR M 21 2.11 -13.82 4.24
C THR M 21 3.29 -14.34 3.45
N LEU M 22 3.03 -15.21 2.51
CA LEU M 22 4.09 -15.71 1.65
C LEU M 22 4.03 -14.96 0.36
N PHE M 23 5.15 -14.85 -0.33
CA PHE M 23 5.07 -14.18 -1.59
C PHE M 23 5.03 -15.21 -2.66
N CYS M 24 4.48 -14.82 -3.78
CA CYS M 24 4.36 -15.73 -4.90
C CYS M 24 5.49 -15.48 -5.87
N ALA M 25 6.14 -16.55 -6.26
CA ALA M 25 7.23 -16.53 -7.21
C ALA M 25 6.85 -17.32 -8.46
N SER M 26 7.36 -16.92 -9.60
CA SER M 26 6.92 -17.50 -10.87
C SER M 26 7.99 -17.80 -11.91
N ASP M 27 7.52 -18.33 -13.02
CA ASP M 27 8.33 -18.67 -14.18
C ASP M 27 7.47 -18.49 -15.42
N ALA M 28 8.06 -18.72 -16.59
CA ALA M 28 7.45 -18.64 -17.93
C ALA M 28 8.17 -17.58 -18.76
N HIS M 36 -2.26 -15.02 -24.22
CA HIS M 36 -1.93 -14.62 -22.85
C HIS M 36 -2.41 -15.70 -21.88
N ASN M 37 -2.21 -15.53 -20.58
CA ASN M 37 -2.53 -16.57 -19.59
C ASN M 37 -3.04 -15.96 -18.32
N VAL M 38 -4.10 -16.54 -17.78
CA VAL M 38 -4.73 -16.01 -16.60
C VAL M 38 -3.78 -15.89 -15.40
N TRP M 39 -2.76 -16.75 -15.31
CA TRP M 39 -1.84 -16.66 -14.17
C TRP M 39 -0.60 -15.82 -14.41
N ALA M 40 -0.47 -15.23 -15.59
CA ALA M 40 0.67 -14.39 -15.88
C ALA M 40 0.36 -12.97 -15.42
N THR M 41 0.27 -12.79 -14.11
CA THR M 41 -0.15 -11.50 -13.57
C THR M 41 0.97 -10.57 -13.22
N HIS M 42 2.16 -11.12 -13.10
CA HIS M 42 3.37 -10.42 -12.69
C HIS M 42 3.30 -9.92 -11.25
N ALA M 43 2.27 -10.38 -10.52
CA ALA M 43 2.17 -10.12 -9.10
C ALA M 43 3.02 -11.16 -8.42
N CYS M 44 3.15 -12.27 -9.14
CA CYS M 44 3.88 -13.42 -8.73
C CYS M 44 5.21 -13.26 -9.46
N VAL M 45 6.25 -13.04 -8.67
CA VAL M 45 7.57 -12.59 -9.11
C VAL M 45 8.44 -13.62 -9.82
N PRO M 46 8.88 -13.37 -11.06
CA PRO M 46 9.73 -14.29 -11.80
C PRO M 46 10.92 -14.59 -10.94
N THR M 47 11.22 -15.86 -10.78
CA THR M 47 12.30 -16.26 -9.93
C THR M 47 13.21 -17.28 -10.52
N ASP M 48 14.18 -17.63 -9.71
CA ASP M 48 15.11 -18.70 -9.94
C ASP M 48 14.57 -19.89 -9.15
N PRO M 49 14.04 -20.95 -9.79
CA PRO M 49 13.49 -22.12 -9.17
C PRO M 49 14.50 -22.89 -8.31
N ASN M 50 15.82 -22.60 -8.48
CA ASN M 50 16.88 -23.28 -7.73
C ASN M 50 16.39 -23.69 -6.34
N PRO M 51 16.13 -24.98 -6.12
CA PRO M 51 15.59 -25.55 -4.90
C PRO M 51 16.65 -25.68 -3.85
N GLN M 52 17.15 -24.57 -3.37
CA GLN M 52 18.18 -24.70 -2.37
C GLN M 52 17.52 -25.31 -1.15
N GLU M 53 18.18 -26.29 -0.55
CA GLU M 53 17.63 -26.99 0.59
C GLU M 53 18.66 -27.36 1.63
N ILE M 54 18.36 -27.08 2.89
CA ILE M 54 19.26 -27.46 3.96
C ILE M 54 18.68 -28.55 4.83
N HIS M 55 19.31 -29.70 4.84
CA HIS M 55 18.77 -30.80 5.63
C HIS M 55 19.02 -30.55 7.10
N LEU M 56 18.04 -30.79 7.97
CA LEU M 56 18.27 -30.60 9.38
C LEU M 56 18.53 -31.99 9.95
N GLU M 57 19.80 -32.31 10.12
CA GLU M 57 20.18 -33.69 10.40
C GLU M 57 19.59 -34.32 11.64
N ASN M 58 19.48 -33.57 12.72
CA ASN M 58 18.97 -34.16 13.95
C ASN M 58 17.73 -33.43 14.45
N VAL M 59 16.90 -32.93 13.54
CA VAL M 59 15.71 -32.22 13.98
C VAL M 59 14.44 -32.95 13.67
N THR M 60 13.59 -33.09 14.65
CA THR M 60 12.28 -33.67 14.41
C THR M 60 11.27 -32.67 14.86
N GLU M 61 10.31 -32.37 14.01
CA GLU M 61 9.28 -31.42 14.33
C GLU M 61 7.94 -31.84 13.76
N GLU M 62 6.87 -31.59 14.51
CA GLU M 62 5.54 -31.94 14.03
C GLU M 62 4.91 -30.95 13.07
N PHE M 63 4.14 -31.55 12.19
CA PHE M 63 3.35 -30.91 11.16
C PHE M 63 1.87 -31.16 11.36
N ASN M 64 1.04 -30.28 10.85
CA ASN M 64 -0.39 -30.52 10.85
C ASN M 64 -1.01 -29.90 9.62
N MET M 65 -1.21 -30.71 8.59
CA MET M 65 -1.68 -30.21 7.30
C MET M 65 -3.09 -29.67 7.35
N TRP M 66 -3.84 -29.95 8.39
CA TRP M 66 -5.22 -29.53 8.43
C TRP M 66 -5.36 -28.15 9.03
N LYS M 67 -4.26 -27.60 9.53
CA LYS M 67 -4.28 -26.30 10.18
C LYS M 67 -3.25 -25.42 9.48
N ASN M 68 -2.96 -25.75 8.25
CA ASN M 68 -1.93 -25.08 7.50
C ASN M 68 -2.43 -23.81 6.81
N ASN M 69 -1.96 -22.66 7.26
CA ASN M 69 -2.44 -21.40 6.72
C ASN M 69 -1.93 -21.13 5.33
N MET M 70 -1.00 -21.96 4.84
CA MET M 70 -0.50 -21.79 3.50
C MET M 70 -1.61 -22.17 2.55
N VAL M 71 -2.50 -23.06 3.00
CA VAL M 71 -3.58 -23.54 2.21
C VAL M 71 -4.59 -22.44 2.13
N GLU M 72 -4.82 -21.80 3.26
CA GLU M 72 -5.77 -20.73 3.23
C GLU M 72 -5.27 -19.59 2.36
N GLN M 73 -3.96 -19.32 2.40
CA GLN M 73 -3.49 -18.27 1.54
C GLN M 73 -3.61 -18.66 0.09
N MET M 74 -3.27 -19.89 -0.27
CA MET M 74 -3.34 -20.25 -1.66
C MET M 74 -4.75 -20.14 -2.17
N HIS M 75 -5.72 -20.54 -1.36
CA HIS M 75 -7.10 -20.47 -1.74
C HIS M 75 -7.49 -19.05 -2.07
N GLU M 76 -7.14 -18.12 -1.18
CA GLU M 76 -7.51 -16.75 -1.43
C GLU M 76 -6.73 -16.15 -2.59
N ASP M 77 -5.46 -16.51 -2.77
CA ASP M 77 -4.72 -15.93 -3.87
C ASP M 77 -5.28 -16.36 -5.19
N ILE M 78 -5.70 -17.62 -5.29
CA ILE M 78 -6.24 -18.07 -6.56
C ILE M 78 -7.57 -17.43 -6.86
N ILE M 79 -8.45 -17.34 -5.89
CA ILE M 79 -9.72 -16.73 -6.18
C ILE M 79 -9.53 -15.28 -6.53
N SER M 80 -8.70 -14.56 -5.78
CA SER M 80 -8.47 -13.17 -6.06
C SER M 80 -7.92 -12.99 -7.46
N LEU M 81 -6.95 -13.82 -7.85
CA LEU M 81 -6.38 -13.73 -9.17
C LEU M 81 -7.41 -13.94 -10.24
N TRP M 82 -8.21 -14.96 -10.08
CA TRP M 82 -9.19 -15.29 -11.08
C TRP M 82 -10.12 -14.11 -11.29
N ASP M 83 -10.59 -13.55 -10.19
CA ASP M 83 -11.52 -12.45 -10.24
C ASP M 83 -10.89 -11.23 -10.90
N GLN M 84 -9.62 -10.95 -10.61
CA GLN M 84 -8.99 -9.81 -11.23
C GLN M 84 -8.82 -9.99 -12.72
N SER M 85 -8.56 -11.22 -13.16
CA SER M 85 -8.41 -11.43 -14.58
C SER M 85 -9.71 -11.20 -15.33
N LEU M 86 -10.85 -11.56 -14.73
CA LEU M 86 -12.15 -11.33 -15.38
C LEU M 86 -12.63 -9.89 -15.28
N LYS M 87 -12.20 -9.17 -14.25
CA LYS M 87 -12.64 -7.80 -14.01
C LYS M 87 -12.82 -6.88 -15.23
N PRO M 88 -11.87 -6.72 -16.17
CA PRO M 88 -11.97 -5.80 -17.29
C PRO M 88 -12.70 -6.33 -18.53
N CYS M 89 -13.27 -7.53 -18.46
CA CYS M 89 -13.84 -8.14 -19.64
C CYS M 89 -15.33 -7.83 -19.81
N VAL M 90 -15.86 -8.13 -21.00
CA VAL M 90 -17.24 -7.79 -21.37
C VAL M 90 -18.31 -8.40 -20.51
N LYS M 91 -19.26 -7.58 -20.09
CA LYS M 91 -20.36 -8.08 -19.27
C LYS M 91 -21.50 -8.40 -20.20
N LEU M 92 -21.97 -9.63 -20.18
CA LEU M 92 -23.01 -10.06 -21.08
C LEU M 92 -24.37 -9.84 -20.48
N THR M 93 -24.61 -8.62 -20.07
CA THR M 93 -25.88 -8.27 -19.50
C THR M 93 -26.99 -8.52 -20.50
N PRO M 94 -26.86 -8.10 -21.78
CA PRO M 94 -27.84 -8.25 -22.81
C PRO M 94 -28.24 -9.67 -23.13
N LEU M 95 -27.47 -10.67 -22.69
CA LEU M 95 -27.84 -12.03 -23.01
C LEU M 95 -28.89 -12.57 -22.06
N CYS M 96 -29.13 -11.91 -20.93
CA CYS M 96 -30.15 -12.43 -20.04
C CYS M 96 -31.50 -11.84 -20.45
N VAL M 97 -31.98 -12.39 -21.56
CA VAL M 97 -33.17 -11.98 -22.27
C VAL M 97 -33.98 -13.22 -22.62
N THR M 98 -35.29 -13.09 -22.75
CA THR M 98 -36.05 -14.26 -23.14
C THR M 98 -35.51 -14.78 -24.44
N LEU M 99 -35.20 -16.06 -24.46
CA LEU M 99 -34.60 -16.75 -25.56
C LEU M 99 -35.56 -17.76 -26.20
N GLN M 100 -35.62 -17.83 -27.53
CA GLN M 100 -36.52 -18.79 -28.19
C GLN M 100 -35.77 -20.00 -28.73
N CYS M 101 -36.13 -21.23 -28.31
CA CYS M 101 -35.30 -22.34 -28.77
C CYS M 101 -36.03 -23.57 -29.28
N THR M 102 -35.30 -24.26 -30.15
CA THR M 102 -35.59 -25.59 -30.68
C THR M 102 -34.37 -26.48 -30.55
N ASN M 103 -34.49 -27.74 -30.89
CA ASN M 103 -33.32 -28.61 -30.81
C ASN M 103 -32.43 -28.46 -32.02
N TYR M 104 -31.11 -28.49 -31.81
CA TYR M 104 -30.16 -28.36 -32.90
C TYR M 104 -30.24 -29.45 -33.94
N ALA M 105 -30.30 -30.68 -33.50
CA ALA M 105 -30.37 -31.80 -34.42
C ALA M 105 -31.42 -32.75 -33.94
N PRO M 106 -32.72 -32.47 -34.13
CA PRO M 106 -33.81 -33.29 -33.65
C PRO M 106 -33.67 -34.71 -34.15
N LYS M 107 -33.11 -34.83 -35.34
CA LYS M 107 -32.92 -36.10 -35.98
C LYS M 107 -31.60 -36.74 -35.57
N LEU M 108 -31.59 -37.15 -34.33
CA LEU M 108 -30.44 -37.75 -33.70
C LEU M 108 -30.95 -38.73 -32.67
N ARG M 109 -30.45 -39.96 -32.68
CA ARG M 109 -30.92 -40.96 -31.72
C ARG M 109 -29.90 -41.33 -30.65
N SER M 110 -28.78 -40.65 -30.66
CA SER M 110 -27.66 -40.88 -29.75
C SER M 110 -27.87 -40.20 -28.42
N MET M 111 -26.90 -40.39 -27.53
CA MET M 111 -26.90 -39.76 -26.21
C MET M 111 -26.99 -38.24 -26.24
N MET M 112 -26.62 -37.63 -27.36
CA MET M 112 -26.65 -36.17 -27.48
C MET M 112 -27.95 -35.62 -27.98
N ARG M 113 -28.93 -36.47 -28.24
CA ARG M 113 -30.14 -35.90 -28.75
C ARG M 113 -30.73 -35.04 -27.68
N GLY M 114 -31.11 -33.83 -28.04
CA GLY M 114 -31.75 -32.90 -27.14
C GLY M 114 -30.76 -32.12 -26.29
N GLU M 115 -29.47 -32.44 -26.39
CA GLU M 115 -28.46 -31.77 -25.60
C GLU M 115 -28.07 -30.40 -26.12
N ILE M 116 -28.07 -30.22 -27.42
CA ILE M 116 -27.66 -28.93 -27.97
C ILE M 116 -28.88 -28.24 -28.53
N LYS M 117 -29.12 -27.02 -28.08
CA LYS M 117 -30.27 -26.27 -28.52
C LYS M 117 -29.91 -25.10 -29.39
N ASN M 118 -30.74 -24.88 -30.39
CA ASN M 118 -30.60 -23.80 -31.35
C ASN M 118 -31.54 -22.68 -30.99
N CYS M 119 -30.95 -21.63 -30.46
CA CYS M 119 -31.73 -20.56 -29.91
C CYS M 119 -31.58 -19.25 -30.63
N SER M 120 -32.63 -18.43 -30.59
CA SER M 120 -32.52 -17.10 -31.15
C SER M 120 -32.81 -15.98 -30.16
N PHE M 121 -32.16 -14.86 -30.41
CA PHE M 121 -32.25 -13.65 -29.60
C PHE M 121 -32.56 -12.40 -30.36
N ASN M 122 -33.20 -11.46 -29.68
CA ASN M 122 -33.20 -10.09 -30.17
C ASN M 122 -32.09 -9.38 -29.41
N MET M 123 -30.93 -9.28 -30.04
CA MET M 123 -29.71 -8.83 -29.42
C MET M 123 -29.38 -7.38 -29.65
N THR M 124 -28.70 -6.77 -28.68
CA THR M 124 -28.21 -5.41 -28.77
C THR M 124 -27.12 -5.28 -29.84
N THR M 125 -27.14 -4.22 -30.63
CA THR M 125 -26.07 -3.92 -31.60
C THR M 125 -25.20 -2.84 -31.01
N GLU M 126 -24.13 -2.45 -31.71
CA GLU M 126 -23.29 -1.40 -31.15
C GLU M 126 -23.97 -0.03 -31.10
N LEU M 127 -25.08 0.17 -31.81
CA LEU M 127 -25.72 1.46 -31.69
C LEU M 127 -26.90 1.30 -30.76
N ARG M 128 -27.14 2.29 -29.94
CA ARG M 128 -28.22 2.21 -28.97
C ARG M 128 -29.60 1.96 -29.53
N ASP M 129 -29.93 2.44 -30.71
CA ASP M 129 -31.26 2.26 -31.21
C ASP M 129 -31.45 1.05 -32.12
N LYS M 130 -30.46 0.19 -32.25
CA LYS M 130 -30.62 -0.93 -33.16
C LYS M 130 -30.42 -2.28 -32.49
N LYS M 131 -31.21 -3.24 -32.97
CA LYS M 131 -31.20 -4.63 -32.55
C LYS M 131 -30.87 -5.53 -33.72
N GLN M 132 -30.38 -6.73 -33.42
CA GLN M 132 -30.05 -7.71 -34.43
C GLN M 132 -30.57 -9.09 -34.04
N LYS M 133 -30.91 -9.91 -35.03
CA LYS M 133 -31.35 -11.26 -34.69
C LYS M 133 -30.18 -12.18 -34.71
N VAL M 134 -30.00 -12.88 -33.61
CA VAL M 134 -28.88 -13.76 -33.45
C VAL M 134 -29.27 -15.18 -33.20
N TYR M 135 -28.66 -16.09 -33.93
CA TYR M 135 -28.85 -17.51 -33.70
C TYR M 135 -27.58 -18.07 -33.11
N SER M 136 -27.71 -18.88 -32.07
CA SER M 136 -26.55 -19.48 -31.42
C SER M 136 -26.86 -20.81 -30.78
N LEU M 137 -25.81 -21.57 -30.50
CA LEU M 137 -26.03 -22.84 -29.85
C LEU M 137 -25.64 -22.84 -28.38
N PHE M 138 -26.52 -23.43 -27.59
CA PHE M 138 -26.37 -23.59 -26.14
C PHE M 138 -26.49 -25.01 -25.73
N TYR M 139 -25.90 -25.36 -24.61
CA TYR M 139 -26.07 -26.71 -24.15
C TYR M 139 -27.27 -26.73 -23.25
N ARG M 140 -27.92 -27.86 -23.15
CA ARG M 140 -29.08 -28.01 -22.29
C ARG M 140 -28.82 -27.51 -20.89
N LEU M 141 -27.63 -27.73 -20.38
CA LEU M 141 -27.29 -27.36 -19.02
C LEU M 141 -27.17 -25.85 -18.79
N ASP M 142 -27.16 -25.07 -19.85
CA ASP M 142 -27.03 -23.62 -19.77
C ASP M 142 -28.38 -22.92 -19.67
N VAL M 143 -29.48 -23.63 -20.02
CA VAL M 143 -30.79 -22.96 -20.08
C VAL M 143 -31.90 -23.68 -19.34
N VAL M 144 -32.93 -22.93 -18.99
CA VAL M 144 -34.13 -23.50 -18.42
C VAL M 144 -35.33 -22.96 -19.12
N GLN M 145 -36.46 -23.64 -19.04
CA GLN M 145 -37.66 -23.11 -19.65
C GLN M 145 -38.32 -22.13 -18.73
N ILE M 146 -39.01 -21.20 -19.32
CA ILE M 146 -39.77 -20.20 -18.59
C ILE M 146 -41.18 -20.66 -18.36
N ASN M 147 -41.81 -21.17 -19.42
CA ASN M 147 -43.19 -21.60 -19.32
C ASN M 147 -44.01 -20.60 -18.53
N ASN M 158 -41.88 -23.50 -30.61
CA ASN M 158 -40.65 -23.27 -29.87
C ASN M 158 -40.99 -22.92 -28.44
N LYS M 159 -40.04 -23.15 -27.54
CA LYS M 159 -40.29 -22.83 -26.14
C LYS M 159 -39.46 -21.65 -25.73
N GLU M 160 -39.94 -20.92 -24.72
CA GLU M 160 -39.18 -19.81 -24.20
C GLU M 160 -38.30 -20.25 -23.04
N TYR M 161 -37.05 -19.83 -23.14
CA TYR M 161 -35.96 -20.11 -22.23
C TYR M 161 -35.26 -18.90 -21.67
N ARG M 162 -34.60 -19.11 -20.56
CA ARG M 162 -33.72 -18.10 -20.01
C ARG M 162 -32.43 -18.77 -19.65
N LEU M 163 -31.37 -18.00 -19.60
CA LEU M 163 -30.10 -18.57 -19.20
C LEU M 163 -30.14 -18.79 -17.69
N ILE M 164 -29.45 -19.82 -17.23
CA ILE M 164 -29.45 -20.13 -15.79
C ILE M 164 -28.88 -19.07 -14.86
N ASN M 165 -28.08 -18.18 -15.37
CA ASN M 165 -27.50 -17.18 -14.52
C ASN M 165 -28.51 -16.14 -14.11
N CYS M 166 -29.65 -16.09 -14.78
CA CYS M 166 -30.61 -15.05 -14.55
C CYS M 166 -31.22 -15.11 -13.16
N ASN M 167 -31.01 -16.19 -12.44
CA ASN M 167 -31.49 -16.24 -11.07
C ASN M 167 -30.61 -15.42 -10.13
N THR M 168 -29.30 -15.38 -10.42
CA THR M 168 -28.38 -14.75 -9.48
C THR M 168 -27.38 -13.74 -10.00
N SER M 169 -27.02 -13.74 -11.27
CA SER M 169 -25.92 -12.89 -11.66
C SER M 169 -25.78 -12.53 -13.12
N ALA M 170 -24.99 -11.49 -13.37
CA ALA M 170 -24.59 -11.17 -14.73
C ALA M 170 -23.47 -12.12 -15.08
N ILE M 171 -23.27 -12.38 -16.36
CA ILE M 171 -22.20 -13.27 -16.73
C ILE M 171 -21.08 -12.47 -17.38
N THR M 172 -19.85 -12.68 -16.95
CA THR M 172 -18.75 -11.97 -17.58
C THR M 172 -18.12 -12.85 -18.66
N GLN M 173 -17.90 -12.30 -19.85
CA GLN M 173 -17.28 -13.01 -20.96
C GLN M 173 -15.87 -13.32 -20.53
N ALA M 174 -15.44 -14.58 -20.65
CA ALA M 174 -14.14 -14.95 -20.13
C ALA M 174 -12.93 -14.59 -20.95
N CYS M 175 -12.70 -13.31 -21.07
CA CYS M 175 -11.51 -12.73 -21.65
C CYS M 175 -10.84 -13.57 -22.73
N PRO M 176 -11.48 -13.80 -23.89
CA PRO M 176 -11.25 -14.88 -24.83
C PRO M 176 -10.00 -14.71 -25.68
N LYS M 177 -8.87 -14.55 -25.00
CA LYS M 177 -7.54 -14.35 -25.52
C LYS M 177 -6.60 -15.00 -24.53
N VAL M 178 -7.13 -15.18 -23.32
CA VAL M 178 -6.41 -15.64 -22.16
C VAL M 178 -6.59 -17.12 -21.88
N SER M 179 -5.48 -17.83 -21.81
CA SER M 179 -5.42 -19.25 -21.53
C SER M 179 -5.65 -19.59 -20.07
N PHE M 180 -6.19 -20.78 -19.83
CA PHE M 180 -6.37 -21.27 -18.48
C PHE M 180 -5.37 -22.35 -18.13
N GLU M 181 -4.29 -22.46 -18.89
CA GLU M 181 -3.29 -23.46 -18.58
C GLU M 181 -2.74 -23.19 -17.16
N PRO M 182 -2.70 -24.18 -16.27
CA PRO M 182 -2.29 -24.08 -14.89
C PRO M 182 -0.78 -23.99 -14.70
N ILE M 183 -0.22 -22.84 -15.03
CA ILE M 183 1.20 -22.59 -14.89
C ILE M 183 1.54 -22.69 -13.42
N PRO M 184 2.55 -23.48 -13.00
CA PRO M 184 2.89 -23.67 -11.63
C PRO M 184 3.44 -22.43 -11.00
N ILE M 185 3.19 -22.27 -9.72
CA ILE M 185 3.74 -21.16 -8.96
C ILE M 185 4.47 -21.68 -7.77
N HIS M 186 5.32 -20.87 -7.18
CA HIS M 186 6.04 -21.29 -6.00
C HIS M 186 5.73 -20.36 -4.84
N TYR M 187 5.56 -20.89 -3.65
CA TYR M 187 5.41 -19.98 -2.53
C TYR M 187 6.74 -19.84 -1.86
N CYS M 188 7.07 -18.61 -1.51
CA CYS M 188 8.37 -18.37 -0.90
C CYS M 188 8.29 -17.58 0.40
N ALA M 189 9.12 -17.94 1.35
CA ALA M 189 9.15 -17.21 2.60
C ALA M 189 9.81 -15.85 2.44
N PRO M 190 9.34 -14.82 3.14
CA PRO M 190 9.95 -13.52 3.28
C PRO M 190 11.13 -13.63 4.23
N ALA M 191 12.01 -12.65 4.24
CA ALA M 191 13.13 -12.69 5.18
C ALA M 191 12.59 -12.76 6.59
N GLY M 192 13.28 -13.50 7.46
CA GLY M 192 12.85 -13.66 8.83
C GLY M 192 12.02 -14.92 9.02
N PHE M 193 11.64 -15.56 7.92
CA PHE M 193 10.82 -16.77 7.91
C PHE M 193 11.43 -17.89 7.11
N ALA M 194 10.99 -19.09 7.40
CA ALA M 194 11.50 -20.23 6.66
C ALA M 194 10.43 -21.26 6.43
N ILE M 195 10.58 -22.05 5.37
CA ILE M 195 9.62 -23.11 5.14
C ILE M 195 10.24 -24.45 5.42
N LEU M 196 9.61 -25.20 6.28
CA LEU M 196 10.10 -26.51 6.62
C LEU M 196 9.36 -27.54 5.82
N LYS M 197 10.12 -28.36 5.12
CA LYS M 197 9.60 -29.39 4.26
C LYS M 197 9.68 -30.72 4.98
N CYS M 198 8.56 -31.44 5.09
CA CYS M 198 8.53 -32.69 5.85
C CYS M 198 9.56 -33.71 5.38
N LYS M 199 9.57 -34.04 4.08
CA LYS M 199 10.51 -35.00 3.49
C LYS M 199 10.45 -36.42 4.00
N ASP M 200 9.43 -36.77 4.75
CA ASP M 200 9.39 -38.11 5.26
C ASP M 200 8.67 -38.97 4.27
N LYS M 201 8.55 -40.24 4.57
CA LYS M 201 7.81 -41.14 3.73
C LYS M 201 6.63 -41.60 4.51
N LYS M 202 5.57 -41.95 3.83
CA LYS M 202 4.38 -42.46 4.50
C LYS M 202 3.90 -41.45 5.53
N PHE M 203 3.96 -40.17 5.17
CA PHE M 203 3.52 -39.15 6.08
C PHE M 203 2.04 -38.95 5.90
N ASN M 204 1.31 -39.09 7.01
CA ASN M 204 -0.14 -39.06 6.97
C ASN M 204 -0.73 -37.68 7.26
N GLY M 205 0.10 -36.66 7.26
CA GLY M 205 -0.39 -35.31 7.43
C GLY M 205 -0.23 -34.71 8.82
N THR M 206 -0.05 -35.52 9.84
CA THR M 206 0.15 -34.93 11.14
C THR M 206 1.28 -35.61 11.88
N GLY M 207 1.83 -34.93 12.87
CA GLY M 207 2.83 -35.57 13.71
C GLY M 207 4.22 -35.26 13.18
N PRO M 208 5.27 -35.84 13.77
CA PRO M 208 6.67 -35.57 13.50
C PRO M 208 7.15 -36.02 12.16
N CYS M 209 8.06 -35.23 11.60
CA CYS M 209 8.79 -35.54 10.37
C CYS M 209 10.30 -35.50 10.57
N PRO M 210 10.94 -36.60 10.98
CA PRO M 210 12.36 -36.71 11.31
C PRO M 210 13.30 -36.38 10.15
N SER M 211 12.76 -36.32 8.94
CA SER M 211 13.52 -36.02 7.73
C SER M 211 13.48 -34.54 7.33
N VAL M 212 12.86 -33.72 8.16
CA VAL M 212 12.64 -32.31 7.83
C VAL M 212 13.85 -31.51 7.38
N SER M 213 13.61 -30.70 6.35
CA SER M 213 14.64 -29.84 5.76
C SER M 213 14.10 -28.44 5.55
N THR M 214 14.99 -27.47 5.43
CA THR M 214 14.55 -26.09 5.21
C THR M 214 14.74 -25.62 3.79
N VAL M 215 13.69 -25.01 3.26
CA VAL M 215 13.72 -24.48 1.92
C VAL M 215 13.26 -23.02 1.90
N GLN M 216 13.61 -22.30 0.85
CA GLN M 216 13.13 -20.94 0.73
C GLN M 216 11.78 -20.92 0.05
N CYS M 217 11.64 -21.81 -0.93
CA CYS M 217 10.45 -21.88 -1.74
C CYS M 217 9.93 -23.29 -1.88
N THR M 218 8.65 -23.41 -2.12
CA THR M 218 8.00 -24.69 -2.37
C THR M 218 8.28 -25.10 -3.78
N HIS M 219 7.94 -26.33 -4.10
CA HIS M 219 8.07 -26.82 -5.45
C HIS M 219 7.02 -26.11 -6.23
N GLY M 220 7.10 -26.16 -7.54
CA GLY M 220 6.05 -25.48 -8.28
C GLY M 220 4.78 -26.27 -8.11
N ILE M 221 3.69 -25.58 -7.86
CA ILE M 221 2.40 -26.23 -7.71
C ILE M 221 1.47 -25.75 -8.78
N LYS M 222 0.92 -26.68 -9.53
CA LYS M 222 0.01 -26.29 -10.57
C LYS M 222 -1.36 -26.06 -9.96
N PRO M 223 -2.01 -24.92 -10.16
CA PRO M 223 -3.30 -24.56 -9.62
C PRO M 223 -4.40 -25.23 -10.42
N VAL M 224 -4.43 -26.54 -10.36
CA VAL M 224 -5.42 -27.33 -11.08
C VAL M 224 -6.68 -27.37 -10.26
N VAL M 225 -7.80 -27.09 -10.88
CA VAL M 225 -9.06 -27.09 -10.18
C VAL M 225 -9.92 -28.26 -10.63
N SER M 226 -10.32 -29.11 -9.67
CA SER M 226 -11.14 -30.27 -10.00
C SER M 226 -11.98 -30.81 -8.84
N THR M 227 -12.91 -31.68 -9.20
CA THR M 227 -13.75 -32.41 -8.25
C THR M 227 -13.62 -33.90 -8.47
N GLN M 228 -13.99 -34.71 -7.44
CA GLN M 228 -13.99 -36.18 -7.46
C GLN M 228 -12.57 -36.73 -7.45
N LEU M 229 -11.83 -36.42 -8.50
CA LEU M 229 -10.46 -36.86 -8.64
C LEU M 229 -9.51 -35.70 -8.72
N LEU M 230 -8.32 -35.93 -8.23
CA LEU M 230 -7.26 -34.95 -8.27
C LEU M 230 -6.39 -35.22 -9.47
N LEU M 231 -6.17 -34.19 -10.28
CA LEU M 231 -5.38 -34.36 -11.48
C LEU M 231 -4.04 -33.63 -11.43
N ASN M 232 -3.06 -34.25 -12.06
CA ASN M 232 -1.74 -33.68 -12.32
C ASN M 232 -1.04 -33.18 -11.06
N GLY M 233 -1.18 -33.87 -9.94
CA GLY M 233 -0.50 -33.47 -8.73
C GLY M 233 0.70 -34.34 -8.47
N SER M 234 1.13 -34.37 -7.23
CA SER M 234 2.27 -35.16 -6.85
C SER M 234 1.85 -36.58 -6.51
N LEU M 235 2.70 -37.52 -6.80
CA LEU M 235 2.45 -38.90 -6.42
C LEU M 235 3.16 -39.24 -5.16
N ALA M 236 2.62 -40.20 -4.46
CA ALA M 236 3.23 -40.72 -3.25
C ALA M 236 4.50 -41.42 -3.66
N GLU M 237 5.52 -41.33 -2.84
CA GLU M 237 6.81 -41.95 -3.12
C GLU M 237 6.83 -43.47 -3.12
N GLU M 238 6.07 -44.09 -2.22
CA GLU M 238 6.14 -45.55 -2.09
C GLU M 238 4.82 -46.28 -2.22
N GLU M 239 3.83 -45.87 -1.44
CA GLU M 239 2.56 -46.58 -1.34
C GLU M 239 1.44 -45.59 -1.25
N VAL M 240 0.23 -46.02 -1.54
CA VAL M 240 -0.88 -45.11 -1.45
C VAL M 240 -1.03 -44.60 -0.02
N ILE M 241 -1.16 -43.30 0.13
CA ILE M 241 -1.28 -42.74 1.47
C ILE M 241 -2.65 -42.16 1.67
N ILE M 242 -3.29 -42.59 2.74
CA ILE M 242 -4.62 -42.11 3.02
C ILE M 242 -4.60 -41.12 4.16
N ARG M 243 -5.06 -39.90 3.91
CA ARG M 243 -5.02 -38.86 4.91
C ARG M 243 -6.37 -38.23 5.20
N SER M 244 -6.60 -37.92 6.46
CA SER M 244 -7.83 -37.27 6.87
C SER M 244 -7.57 -36.47 8.13
N GLU M 245 -8.45 -35.53 8.44
CA GLU M 245 -8.33 -34.76 9.67
C GLU M 245 -8.70 -35.62 10.86
N ASN M 246 -9.76 -36.37 10.68
CA ASN M 246 -10.28 -37.27 11.69
C ASN M 246 -10.89 -38.48 11.00
N ILE M 247 -10.14 -39.54 10.97
CA ILE M 247 -10.51 -40.72 10.21
C ILE M 247 -11.72 -41.46 10.76
N THR M 248 -12.09 -41.18 11.99
CA THR M 248 -13.21 -41.86 12.60
C THR M 248 -14.49 -41.04 12.49
N ASN M 249 -14.38 -39.87 11.90
CA ASN M 249 -15.49 -38.96 11.77
C ASN M 249 -15.99 -38.97 10.33
N ASN M 250 -17.20 -39.46 10.11
CA ASN M 250 -17.70 -39.59 8.75
C ASN M 250 -18.11 -38.24 8.14
N ALA M 251 -18.01 -37.19 8.93
CA ALA M 251 -18.31 -35.84 8.46
C ALA M 251 -17.09 -35.22 7.80
N LYS M 252 -15.95 -35.89 7.87
CA LYS M 252 -14.73 -35.35 7.28
C LYS M 252 -14.41 -36.15 6.05
N ASN M 253 -13.77 -35.56 5.07
CA ASN M 253 -13.42 -36.36 3.93
C ASN M 253 -12.02 -36.94 4.03
N ILE M 254 -11.68 -37.75 3.03
CA ILE M 254 -10.42 -38.45 2.94
C ILE M 254 -9.68 -38.10 1.67
N LEU M 255 -8.43 -37.73 1.80
CA LEU M 255 -7.63 -37.44 0.64
C LEU M 255 -6.76 -38.64 0.36
N VAL M 256 -6.88 -39.20 -0.82
CA VAL M 256 -6.09 -40.37 -1.13
C VAL M 256 -5.05 -40.03 -2.16
N GLN M 257 -3.78 -40.21 -1.81
CA GLN M 257 -2.69 -39.91 -2.71
C GLN M 257 -2.14 -41.16 -3.32
N LEU M 258 -2.19 -41.25 -4.63
CA LEU M 258 -1.76 -42.46 -5.28
C LEU M 258 -0.26 -42.49 -5.44
N ASN M 259 0.31 -43.69 -5.50
CA ASN M 259 1.74 -43.87 -5.74
C ASN M 259 2.03 -44.26 -7.17
N THR M 260 1.03 -44.07 -8.02
CA THR M 260 1.14 -44.36 -9.43
C THR M 260 0.04 -43.54 -10.10
N PRO M 261 0.24 -42.96 -11.27
CA PRO M 261 -0.75 -42.21 -11.97
C PRO M 261 -1.71 -43.14 -12.64
N VAL M 262 -2.92 -42.68 -12.86
CA VAL M 262 -3.81 -43.40 -13.74
C VAL M 262 -4.02 -42.50 -14.93
N GLN M 263 -3.70 -42.96 -16.10
CA GLN M 263 -3.83 -42.04 -17.21
C GLN M 263 -5.26 -41.95 -17.64
N ILE M 264 -5.72 -40.73 -17.82
CA ILE M 264 -7.05 -40.46 -18.29
C ILE M 264 -7.02 -39.64 -19.58
N ASN M 265 -7.76 -40.10 -20.57
CA ASN M 265 -7.82 -39.43 -21.87
C ASN M 265 -9.19 -38.84 -22.14
N CYS M 266 -9.31 -37.54 -22.13
CA CYS M 266 -10.63 -36.93 -22.32
C CYS M 266 -10.74 -36.20 -23.63
N THR M 267 -11.95 -36.16 -24.15
CA THR M 267 -12.13 -35.46 -25.39
C THR M 267 -13.50 -34.92 -25.66
N ARG M 268 -13.52 -33.91 -26.51
CA ARG M 268 -14.73 -33.35 -27.07
C ARG M 268 -14.58 -33.45 -28.57
N PRO M 269 -14.91 -34.60 -29.17
CA PRO M 269 -14.66 -34.97 -30.54
C PRO M 269 -15.69 -34.38 -31.47
N SER M 270 -15.79 -33.08 -31.49
CA SER M 270 -16.76 -32.37 -32.31
C SER M 270 -16.10 -31.16 -32.85
N ASN M 271 -16.03 -31.04 -34.16
CA ASN M 271 -15.32 -29.92 -34.75
C ASN M 271 -16.23 -28.71 -34.76
N ASN M 272 -16.03 -27.80 -33.80
CA ASN M 272 -16.95 -26.71 -33.70
C ASN M 272 -16.40 -25.46 -34.33
N THR M 273 -17.32 -24.61 -34.76
CA THR M 273 -16.98 -23.31 -35.29
C THR M 273 -17.62 -22.25 -34.43
N VAL M 274 -16.82 -21.23 -34.11
CA VAL M 274 -17.18 -20.14 -33.22
C VAL M 274 -17.38 -18.83 -33.95
N LYS M 275 -18.46 -18.16 -33.65
CA LYS M 275 -18.84 -16.90 -34.26
C LYS M 275 -18.73 -15.74 -33.28
N SER M 276 -18.64 -14.51 -33.81
CA SER M 276 -18.50 -13.32 -32.96
C SER M 276 -19.39 -12.14 -33.33
N ILE M 277 -20.15 -11.69 -32.35
CA ILE M 277 -21.08 -10.58 -32.54
C ILE M 277 -20.88 -9.38 -31.65
N ARG M 278 -20.83 -8.21 -32.29
CA ARG M 278 -20.69 -6.96 -31.55
C ARG M 278 -21.98 -6.65 -30.85
N ILE M 279 -21.89 -6.33 -29.56
CA ILE M 279 -23.05 -6.01 -28.74
C ILE M 279 -22.95 -4.70 -28.03
N GLY M 280 -22.05 -3.86 -28.51
CA GLY M 280 -21.84 -2.59 -27.88
C GLY M 280 -20.60 -1.92 -28.44
N PRO M 281 -20.35 -0.68 -28.06
CA PRO M 281 -19.26 0.14 -28.49
C PRO M 281 -17.95 -0.37 -27.91
N GLY M 282 -17.41 -1.39 -28.58
CA GLY M 282 -16.20 -2.06 -28.16
C GLY M 282 -16.41 -3.41 -27.51
N GLN M 283 -17.63 -3.94 -27.57
CA GLN M 283 -17.87 -5.23 -26.95
C GLN M 283 -18.37 -6.23 -27.94
N ALA M 284 -17.98 -7.47 -27.77
CA ALA M 284 -18.46 -8.54 -28.60
C ALA M 284 -18.46 -9.78 -27.79
N PHE M 285 -19.32 -10.70 -28.14
CA PHE M 285 -19.32 -11.94 -27.41
C PHE M 285 -19.12 -13.04 -28.37
N TYR M 286 -18.65 -14.15 -27.84
CA TYR M 286 -18.39 -15.29 -28.69
C TYR M 286 -19.37 -16.35 -28.45
N TYR M 287 -19.72 -17.08 -29.48
CA TYR M 287 -20.67 -18.13 -29.27
C TYR M 287 -20.50 -19.29 -30.21
N PHE M 288 -21.11 -20.37 -29.81
CA PHE M 288 -21.04 -21.61 -30.54
C PHE M 288 -21.92 -21.44 -31.76
N GLY M 289 -21.26 -21.49 -32.91
CA GLY M 289 -21.87 -21.24 -34.18
C GLY M 289 -22.52 -22.47 -34.72
N ASP M 290 -21.70 -23.45 -35.06
CA ASP M 290 -22.21 -24.67 -35.63
C ASP M 290 -21.26 -25.84 -35.40
N VAL M 291 -21.65 -27.01 -35.88
CA VAL M 291 -20.86 -28.22 -35.80
C VAL M 291 -20.49 -28.70 -37.19
N LEU M 292 -19.21 -28.80 -37.47
CA LEU M 292 -18.76 -29.13 -38.79
C LEU M 292 -18.67 -30.63 -39.00
N GLY M 293 -19.79 -31.30 -38.95
CA GLY M 293 -19.76 -32.75 -39.14
C GLY M 293 -20.93 -33.48 -38.57
N HIS M 294 -20.75 -33.99 -37.36
CA HIS M 294 -21.78 -34.77 -36.71
C HIS M 294 -21.56 -34.61 -35.22
N VAL M 295 -22.64 -34.58 -34.47
CA VAL M 295 -22.58 -34.41 -33.03
C VAL M 295 -22.25 -35.67 -32.27
N ARG M 296 -21.28 -35.56 -31.37
CA ARG M 296 -20.84 -36.66 -30.50
C ARG M 296 -20.78 -36.15 -29.07
N MET M 297 -20.89 -37.06 -28.11
CA MET M 297 -20.78 -36.73 -26.71
C MET M 297 -19.34 -36.74 -26.25
N ALA M 298 -18.99 -35.78 -25.41
CA ALA M 298 -17.67 -35.69 -24.82
C ALA M 298 -17.50 -36.85 -23.88
N HIS M 299 -16.30 -37.34 -23.73
CA HIS M 299 -16.10 -38.45 -22.83
C HIS M 299 -14.67 -38.64 -22.37
N CYS M 300 -14.48 -39.44 -21.32
CA CYS M 300 -13.14 -39.78 -20.85
C CYS M 300 -12.86 -41.27 -20.77
N ASN M 301 -11.67 -41.64 -21.21
CA ASN M 301 -11.17 -43.01 -21.24
C ASN M 301 -10.14 -43.31 -20.17
N ILE M 302 -10.45 -44.29 -19.35
CA ILE M 302 -9.61 -44.77 -18.28
C ILE M 302 -9.29 -46.24 -18.52
N SER M 303 -8.04 -46.66 -18.42
CA SER M 303 -7.79 -48.08 -18.64
C SER M 303 -8.50 -48.85 -17.53
N LYS M 304 -9.31 -49.85 -17.88
CA LYS M 304 -10.08 -50.54 -16.86
C LYS M 304 -9.22 -51.31 -15.89
N ALA M 305 -8.23 -52.02 -16.39
CA ALA M 305 -7.41 -52.81 -15.49
C ALA M 305 -6.63 -51.92 -14.55
N THR M 306 -6.17 -50.78 -15.04
CA THR M 306 -5.37 -49.89 -14.22
C THR M 306 -6.22 -49.36 -13.09
N TRP M 307 -7.45 -49.00 -13.40
CA TRP M 307 -8.33 -48.50 -12.38
C TRP M 307 -8.56 -49.56 -11.33
N ASN M 308 -8.77 -50.81 -11.76
CA ASN M 308 -9.00 -51.87 -10.78
C ASN M 308 -7.80 -52.07 -9.88
N GLU M 309 -6.59 -51.98 -10.44
CA GLU M 309 -5.42 -52.14 -9.60
C GLU M 309 -5.33 -51.00 -8.62
N THR M 310 -5.69 -49.81 -9.08
CA THR M 310 -5.65 -48.62 -8.28
C THR M 310 -6.59 -48.76 -7.11
N LEU M 311 -7.80 -49.23 -7.34
CA LEU M 311 -8.68 -49.39 -6.21
C LEU M 311 -8.17 -50.47 -5.30
N GLY M 312 -7.59 -51.53 -5.85
CA GLY M 312 -7.12 -52.57 -4.97
C GLY M 312 -6.11 -52.01 -3.98
N LYS M 313 -5.24 -51.11 -4.46
CA LYS M 313 -4.26 -50.49 -3.58
C LYS M 313 -4.92 -49.61 -2.53
N VAL M 314 -5.95 -48.87 -2.93
CA VAL M 314 -6.64 -48.01 -1.98
C VAL M 314 -7.33 -48.84 -0.91
N VAL M 315 -7.97 -49.92 -1.30
CA VAL M 315 -8.68 -50.75 -0.35
C VAL M 315 -7.69 -51.37 0.61
N LYS M 316 -6.59 -51.90 0.08
CA LYS M 316 -5.60 -52.51 0.92
C LYS M 316 -5.12 -51.54 1.97
N GLN M 317 -4.91 -50.29 1.58
CA GLN M 317 -4.48 -49.31 2.56
C GLN M 317 -5.59 -48.88 3.51
N LEU M 318 -6.85 -48.82 3.07
CA LEU M 318 -7.89 -48.44 4.03
C LEU M 318 -7.94 -49.44 5.16
N ARG M 319 -7.75 -50.70 4.82
CA ARG M 319 -7.80 -51.81 5.75
C ARG M 319 -6.72 -51.74 6.83
N LYS M 320 -5.67 -50.94 6.62
CA LYS M 320 -4.61 -50.84 7.60
C LYS M 320 -5.09 -50.19 8.86
N HIS M 321 -6.06 -49.28 8.76
CA HIS M 321 -6.54 -48.63 9.95
C HIS M 321 -8.04 -48.72 10.08
N PHE M 322 -8.70 -49.19 9.04
CA PHE M 322 -10.13 -49.27 9.06
C PHE M 322 -10.64 -50.47 8.29
N GLY M 323 -11.35 -51.36 8.97
CA GLY M 323 -11.88 -52.52 8.25
C GLY M 323 -10.89 -53.63 7.89
N ASN M 324 -9.95 -53.97 8.76
CA ASN M 324 -8.95 -54.99 8.43
C ASN M 324 -9.55 -56.25 7.83
N ASN M 325 -10.67 -56.69 8.38
CA ASN M 325 -11.35 -57.88 7.93
C ASN M 325 -12.78 -57.60 7.48
N THR M 326 -13.03 -56.39 6.99
CA THR M 326 -14.39 -56.02 6.62
C THR M 326 -14.53 -55.71 5.15
N ILE M 327 -15.68 -55.17 4.78
CA ILE M 327 -16.01 -54.90 3.40
C ILE M 327 -15.98 -53.42 3.03
N ILE M 328 -15.26 -53.13 1.96
CA ILE M 328 -15.18 -51.78 1.44
C ILE M 328 -15.97 -51.69 0.16
N ARG M 329 -16.94 -50.82 0.14
CA ARG M 329 -17.77 -50.66 -1.04
C ARG M 329 -17.66 -49.31 -1.65
N PHE M 330 -17.46 -49.28 -2.95
CA PHE M 330 -17.41 -48.01 -3.64
C PHE M 330 -18.72 -47.77 -4.33
N ALA M 331 -19.17 -46.53 -4.28
CA ALA M 331 -20.43 -46.12 -4.88
C ALA M 331 -20.34 -44.74 -5.51
N GLN M 332 -21.30 -44.46 -6.36
CA GLN M 332 -21.42 -43.18 -7.04
C GLN M 332 -21.90 -42.13 -6.06
N SER M 333 -21.67 -40.88 -6.40
CA SER M 333 -22.03 -39.77 -5.55
C SER M 333 -23.53 -39.73 -5.30
N SER M 334 -23.89 -39.16 -4.15
CA SER M 334 -25.28 -39.12 -3.67
C SER M 334 -26.25 -38.12 -4.26
N GLY M 335 -25.78 -37.04 -4.88
CA GLY M 335 -26.70 -36.07 -5.43
C GLY M 335 -26.38 -34.62 -5.06
N GLY M 336 -26.89 -33.73 -5.89
CA GLY M 336 -26.67 -32.29 -5.79
C GLY M 336 -26.52 -31.84 -7.23
N ASP M 337 -26.07 -30.62 -7.47
CA ASP M 337 -25.95 -30.22 -8.87
C ASP M 337 -24.64 -30.79 -9.38
N LEU M 338 -24.32 -30.57 -10.64
CA LEU M 338 -23.14 -31.19 -11.22
C LEU M 338 -21.85 -30.81 -10.56
N GLU M 339 -21.74 -29.58 -10.09
CA GLU M 339 -20.50 -29.14 -9.50
C GLU M 339 -20.08 -29.96 -8.28
N VAL M 340 -21.00 -30.69 -7.67
CA VAL M 340 -20.67 -31.51 -6.53
C VAL M 340 -20.94 -33.00 -6.75
N THR M 341 -21.43 -33.40 -7.92
CA THR M 341 -21.77 -34.81 -8.14
C THR M 341 -20.95 -35.46 -9.19
N THR M 342 -20.34 -34.66 -10.06
CA THR M 342 -19.55 -35.17 -11.15
C THR M 342 -18.14 -34.68 -11.06
N HIS M 343 -17.30 -35.31 -11.85
CA HIS M 343 -15.90 -34.98 -11.97
C HIS M 343 -15.85 -33.76 -12.74
N SER M 344 -14.95 -32.90 -12.41
CA SER M 344 -14.92 -31.72 -13.23
C SER M 344 -13.56 -31.22 -13.40
N PHE M 345 -13.34 -30.66 -14.57
CA PHE M 345 -12.06 -30.08 -14.89
C PHE M 345 -12.16 -29.12 -16.03
N ASN M 346 -11.16 -28.28 -16.17
CA ASN M 346 -11.05 -27.46 -17.34
C ASN M 346 -9.99 -28.05 -18.22
N CYS M 347 -10.26 -28.18 -19.50
CA CYS M 347 -9.24 -28.67 -20.41
C CYS M 347 -9.35 -28.06 -21.79
N GLY M 348 -8.27 -27.40 -22.19
CA GLY M 348 -8.20 -26.75 -23.47
C GLY M 348 -8.89 -25.40 -23.36
N GLY M 349 -9.37 -25.12 -22.17
CA GLY M 349 -10.14 -23.95 -21.84
C GLY M 349 -11.63 -24.31 -21.69
N GLU M 350 -12.02 -25.52 -22.09
CA GLU M 350 -13.41 -25.96 -21.98
C GLU M 350 -13.73 -26.55 -20.62
N PHE M 351 -15.00 -26.45 -20.20
CA PHE M 351 -15.41 -27.01 -18.90
C PHE M 351 -16.23 -28.28 -18.99
N PHE M 352 -15.64 -29.35 -18.47
CA PHE M 352 -16.22 -30.68 -18.54
C PHE M 352 -16.76 -31.17 -17.22
N TYR M 353 -17.89 -31.88 -17.28
CA TYR M 353 -18.51 -32.54 -16.16
C TYR M 353 -18.67 -34.01 -16.50
N CYS M 354 -18.01 -34.90 -15.76
CA CYS M 354 -18.06 -36.30 -16.17
C CYS M 354 -18.67 -37.21 -15.11
N ASN M 355 -19.42 -38.17 -15.58
CA ASN M 355 -20.07 -39.12 -14.69
C ASN M 355 -19.13 -40.24 -14.30
N THR M 356 -18.75 -40.24 -13.03
CA THR M 356 -17.78 -41.14 -12.44
C THR M 356 -18.40 -42.36 -11.84
N SER M 357 -19.69 -42.57 -12.04
CA SER M 357 -20.30 -43.74 -11.43
C SER M 357 -19.67 -45.03 -11.91
N GLY M 358 -19.12 -45.03 -13.12
CA GLY M 358 -18.49 -46.22 -13.67
C GLY M 358 -17.18 -46.58 -12.97
N LEU M 359 -16.66 -45.66 -12.18
CA LEU M 359 -15.42 -45.89 -11.46
C LEU M 359 -15.65 -46.36 -10.04
N PHE M 360 -16.86 -46.25 -9.54
CA PHE M 360 -17.12 -46.56 -8.16
C PHE M 360 -18.32 -47.45 -8.08
N ASN M 361 -18.12 -48.67 -8.53
CA ASN M 361 -19.20 -49.64 -8.64
C ASN M 361 -18.71 -51.02 -8.26
N SER M 362 -18.23 -51.15 -7.04
CA SER M 362 -17.68 -52.44 -6.65
C SER M 362 -17.66 -52.69 -5.16
N THR M 363 -17.66 -53.96 -4.78
CA THR M 363 -17.55 -54.31 -3.38
C THR M 363 -16.34 -55.20 -3.19
N TRP M 364 -15.46 -54.79 -2.30
CA TRP M 364 -14.23 -55.47 -2.02
C TRP M 364 -14.32 -56.16 -0.67
N ILE M 365 -14.29 -57.49 -0.67
CA ILE M 365 -14.50 -58.22 0.56
C ILE M 365 -13.27 -58.95 1.07
N SER M 366 -12.86 -58.66 2.29
CA SER M 366 -11.72 -59.32 2.94
C SER M 366 -11.09 -60.43 2.09
N ASP M 380 -10.45 -52.60 -23.77
CA ASP M 380 -10.59 -52.74 -22.33
C ASP M 380 -10.62 -51.41 -21.61
N SER M 381 -11.06 -50.38 -22.32
CA SER M 381 -11.21 -49.07 -21.73
C SER M 381 -12.51 -48.96 -20.96
N LEU M 382 -12.53 -48.03 -20.02
CA LEU M 382 -13.70 -47.67 -19.26
C LEU M 382 -14.10 -46.29 -19.73
N ILE M 383 -15.37 -46.08 -20.07
CA ILE M 383 -15.76 -44.77 -20.60
C ILE M 383 -16.71 -43.99 -19.73
N LEU M 384 -16.32 -42.76 -19.42
CA LEU M 384 -17.15 -41.86 -18.64
C LEU M 384 -17.80 -40.88 -19.61
N PRO M 385 -19.12 -40.74 -19.69
CA PRO M 385 -19.76 -39.76 -20.53
C PRO M 385 -19.51 -38.41 -19.91
N CYS M 386 -19.36 -37.38 -20.71
CA CYS M 386 -19.17 -36.04 -20.20
C CYS M 386 -20.05 -35.01 -20.87
N TRP M 387 -20.43 -34.03 -20.08
CA TRP M 387 -21.23 -32.91 -20.50
C TRP M 387 -20.43 -31.66 -20.37
N ILE M 388 -20.73 -30.64 -21.14
CA ILE M 388 -20.01 -29.41 -20.93
C ILE M 388 -20.95 -28.28 -20.66
N LYS M 389 -20.44 -27.20 -20.07
CA LYS M 389 -21.24 -26.02 -19.79
C LYS M 389 -20.57 -24.76 -20.27
N GLN M 390 -21.35 -23.77 -20.66
CA GLN M 390 -20.79 -22.49 -21.05
C GLN M 390 -20.88 -21.53 -19.88
N ILE M 391 -21.90 -21.70 -19.04
CA ILE M 391 -22.06 -20.79 -17.91
C ILE M 391 -21.53 -21.47 -16.68
N ILE M 392 -20.50 -20.87 -16.13
CA ILE M 392 -19.73 -21.44 -15.03
C ILE M 392 -19.80 -20.62 -13.75
N ASN M 393 -19.97 -21.30 -12.62
CA ASN M 393 -20.02 -20.62 -11.33
C ASN M 393 -18.96 -21.24 -10.40
N MET M 394 -17.73 -20.73 -10.45
CA MET M 394 -16.62 -21.35 -9.72
C MET M 394 -16.61 -21.00 -8.23
N TRP M 395 -16.06 -21.92 -7.43
CA TRP M 395 -15.84 -21.78 -5.97
C TRP M 395 -17.08 -21.42 -5.18
N GLN M 396 -18.23 -21.88 -5.62
CA GLN M 396 -19.48 -21.60 -4.94
C GLN M 396 -19.68 -20.11 -4.72
N ARG M 397 -19.23 -19.27 -5.63
CA ARG M 397 -19.43 -17.87 -5.44
C ARG M 397 -20.74 -17.48 -6.05
N ILE M 398 -21.71 -17.27 -5.19
CA ILE M 398 -23.04 -17.03 -5.65
C ILE M 398 -23.13 -15.57 -5.89
N GLY M 399 -23.58 -15.21 -7.06
CA GLY M 399 -23.65 -13.82 -7.46
C GLY M 399 -22.66 -13.53 -8.57
N GLN M 400 -21.81 -14.50 -8.92
CA GLN M 400 -20.90 -14.28 -10.03
C GLN M 400 -21.05 -15.42 -11.02
N ALA M 401 -20.80 -15.15 -12.29
CA ALA M 401 -20.81 -16.17 -13.31
C ALA M 401 -19.87 -15.81 -14.41
N MET M 402 -19.32 -16.82 -15.04
CA MET M 402 -18.42 -16.63 -16.16
C MET M 402 -18.94 -17.31 -17.40
N TYR M 403 -18.76 -16.67 -18.54
CA TYR M 403 -19.13 -17.29 -19.79
C TYR M 403 -17.91 -17.78 -20.48
N ALA M 404 -17.81 -19.07 -20.61
CA ALA M 404 -16.66 -19.61 -21.25
C ALA M 404 -16.95 -19.58 -22.74
N PRO M 405 -16.13 -18.99 -23.58
CA PRO M 405 -16.37 -18.96 -24.98
C PRO M 405 -16.16 -20.37 -25.41
N PRO M 406 -16.81 -20.83 -26.44
CA PRO M 406 -16.62 -22.10 -27.05
C PRO M 406 -15.31 -22.08 -27.77
N ILE M 407 -14.75 -23.24 -27.94
CA ILE M 407 -13.48 -23.38 -28.59
C ILE M 407 -13.52 -24.07 -29.93
N GLN M 408 -13.00 -23.36 -30.92
CA GLN M 408 -12.96 -23.83 -32.29
C GLN M 408 -12.12 -25.08 -32.43
N GLY M 409 -12.60 -26.03 -33.21
CA GLY M 409 -11.85 -27.25 -33.42
C GLY M 409 -12.26 -28.33 -32.43
N VAL M 410 -11.34 -29.26 -32.18
CA VAL M 410 -11.53 -30.45 -31.38
C VAL M 410 -10.59 -30.50 -30.20
N ILE M 411 -11.09 -30.90 -29.04
CA ILE M 411 -10.26 -30.95 -27.85
C ILE M 411 -9.85 -32.35 -27.42
N ARG M 412 -8.55 -32.50 -27.21
CA ARG M 412 -7.95 -33.73 -26.72
C ARG M 412 -7.14 -33.42 -25.48
N CYS M 413 -7.43 -34.13 -24.40
CA CYS M 413 -6.78 -33.92 -23.11
C CYS M 413 -6.12 -35.18 -22.62
N VAL M 414 -4.93 -35.05 -22.09
CA VAL M 414 -4.29 -36.20 -21.47
C VAL M 414 -3.86 -35.79 -20.10
N SER M 415 -4.25 -36.53 -19.08
CA SER M 415 -3.85 -36.14 -17.74
C SER M 415 -3.62 -37.30 -16.80
N ASN M 416 -2.99 -36.99 -15.68
CA ASN M 416 -2.67 -38.01 -14.68
C ASN M 416 -3.58 -37.94 -13.47
N ILE M 417 -4.31 -39.01 -13.21
CA ILE M 417 -5.09 -38.96 -11.99
C ILE M 417 -4.05 -39.26 -10.95
N THR M 418 -3.92 -38.37 -9.97
CA THR M 418 -2.92 -38.54 -8.94
C THR M 418 -3.56 -38.78 -7.59
N GLY M 419 -4.85 -38.62 -7.51
CA GLY M 419 -5.52 -38.84 -6.25
C GLY M 419 -7.01 -38.79 -6.31
N LEU M 420 -7.62 -39.09 -5.17
CA LEU M 420 -9.05 -39.13 -5.02
C LEU M 420 -9.53 -38.36 -3.82
N ILE M 421 -10.73 -37.81 -3.88
CA ILE M 421 -11.31 -37.31 -2.65
C ILE M 421 -12.49 -38.19 -2.35
N LEU M 422 -12.47 -38.86 -1.22
CA LEU M 422 -13.55 -39.76 -0.84
C LEU M 422 -14.20 -39.38 0.46
N THR M 423 -15.46 -39.72 0.62
CA THR M 423 -16.14 -39.52 1.87
C THR M 423 -16.71 -40.87 2.21
N ARG M 424 -17.13 -41.08 3.43
CA ARG M 424 -17.75 -42.36 3.72
C ARG M 424 -19.04 -42.15 4.44
N ASP M 425 -19.98 -43.03 4.21
CA ASP M 425 -21.27 -42.89 4.86
C ASP M 425 -21.11 -42.73 6.37
N SER M 431 -21.79 -51.78 10.61
CA SER M 431 -21.89 -53.22 10.53
C SER M 431 -20.60 -53.83 10.03
N THR M 432 -20.67 -54.46 8.85
CA THR M 432 -19.53 -55.10 8.22
C THR M 432 -19.11 -54.38 6.95
N THR M 433 -19.97 -53.51 6.43
CA THR M 433 -19.65 -52.86 5.19
C THR M 433 -19.68 -51.36 5.31
N GLU M 434 -18.62 -50.74 4.82
CA GLU M 434 -18.58 -49.29 4.78
C GLU M 434 -18.60 -48.85 3.34
N THR M 435 -19.34 -47.79 3.06
CA THR M 435 -19.46 -47.28 1.70
C THR M 435 -18.77 -45.94 1.50
N PHE M 436 -17.94 -45.92 0.46
CA PHE M 436 -17.15 -44.78 0.08
C PHE M 436 -17.65 -44.17 -1.20
N ARG M 437 -17.76 -42.86 -1.18
CA ARG M 437 -18.22 -42.11 -2.34
C ARG M 437 -17.28 -40.97 -2.64
N PRO M 438 -17.12 -40.55 -3.88
CA PRO M 438 -16.38 -39.39 -4.26
C PRO M 438 -16.91 -38.10 -3.64
N GLY M 439 -16.00 -37.22 -3.24
CA GLY M 439 -16.31 -35.92 -2.68
C GLY M 439 -15.78 -34.79 -3.58
N GLY M 440 -15.80 -33.56 -3.06
CA GLY M 440 -15.35 -32.43 -3.85
C GLY M 440 -16.05 -31.15 -3.40
N GLY M 441 -16.07 -30.17 -4.29
CA GLY M 441 -16.71 -28.88 -4.00
C GLY M 441 -15.79 -27.89 -3.29
N ASP M 442 -15.25 -28.28 -2.16
CA ASP M 442 -14.36 -27.40 -1.41
C ASP M 442 -12.95 -27.52 -1.95
N MET M 443 -12.54 -26.49 -2.68
CA MET M 443 -11.29 -26.49 -3.40
C MET M 443 -10.09 -26.52 -2.50
N ARG M 444 -10.23 -26.21 -1.24
CA ARG M 444 -9.04 -26.23 -0.41
C ARG M 444 -8.48 -27.63 -0.31
N ASP M 445 -9.29 -28.64 -0.55
CA ASP M 445 -8.84 -30.01 -0.50
C ASP M 445 -7.86 -30.31 -1.60
N ASN M 446 -7.89 -29.51 -2.67
CA ASN M 446 -7.02 -29.76 -3.79
C ASN M 446 -5.67 -29.15 -3.56
N TRP M 447 -5.53 -28.34 -2.52
CA TRP M 447 -4.27 -27.68 -2.27
C TRP M 447 -3.63 -28.30 -1.08
N ARG M 448 -4.42 -28.87 -0.18
CA ARG M 448 -3.84 -29.54 0.96
C ARG M 448 -2.99 -30.70 0.47
N SER M 449 -3.41 -31.31 -0.63
CA SER M 449 -2.73 -32.43 -1.21
C SER M 449 -1.32 -32.10 -1.73
N GLU M 450 -1.00 -30.82 -1.93
CA GLU M 450 0.33 -30.43 -2.37
C GLU M 450 1.08 -29.72 -1.25
N LEU M 451 0.35 -28.98 -0.42
CA LEU M 451 0.97 -28.21 0.63
C LEU M 451 1.14 -28.92 1.95
N TYR M 452 0.67 -30.15 2.09
CA TYR M 452 0.81 -30.91 3.32
C TYR M 452 2.26 -31.10 3.75
N LYS M 453 3.18 -30.98 2.82
CA LYS M 453 4.57 -31.18 3.11
C LYS M 453 5.20 -29.94 3.69
N TYR M 454 4.53 -28.80 3.68
CA TYR M 454 5.21 -27.60 4.13
C TYR M 454 4.63 -26.92 5.34
N LYS M 455 5.52 -26.38 6.15
CA LYS M 455 5.14 -25.60 7.32
C LYS M 455 5.90 -24.28 7.35
N VAL M 456 5.26 -23.20 7.79
CA VAL M 456 5.98 -21.93 7.85
C VAL M 456 6.28 -21.55 9.27
N VAL M 457 7.55 -21.24 9.53
CA VAL M 457 7.92 -20.85 10.87
C VAL M 457 8.63 -19.51 10.87
N LYS M 458 8.58 -18.84 12.01
CA LYS M 458 9.23 -17.56 12.21
C LYS M 458 10.53 -17.78 12.91
N ILE M 459 11.58 -17.15 12.43
CA ILE M 459 12.85 -17.32 13.09
C ILE M 459 12.86 -16.39 14.26
N GLU M 460 13.27 -16.89 15.42
CA GLU M 460 13.32 -16.09 16.64
C GLU M 460 14.72 -16.11 17.23
N PRO M 461 15.68 -15.45 16.59
CA PRO M 461 17.10 -15.58 16.80
C PRO M 461 17.65 -14.82 17.97
N LEU M 462 17.06 -14.98 19.12
CA LEU M 462 17.60 -14.30 20.29
C LEU M 462 17.34 -15.13 21.51
N GLY M 463 18.37 -15.38 22.28
CA GLY M 463 18.14 -16.13 23.49
C GLY M 463 19.29 -16.03 24.45
N VAL M 464 19.10 -16.63 25.60
CA VAL M 464 20.10 -16.58 26.64
C VAL M 464 20.41 -17.95 27.13
N ALA M 465 21.55 -18.09 27.76
CA ALA M 465 22.01 -19.34 28.35
C ALA M 465 23.08 -19.00 29.37
N PRO M 466 23.34 -19.82 30.39
CA PRO M 466 24.43 -19.63 31.32
C PRO M 466 25.77 -19.96 30.73
N THR M 467 26.79 -19.18 31.07
CA THR M 467 28.19 -19.47 30.70
C THR M 467 29.03 -19.05 31.89
N ARG M 468 30.33 -19.21 31.79
CA ARG M 468 31.19 -18.80 32.90
C ARG M 468 31.78 -17.42 32.71
N CYS M 469 31.32 -16.69 31.71
CA CYS M 469 31.90 -15.38 31.39
C CYS M 469 31.20 -14.20 31.99
N LYS M 470 31.96 -13.29 32.58
CA LYS M 470 31.38 -12.10 33.18
C LYS M 470 31.98 -10.82 32.59
N ARG M 471 31.20 -9.74 32.54
CA ARG M 471 31.77 -8.48 32.07
C ARG M 471 32.80 -7.95 33.04
N ARG M 472 33.82 -7.28 32.52
CA ARG M 472 34.85 -6.69 33.38
C ARG M 472 34.33 -5.55 34.25
N VAL M 473 33.36 -4.79 33.76
CA VAL M 473 32.81 -3.64 34.47
C VAL M 473 33.62 -3.25 35.70
N LEU N 9 27.17 -26.30 6.45
CA LEU N 9 25.82 -26.33 7.00
C LEU N 9 24.85 -25.47 6.22
N GLY N 10 24.79 -24.18 6.51
CA GLY N 10 23.85 -23.30 5.85
C GLY N 10 22.78 -22.90 6.84
N PHE N 11 21.79 -22.17 6.36
CA PHE N 11 20.76 -21.61 7.23
C PHE N 11 20.00 -22.69 7.95
N LEU N 12 19.97 -22.58 9.28
CA LEU N 12 19.39 -23.53 10.22
C LEU N 12 20.03 -24.89 10.17
N GLY N 13 21.18 -25.02 9.53
CA GLY N 13 21.83 -26.32 9.47
C GLY N 13 22.19 -26.80 10.86
N ALA N 14 22.47 -25.87 11.75
CA ALA N 14 22.86 -26.17 13.11
C ALA N 14 21.66 -26.36 14.02
N ALA N 15 20.46 -26.26 13.52
CA ALA N 15 19.30 -26.36 14.40
C ALA N 15 19.27 -27.65 15.21
N GLY N 16 19.75 -28.76 14.65
CA GLY N 16 19.75 -30.01 15.40
C GLY N 16 21.06 -30.26 16.17
N SER N 17 21.98 -29.33 16.08
CA SER N 17 23.29 -29.48 16.70
C SER N 17 23.20 -29.04 18.13
N THR N 18 24.22 -29.34 18.91
CA THR N 18 24.13 -28.93 20.28
C THR N 18 24.26 -27.45 20.39
N MET N 19 23.86 -26.91 21.53
CA MET N 19 23.93 -25.48 21.73
C MET N 19 25.32 -24.96 21.56
N GLY N 20 26.30 -25.71 22.05
CA GLY N 20 27.68 -25.30 21.93
C GLY N 20 28.08 -25.24 20.47
N ALA N 21 27.84 -26.31 19.74
CA ALA N 21 28.24 -26.37 18.34
C ALA N 21 27.58 -25.30 17.50
N ALA N 22 26.35 -25.00 17.82
CA ALA N 22 25.53 -24.07 17.09
C ALA N 22 25.95 -22.63 17.33
N SER N 23 26.80 -22.39 18.30
CA SER N 23 27.22 -21.04 18.59
C SER N 23 28.13 -20.54 17.49
N MET N 24 28.61 -21.45 16.66
CA MET N 24 29.50 -21.06 15.59
C MET N 24 28.77 -20.64 14.31
N THR N 25 27.43 -20.69 14.32
CA THR N 25 26.66 -20.36 13.13
C THR N 25 25.77 -19.15 13.28
N LEU N 26 26.07 -18.31 14.25
CA LEU N 26 25.22 -17.15 14.53
C LEU N 26 25.22 -16.18 13.35
N THR N 27 26.35 -16.09 12.65
CA THR N 27 26.50 -15.22 11.52
C THR N 27 25.53 -15.62 10.42
N VAL N 28 25.40 -16.92 10.22
CA VAL N 28 24.57 -17.43 9.16
C VAL N 28 23.14 -17.11 9.42
N GLN N 29 22.71 -17.29 10.65
CA GLN N 29 21.33 -17.01 10.90
C GLN N 29 21.05 -15.52 10.85
N ALA N 30 21.98 -14.70 11.33
CA ALA N 30 21.72 -13.26 11.36
C ALA N 30 21.50 -12.68 9.97
N ARG N 31 22.22 -13.17 8.99
CA ARG N 31 22.10 -12.62 7.66
C ARG N 31 20.79 -12.96 6.96
N ASN N 32 20.06 -13.94 7.46
CA ASN N 32 18.85 -14.35 6.79
C ASN N 32 17.62 -13.76 7.42
N LEU N 33 17.85 -12.80 8.31
CA LEU N 33 16.75 -12.10 8.91
C LEU N 33 16.41 -10.92 8.02
N LEU N 34 17.40 -10.44 7.27
CA LEU N 34 17.17 -9.35 6.36
C LEU N 34 17.15 -9.83 4.91
N SER N 35 18.01 -10.80 4.55
CA SER N 35 18.02 -11.25 3.17
C SER N 35 17.08 -12.42 2.99
N HIS N 59 -6.89 -4.88 -1.94
CA HIS N 59 -5.70 -4.88 -2.79
C HIS N 59 -4.76 -6.00 -2.37
N TRP N 60 -4.12 -6.66 -3.34
CA TRP N 60 -3.24 -7.79 -3.04
C TRP N 60 -1.84 -7.37 -2.64
N GLY N 61 -1.16 -6.61 -3.49
CA GLY N 61 0.24 -6.27 -3.24
C GLY N 61 0.45 -5.60 -1.90
N ILE N 62 -0.53 -4.86 -1.42
CA ILE N 62 -0.37 -4.22 -0.13
C ILE N 62 -0.13 -5.20 1.01
N LYS N 63 -0.58 -6.46 0.94
CA LYS N 63 -0.33 -7.36 2.07
C LYS N 63 1.10 -7.85 2.05
N GLN N 64 1.76 -7.80 0.88
CA GLN N 64 3.12 -8.27 0.79
C GLN N 64 3.99 -7.17 1.36
N LEU N 65 3.55 -5.94 1.11
CA LEU N 65 4.27 -4.79 1.58
C LEU N 65 4.13 -4.72 3.08
N GLN N 66 2.93 -5.02 3.59
CA GLN N 66 2.74 -5.02 5.02
C GLN N 66 3.64 -6.02 5.68
N ALA N 67 3.77 -7.21 5.11
CA ALA N 67 4.62 -8.21 5.73
C ALA N 67 6.06 -7.75 5.80
N ARG N 68 6.56 -7.06 4.76
CA ARG N 68 7.93 -6.59 4.82
C ARG N 68 8.09 -5.54 5.90
N VAL N 69 7.12 -4.66 6.07
CA VAL N 69 7.23 -3.65 7.08
C VAL N 69 7.25 -4.27 8.45
N LEU N 70 6.40 -5.25 8.69
CA LEU N 70 6.38 -5.87 10.00
C LEU N 70 7.67 -6.60 10.27
N ALA N 71 8.26 -7.23 9.25
CA ALA N 71 9.53 -7.92 9.47
C ALA N 71 10.59 -6.92 9.91
N VAL N 72 10.57 -5.72 9.35
CA VAL N 72 11.51 -4.70 9.75
C VAL N 72 11.29 -4.29 11.17
N GLU N 73 10.04 -4.08 11.56
CA GLU N 73 9.81 -3.68 12.93
C GLU N 73 10.27 -4.77 13.90
N HIS N 74 10.06 -6.03 13.55
CA HIS N 74 10.49 -7.09 14.44
C HIS N 74 12.00 -7.03 14.59
N TYR N 75 12.71 -6.90 13.48
CA TYR N 75 14.15 -6.84 13.51
C TYR N 75 14.62 -5.74 14.42
N LEU N 76 14.02 -4.56 14.28
CA LEU N 76 14.44 -3.44 15.09
C LEU N 76 14.18 -3.68 16.55
N ARG N 77 13.10 -4.37 16.92
CA ARG N 77 12.87 -4.62 18.33
C ARG N 77 13.97 -5.47 18.92
N ASP N 78 14.44 -6.48 18.18
CA ASP N 78 15.52 -7.29 18.73
C ASP N 78 16.77 -6.46 18.86
N GLN N 79 17.02 -5.58 17.89
CA GLN N 79 18.21 -4.78 17.97
C GLN N 79 18.11 -3.79 19.11
N GLN N 80 16.92 -3.26 19.36
CA GLN N 80 16.78 -2.32 20.44
C GLN N 80 17.08 -2.99 21.76
N LEU N 81 16.64 -4.24 21.95
CA LEU N 81 16.96 -4.88 23.22
C LEU N 81 18.44 -5.07 23.38
N LEU N 82 19.12 -5.45 22.32
CA LEU N 82 20.54 -5.64 22.46
C LEU N 82 21.18 -4.32 22.82
N GLY N 83 20.69 -3.23 22.24
CA GLY N 83 21.21 -1.92 22.57
C GLY N 83 20.96 -1.59 24.04
N ILE N 84 19.73 -1.80 24.51
CA ILE N 84 19.36 -1.49 25.87
C ILE N 84 20.15 -2.25 26.87
N TRP N 85 20.41 -3.52 26.60
CA TRP N 85 21.16 -4.38 27.51
C TRP N 85 22.65 -4.14 27.50
N GLY N 86 23.16 -3.24 26.66
CA GLY N 86 24.59 -2.99 26.61
C GLY N 86 25.33 -3.99 25.74
N CYS N 87 24.65 -4.55 24.77
CA CYS N 87 25.23 -5.53 23.89
C CYS N 87 24.88 -5.18 22.45
N SER N 88 25.18 -3.94 22.07
CA SER N 88 24.76 -3.36 20.81
C SER N 88 25.41 -3.80 19.52
N GLY N 89 26.60 -4.37 19.58
CA GLY N 89 27.27 -4.72 18.33
C GLY N 89 27.94 -6.06 18.38
N LYS N 90 27.33 -7.00 19.08
CA LYS N 90 27.92 -8.31 19.24
C LYS N 90 26.93 -9.41 18.96
N LEU N 91 27.40 -10.54 18.45
CA LEU N 91 26.49 -11.66 18.31
C LEU N 91 26.52 -12.41 19.63
N ILE N 92 27.65 -12.34 20.33
CA ILE N 92 27.80 -12.96 21.64
C ILE N 92 28.27 -11.95 22.66
N CYS N 93 27.58 -11.82 23.77
CA CYS N 93 28.11 -10.93 24.79
C CYS N 93 27.78 -11.40 26.18
N CYS N 94 28.48 -10.83 27.15
CA CYS N 94 28.31 -11.19 28.54
C CYS N 94 27.64 -10.11 29.30
N THR N 95 26.98 -10.47 30.40
CA THR N 95 26.29 -9.50 31.22
C THR N 95 26.67 -9.70 32.67
N ASN N 96 26.18 -8.84 33.54
CA ASN N 96 26.45 -8.97 34.96
C ASN N 96 25.31 -9.60 35.72
N VAL N 97 24.38 -10.20 35.03
CA VAL N 97 23.28 -10.85 35.71
C VAL N 97 23.65 -12.29 35.94
N PRO N 98 23.67 -12.79 37.17
CA PRO N 98 24.02 -14.14 37.53
C PRO N 98 22.91 -15.04 37.09
N TRP N 99 23.21 -16.28 36.81
CA TRP N 99 22.17 -17.22 36.48
C TRP N 99 21.56 -17.71 37.77
N ASN N 100 20.25 -17.65 37.85
CA ASN N 100 19.54 -18.17 39.02
C ASN N 100 19.36 -19.66 38.88
N SER N 101 19.57 -20.41 39.94
CA SER N 101 19.36 -21.86 39.85
C SER N 101 17.90 -22.22 39.67
N SER N 102 17.01 -21.29 39.97
CA SER N 102 15.59 -21.52 39.80
C SER N 102 15.22 -21.53 38.32
N TRP N 103 16.09 -21.00 37.48
CA TRP N 103 15.81 -20.93 36.05
C TRP N 103 16.29 -22.19 35.39
N SER N 104 15.57 -23.25 35.66
CA SER N 104 15.87 -24.55 35.08
C SER N 104 17.32 -24.97 35.22
N ASN N 105 17.81 -25.11 36.44
CA ASN N 105 19.18 -25.52 36.59
C ASN N 105 19.36 -26.90 36.02
N ARG N 106 20.10 -26.94 34.94
CA ARG N 106 20.38 -28.14 34.19
C ARG N 106 21.87 -28.33 34.04
N ASN N 107 22.61 -27.94 35.06
CA ASN N 107 24.06 -28.11 35.00
C ASN N 107 24.64 -27.17 33.96
N LEU N 108 25.94 -27.29 33.71
CA LEU N 108 26.53 -26.44 32.68
C LEU N 108 26.85 -27.23 31.43
N SER N 109 27.55 -28.35 31.60
CA SER N 109 27.97 -29.12 30.45
C SER N 109 26.82 -29.86 29.82
N GLU N 110 25.77 -30.13 30.57
CA GLU N 110 24.63 -30.80 30.01
C GLU N 110 23.94 -29.86 29.04
N ILE N 111 23.84 -28.59 29.41
CA ILE N 111 23.20 -27.65 28.53
C ILE N 111 23.99 -27.45 27.26
N TRP N 112 25.28 -27.20 27.39
CA TRP N 112 26.01 -26.91 26.18
C TRP N 112 26.34 -28.10 25.27
N ASP N 113 26.54 -29.29 25.84
CA ASP N 113 26.87 -30.45 25.03
C ASP N 113 25.76 -31.43 24.71
N ASN N 114 24.67 -31.52 25.50
CA ASN N 114 23.66 -32.53 25.23
C ASN N 114 22.27 -31.94 25.04
N MET N 115 22.19 -30.73 24.54
CA MET N 115 20.91 -30.10 24.32
C MET N 115 21.00 -29.22 23.08
N THR N 116 19.89 -29.05 22.35
CA THR N 116 19.85 -28.15 21.20
C THR N 116 19.19 -26.84 21.61
N TRP N 117 19.35 -25.79 20.80
CA TRP N 117 18.73 -24.51 21.17
C TRP N 117 17.22 -24.55 21.17
N LEU N 118 16.65 -25.41 20.35
CA LEU N 118 15.21 -25.56 20.28
C LEU N 118 14.67 -26.08 21.59
N GLN N 119 15.43 -26.95 22.26
CA GLN N 119 14.99 -27.53 23.52
C GLN N 119 15.18 -26.54 24.63
N TRP N 120 16.28 -25.81 24.57
CA TRP N 120 16.60 -24.86 25.59
C TRP N 120 15.55 -23.76 25.65
N ASP N 121 15.05 -23.39 24.48
CA ASP N 121 14.04 -22.35 24.40
C ASP N 121 12.74 -22.76 25.06
N LYS N 122 12.56 -24.04 25.36
CA LYS N 122 11.36 -24.46 26.03
C LYS N 122 11.68 -24.62 27.50
N GLU N 123 12.91 -25.05 27.80
CA GLU N 123 13.33 -25.28 29.18
C GLU N 123 13.22 -24.02 30.00
N ILE N 124 13.50 -22.88 29.40
CA ILE N 124 13.40 -21.64 30.13
C ILE N 124 12.39 -20.66 29.56
N SER N 125 11.35 -21.13 28.88
CA SER N 125 10.40 -20.19 28.29
C SER N 125 9.64 -19.33 29.29
N ASN N 126 9.49 -19.76 30.53
CA ASN N 126 8.74 -18.97 31.50
C ASN N 126 9.64 -18.00 32.25
N TYR N 127 10.90 -17.95 31.91
CA TYR N 127 11.78 -17.07 32.64
C TYR N 127 12.30 -15.98 31.75
N THR N 128 11.90 -15.98 30.49
CA THR N 128 12.42 -15.04 29.54
C THR N 128 12.16 -13.61 29.94
N GLN N 129 10.96 -13.32 30.42
CA GLN N 129 10.68 -11.94 30.75
C GLN N 129 11.41 -11.53 32.02
N ILE N 130 11.65 -12.46 32.91
CA ILE N 130 12.36 -12.15 34.13
C ILE N 130 13.78 -11.81 33.79
N ILE N 131 14.38 -12.63 32.95
CA ILE N 131 15.75 -12.42 32.58
C ILE N 131 15.87 -11.12 31.84
N TYR N 132 14.99 -10.83 30.91
CA TYR N 132 15.12 -9.60 30.20
C TYR N 132 15.00 -8.41 31.13
N GLY N 133 14.08 -8.45 32.08
CA GLY N 133 13.97 -7.32 32.98
C GLY N 133 15.27 -7.13 33.76
N LEU N 134 15.89 -8.21 34.21
CA LEU N 134 17.14 -8.10 34.94
C LEU N 134 18.23 -7.55 34.08
N LEU N 135 18.27 -7.94 32.82
CA LEU N 135 19.30 -7.45 31.93
C LEU N 135 19.18 -5.97 31.70
N GLU N 136 17.97 -5.44 31.68
CA GLU N 136 17.78 -4.01 31.48
C GLU N 136 18.21 -3.25 32.73
N GLU N 137 17.87 -3.80 33.90
CA GLU N 137 18.22 -3.09 35.11
C GLU N 137 19.71 -3.08 35.32
N SER N 138 20.37 -4.21 35.08
CA SER N 138 21.81 -4.26 35.27
C SER N 138 22.54 -3.82 34.01
N GLN N 139 22.13 -2.67 33.55
CA GLN N 139 22.70 -1.90 32.49
C GLN N 139 22.54 -0.50 32.93
N ASN N 140 21.31 -0.14 33.32
CA ASN N 140 21.13 1.23 33.75
C ASN N 140 22.01 1.52 34.94
N GLN N 141 22.22 0.50 35.77
CA GLN N 141 23.11 0.70 36.89
C GLN N 141 24.53 0.91 36.41
N GLN N 142 24.91 0.26 35.31
CA GLN N 142 26.25 0.39 34.83
C GLN N 142 26.46 1.71 34.15
N GLU N 143 25.47 2.18 33.40
CA GLU N 143 25.65 3.45 32.73
C GLU N 143 25.82 4.57 33.74
N LYS N 144 25.06 4.51 34.83
CA LYS N 144 25.22 5.55 35.81
C LYS N 144 26.58 5.47 36.48
N ASN N 145 27.10 4.27 36.74
CA ASN N 145 28.40 4.25 37.36
C ASN N 145 29.45 4.78 36.40
N GLU N 146 29.33 4.48 35.11
CA GLU N 146 30.32 4.99 34.19
C GLU N 146 30.25 6.50 34.11
N GLN N 147 29.03 7.04 34.13
CA GLN N 147 28.87 8.47 34.06
C GLN N 147 29.53 9.13 35.26
N ASP N 148 29.41 8.55 36.45
CA ASP N 148 30.03 9.19 37.59
C ASP N 148 31.53 9.18 37.48
N LEU N 149 32.10 8.09 36.99
CA LEU N 149 33.55 7.99 36.91
C LEU N 149 34.13 8.98 35.94
N LEU N 150 33.40 9.32 34.90
CA LEU N 150 33.89 10.26 33.91
C LEU N 150 33.87 11.69 34.41
N ALA N 151 33.32 11.90 35.60
CA ALA N 151 33.29 13.22 36.19
C ALA N 151 34.34 13.35 37.27
N LEU N 152 35.21 12.35 37.44
CA LEU N 152 36.25 12.49 38.46
C LEU N 152 37.51 13.02 37.80
N ASP N 153 37.85 14.23 38.15
CA ASP N 153 38.97 14.92 37.53
C ASP N 153 40.27 14.14 37.69
N VAL O 2 -23.04 -60.08 -49.35
CA VAL O 2 -23.91 -61.04 -48.68
C VAL O 2 -25.25 -61.17 -49.39
N GLN O 3 -25.68 -62.41 -49.58
CA GLN O 3 -26.99 -62.64 -50.17
C GLN O 3 -27.93 -63.20 -49.12
N LEU O 4 -29.21 -62.94 -49.28
CA LEU O 4 -30.16 -63.47 -48.33
C LEU O 4 -31.14 -64.38 -49.00
N GLN O 5 -31.27 -65.59 -48.48
CA GLN O 5 -32.19 -66.54 -49.10
C GLN O 5 -33.26 -67.04 -48.16
N GLU O 6 -34.50 -66.67 -48.43
CA GLU O 6 -35.60 -67.10 -47.60
C GLU O 6 -36.06 -68.51 -47.95
N SER O 7 -36.65 -69.17 -46.96
CA SER O 7 -37.26 -70.47 -47.13
C SER O 7 -38.39 -70.72 -46.15
N GLY O 8 -39.41 -71.44 -46.59
CA GLY O 8 -40.51 -71.76 -45.71
C GLY O 8 -41.59 -72.42 -46.54
N PRO O 9 -42.72 -72.80 -45.94
CA PRO O 9 -43.84 -73.40 -46.62
C PRO O 9 -44.33 -72.42 -47.65
N GLY O 10 -44.73 -72.90 -48.83
CA GLY O 10 -45.29 -71.98 -49.83
C GLY O 10 -46.81 -72.01 -49.73
N LEU O 11 -47.28 -72.85 -48.81
CA LEU O 11 -48.67 -73.10 -48.53
C LEU O 11 -48.91 -73.50 -47.10
N VAL O 12 -49.81 -72.80 -46.46
CA VAL O 12 -50.24 -73.07 -45.10
C VAL O 12 -51.74 -73.08 -45.11
N LYS O 13 -52.36 -73.91 -44.31
CA LYS O 13 -53.80 -73.89 -44.27
C LYS O 13 -54.24 -72.65 -43.51
N PRO O 14 -55.47 -72.19 -43.69
CA PRO O 14 -56.06 -71.19 -42.84
C PRO O 14 -56.06 -71.79 -41.45
N SER O 15 -55.88 -70.94 -40.45
CA SER O 15 -55.83 -71.31 -39.04
C SER O 15 -54.71 -72.33 -38.77
N GLN O 16 -53.58 -72.09 -39.40
CA GLN O 16 -52.38 -72.92 -39.25
C GLN O 16 -51.15 -72.02 -39.19
N THR O 17 -50.17 -72.37 -38.36
CA THR O 17 -48.96 -71.57 -38.18
C THR O 17 -47.91 -71.70 -39.29
N LEU O 18 -46.94 -70.78 -39.29
CA LEU O 18 -45.80 -70.74 -40.22
C LEU O 18 -44.44 -70.58 -39.56
N SER O 19 -43.45 -71.19 -40.19
CA SER O 19 -42.05 -71.03 -39.79
C SER O 19 -41.24 -70.76 -41.03
N LEU O 20 -40.61 -69.60 -41.04
CA LEU O 20 -39.83 -69.16 -42.16
C LEU O 20 -38.40 -68.91 -41.72
N THR O 21 -37.46 -69.19 -42.59
CA THR O 21 -36.07 -68.92 -42.26
C THR O 21 -35.41 -68.14 -43.37
N CYS O 22 -34.24 -67.61 -43.06
CA CYS O 22 -33.41 -66.91 -44.01
C CYS O 22 -31.93 -67.20 -43.81
N THR O 23 -31.27 -67.66 -44.85
CA THR O 23 -29.86 -67.96 -44.74
C THR O 23 -29.05 -66.76 -45.16
N VAL O 24 -28.06 -66.42 -44.33
CA VAL O 24 -27.20 -65.30 -44.65
C VAL O 24 -25.97 -65.83 -45.37
N SER O 25 -26.00 -65.72 -46.69
CA SER O 25 -25.01 -66.38 -47.51
C SER O 25 -23.82 -65.50 -47.80
N GLY O 26 -22.67 -65.95 -47.32
CA GLY O 26 -21.46 -65.18 -47.46
C GLY O 26 -21.32 -64.20 -46.31
N GLY O 27 -22.25 -64.26 -45.37
CA GLY O 27 -22.22 -63.36 -44.24
C GLY O 27 -22.39 -64.16 -42.98
N SER O 28 -22.72 -63.47 -41.90
CA SER O 28 -22.89 -64.14 -40.64
C SER O 28 -23.80 -63.37 -39.74
N ILE O 29 -24.36 -64.06 -38.75
CA ILE O 29 -25.14 -63.35 -37.75
C ILE O 29 -24.33 -63.45 -36.48
N SER O 30 -23.77 -62.34 -36.05
CA SER O 30 -22.90 -62.37 -34.90
C SER O 30 -22.72 -60.99 -34.33
N SER O 31 -22.03 -60.18 -35.10
CA SER O 31 -21.72 -58.84 -34.70
C SER O 31 -21.84 -57.87 -35.86
N GLY O 32 -21.34 -56.68 -35.63
CA GLY O 32 -21.44 -55.60 -36.60
C GLY O 32 -22.56 -54.69 -36.18
N SER O 33 -22.79 -53.64 -36.94
CA SER O 33 -23.77 -52.62 -36.63
C SER O 33 -25.17 -52.97 -37.16
N TYR O 34 -25.26 -54.11 -37.84
CA TYR O 34 -26.44 -54.59 -38.52
C TYR O 34 -27.52 -55.20 -37.64
N TYR O 35 -28.76 -55.06 -38.09
CA TYR O 35 -29.88 -55.68 -37.40
C TYR O 35 -30.61 -56.56 -38.39
N TRP O 36 -31.23 -57.62 -37.93
CA TRP O 36 -31.94 -58.48 -38.86
C TRP O 36 -33.43 -58.26 -38.80
N SER O 37 -34.11 -58.22 -39.93
CA SER O 37 -35.55 -57.99 -39.85
C SER O 37 -36.38 -58.59 -40.98
N TRP O 38 -37.68 -58.68 -40.72
CA TRP O 38 -38.63 -59.15 -41.70
C TRP O 38 -39.70 -58.12 -42.03
N ILE O 39 -40.10 -58.10 -43.29
CA ILE O 39 -41.19 -57.23 -43.76
C ILE O 39 -42.14 -58.02 -44.65
N ARG O 40 -43.43 -57.75 -44.52
CA ARG O 40 -44.44 -58.44 -45.30
C ARG O 40 -44.98 -57.62 -46.47
N GLN O 41 -45.26 -58.28 -47.58
CA GLN O 41 -45.88 -57.57 -48.68
C GLN O 41 -46.97 -58.38 -49.36
N PRO O 42 -48.25 -58.15 -49.05
CA PRO O 42 -49.37 -58.82 -49.67
C PRO O 42 -49.21 -58.51 -51.13
N ALA O 43 -49.61 -59.41 -52.02
CA ALA O 43 -49.32 -59.19 -53.43
C ALA O 43 -49.84 -57.87 -53.99
N GLY O 44 -51.00 -57.41 -53.53
CA GLY O 44 -51.56 -56.16 -54.04
C GLY O 44 -51.36 -54.96 -53.11
N LYS O 45 -50.54 -55.10 -52.09
CA LYS O 45 -50.39 -54.04 -51.09
C LYS O 45 -48.97 -53.52 -50.91
N GLY O 46 -48.86 -52.47 -50.11
CA GLY O 46 -47.55 -51.91 -49.81
C GLY O 46 -46.91 -52.76 -48.73
N LEU O 47 -45.81 -52.31 -48.21
CA LEU O 47 -45.06 -53.10 -47.25
C LEU O 47 -45.54 -52.90 -45.81
N GLU O 48 -45.50 -53.96 -45.02
CA GLU O 48 -45.80 -53.93 -43.59
C GLU O 48 -44.64 -54.50 -42.79
N TRP O 49 -44.02 -53.72 -41.93
CA TRP O 49 -42.86 -54.24 -41.20
C TRP O 49 -43.33 -55.31 -40.24
N ILE O 50 -42.61 -56.42 -40.12
CA ILE O 50 -43.02 -57.47 -39.20
C ILE O 50 -42.31 -57.34 -37.88
N GLY O 51 -40.99 -57.21 -37.96
CA GLY O 51 -40.19 -57.14 -36.75
C GLY O 51 -38.69 -57.24 -37.01
N ARG O 52 -37.94 -56.94 -35.96
CA ARG O 52 -36.48 -56.92 -35.98
C ARG O 52 -35.83 -57.57 -34.78
N ILE O 53 -34.67 -58.17 -35.03
CA ILE O 53 -33.85 -58.78 -33.99
C ILE O 53 -32.39 -58.34 -34.05
N TYR O 54 -31.84 -58.15 -32.89
CA TYR O 54 -30.46 -57.78 -32.74
C TYR O 54 -29.67 -59.08 -32.65
N THR O 55 -28.37 -59.06 -32.90
CA THR O 55 -27.63 -60.34 -32.82
C THR O 55 -27.56 -60.81 -31.37
N SER O 56 -27.84 -59.89 -30.46
CA SER O 56 -27.89 -60.09 -29.02
C SER O 56 -29.12 -60.89 -28.61
N GLY O 57 -30.08 -61.01 -29.53
CA GLY O 57 -31.34 -61.68 -29.29
C GLY O 57 -32.50 -60.75 -28.96
N SER O 58 -32.21 -59.48 -28.69
CA SER O 58 -33.28 -58.51 -28.39
C SER O 58 -34.16 -58.28 -29.60
N THR O 59 -35.48 -58.18 -29.39
CA THR O 59 -36.42 -57.95 -30.49
C THR O 59 -37.40 -56.80 -30.32
N ASN O 60 -37.97 -56.43 -31.47
CA ASN O 60 -38.97 -55.38 -31.66
C ASN O 60 -39.99 -55.81 -32.71
N TYR O 61 -41.25 -55.93 -32.33
CA TYR O 61 -42.24 -56.42 -33.28
C TYR O 61 -43.24 -55.34 -33.64
N ASN O 62 -43.77 -55.43 -34.85
CA ASN O 62 -44.80 -54.51 -35.28
C ASN O 62 -45.99 -54.72 -34.41
N PRO O 63 -46.51 -53.72 -33.70
CA PRO O 63 -47.65 -53.85 -32.83
C PRO O 63 -48.81 -54.59 -33.51
N SER O 64 -49.00 -54.41 -34.82
CA SER O 64 -50.11 -55.08 -35.50
C SER O 64 -50.03 -56.61 -35.46
N LEU O 65 -48.82 -57.13 -35.37
CA LEU O 65 -48.59 -58.55 -35.33
C LEU O 65 -47.87 -58.94 -34.05
N LYS O 66 -47.77 -58.05 -33.07
CA LYS O 66 -46.94 -58.37 -31.92
C LYS O 66 -47.31 -59.66 -31.21
N SER O 67 -48.59 -59.89 -31.02
CA SER O 67 -49.08 -61.05 -30.29
C SER O 67 -48.97 -62.33 -31.09
N ARG O 68 -48.66 -62.19 -32.38
CA ARG O 68 -48.61 -63.30 -33.28
C ARG O 68 -47.19 -63.64 -33.72
N VAL O 69 -46.18 -62.88 -33.28
CA VAL O 69 -44.85 -63.11 -33.84
C VAL O 69 -43.66 -63.29 -32.90
N THR O 70 -42.86 -64.30 -33.23
CA THR O 70 -41.60 -64.59 -32.57
C THR O 70 -40.45 -64.56 -33.58
N ILE O 71 -39.37 -63.86 -33.23
CA ILE O 71 -38.18 -63.79 -34.09
C ILE O 71 -36.96 -64.28 -33.34
N SER O 72 -36.11 -65.06 -34.02
CA SER O 72 -34.91 -65.62 -33.43
C SER O 72 -33.76 -65.80 -34.42
N VAL O 73 -32.53 -65.65 -33.94
CA VAL O 73 -31.37 -65.89 -34.82
C VAL O 73 -30.50 -67.02 -34.37
N ASP O 74 -30.19 -67.90 -35.30
CA ASP O 74 -29.31 -68.98 -35.06
C ASP O 74 -27.93 -68.56 -35.53
N THR O 75 -27.08 -68.20 -34.58
CA THR O 75 -25.79 -67.62 -34.87
C THR O 75 -24.76 -68.71 -35.16
N SER O 76 -25.17 -69.97 -34.98
CA SER O 76 -24.25 -71.07 -35.27
C SER O 76 -24.44 -71.42 -36.73
N LYS O 77 -25.66 -71.22 -37.21
CA LYS O 77 -26.03 -71.51 -38.58
C LYS O 77 -26.04 -70.29 -39.49
N ASN O 78 -26.06 -69.09 -38.91
CA ASN O 78 -26.18 -67.85 -39.66
C ASN O 78 -27.50 -67.87 -40.41
N GLN O 79 -28.52 -68.34 -39.68
CA GLN O 79 -29.88 -68.40 -40.17
C GLN O 79 -30.82 -67.63 -39.28
N PHE O 80 -31.58 -66.79 -39.92
CA PHE O 80 -32.54 -65.91 -39.33
C PHE O 80 -33.95 -66.48 -39.42
N SER O 81 -34.59 -66.70 -38.27
CA SER O 81 -35.91 -67.33 -38.26
C SER O 81 -37.05 -66.41 -37.84
N LEU O 82 -38.20 -66.68 -38.42
CA LEU O 82 -39.48 -66.05 -38.14
C LEU O 82 -40.59 -67.05 -37.87
N LYS O 83 -41.24 -66.93 -36.74
CA LYS O 83 -42.33 -67.82 -36.41
C LYS O 83 -43.62 -67.04 -36.25
N LEU O 84 -44.62 -67.46 -37.00
CA LEU O 84 -45.90 -66.79 -36.99
C LEU O 84 -46.96 -67.67 -36.35
N SER O 85 -47.88 -67.04 -35.63
CA SER O 85 -49.00 -67.75 -35.03
C SER O 85 -49.95 -68.18 -36.10
N SER O 86 -51.13 -68.63 -35.73
CA SER O 86 -52.02 -69.17 -36.74
C SER O 86 -52.23 -68.12 -37.81
N VAL O 87 -52.11 -68.57 -39.05
CA VAL O 87 -52.19 -67.78 -40.27
C VAL O 87 -53.55 -67.88 -40.94
N THR O 88 -54.03 -66.74 -41.42
CA THR O 88 -55.30 -66.57 -42.10
C THR O 88 -55.19 -65.93 -43.48
N ALA O 89 -56.33 -65.73 -44.13
CA ALA O 89 -56.38 -65.19 -45.50
C ALA O 89 -55.70 -63.83 -45.64
N ALA O 90 -55.77 -63.03 -44.60
CA ALA O 90 -55.18 -61.69 -44.61
C ALA O 90 -53.66 -61.73 -44.66
N ASP O 91 -53.08 -62.90 -44.42
CA ASP O 91 -51.65 -63.07 -44.35
C ASP O 91 -51.06 -63.64 -45.64
N THR O 92 -51.86 -63.71 -46.72
CA THR O 92 -51.38 -64.23 -48.01
C THR O 92 -50.46 -63.20 -48.64
N ALA O 93 -49.21 -63.26 -48.23
CA ALA O 93 -48.21 -62.26 -48.54
C ALA O 93 -46.83 -62.81 -48.75
N VAL O 94 -45.99 -61.94 -49.30
CA VAL O 94 -44.59 -62.25 -49.45
C VAL O 94 -43.84 -61.86 -48.18
N TYR O 95 -43.04 -62.76 -47.66
CA TYR O 95 -42.30 -62.47 -46.47
C TYR O 95 -40.83 -62.30 -46.79
N TYR O 96 -40.33 -61.07 -46.62
CA TYR O 96 -38.95 -60.76 -46.98
C TYR O 96 -38.00 -60.70 -45.83
N CYS O 97 -36.81 -61.22 -46.10
CA CYS O 97 -35.67 -61.18 -45.22
C CYS O 97 -34.77 -60.04 -45.62
N ALA O 98 -34.38 -59.23 -44.66
CA ALA O 98 -33.47 -58.17 -44.99
C ALA O 98 -32.58 -57.79 -43.82
N ARG O 99 -31.44 -57.20 -44.17
CA ARG O 99 -30.52 -56.71 -43.18
C ARG O 99 -30.61 -55.19 -43.13
N GLU O 100 -30.80 -54.65 -41.92
CA GLU O 100 -30.89 -53.22 -41.71
C GLU O 100 -29.53 -52.74 -41.28
N GLY O 101 -29.12 -51.61 -41.80
CA GLY O 101 -27.81 -51.07 -41.45
C GLY O 101 -27.80 -50.10 -40.29
N PHE O 102 -26.62 -49.58 -40.03
CA PHE O 102 -26.34 -48.63 -38.98
C PHE O 102 -24.88 -48.31 -39.20
N THR O 103 -24.40 -47.17 -38.77
CA THR O 103 -23.01 -46.88 -38.93
C THR O 103 -22.46 -46.42 -37.64
N ILE O 104 -21.20 -46.05 -37.59
CA ILE O 104 -20.67 -45.48 -36.37
C ILE O 104 -19.85 -44.22 -36.61
N PHE O 105 -20.13 -43.20 -35.81
CA PHE O 105 -19.39 -41.97 -35.76
C PHE O 105 -18.58 -41.89 -34.52
N GLY O 106 -19.20 -42.30 -33.45
CA GLY O 106 -18.57 -42.14 -32.16
C GLY O 106 -18.55 -43.41 -31.38
N VAL O 107 -18.97 -43.29 -30.14
CA VAL O 107 -18.93 -44.36 -29.19
C VAL O 107 -20.11 -45.29 -29.43
N VAL O 108 -19.83 -46.57 -29.53
CA VAL O 108 -20.90 -47.52 -29.80
C VAL O 108 -21.90 -47.57 -28.66
N THR O 109 -21.44 -47.36 -27.44
CA THR O 109 -22.29 -47.42 -26.27
C THR O 109 -23.15 -46.19 -26.13
N PHE O 110 -22.91 -45.19 -26.96
CA PHE O 110 -23.69 -43.98 -26.93
C PHE O 110 -24.61 -43.92 -28.15
N SER O 111 -24.64 -45.01 -28.94
CA SER O 111 -25.42 -45.12 -30.16
C SER O 111 -25.15 -44.00 -31.16
N GLU O 112 -23.89 -43.63 -31.32
CA GLU O 112 -23.58 -42.56 -32.24
C GLU O 112 -23.38 -43.07 -33.66
N GLY O 113 -24.49 -43.30 -34.41
CA GLY O 113 -24.36 -43.95 -35.74
C GLY O 113 -25.54 -43.98 -36.74
N TYR O 114 -26.23 -42.86 -36.94
CA TYR O 114 -27.37 -42.84 -37.89
C TYR O 114 -28.30 -44.03 -37.61
N TYR O 115 -28.80 -44.61 -38.72
CA TYR O 115 -29.65 -45.76 -38.84
C TYR O 115 -29.86 -45.94 -40.32
N TYR O 116 -29.95 -47.17 -40.79
CA TYR O 116 -30.36 -47.40 -42.16
C TYR O 116 -31.50 -48.35 -42.14
N GLY O 117 -32.35 -48.25 -43.14
CA GLY O 117 -33.41 -49.21 -43.21
C GLY O 117 -32.83 -50.44 -43.87
N MET O 118 -33.69 -51.26 -44.40
CA MET O 118 -33.21 -52.48 -44.99
C MET O 118 -32.33 -52.19 -46.20
N ASP O 119 -31.06 -52.58 -46.13
CA ASP O 119 -30.11 -52.34 -47.21
C ASP O 119 -29.94 -53.57 -48.07
N VAL O 120 -29.99 -54.72 -47.42
CA VAL O 120 -29.77 -55.97 -48.12
C VAL O 120 -31.02 -56.77 -48.05
N TRP O 121 -31.53 -57.13 -49.21
CA TRP O 121 -32.77 -57.86 -49.29
C TRP O 121 -32.63 -59.22 -49.92
N GLY O 122 -33.52 -60.12 -49.52
CA GLY O 122 -33.64 -61.43 -50.14
C GLY O 122 -34.68 -61.35 -51.25
N LYS O 123 -35.30 -62.47 -51.60
CA LYS O 123 -36.24 -62.44 -52.72
C LYS O 123 -37.67 -62.45 -52.23
N GLY O 124 -37.86 -63.06 -51.07
CA GLY O 124 -39.17 -63.13 -50.44
C GLY O 124 -39.86 -64.47 -50.60
N THR O 125 -40.39 -65.00 -49.50
CA THR O 125 -41.12 -66.27 -49.53
C THR O 125 -42.56 -65.96 -49.79
N THR O 126 -43.16 -66.57 -50.78
CA THR O 126 -44.55 -66.26 -51.05
C THR O 126 -45.37 -67.34 -50.43
N VAL O 127 -46.31 -66.97 -49.56
CA VAL O 127 -47.09 -68.00 -48.92
C VAL O 127 -48.58 -67.93 -49.23
N THR O 128 -49.10 -69.04 -49.73
CA THR O 128 -50.51 -69.20 -50.00
C THR O 128 -51.13 -69.68 -48.71
N VAL O 129 -52.26 -69.12 -48.29
CA VAL O 129 -52.83 -69.61 -47.05
C VAL O 129 -54.00 -70.55 -47.30
N GLU P 3 -47.71 -43.99 -39.35
CA GLU P 3 -48.19 -42.66 -38.99
C GLU P 3 -48.08 -41.73 -40.17
N LEU P 4 -47.55 -42.26 -41.26
CA LEU P 4 -47.38 -41.45 -42.46
C LEU P 4 -48.46 -41.69 -43.48
N THR P 5 -48.74 -40.65 -44.26
CA THR P 5 -49.64 -40.79 -45.39
C THR P 5 -48.88 -40.41 -46.64
N GLN P 6 -49.31 -40.98 -47.77
CA GLN P 6 -48.68 -40.78 -49.07
C GLN P 6 -49.79 -40.63 -50.10
N PRO P 7 -49.57 -39.98 -51.25
CA PRO P 7 -50.54 -39.96 -52.33
C PRO P 7 -50.55 -41.38 -52.87
N PRO P 8 -51.65 -41.89 -53.40
CA PRO P 8 -51.68 -43.21 -54.00
C PRO P 8 -50.91 -43.33 -55.31
N SER P 9 -50.75 -42.21 -56.01
CA SER P 9 -50.03 -42.24 -57.27
C SER P 9 -49.50 -40.90 -57.69
N VAL P 10 -48.51 -40.96 -58.54
CA VAL P 10 -47.88 -39.84 -59.21
C VAL P 10 -47.59 -40.25 -60.63
N SER P 11 -47.69 -39.36 -61.58
CA SER P 11 -47.28 -39.75 -62.91
C SER P 11 -46.64 -38.59 -63.60
N VAL P 12 -45.61 -38.91 -64.37
CA VAL P 12 -44.92 -37.88 -65.14
C VAL P 12 -44.67 -38.31 -66.57
N SER P 13 -44.38 -37.37 -67.44
CA SER P 13 -43.90 -37.73 -68.76
C SER P 13 -42.41 -37.98 -68.60
N PRO P 14 -41.77 -38.80 -69.42
CA PRO P 14 -40.35 -38.99 -69.34
C PRO P 14 -39.66 -37.63 -69.45
N GLY P 15 -38.68 -37.41 -68.59
CA GLY P 15 -37.89 -36.18 -68.54
C GLY P 15 -38.39 -35.19 -67.49
N GLN P 16 -39.59 -35.40 -66.97
CA GLN P 16 -40.15 -34.52 -65.94
C GLN P 16 -39.73 -34.95 -64.56
N THR P 17 -39.87 -34.07 -63.57
CA THR P 17 -39.51 -34.42 -62.21
C THR P 17 -40.70 -35.01 -61.44
N ALA P 18 -40.49 -36.21 -60.88
CA ALA P 18 -41.53 -36.83 -60.06
C ALA P 18 -41.40 -36.26 -58.69
N ARG P 19 -42.51 -35.97 -58.05
CA ARG P 19 -42.48 -35.45 -56.70
C ARG P 19 -43.36 -36.30 -55.82
N ILE P 20 -42.75 -37.18 -55.07
CA ILE P 20 -43.48 -38.11 -54.24
C ILE P 20 -43.34 -37.67 -52.82
N THR P 21 -44.45 -37.50 -52.15
CA THR P 21 -44.33 -37.00 -50.79
C THR P 21 -44.92 -37.92 -49.78
N CYS P 22 -44.42 -37.76 -48.57
CA CYS P 22 -44.93 -38.42 -47.39
C CYS P 22 -45.07 -37.41 -46.27
N SER P 23 -46.07 -37.59 -45.44
CA SER P 23 -46.16 -36.69 -44.33
C SER P 23 -46.70 -37.34 -43.08
N GLY P 24 -46.36 -36.75 -41.94
CA GLY P 24 -46.84 -37.22 -40.66
C GLY P 24 -46.02 -36.72 -39.48
N ASP P 25 -46.55 -36.94 -38.29
CA ASP P 25 -46.03 -36.45 -37.01
C ASP P 25 -44.61 -36.85 -36.63
N ALA P 26 -44.14 -38.00 -37.07
CA ALA P 26 -42.78 -38.41 -36.71
C ALA P 26 -41.70 -37.65 -37.47
N LEU P 27 -42.03 -37.13 -38.64
CA LEU P 27 -41.02 -36.53 -39.49
C LEU P 27 -40.22 -35.34 -38.97
N PRO P 28 -40.73 -34.41 -38.17
CA PRO P 28 -39.95 -33.31 -37.66
C PRO P 28 -38.80 -33.80 -36.78
N LYS P 29 -38.92 -35.04 -36.26
CA LYS P 29 -37.92 -35.61 -35.36
C LYS P 29 -37.12 -36.75 -35.96
N GLN P 30 -37.60 -37.34 -37.04
CA GLN P 30 -36.95 -38.51 -37.59
C GLN P 30 -36.56 -38.39 -39.04
N TYR P 31 -35.53 -39.10 -39.42
CA TYR P 31 -35.14 -39.05 -40.80
C TYR P 31 -36.03 -39.89 -41.64
N ALA P 32 -36.30 -39.44 -42.85
CA ALA P 32 -37.00 -40.28 -43.78
C ALA P 32 -36.03 -41.14 -44.56
N TYR P 33 -36.50 -42.30 -44.92
CA TYR P 33 -35.76 -43.20 -45.80
C TYR P 33 -36.70 -43.53 -46.94
N TRP P 34 -36.16 -43.69 -48.16
CA TRP P 34 -36.96 -44.01 -49.32
C TRP P 34 -36.45 -45.16 -50.15
N TYR P 35 -37.40 -45.92 -50.69
CA TYR P 35 -37.12 -47.05 -51.56
C TYR P 35 -37.82 -47.01 -52.90
N GLN P 36 -37.17 -47.55 -53.91
CA GLN P 36 -37.74 -47.75 -55.25
C GLN P 36 -37.94 -49.23 -55.51
N GLN P 37 -39.18 -49.69 -55.54
CA GLN P 37 -39.45 -51.10 -55.77
C GLN P 37 -39.96 -51.43 -57.16
N LYS P 38 -39.15 -52.15 -57.90
CA LYS P 38 -39.56 -52.53 -59.23
C LYS P 38 -40.48 -53.72 -59.03
N PRO P 39 -41.54 -53.91 -59.80
CA PRO P 39 -42.42 -55.04 -59.66
C PRO P 39 -41.61 -56.32 -59.76
N GLY P 40 -41.89 -57.25 -58.85
CA GLY P 40 -41.22 -58.55 -58.85
C GLY P 40 -39.88 -58.53 -58.11
N GLN P 41 -39.46 -57.38 -57.61
CA GLN P 41 -38.19 -57.28 -56.93
C GLN P 41 -38.32 -56.73 -55.51
N ALA P 42 -37.36 -57.07 -54.66
CA ALA P 42 -37.33 -56.48 -53.34
C ALA P 42 -37.04 -54.98 -53.55
N PRO P 43 -37.53 -54.07 -52.71
CA PRO P 43 -37.28 -52.64 -52.77
C PRO P 43 -35.82 -52.26 -52.73
N VAL P 44 -35.46 -51.26 -53.50
CA VAL P 44 -34.10 -50.75 -53.53
C VAL P 44 -33.98 -49.46 -52.75
N LEU P 45 -33.06 -49.39 -51.81
CA LEU P 45 -32.95 -48.14 -51.07
C LEU P 45 -32.41 -47.09 -52.01
N VAL P 46 -33.07 -45.94 -52.09
CA VAL P 46 -32.57 -44.86 -52.94
C VAL P 46 -32.11 -43.67 -52.11
N ILE P 47 -32.83 -43.39 -51.05
CA ILE P 47 -32.51 -42.27 -50.18
C ILE P 47 -32.53 -42.65 -48.73
N TYR P 48 -31.57 -42.14 -47.98
CA TYR P 48 -31.54 -42.40 -46.57
C TYR P 48 -31.18 -41.14 -45.80
N LYS P 49 -31.54 -41.11 -44.53
CA LYS P 49 -31.14 -40.01 -43.67
C LYS P 49 -31.51 -38.66 -44.30
N ASP P 50 -32.73 -38.52 -44.84
CA ASP P 50 -33.12 -37.27 -45.47
C ASP P 50 -32.20 -36.77 -46.57
N SER P 51 -32.44 -37.28 -47.76
CA SER P 51 -31.78 -36.92 -49.02
C SER P 51 -30.34 -37.39 -49.27
N GLU P 52 -29.79 -38.29 -48.47
CA GLU P 52 -28.47 -38.79 -48.79
C GLU P 52 -28.70 -39.99 -49.69
N ARG P 53 -27.89 -40.21 -50.72
CA ARG P 53 -28.20 -41.40 -51.50
C ARG P 53 -27.04 -42.40 -51.38
N PRO P 54 -27.31 -43.71 -51.39
CA PRO P 54 -26.32 -44.78 -51.38
C PRO P 54 -25.51 -44.75 -52.65
N SER P 55 -24.27 -45.19 -52.59
CA SER P 55 -23.49 -45.25 -53.80
C SER P 55 -24.19 -46.20 -54.75
N GLY P 56 -24.20 -45.84 -56.03
CA GLY P 56 -24.84 -46.65 -57.06
C GLY P 56 -26.21 -46.10 -57.44
N ILE P 57 -26.73 -45.19 -56.62
CA ILE P 57 -28.01 -44.59 -56.91
C ILE P 57 -27.79 -43.32 -57.74
N PRO P 58 -28.48 -43.16 -58.88
CA PRO P 58 -28.38 -42.04 -59.79
C PRO P 58 -28.64 -40.72 -59.13
N GLU P 59 -27.99 -39.70 -59.69
CA GLU P 59 -28.05 -38.30 -59.27
C GLU P 59 -29.42 -37.70 -59.47
N ARG P 60 -30.27 -38.44 -60.17
CA ARG P 60 -31.64 -38.06 -60.41
C ARG P 60 -32.36 -38.01 -59.08
N PHE P 61 -31.94 -38.87 -58.12
CA PHE P 61 -32.61 -38.98 -56.84
C PHE P 61 -32.05 -38.03 -55.79
N SER P 62 -32.93 -37.16 -55.31
CA SER P 62 -32.65 -36.12 -54.34
C SER P 62 -33.94 -35.84 -53.61
N GLY P 63 -33.93 -34.94 -52.64
CA GLY P 63 -35.17 -34.63 -51.95
C GLY P 63 -34.96 -33.59 -50.87
N SER P 64 -36.03 -33.28 -50.17
CA SER P 64 -35.96 -32.28 -49.11
C SER P 64 -37.09 -32.43 -48.12
N SER P 65 -36.99 -31.74 -47.00
CA SER P 65 -38.08 -31.81 -46.05
C SER P 65 -38.24 -30.55 -45.23
N SER P 66 -39.44 -30.38 -44.71
CA SER P 66 -39.76 -29.29 -43.81
C SER P 66 -40.89 -29.71 -42.89
N GLY P 67 -40.68 -29.59 -41.58
CA GLY P 67 -41.73 -29.95 -40.64
C GLY P 67 -42.10 -31.41 -40.80
N THR P 68 -43.39 -31.63 -41.03
CA THR P 68 -43.96 -32.95 -41.17
C THR P 68 -44.00 -33.47 -42.60
N THR P 69 -43.47 -32.75 -43.58
CA THR P 69 -43.52 -33.26 -44.95
C THR P 69 -42.15 -33.46 -45.58
N VAL P 70 -41.98 -34.63 -46.19
CA VAL P 70 -40.77 -34.98 -46.91
C VAL P 70 -41.06 -35.28 -48.37
N THR P 71 -40.24 -34.74 -49.26
CA THR P 71 -40.42 -34.98 -50.68
C THR P 71 -39.23 -35.68 -51.32
N LEU P 72 -39.56 -36.70 -52.08
CA LEU P 72 -38.61 -37.48 -52.85
C LEU P 72 -38.73 -36.99 -54.25
N THR P 73 -37.67 -36.42 -54.77
CA THR P 73 -37.78 -35.89 -56.09
C THR P 73 -36.86 -36.63 -57.04
N ILE P 74 -37.40 -36.95 -58.20
CA ILE P 74 -36.58 -37.62 -59.18
C ILE P 74 -36.50 -36.73 -60.39
N SER P 75 -35.35 -36.14 -60.65
CA SER P 75 -35.24 -35.22 -61.78
C SER P 75 -34.99 -35.99 -63.06
N GLY P 76 -35.59 -35.62 -64.18
CA GLY P 76 -35.26 -36.35 -65.38
C GLY P 76 -35.78 -37.78 -65.32
N VAL P 77 -37.00 -37.98 -64.82
CA VAL P 77 -37.53 -39.33 -64.63
C VAL P 77 -37.61 -40.10 -65.92
N GLN P 78 -37.11 -41.31 -65.91
CA GLN P 78 -37.17 -42.11 -67.11
C GLN P 78 -38.18 -43.22 -67.00
N ALA P 79 -38.43 -43.92 -68.08
CA ALA P 79 -39.38 -45.03 -68.03
C ALA P 79 -38.92 -46.07 -67.04
N GLU P 80 -37.61 -46.22 -66.94
CA GLU P 80 -36.96 -47.18 -66.07
C GLU P 80 -37.18 -46.89 -64.59
N ASP P 81 -37.66 -45.68 -64.26
CA ASP P 81 -37.90 -45.30 -62.89
C ASP P 81 -39.29 -45.66 -62.39
N GLU P 82 -40.24 -46.03 -63.28
CA GLU P 82 -41.57 -46.32 -62.75
C GLU P 82 -41.41 -47.39 -61.67
N ALA P 83 -42.07 -47.19 -60.54
CA ALA P 83 -41.91 -48.10 -59.40
C ALA P 83 -42.88 -47.82 -58.28
N ASP P 84 -42.96 -48.75 -57.35
CA ASP P 84 -43.66 -48.53 -56.10
C ASP P 84 -42.68 -47.83 -55.16
N TYR P 85 -42.96 -46.59 -54.79
CA TYR P 85 -42.03 -45.87 -53.94
C TYR P 85 -42.49 -45.88 -52.53
N TYR P 86 -41.56 -46.13 -51.63
CA TYR P 86 -41.91 -46.19 -50.23
C TYR P 86 -41.10 -45.25 -49.42
N CYS P 87 -41.70 -44.80 -48.34
CA CYS P 87 -41.03 -43.98 -47.37
C CYS P 87 -41.24 -44.51 -45.98
N GLN P 88 -40.24 -44.32 -45.14
CA GLN P 88 -40.39 -44.71 -43.76
C GLN P 88 -39.75 -43.74 -42.79
N SER P 89 -40.34 -43.75 -41.61
CA SER P 89 -39.98 -43.05 -40.39
C SER P 89 -40.55 -44.01 -39.38
N ALA P 90 -40.41 -43.78 -38.08
CA ALA P 90 -40.88 -44.80 -37.18
C ALA P 90 -41.74 -44.36 -36.01
N ASP P 91 -42.69 -45.21 -35.69
CA ASP P 91 -43.58 -45.12 -34.55
C ASP P 91 -43.65 -43.71 -33.94
N VAL P 96 -42.52 -49.46 -37.10
CA VAL P 96 -41.43 -48.58 -37.46
C VAL P 96 -41.31 -48.39 -38.97
N PHE P 97 -42.44 -48.36 -39.67
CA PHE P 97 -42.43 -48.16 -41.12
C PHE P 97 -43.49 -47.13 -41.53
N GLY P 98 -43.57 -46.84 -42.82
CA GLY P 98 -44.48 -45.87 -43.40
C GLY P 98 -45.47 -46.48 -44.38
N GLY P 99 -45.23 -46.23 -45.66
CA GLY P 99 -46.14 -46.64 -46.76
C GLY P 99 -45.62 -46.12 -48.09
N GLY P 100 -46.46 -46.09 -49.14
CA GLY P 100 -45.93 -45.66 -50.44
C GLY P 100 -46.94 -45.22 -51.51
N THR P 101 -46.35 -44.80 -52.65
CA THR P 101 -46.99 -44.21 -53.84
C THR P 101 -46.61 -44.91 -55.16
N LYS P 102 -47.58 -45.07 -56.08
CA LYS P 102 -47.22 -45.64 -57.38
C LYS P 102 -46.82 -44.61 -58.44
N LEU P 103 -45.59 -44.72 -58.94
CA LEU P 103 -45.10 -43.82 -59.98
C LEU P 103 -45.13 -44.45 -61.33
N THR P 104 -45.82 -43.80 -62.25
CA THR P 104 -45.86 -44.26 -63.62
C THR P 104 -45.17 -43.16 -64.42
N VAL P 105 -44.74 -43.44 -65.64
CA VAL P 105 -44.02 -42.41 -66.37
C VAL P 105 -44.61 -42.19 -67.76
N GLU Q 1 19.22 20.21 61.22
CA GLU Q 1 20.59 20.06 61.69
C GLU Q 1 21.22 18.78 61.20
N VAL Q 2 22.31 18.90 60.47
CA VAL Q 2 22.99 17.73 59.99
C VAL Q 2 23.85 17.10 61.03
N GLN Q 3 23.64 15.81 61.24
CA GLN Q 3 24.43 15.09 62.21
C GLN Q 3 24.85 13.75 61.66
N LEU Q 4 26.08 13.39 61.96
CA LEU Q 4 26.62 12.11 61.62
C LEU Q 4 27.05 11.48 62.92
N VAL Q 5 26.49 10.33 63.26
CA VAL Q 5 26.84 9.74 64.54
C VAL Q 5 27.40 8.35 64.43
N GLU Q 6 28.66 8.24 64.80
CA GLU Q 6 29.35 6.97 64.73
C GLU Q 6 29.12 6.10 65.94
N THR Q 7 29.15 4.82 65.68
CA THR Q 7 29.14 3.79 66.69
C THR Q 7 30.09 2.68 66.37
N GLY Q 8 30.13 1.69 67.23
CA GLY Q 8 31.05 0.59 67.07
C GLY Q 8 32.41 1.03 67.59
N GLY Q 9 33.47 0.37 67.15
CA GLY Q 9 34.80 0.67 67.65
C GLY Q 9 35.14 -0.22 68.82
N GLY Q 10 36.20 0.14 69.55
CA GLY Q 10 36.69 -0.68 70.64
C GLY Q 10 38.08 -1.21 70.35
N LEU Q 11 38.64 -1.99 71.29
CA LEU Q 11 39.97 -2.53 71.11
C LEU Q 11 39.84 -3.94 70.56
N VAL Q 12 40.61 -4.21 69.53
CA VAL Q 12 40.62 -5.49 68.87
C VAL Q 12 42.06 -5.97 68.75
N GLN Q 13 42.28 -7.27 68.79
CA GLN Q 13 43.62 -7.77 68.66
C GLN Q 13 44.08 -7.60 67.20
N PRO Q 14 45.38 -7.40 66.93
CA PRO Q 14 45.92 -7.39 65.60
C PRO Q 14 45.56 -8.72 64.98
N GLY Q 15 45.18 -8.70 63.72
CA GLY Q 15 44.79 -9.89 62.99
C GLY Q 15 43.28 -10.14 63.10
N GLY Q 16 42.59 -9.35 63.93
CA GLY Q 16 41.16 -9.50 64.12
C GLY Q 16 40.39 -8.61 63.17
N SER Q 17 39.12 -8.35 63.51
CA SER Q 17 38.26 -7.54 62.66
C SER Q 17 37.20 -6.85 63.48
N LEU Q 18 36.63 -5.79 62.92
CA LEU Q 18 35.49 -5.12 63.54
C LEU Q 18 34.73 -4.33 62.52
N LYS Q 19 33.53 -3.90 62.89
CA LYS Q 19 32.76 -3.09 61.99
C LYS Q 19 32.27 -1.82 62.66
N LEU Q 20 32.38 -0.72 61.94
CA LEU Q 20 31.91 0.57 62.38
C LEU Q 20 30.66 0.94 61.62
N SER Q 21 29.86 1.79 62.20
CA SER Q 21 28.73 2.31 61.47
C SER Q 21 28.44 3.71 61.86
N CYS Q 22 27.73 4.39 60.99
CA CYS Q 22 27.36 5.79 61.18
C CYS Q 22 25.94 6.04 60.73
N ARG Q 23 25.16 6.63 61.63
CA ARG Q 23 23.80 6.93 61.27
C ARG Q 23 23.76 8.39 60.93
N ALA Q 24 22.90 8.78 60.02
CA ALA Q 24 22.89 10.18 59.72
C ALA Q 24 21.54 10.75 59.42
N SER Q 25 21.40 12.03 59.71
CA SER Q 25 20.18 12.74 59.41
C SER Q 25 20.38 14.23 59.23
N GLY Q 26 19.27 14.91 58.92
CA GLY Q 26 19.23 16.35 58.69
C GLY Q 26 19.43 16.70 57.22
N TYR Q 27 19.56 15.69 56.39
CA TYR Q 27 19.79 15.85 54.97
C TYR Q 27 19.32 14.61 54.27
N THR Q 28 19.16 14.67 52.96
CA THR Q 28 18.81 13.45 52.28
C THR Q 28 20.06 12.61 52.18
N PHE Q 29 20.04 11.43 52.77
CA PHE Q 29 21.23 10.61 52.84
C PHE Q 29 21.68 10.23 51.44
N SER Q 30 20.71 9.83 50.66
CA SER Q 30 20.91 9.38 49.30
C SER Q 30 21.39 10.46 48.34
N SER Q 31 21.43 11.72 48.77
CA SER Q 31 21.91 12.76 47.88
C SER Q 31 23.41 13.03 48.01
N PHE Q 32 24.08 12.42 48.99
CA PHE Q 32 25.49 12.75 49.18
C PHE Q 32 26.42 11.57 49.21
N ALA Q 33 27.60 11.78 48.65
CA ALA Q 33 28.68 10.82 48.73
C ALA Q 33 29.26 10.88 50.13
N MET Q 34 29.83 9.79 50.60
CA MET Q 34 30.39 9.77 51.93
C MET Q 34 31.73 9.08 52.01
N SER Q 35 32.42 9.32 53.09
CA SER Q 35 33.73 8.76 53.27
C SER Q 35 34.09 8.51 54.71
N TRP Q 36 35.15 7.74 54.89
CA TRP Q 36 35.72 7.57 56.21
C TRP Q 36 37.11 8.18 56.20
N VAL Q 37 37.39 8.93 57.25
CA VAL Q 37 38.68 9.59 57.43
C VAL Q 37 39.28 9.16 58.76
N ARG Q 38 40.54 8.81 58.72
CA ARG Q 38 41.27 8.33 59.86
C ARG Q 38 42.07 9.39 60.59
N GLN Q 39 41.94 9.44 61.90
CA GLN Q 39 42.74 10.32 62.73
C GLN Q 39 43.62 9.54 63.66
N ALA Q 40 44.83 9.27 63.22
CA ALA Q 40 45.71 8.49 64.04
C ALA Q 40 46.11 9.39 65.20
N PRO Q 41 46.43 8.84 66.38
CA PRO Q 41 46.80 9.57 67.57
C PRO Q 41 48.15 10.27 67.43
N GLY Q 42 48.10 11.43 66.79
CA GLY Q 42 49.28 12.24 66.50
C GLY Q 42 49.50 12.51 65.01
N LYS Q 43 48.62 11.98 64.16
CA LYS Q 43 48.75 12.23 62.72
C LYS Q 43 47.65 13.16 62.23
N GLY Q 44 46.53 13.15 62.92
CA GLY Q 44 45.43 14.04 62.57
C GLY Q 44 44.50 13.57 61.48
N LEU Q 45 44.97 13.56 60.23
CA LEU Q 45 44.06 13.15 59.17
C LEU Q 45 44.68 12.34 58.05
N GLU Q 46 44.02 11.24 57.72
CA GLU Q 46 44.33 10.37 56.60
C GLU Q 46 43.05 9.93 55.88
N TRP Q 47 43.00 10.03 54.56
CA TRP Q 47 41.78 9.55 53.90
C TRP Q 47 41.80 8.04 53.83
N VAL Q 48 40.66 7.39 54.10
CA VAL Q 48 40.64 5.94 54.01
C VAL Q 48 39.80 5.41 52.87
N SER Q 49 38.54 5.82 52.83
CA SER Q 49 37.66 5.31 51.79
C SER Q 49 36.53 6.25 51.41
N LEU Q 50 36.10 6.13 50.15
CA LEU Q 50 35.01 6.93 49.56
C LEU Q 50 33.98 6.09 48.87
N ILE Q 51 32.72 6.37 49.14
CA ILE Q 51 31.63 5.67 48.48
C ILE Q 51 30.66 6.68 47.85
N ASN Q 52 30.16 6.39 46.64
CA ASN Q 52 29.25 7.36 46.05
C ASN Q 52 27.85 7.27 46.65
N ASP Q 53 26.95 8.13 46.20
CA ASP Q 53 25.63 8.19 46.80
C ASP Q 53 24.70 7.02 46.55
N ARG Q 54 24.93 6.28 45.49
CA ARG Q 54 24.10 5.14 45.19
C ARG Q 54 24.66 3.87 45.79
N GLY Q 55 25.84 3.97 46.41
CA GLY Q 55 26.50 2.83 47.00
C GLY Q 55 27.10 1.85 45.99
N GLY Q 56 27.43 2.31 44.78
CA GLY Q 56 27.95 1.39 43.76
C GLY Q 56 29.43 1.53 43.48
N LEU Q 57 30.00 2.67 43.81
CA LEU Q 57 31.39 2.90 43.54
C LEU Q 57 32.15 3.16 44.80
N THR Q 58 33.21 2.40 44.99
CA THR Q 58 34.02 2.57 46.17
C THR Q 58 35.46 2.77 45.80
N PHE Q 59 36.13 3.60 46.57
CA PHE Q 59 37.53 3.84 46.37
C PHE Q 59 38.26 3.72 47.68
N TYR Q 60 39.49 3.22 47.65
CA TYR Q 60 40.26 3.08 48.88
C TYR Q 60 41.66 3.59 48.78
N VAL Q 61 42.18 4.01 49.92
CA VAL Q 61 43.59 4.31 50.02
C VAL Q 61 44.28 2.97 49.90
N ASP Q 62 45.41 2.91 49.22
CA ASP Q 62 46.07 1.63 49.00
C ASP Q 62 46.31 0.82 50.26
N SER Q 63 46.61 1.45 51.38
CA SER Q 63 46.94 0.73 52.60
C SER Q 63 45.81 -0.12 53.18
N VAL Q 64 44.57 0.08 52.77
CA VAL Q 64 43.47 -0.72 53.28
C VAL Q 64 42.76 -1.41 52.12
N LYS Q 65 43.31 -1.27 50.93
CA LYS Q 65 42.63 -1.70 49.72
C LYS Q 65 42.23 -3.15 49.72
N GLY Q 66 43.06 -4.01 50.28
CA GLY Q 66 42.74 -5.43 50.31
C GLY Q 66 42.09 -5.86 51.62
N ARG Q 67 41.77 -4.91 52.49
CA ARG Q 67 41.26 -5.27 53.80
C ARG Q 67 39.92 -4.67 54.20
N PHE Q 68 39.61 -3.46 53.72
CA PHE Q 68 38.40 -2.78 54.18
C PHE Q 68 37.27 -2.73 53.17
N THR Q 69 36.04 -2.81 53.67
CA THR Q 69 34.86 -2.63 52.83
C THR Q 69 33.99 -1.46 53.27
N ILE Q 70 33.68 -0.56 52.33
CA ILE Q 70 32.83 0.59 52.65
C ILE Q 70 31.48 0.30 52.02
N SER Q 71 30.41 0.48 52.77
CA SER Q 71 29.08 0.18 52.26
C SER Q 71 27.97 1.09 52.76
N ARG Q 72 26.87 1.12 52.01
CA ARG Q 72 25.72 1.94 52.37
C ARG Q 72 24.37 1.30 52.26
N ASP Q 73 23.46 1.78 53.12
CA ASP Q 73 22.07 1.42 53.08
C ASP Q 73 21.25 2.69 53.15
N ASN Q 74 20.70 3.06 52.00
CA ASN Q 74 20.03 4.33 51.92
C ASN Q 74 18.62 4.31 52.47
N SER Q 75 18.12 3.14 52.86
CA SER Q 75 16.78 3.10 53.43
C SER Q 75 16.92 3.35 54.92
N LYS Q 76 18.08 2.98 55.44
CA LYS Q 76 18.39 3.13 56.85
C LYS Q 76 19.15 4.40 57.17
N ASN Q 77 19.64 5.08 56.13
CA ASN Q 77 20.46 6.27 56.28
C ASN Q 77 21.69 5.93 57.08
N THR Q 78 22.28 4.79 56.68
CA THR Q 78 23.46 4.26 57.33
C THR Q 78 24.65 4.04 56.43
N LEU Q 79 25.78 4.50 56.93
CA LEU Q 79 27.08 4.30 56.32
C LEU Q 79 27.82 3.26 57.16
N SER Q 80 28.55 2.35 56.55
CA SER Q 80 29.30 1.42 57.38
C SER Q 80 30.66 1.05 56.81
N LEU Q 81 31.53 0.60 57.71
CA LEU Q 81 32.87 0.16 57.35
C LEU Q 81 33.29 -1.12 58.03
N GLN Q 82 33.62 -2.12 57.23
CA GLN Q 82 34.06 -3.39 57.77
C GLN Q 82 35.56 -3.48 57.64
N MET Q 83 36.25 -3.62 58.75
CA MET Q 83 37.69 -3.68 58.70
C MET Q 83 38.23 -5.05 59.06
N HIS Q 84 38.89 -5.71 58.11
CA HIS Q 84 39.46 -7.03 58.32
C HIS Q 84 40.96 -6.99 58.45
N SER Q 85 41.53 -8.04 59.05
CA SER Q 85 42.98 -8.17 59.10
C SER Q 85 43.63 -6.89 59.63
N LEU Q 86 43.19 -6.50 60.80
CA LEU Q 86 43.61 -5.29 61.46
C LEU Q 86 45.07 -5.28 61.87
N ARG Q 87 45.67 -4.10 61.82
CA ARG Q 87 47.06 -3.89 62.21
C ARG Q 87 47.14 -2.81 63.28
N ASP Q 88 48.21 -2.77 64.04
CA ASP Q 88 48.36 -1.78 65.09
C ASP Q 88 48.39 -0.37 64.52
N GLY Q 89 48.86 -0.29 63.30
CA GLY Q 89 48.96 0.93 62.53
C GLY Q 89 47.59 1.52 62.19
N ASP Q 90 46.52 0.77 62.42
CA ASP Q 90 45.17 1.23 62.15
C ASP Q 90 44.53 1.87 63.38
N THR Q 91 45.29 2.01 64.47
CA THR Q 91 44.71 2.66 65.64
C THR Q 91 44.44 4.11 65.26
N ALA Q 92 43.20 4.54 65.43
CA ALA Q 92 42.78 5.87 65.06
C ALA Q 92 41.36 6.16 65.43
N VAL Q 93 40.98 7.42 65.36
CA VAL Q 93 39.58 7.75 65.40
C VAL Q 93 39.06 7.72 63.96
N TYR Q 94 37.97 7.04 63.73
CA TYR Q 94 37.42 6.97 62.38
C TYR Q 94 36.18 7.79 62.25
N TYR Q 95 36.27 8.81 61.41
CA TYR Q 95 35.21 9.75 61.22
C TYR Q 95 34.34 9.49 60.03
N CYS Q 96 33.07 9.65 60.25
CA CYS Q 96 32.05 9.59 59.25
C CYS Q 96 32.00 10.96 58.64
N ALA Q 97 32.04 11.07 57.32
CA ALA Q 97 31.96 12.40 56.74
C ALA Q 97 31.18 12.40 55.43
N THR Q 98 30.58 13.55 55.13
CA THR Q 98 29.89 13.69 53.85
C THR Q 98 30.68 14.61 52.98
N GLY Q 99 30.82 14.21 51.74
CA GLY Q 99 31.56 14.99 50.75
C GLY Q 99 32.39 14.12 49.83
N GLY Q 100 33.31 14.77 49.14
CA GLY Q 100 34.12 14.09 48.15
C GLY Q 100 33.46 14.16 46.77
N MET Q 101 33.37 13.03 46.11
CA MET Q 101 32.84 12.97 44.75
C MET Q 101 31.36 13.24 44.71
N SER Q 102 30.85 13.54 43.53
CA SER Q 102 29.41 13.70 43.43
C SER Q 102 28.85 12.99 42.21
N SER Q 103 27.60 13.27 41.93
CA SER Q 103 26.74 12.67 40.91
C SER Q 103 27.03 13.02 39.46
N ALA Q 104 27.88 14.00 39.24
CA ALA Q 104 28.24 14.55 37.94
C ALA Q 104 27.17 15.42 37.34
N LEU Q 105 26.06 15.59 38.05
CA LEU Q 105 25.03 16.50 37.61
C LEU Q 105 24.92 17.63 38.60
N GLN Q 106 25.66 17.51 39.69
CA GLN Q 106 25.51 18.42 40.81
C GLN Q 106 26.76 18.98 41.46
N SER Q 107 27.51 19.79 40.74
CA SER Q 107 28.62 20.53 41.31
C SER Q 107 29.60 19.75 42.18
N SER Q 108 30.33 18.81 41.59
CA SER Q 108 31.24 17.98 42.37
C SER Q 108 32.08 18.84 43.29
N LYS Q 109 32.18 18.36 44.52
CA LYS Q 109 32.84 19.05 45.60
C LYS Q 109 34.31 18.79 45.84
N TYR Q 110 34.68 17.54 45.99
CA TYR Q 110 36.05 17.15 46.31
C TYR Q 110 36.55 17.70 47.66
N TYR Q 111 35.63 17.89 48.59
CA TYR Q 111 35.96 18.32 49.95
C TYR Q 111 34.92 17.76 50.88
N PHE Q 112 35.18 17.77 52.19
CA PHE Q 112 34.20 17.24 53.12
C PHE Q 112 33.46 18.36 53.84
N ASP Q 113 32.12 18.33 53.79
CA ASP Q 113 31.27 19.36 54.41
C ASP Q 113 30.92 19.05 55.85
N PHE Q 114 30.67 17.78 56.15
CA PHE Q 114 30.25 17.44 57.51
C PHE Q 114 31.04 16.32 58.06
N TRP Q 115 31.25 16.38 59.35
CA TRP Q 115 31.97 15.36 60.06
C TRP Q 115 31.18 14.89 61.27
N GLY Q 116 31.33 13.63 61.60
CA GLY Q 116 30.76 13.09 62.82
C GLY Q 116 31.83 13.27 63.87
N GLN Q 117 31.75 12.58 65.00
CA GLN Q 117 32.78 12.81 66.01
C GLN Q 117 33.83 11.72 65.97
N GLY Q 118 33.45 10.60 65.42
CA GLY Q 118 34.32 9.48 65.17
C GLY Q 118 34.34 8.38 66.22
N ALA Q 119 34.54 7.15 65.75
CA ALA Q 119 34.63 6.00 66.62
C ALA Q 119 36.08 5.76 66.94
N LEU Q 120 36.40 5.33 68.14
CA LEU Q 120 37.79 5.05 68.43
C LEU Q 120 38.11 3.58 68.30
N VAL Q 121 39.06 3.29 67.44
CA VAL Q 121 39.48 1.95 67.15
C VAL Q 121 40.91 1.75 67.57
N THR Q 122 41.14 0.75 68.42
CA THR Q 122 42.48 0.45 68.90
C THR Q 122 42.88 -0.95 68.51
N VAL Q 123 44.07 -1.11 67.98
CA VAL Q 123 44.51 -2.43 67.58
C VAL Q 123 45.90 -2.75 68.11
N ALA R 1 52.37 13.35 51.47
CA ALA R 1 51.49 14.28 52.16
C ALA R 1 51.79 15.70 51.75
N LEU R 2 50.90 16.61 52.11
CA LEU R 2 51.12 18.04 51.83
C LEU R 2 51.83 18.57 53.08
N THR R 3 52.60 19.64 52.98
CA THR R 3 53.24 20.12 54.20
C THR R 3 52.77 21.47 54.69
N GLN R 4 52.31 21.48 55.94
CA GLN R 4 51.91 22.69 56.61
C GLN R 4 52.86 22.73 57.80
N PRO R 5 53.96 23.43 57.76
CA PRO R 5 54.96 23.30 58.78
C PRO R 5 54.47 23.93 60.07
N PRO R 6 54.93 23.46 61.23
CA PRO R 6 54.74 24.07 62.51
C PRO R 6 55.63 25.31 62.48
N SER R 7 55.24 26.43 63.09
CA SER R 7 53.98 26.70 63.77
C SER R 7 53.67 28.13 63.45
N VAL R 8 52.46 28.53 63.70
CA VAL R 8 52.01 29.86 63.39
C VAL R 8 51.45 30.54 64.62
N SER R 9 51.75 31.81 64.79
CA SER R 9 51.24 32.49 65.94
C SER R 9 51.12 33.99 65.77
N GLY R 10 50.42 34.60 66.70
CA GLY R 10 50.31 36.05 66.73
C GLY R 10 49.44 36.51 67.87
N SER R 11 49.42 37.81 68.10
CA SER R 11 48.61 38.38 69.16
C SER R 11 47.19 38.53 68.68
N PRO R 12 46.19 38.61 69.57
CA PRO R 12 44.84 38.83 69.16
C PRO R 12 44.78 40.09 68.33
N GLY R 13 44.05 40.02 67.24
CA GLY R 13 43.87 41.13 66.33
C GLY R 13 44.87 41.17 65.18
N GLN R 14 45.91 40.35 65.24
CA GLN R 14 46.90 40.36 64.16
C GLN R 14 46.50 39.36 63.11
N SER R 15 46.91 39.57 61.87
CA SER R 15 46.61 38.56 60.88
C SER R 15 47.74 37.53 60.87
N VAL R 16 47.38 36.31 60.49
CA VAL R 16 48.37 35.24 60.34
C VAL R 16 48.17 34.46 59.05
N THR R 17 49.23 33.82 58.57
CA THR R 17 49.10 32.97 57.40
C THR R 17 49.57 31.57 57.69
N ILE R 18 48.77 30.61 57.30
CA ILE R 18 49.09 29.21 57.47
C ILE R 18 49.35 28.63 56.08
N SER R 19 50.55 28.11 55.85
CA SER R 19 50.86 27.59 54.53
C SER R 19 50.56 26.10 54.38
N CYS R 20 50.51 25.65 53.14
CA CYS R 20 50.33 24.26 52.72
C CYS R 20 51.00 23.98 51.38
N THR R 21 52.16 23.36 51.41
CA THR R 21 52.93 23.15 50.20
C THR R 21 52.74 21.76 49.64
N GLY R 22 52.43 21.68 48.36
CA GLY R 22 52.21 20.41 47.70
C GLY R 22 53.41 20.04 46.88
N THR R 23 53.17 19.37 45.75
CA THR R 23 54.31 18.90 44.97
C THR R 23 54.32 19.50 43.58
N SER R 24 53.67 18.84 42.67
CA SER R 24 53.66 19.25 41.28
C SER R 24 52.27 19.16 40.72
N SER R 25 51.83 17.94 40.50
CA SER R 25 50.52 17.71 39.93
C SER R 25 49.36 17.81 40.91
N ASP R 26 49.56 17.68 42.23
CA ASP R 26 48.37 17.64 43.06
C ASP R 26 47.71 18.99 43.27
N ILE R 27 48.39 19.94 43.87
CA ILE R 27 47.64 21.16 44.07
C ILE R 27 47.99 22.12 42.98
N GLY R 28 48.99 21.74 42.20
CA GLY R 28 49.35 22.47 41.03
C GLY R 28 48.21 22.38 40.00
N SER R 29 47.73 21.15 39.71
CA SER R 29 46.69 20.99 38.70
C SER R 29 45.27 21.03 39.20
N TYR R 30 45.02 20.73 40.47
CA TYR R 30 43.64 20.68 40.91
C TYR R 30 43.26 21.79 41.87
N ASN R 31 42.26 22.56 41.52
CA ASN R 31 41.81 23.64 42.39
C ASN R 31 40.79 23.14 43.38
N TYR R 32 41.19 22.16 44.15
CA TYR R 32 40.34 21.58 45.15
C TYR R 32 41.13 21.41 46.41
N VAL R 33 41.45 22.53 47.04
CA VAL R 33 42.26 22.50 48.23
C VAL R 33 41.44 23.06 49.35
N SER R 34 41.24 22.27 50.36
CA SER R 34 40.41 22.71 51.45
C SER R 34 41.18 22.89 52.70
N TRP R 35 40.63 23.68 53.59
CA TRP R 35 41.19 23.90 54.90
C TRP R 35 40.20 23.62 55.98
N TYR R 36 40.68 22.99 57.05
CA TYR R 36 39.89 22.65 58.20
C TYR R 36 40.46 23.18 59.52
N GLN R 37 39.57 23.53 60.44
CA GLN R 37 39.92 23.98 61.78
C GLN R 37 39.68 22.84 62.77
N GLN R 38 40.75 22.32 63.35
CA GLN R 38 40.69 21.16 64.23
C GLN R 38 40.86 21.47 65.70
N HIS R 39 39.79 21.31 66.45
CA HIS R 39 39.84 21.58 67.87
C HIS R 39 40.37 20.34 68.60
N PRO R 40 41.02 20.49 69.74
CA PRO R 40 41.64 19.43 70.51
C PRO R 40 40.67 18.48 71.18
N GLY R 41 40.14 17.56 70.38
CA GLY R 41 39.18 16.58 70.83
C GLY R 41 37.81 16.68 70.16
N LYS R 42 37.69 17.57 69.18
CA LYS R 42 36.42 17.72 68.46
C LYS R 42 36.62 17.42 66.98
N ALA R 43 35.56 17.07 66.27
CA ALA R 43 35.68 16.88 64.84
C ALA R 43 36.06 18.21 64.18
N PRO R 44 36.82 18.21 63.08
CA PRO R 44 37.22 19.40 62.36
C PRO R 44 36.08 20.09 61.64
N LYS R 45 36.20 21.40 61.53
CA LYS R 45 35.25 22.23 60.80
C LYS R 45 35.82 22.71 59.48
N LEU R 46 35.01 22.68 58.44
CA LEU R 46 35.47 23.19 57.14
C LEU R 46 35.51 24.70 57.12
N MET R 47 36.63 25.24 56.67
CA MET R 47 36.78 26.68 56.55
C MET R 47 36.82 27.12 55.11
N ILE R 48 37.71 26.51 54.34
CA ILE R 48 37.94 26.89 52.96
C ILE R 48 37.83 25.70 52.04
N TYR R 49 37.31 25.90 50.84
CA TYR R 49 37.25 24.86 49.83
C TYR R 49 37.49 25.43 48.43
N ASP R 50 37.78 24.56 47.47
CA ASP R 50 38.17 24.99 46.14
C ASP R 50 39.47 25.73 46.41
N VAL R 51 39.51 27.02 46.23
CA VAL R 51 40.72 27.73 46.56
C VAL R 51 40.39 28.85 47.54
N THR R 52 39.37 29.62 47.17
CA THR R 52 38.96 30.81 47.88
C THR R 52 37.54 30.76 48.50
N GLN R 53 36.84 29.64 48.47
CA GLN R 53 35.46 29.64 48.95
C GLN R 53 35.35 29.25 50.38
N ARG R 54 34.29 29.70 51.03
CA ARG R 54 34.06 29.24 52.39
C ARG R 54 32.58 28.96 52.53
N PRO R 55 32.17 27.97 53.35
CA PRO R 55 30.81 27.60 53.59
C PRO R 55 30.13 28.58 54.49
N SER R 56 28.81 28.58 54.44
CA SER R 56 28.05 29.38 55.36
C SER R 56 28.40 28.91 56.74
N GLY R 57 28.47 29.85 57.67
CA GLY R 57 28.84 29.54 59.05
C GLY R 57 30.28 29.93 59.31
N VAL R 58 31.03 30.22 58.25
CA VAL R 58 32.39 30.66 58.39
C VAL R 58 32.46 32.14 58.13
N SER R 59 33.03 32.83 59.09
CA SER R 59 33.17 34.27 59.07
C SER R 59 34.25 34.74 58.13
N ASP R 60 34.23 36.05 57.91
CA ASP R 60 35.09 36.80 57.02
C ASP R 60 36.55 36.71 57.40
N ARG R 61 36.82 36.27 58.62
CA ARG R 61 38.19 36.16 59.06
C ARG R 61 38.95 35.20 58.20
N PHE R 62 38.29 34.15 57.70
CA PHE R 62 38.99 33.13 56.96
C PHE R 62 38.87 33.31 55.45
N SER R 63 40.01 33.41 54.81
CA SER R 63 40.10 33.57 53.37
C SER R 63 41.35 32.86 52.92
N GLY R 64 41.60 32.78 51.63
CA GLY R 64 42.80 32.07 51.24
C GLY R 64 43.07 32.18 49.76
N SER R 65 44.16 31.55 49.35
CA SER R 65 44.60 31.59 47.97
C SER R 65 45.56 30.46 47.64
N LYS R 66 45.86 30.34 46.35
CA LYS R 66 46.82 29.35 45.87
C LYS R 66 47.64 29.92 44.72
N SER R 67 48.92 29.58 44.71
CA SER R 67 49.81 29.96 43.62
C SER R 67 50.87 28.90 43.42
N GLY R 68 51.21 28.59 42.16
CA GLY R 68 52.22 27.57 41.96
C GLY R 68 51.71 26.26 42.53
N ASN R 69 52.49 25.65 43.42
CA ASN R 69 52.14 24.40 44.05
C ASN R 69 51.95 24.60 45.54
N THR R 70 51.70 25.85 45.95
CA THR R 70 51.53 26.15 47.35
C THR R 70 50.23 26.89 47.64
N ALA R 71 49.53 26.44 48.66
CA ALA R 71 48.29 27.04 49.11
C ALA R 71 48.45 27.65 50.47
N SER R 72 47.59 28.60 50.79
CA SER R 72 47.61 29.16 52.13
C SER R 72 46.25 29.61 52.63
N LEU R 73 46.15 29.62 53.94
CA LEU R 73 44.99 30.10 54.67
C LEU R 73 45.33 31.37 55.39
N THR R 74 44.50 32.37 55.21
CA THR R 74 44.73 33.64 55.86
C THR R 74 43.68 33.94 56.89
N ILE R 75 44.14 34.32 58.07
CA ILE R 75 43.21 34.76 59.10
C ILE R 75 43.43 36.26 59.22
N SER R 76 42.39 37.04 58.92
CA SER R 76 42.45 38.51 58.80
C SER R 76 42.65 39.32 60.08
N GLY R 77 42.49 38.68 61.21
CA GLY R 77 42.59 39.31 62.52
C GLY R 77 42.16 38.28 63.53
N LEU R 78 43.18 37.61 64.02
CA LEU R 78 43.18 36.47 64.88
C LEU R 78 42.48 36.59 66.21
N GLN R 79 41.63 35.61 66.50
CA GLN R 79 40.94 35.58 67.76
C GLN R 79 41.54 34.51 68.63
N ALA R 80 41.36 34.60 69.93
CA ALA R 80 41.83 33.54 70.83
C ALA R 80 41.07 32.23 70.57
N ASP R 81 39.91 32.38 69.96
CA ASP R 81 39.03 31.29 69.66
C ASP R 81 39.53 30.49 68.48
N ASP R 82 40.59 30.97 67.83
CA ASP R 82 41.14 30.29 66.68
C ASP R 82 42.29 29.36 67.06
N GLU R 83 42.53 29.15 68.37
CA GLU R 83 43.60 28.23 68.73
C GLU R 83 43.16 26.79 68.51
N ALA R 84 43.50 26.36 67.31
CA ALA R 84 43.17 25.10 66.71
C ALA R 84 44.28 24.65 65.80
N ASP R 85 44.30 23.38 65.49
CA ASP R 85 45.24 22.92 64.50
C ASP R 85 44.63 23.17 63.14
N TYR R 86 45.43 23.51 62.17
CA TYR R 86 44.87 23.68 60.85
C TYR R 86 45.38 22.63 59.95
N TYR R 87 44.47 22.17 59.12
CA TYR R 87 44.79 21.16 58.14
C TYR R 87 44.38 21.58 56.77
N CYS R 88 45.22 21.27 55.82
CA CYS R 88 44.89 21.48 54.44
C CYS R 88 44.75 20.12 53.82
N SER R 89 43.97 20.03 52.78
CA SER R 89 43.86 18.78 52.05
C SER R 89 43.54 19.05 50.61
N ALA R 90 43.84 18.10 49.74
CA ALA R 90 43.49 18.35 48.36
C ALA R 90 43.22 17.12 47.55
N TYR R 91 42.47 17.34 46.47
CA TYR R 91 42.18 16.27 45.53
C TYR R 91 43.44 15.79 44.84
N ALA R 92 43.56 14.48 44.73
CA ALA R 92 44.73 13.81 44.18
C ALA R 92 44.56 13.01 42.88
N GLY R 93 43.78 13.54 41.95
CA GLY R 93 43.71 13.00 40.58
C GLY R 93 43.09 11.62 40.38
N ARG R 94 42.20 11.21 41.25
CA ARG R 94 41.57 9.90 41.21
C ARG R 94 42.59 8.78 41.39
N GLN R 95 43.78 9.10 41.92
CA GLN R 95 44.74 8.04 42.17
C GLN R 95 44.75 7.75 43.64
N THR R 96 44.88 8.80 44.44
CA THR R 96 44.87 8.59 45.89
C THR R 96 43.69 9.32 46.48
N PHE R 97 42.94 9.97 45.62
CA PHE R 97 41.77 10.74 45.94
C PHE R 97 41.99 11.96 46.79
N TYR R 98 42.40 11.79 48.03
CA TYR R 98 42.65 12.98 48.82
C TYR R 98 43.90 12.86 49.62
N ILE R 99 44.64 13.93 49.64
CA ILE R 99 45.84 13.99 50.42
C ILE R 99 45.71 15.01 51.49
N PHE R 100 45.94 14.59 52.72
CA PHE R 100 45.90 15.53 53.80
C PHE R 100 47.31 16.01 54.05
N GLY R 101 47.46 17.24 54.45
CA GLY R 101 48.76 17.70 54.82
C GLY R 101 49.04 17.39 56.26
N GLY R 102 50.31 17.42 56.62
CA GLY R 102 50.60 17.30 58.02
C GLY R 102 50.04 18.61 58.50
N GLY R 103 49.38 18.66 59.65
CA GLY R 103 48.79 19.92 60.06
C GLY R 103 49.76 20.77 60.84
N THR R 104 49.28 21.95 61.22
CA THR R 104 50.10 22.88 61.98
C THR R 104 49.32 23.60 63.04
N ARG R 105 49.97 23.90 64.15
CA ARG R 105 49.30 24.55 65.28
C ARG R 105 49.36 26.07 65.32
N LEU R 106 48.18 26.69 65.53
CA LEU R 106 48.08 28.13 65.70
C LEU R 106 47.91 28.54 67.16
N THR R 107 48.82 29.39 67.63
CA THR R 107 48.83 29.93 69.00
C THR R 107 48.58 31.44 68.97
N VAL R 108 47.67 31.92 69.81
CA VAL R 108 47.34 33.33 69.76
C VAL R 108 48.12 34.14 70.81
C1 NAG S . -29.98 22.37 -36.92
C2 NAG S . -29.87 23.81 -36.51
C3 NAG S . -31.10 24.16 -35.78
C4 NAG S . -32.41 24.00 -36.62
C5 NAG S . -32.40 22.50 -37.03
C6 NAG S . -33.56 22.04 -37.87
C7 NAG S . -28.10 25.08 -35.52
C8 NAG S . -27.06 25.15 -34.44
N2 NAG S . -28.78 23.97 -35.59
O3 NAG S . -30.97 25.50 -35.27
O4 NAG S . -33.49 24.26 -35.77
O5 NAG S . -31.24 22.15 -37.77
O6 NAG S . -33.87 22.93 -38.91
O7 NAG S . -28.31 26.00 -36.30
C1 NAG S . -34.48 25.12 -36.32
C2 NAG S . -35.73 24.89 -35.54
C3 NAG S . -36.82 25.71 -36.08
C4 NAG S . -36.39 27.21 -35.96
C5 NAG S . -35.09 27.43 -36.77
C6 NAG S . -34.62 28.86 -36.63
C7 NAG S . -36.34 22.75 -34.61
C8 NAG S . -36.70 21.32 -34.86
N2 NAG S . -36.12 23.49 -35.65
O3 NAG S . -38.03 25.43 -35.34
O4 NAG S . -37.41 28.01 -36.46
O5 NAG S . -34.06 26.60 -36.22
O6 NAG S . -35.71 29.78 -36.73
O7 NAG S . -36.26 23.20 -33.46
C1 NAG T . 2.96 27.21 -24.12
C2 NAG T . 1.61 26.59 -24.08
C3 NAG T . 0.59 27.64 -24.28
C4 NAG T . 0.67 28.71 -23.14
C5 NAG T . 2.11 29.29 -23.20
C6 NAG T . 2.40 30.35 -22.17
C7 NAG T . 0.74 24.53 -24.99
C8 NAG T . 0.71 23.55 -26.11
N2 NAG T . 1.49 25.59 -25.12
O3 NAG T . -0.73 27.06 -24.33
O4 NAG T . -0.27 29.72 -23.45
O5 NAG T . 3.08 28.27 -23.02
O6 NAG T . 1.98 30.00 -20.86
O7 NAG T . 0.10 24.37 -23.96
C1 NAG T . -1.13 30.04 -22.37
C2 NAG T . -1.67 31.40 -22.65
C3 NAG T . -2.55 31.83 -21.54
C4 NAG T . -3.76 30.83 -21.47
C5 NAG T . -3.18 29.40 -21.23
C6 NAG T . -4.27 28.35 -21.27
C7 NAG T . -0.54 33.15 -23.85
C8 NAG T . 0.60 34.09 -23.95
N2 NAG T . -0.62 32.36 -22.79
O3 NAG T . -2.97 33.18 -21.78
O4 NAG T . -4.54 31.20 -20.34
O5 NAG T . -2.30 29.04 -22.29
O6 NAG T . -4.73 28.12 -22.59
O7 NAG T . -1.42 33.08 -24.73
C1 BMA T . -5.90 31.62 -20.68
C2 BMA T . -6.75 31.50 -19.42
C3 BMA T . -8.15 31.89 -19.67
C4 BMA T . -8.11 33.34 -20.13
C5 BMA T . -7.26 33.45 -21.44
C6 BMA T . -7.17 34.96 -21.87
O2 BMA T . -6.21 32.32 -18.51
O3 BMA T . -8.90 31.79 -18.42
O4 BMA T . -9.40 33.80 -20.36
O5 BMA T . -5.94 33.00 -21.14
O6 BMA T . -8.41 35.73 -21.67
C1 MAN T . -10.04 30.86 -18.49
C2 MAN T . -11.08 31.26 -17.44
C3 MAN T . -10.54 31.10 -16.06
C4 MAN T . -10.17 29.64 -15.88
C5 MAN T . -9.11 29.26 -16.94
C6 MAN T . -8.70 27.75 -16.81
O2 MAN T . -12.14 30.41 -17.58
O3 MAN T . -11.54 31.51 -15.10
O4 MAN T . -9.66 29.45 -14.60
O5 MAN T . -9.67 29.45 -18.27
O6 MAN T . -8.45 27.31 -15.42
C1 MAN T . -13.39 31.09 -17.96
C2 MAN T . -14.57 30.30 -17.41
C3 MAN T . -14.68 28.94 -18.01
C4 MAN T . -14.86 29.13 -19.50
C5 MAN T . -13.64 29.91 -20.06
C6 MAN T . -13.79 30.17 -21.60
O2 MAN T . -15.69 30.99 -17.70
O3 MAN T . -15.82 28.24 -17.43
O4 MAN T . -14.95 27.89 -20.11
O5 MAN T . -13.58 31.20 -19.41
O6 MAN T . -14.71 29.25 -22.29
C1 NAG U . 1.76 36.26 -32.16
C2 NAG U . 2.56 36.94 -33.21
C3 NAG U . 3.37 37.99 -32.59
C4 NAG U . 2.46 39.05 -31.88
C5 NAG U . 1.64 38.26 -30.82
C6 NAG U . 0.68 39.13 -30.04
C7 NAG U . 3.29 35.52 -35.03
C8 NAG U . 4.13 34.36 -35.49
N2 NAG U . 3.44 35.95 -33.80
O3 NAG U . 4.21 38.60 -33.61
O4 NAG U . 3.28 39.98 -31.21
O5 NAG U . 0.84 37.25 -31.43
O6 NAG U . 0.15 38.46 -28.92
O7 NAG U . 2.48 36.08 -35.78
C1 NAG U . 3.25 41.28 -31.77
C2 NAG U . 3.83 42.20 -30.75
C3 NAG U . 3.82 43.59 -31.25
C4 NAG U . 4.69 43.63 -32.56
C5 NAG U . 4.08 42.67 -33.62
C6 NAG U . 4.93 42.64 -34.86
C7 NAG U . 3.54 41.75 -28.40
C8 NAG U . 2.61 41.69 -27.23
N2 NAG U . 3.04 42.13 -29.54
O3 NAG U . 4.32 44.48 -30.23
O4 NAG U . 4.72 44.94 -33.04
O5 NAG U . 4.07 41.35 -33.07
O6 NAG U . 5.48 43.91 -35.17
O7 NAG U . 4.74 41.45 -28.28
C1 NAG V . -2.17 34.77 -39.71
C2 NAG V . -3.21 35.37 -38.81
C3 NAG V . -4.37 35.73 -39.61
C4 NAG V . -3.98 36.79 -40.69
C5 NAG V . -2.84 36.16 -41.55
C6 NAG V . -2.25 37.13 -42.52
C7 NAG V . -3.36 34.57 -36.55
C8 NAG V . -3.45 33.37 -35.66
N2 NAG V . -3.57 34.37 -37.82
O3 NAG V . -5.39 36.23 -38.71
O4 NAG V . -5.09 36.96 -41.56
O5 NAG V . -1.72 35.78 -40.77
O6 NAG V . -1.61 36.48 -43.61
O7 NAG V . -3.10 35.70 -36.10
C1 NAG V . -5.86 38.12 -41.33
C2 NAG V . -6.46 38.55 -42.62
C3 NAG V . -7.20 39.80 -42.42
C4 NAG V . -8.38 39.56 -41.41
C5 NAG V . -7.74 39.00 -40.10
C6 NAG V . -8.81 38.62 -39.12
C7 NAG V . -5.31 37.84 -44.61
C8 NAG V . -4.24 38.10 -45.61
N2 NAG V . -5.45 38.73 -43.64
O3 NAG V . -7.63 40.29 -43.70
O4 NAG V . -8.93 40.80 -41.05
O5 NAG V . -6.99 37.83 -40.32
O6 NAG V . -9.58 39.75 -38.75
O7 NAG V . -6.03 36.86 -44.66
C1 BMA V . -10.16 41.18 -41.76
C2 BMA V . -10.92 42.14 -40.85
C3 BMA V . -12.18 42.60 -41.46
C4 BMA V . -11.79 43.31 -42.75
C5 BMA V . -11.04 42.33 -43.69
C6 BMA V . -10.54 43.08 -44.98
O2 BMA V . -10.12 43.20 -40.64
O3 BMA V . -12.88 43.50 -40.56
O4 BMA V . -12.94 43.79 -43.35
O5 BMA V . -9.86 41.86 -43.00
O6 BMA V . -11.03 44.47 -45.11
C1 MAN V . -13.87 42.80 -39.72
C2 MAN V . -14.87 43.83 -39.15
C3 MAN V . -14.19 44.77 -38.20
C4 MAN V . -13.63 43.94 -37.07
C5 MAN V . -12.62 42.93 -37.67
C6 MAN V . -12.01 42.00 -36.55
O2 MAN V . -15.80 43.09 -38.49
O3 MAN V . -15.12 45.76 -37.70
O4 MAN V . -12.99 44.76 -36.15
O5 MAN V . -13.29 42.06 -38.62
O6 MAN V . -11.59 42.74 -35.34
C1 MAN V . -17.18 43.53 -38.80
C2 MAN V . -18.11 43.07 -37.67
C3 MAN V . -18.21 41.59 -37.61
C4 MAN V . -18.78 41.11 -38.93
C5 MAN V . -17.81 41.56 -40.07
C6 MAN V . -18.33 41.17 -41.50
O2 MAN V . -19.31 43.60 -37.94
O3 MAN V . -19.11 41.23 -36.53
O4 MAN V . -18.87 39.73 -38.89
O5 MAN V . -17.71 43.01 -40.06
O6 MAN V . -18.71 42.31 -42.36
C1 MAN V . -10.14 45.33 -45.90
C2 MAN V . -9.19 46.07 -44.95
C3 MAN V . -9.90 47.00 -44.04
C4 MAN V . -10.63 48.00 -44.91
C5 MAN V . -11.62 47.25 -45.84
C6 MAN V . -12.36 48.25 -46.80
O2 MAN V . -8.35 46.79 -45.72
O3 MAN V . -8.93 47.66 -43.19
O4 MAN V . -11.34 48.89 -44.10
O5 MAN V . -10.87 46.33 -46.67
O6 MAN V . -12.76 49.53 -46.17
C1 NAG W . -1.86 19.08 -46.16
C2 NAG W . -2.36 17.69 -46.30
C3 NAG W . -1.78 17.14 -47.53
C4 NAG W . -2.21 17.97 -48.79
C5 NAG W . -1.70 19.42 -48.54
C6 NAG W . -2.03 20.40 -49.63
C7 NAG W . -2.64 16.21 -44.41
C8 NAG W . -1.98 15.46 -43.30
N2 NAG W . -1.86 16.90 -45.19
O3 NAG W . -2.16 15.76 -47.66
O4 NAG W . -1.54 17.43 -49.90
O5 NAG W . -2.28 19.96 -47.35
O6 NAG W . -3.39 20.38 -50.00
O7 NAG W . -3.87 16.18 -44.59
C1 NAG W . -2.38 17.24 -51.02
C2 NAG W . -1.47 17.00 -52.19
C3 NAG W . -2.27 16.86 -53.41
C4 NAG W . -3.23 15.63 -53.22
C5 NAG W . -4.15 15.89 -51.99
C6 NAG W . -5.07 14.72 -51.74
C7 NAG W . 0.73 17.99 -52.30
C8 NAG W . 1.55 19.23 -52.44
N2 NAG W . -0.58 18.12 -52.34
O3 NAG W . -1.39 16.69 -54.55
O4 NAG W . -4.00 15.47 -54.37
O5 NAG W . -3.34 16.05 -50.83
O6 NAG W . -5.46 14.09 -52.95
O7 NAG W . 1.25 16.87 -52.17
C1 NAG X . 22.43 1.09 -36.20
C2 NAG X . 23.87 0.83 -35.87
C3 NAG X . 24.37 0.02 -37.00
C4 NAG X . 23.67 -1.37 -37.24
C5 NAG X . 22.14 -0.97 -37.47
C6 NAG X . 21.14 -2.11 -37.43
C7 NAG X . 25.08 2.62 -34.80
C8 NAG X . 25.60 4.02 -34.95
N2 NAG X . 24.56 2.09 -35.87
O3 NAG X . 25.79 -0.20 -36.79
O4 NAG X . 24.45 -1.82 -38.35
O5 NAG X . 21.66 -0.22 -36.36
O6 NAG X . 20.50 -2.30 -38.68
O7 NAG X . 25.15 1.99 -33.74
C1 NAG X . 23.96 -2.83 -39.22
C2 NAG X . 24.10 -2.29 -40.61
C3 NAG X . 23.57 -3.28 -41.57
C4 NAG X . 24.39 -4.59 -41.42
C5 NAG X . 24.24 -5.13 -39.97
C6 NAG X . 25.04 -6.39 -39.77
C7 NAG X . 23.87 0.13 -40.78
C8 NAG X . 22.94 1.30 -40.76
N2 NAG X . 23.32 -1.07 -40.73
O3 NAG X . 23.67 -2.73 -42.91
O4 NAG X . 23.90 -5.53 -42.33
O5 NAG X . 24.76 -4.13 -39.06
O6 NAG X . 24.90 -7.27 -40.87
O7 NAG X . 25.09 0.26 -40.84
C1 NAG Y . 45.91 -14.11 -1.91
C2 NAG Y . 46.13 -15.13 -0.84
C3 NAG Y . 46.75 -16.30 -1.46
C4 NAG Y . 45.82 -16.89 -2.57
C5 NAG Y . 45.58 -15.76 -3.62
C6 NAG Y . 44.68 -16.15 -4.77
C7 NAG Y . 46.58 -14.17 1.33
C8 NAG Y . 47.57 -13.51 2.23
N2 NAG Y . 47.02 -14.59 0.17
O3 NAG Y . 47.03 -17.27 -0.42
O4 NAG Y . 46.52 -17.94 -3.20
O5 NAG Y . 44.97 -14.64 -3.00
O6 NAG Y . 43.48 -16.79 -4.36
O7 NAG Y . 45.40 -14.30 1.65
C1 NAG Y . 45.85 -19.18 -3.17
C2 NAG Y . 46.53 -20.06 -4.17
C3 NAG Y . 45.86 -21.37 -4.22
C4 NAG Y . 45.96 -22.01 -2.80
C5 NAG Y . 45.25 -21.09 -1.76
C6 NAG Y . 45.38 -21.63 -0.36
C7 NAG Y . 47.49 -19.14 -6.18
C8 NAG Y . 47.25 -18.46 -7.48
N2 NAG Y . 46.43 -19.42 -5.46
O3 NAG Y . 46.50 -22.19 -5.23
O4 NAG Y . 45.36 -23.25 -2.82
O5 NAG Y . 45.92 -19.82 -1.77
O6 NAG Y . 45.36 -23.04 -0.35
O7 NAG Y . 48.63 -19.42 -5.79
C1 NAG Z . -52.38 1.00 -4.32
C2 NAG Z . -52.74 0.04 -3.24
C3 NAG Z . -53.05 -1.25 -3.87
C4 NAG Z . -54.25 -1.19 -4.88
C5 NAG Z . -53.77 -0.15 -5.94
C6 NAG Z . -54.74 0.12 -7.06
C7 NAG Z . -51.76 -0.46 -1.11
C8 NAG Z . -50.51 -0.76 -0.35
N2 NAG Z . -51.62 -0.18 -2.37
O3 NAG Z . -53.30 -2.23 -2.83
O4 NAG Z . -54.35 -2.46 -5.47
O5 NAG Z . -53.52 1.12 -5.34
O6 NAG Z . -56.07 0.28 -6.61
O7 NAG Z . -52.86 -0.45 -0.58
C1 NAG Z . -55.67 -2.96 -5.55
C2 NAG Z . -55.67 -4.01 -6.61
C3 NAG Z . -57.02 -4.57 -6.77
C4 NAG Z . -57.46 -5.20 -5.42
C5 NAG Z . -57.45 -4.10 -4.31
C6 NAG Z . -57.82 -4.69 -2.98
C7 NAG Z . -54.28 -3.91 -8.58
C8 NAG Z . -53.94 -3.18 -9.84
N2 NAG Z . -55.27 -3.43 -7.87
O3 NAG Z . -57.00 -5.53 -7.84
O4 NAG Z . -58.74 -5.71 -5.55
O5 NAG Z . -56.12 -3.57 -4.20
O6 NAG Z . -58.91 -5.59 -3.10
O7 NAG Z . -53.67 -4.93 -8.23
C1 NAG AA . -28.64 5.20 21.98
C2 NAG AA . -29.02 4.83 20.59
C3 NAG AA . -30.21 3.96 20.63
C4 NAG AA . -29.91 2.64 21.41
C5 NAG AA . -29.49 3.08 22.84
C6 NAG AA . -29.14 1.95 23.77
C7 NAG AA . -29.08 6.10 18.54
C8 NAG AA . -29.39 7.38 17.85
N2 NAG AA . -29.31 6.02 19.82
O3 NAG AA . -30.66 3.64 19.29
O4 NAG AA . -31.11 1.91 21.47
O5 NAG AA . -28.35 3.93 22.79
O6 NAG AA . -28.29 0.98 23.20
O7 NAG AA . -28.63 5.12 17.94
C1 NAG AA . -30.98 0.56 21.08
C2 NAG AA . -32.13 -0.19 21.67
C3 NAG AA . -32.03 -1.61 21.32
C4 NAG AA . -32.12 -1.76 19.76
C5 NAG AA . -30.94 -0.94 19.15
C6 NAG AA . -31.03 -0.91 17.65
C7 NAG AA . -33.24 0.35 23.73
C8 NAG AA . -33.18 0.51 25.21
N2 NAG AA . -32.16 -0.05 23.10
O3 NAG AA . -33.09 -2.33 21.99
O4 NAG AA . -31.93 -3.12 19.45
O5 NAG AA . -31.04 0.43 19.54
O6 NAG AA . -32.07 -0.06 17.19
O7 NAG AA . -34.28 0.59 23.09
C1 BMA AA . -33.08 -3.74 18.80
C2 BMA AA . -32.60 -5.00 18.09
C3 BMA AA . -33.70 -5.70 17.39
C4 BMA AA . -34.71 -6.07 18.46
C5 BMA AA . -35.23 -4.77 19.16
C6 BMA AA . -36.23 -5.17 20.31
O2 BMA AA . -32.10 -5.81 19.03
O3 BMA AA . -33.18 -6.90 16.75
O4 BMA AA . -35.78 -6.75 17.88
O5 BMA AA . -34.11 -4.12 19.76
O6 BMA AA . -37.12 -6.30 19.98
C1 MAN AA . -33.36 -6.93 15.29
C2 MAN AA . -33.37 -8.39 14.82
C3 MAN AA . -32.05 -9.05 15.07
C4 MAN AA . -31.02 -8.27 14.28
C5 MAN AA . -31.01 -6.81 14.78
C6 MAN AA . -29.96 -5.95 13.99
O2 MAN AA . -33.61 -8.38 13.48
O3 MAN AA . -32.11 -10.42 14.62
O4 MAN AA . -29.76 -8.84 14.47
O5 MAN AA . -32.31 -6.22 14.55
O6 MAN AA . -28.65 -6.61 13.83
C1 MAN AA . -34.86 -9.04 13.09
C2 MAN AA . -34.70 -9.61 11.68
C3 MAN AA . -34.50 -8.55 10.66
C4 MAN AA . -35.72 -7.66 10.70
C5 MAN AA . -35.86 -7.06 12.13
C6 MAN AA . -37.14 -6.15 12.25
O2 MAN AA . -35.83 -10.28 11.39
O3 MAN AA . -34.36 -9.17 9.36
O4 MAN AA . -35.58 -6.63 9.77
O5 MAN AA . -36.02 -8.14 13.08
O6 MAN AA . -37.64 -5.64 10.96
C1 NAG BA . -39.33 5.88 27.75
C2 NAG BA . -39.97 6.69 28.83
C3 NAG BA . -39.65 6.11 30.13
C4 NAG BA . -40.16 4.63 30.23
C5 NAG BA . -39.45 3.86 29.06
C6 NAG BA . -39.85 2.40 28.99
C7 NAG BA . -40.16 9.07 28.38
C8 NAG BA . -39.46 10.37 28.17
N2 NAG BA . -39.43 8.03 28.75
O3 NAG BA . -40.21 6.94 31.17
O4 NAG BA . -39.72 4.08 31.45
O5 NAG BA . -39.79 4.43 27.80
O6 NAG BA . -39.02 1.68 28.12
O7 NAG BA . -41.37 8.94 28.22
C1 NAG BA . -40.77 3.81 32.36
C2 NAG BA . -40.22 2.89 33.40
C3 NAG BA . -41.26 2.56 34.40
C4 NAG BA . -41.72 3.89 35.07
C5 NAG BA . -42.31 4.84 33.98
C6 NAG BA . -42.70 6.17 34.57
C7 NAG BA . -38.51 1.29 32.82
C8 NAG BA . -38.16 0.03 32.10
N2 NAG BA . -39.76 1.69 32.77
O3 NAG BA . -40.72 1.61 35.36
O4 NAG BA . -42.69 3.60 36.03
O5 NAG BA . -41.28 5.12 33.03
O6 NAG BA . -43.25 6.02 35.87
O7 NAG BA . -37.65 1.93 33.45
C1 NAG CA . -45.89 10.19 24.11
C2 NAG CA . -46.09 8.73 23.78
C3 NAG CA . -47.45 8.57 23.24
C4 NAG CA . -48.52 9.01 24.30
C5 NAG CA . -48.20 10.48 24.67
C6 NAG CA . -49.04 10.99 25.80
C7 NAG CA . -44.22 7.43 23.06
C8 NAG CA . -43.06 7.36 22.12
N2 NAG CA . -45.11 8.34 22.80
O3 NAG CA . -47.61 7.19 22.86
O4 NAG CA . -49.78 9.02 23.66
O5 NAG CA . -46.89 10.66 25.18
O6 NAG CA . -49.15 12.40 25.81
O7 NAG CA . -44.33 6.66 24.03
C1 NAG CA . -50.60 7.90 23.94
C2 NAG CA . -52.02 8.33 23.85
C3 NAG CA . -52.88 7.20 24.21
C4 NAG CA . -52.69 6.03 23.19
C5 NAG CA . -51.17 5.67 23.21
C6 NAG CA . -50.85 4.64 22.16
C7 NAG CA . -52.45 10.66 24.21
C8 NAG CA . -52.71 11.77 25.17
N2 NAG CA . -52.29 9.46 24.71
O3 NAG CA . -54.24 7.67 24.29
O4 NAG CA . -53.34 4.88 23.68
O5 NAG CA . -50.35 6.77 22.92
O6 NAG CA . -51.56 3.44 22.41
O7 NAG CA . -52.37 10.85 23.00
C1 BMA CA . -54.66 4.60 23.10
C2 BMA CA . -54.90 3.11 23.22
C3 BMA CA . -56.22 2.73 22.68
C4 BMA CA . -57.26 3.47 23.48
C5 BMA CA . -57.03 5.01 23.34
C6 BMA CA . -58.03 5.80 24.25
O2 BMA CA . -54.87 2.81 24.54
O3 BMA CA . -56.41 1.28 22.80
O4 BMA CA . -58.51 3.12 23.03
O5 BMA CA . -55.71 5.31 23.82
O6 BMA CA . -59.07 4.97 24.90
C1 MAN CA . -56.00 0.54 21.60
C2 MAN CA . -56.64 -0.86 21.60
C3 MAN CA . -56.09 -1.69 22.73
C4 MAN CA . -54.59 -1.82 22.50
C5 MAN CA . -53.98 -0.39 22.51
C6 MAN CA . -52.43 -0.45 22.26
O2 MAN CA . -56.30 -1.42 20.41
O3 MAN CA . -56.72 -3.00 22.77
O4 MAN CA . -54.03 -2.58 23.52
O5 MAN CA . -54.56 0.40 21.45
O6 MAN CA . -51.73 -1.48 23.05
C1 MAN CA . -57.45 -2.07 19.76
C2 MAN CA . -56.93 -3.09 18.75
C3 MAN CA . -56.21 -2.46 17.62
C4 MAN CA . -57.19 -1.53 16.92
C5 MAN CA . -57.68 -0.47 17.95
C6 MAN CA . -58.76 0.50 17.33
O2 MAN CA . -58.00 -3.75 18.29
O3 MAN CA . -55.75 -3.49 16.71
O4 MAN CA . -56.52 -0.92 15.87
O5 MAN CA . -58.34 -1.15 19.04
O6 MAN CA . -60.12 0.36 17.90
C1 MAN CA . -59.58 5.52 26.16
C2 MAN CA . -58.79 4.94 27.33
C3 MAN CA . -59.00 3.47 27.47
C4 MAN CA . -60.48 3.25 27.68
C5 MAN CA . -61.27 3.82 26.47
C6 MAN CA . -62.81 3.65 26.70
O2 MAN CA . -59.24 5.53 28.45
O3 MAN CA . -58.22 2.99 28.60
O4 MAN CA . -60.73 1.89 27.81
O5 MAN CA . -61.00 5.24 26.37
O6 MAN CA . -63.21 2.37 27.30
C1 NAG DA . -42.43 22.83 13.34
C2 NAG DA . -42.09 23.38 12.00
C3 NAG DA . -42.37 24.81 12.05
C4 NAG DA . -43.88 25.10 12.36
C5 NAG DA . -44.16 24.44 13.74
C6 NAG DA . -45.57 24.58 14.24
C7 NAG DA . -40.19 22.62 10.70
C8 NAG DA . -38.71 22.51 10.62
N2 NAG DA . -40.67 23.21 11.76
O3 NAG DA . -41.97 25.43 10.80
O4 NAG DA . -44.02 26.50 12.47
O5 NAG DA . -43.90 23.05 13.69
O6 NAG DA . -46.53 24.20 13.28
O7 NAG DA . -40.94 22.17 9.83
C1 NAG DA . -45.15 27.00 11.78
C2 NAG DA . -45.37 28.39 12.28
C3 NAG DA . -46.56 28.96 11.64
C4 NAG DA . -46.33 28.96 10.09
C5 NAG DA . -46.09 27.51 9.59
C6 NAG DA . -45.82 27.48 8.12
C7 NAG DA . -44.78 29.03 14.53
C8 NAG DA . -45.06 28.90 15.98
N2 NAG DA . -45.56 28.37 13.71
O3 NAG DA . -46.81 30.29 12.17
O4 NAG DA . -47.45 29.51 9.47
O5 NAG DA . -44.93 26.99 10.25
O6 NAG DA . -46.54 28.48 7.42
O7 NAG DA . -43.86 29.75 14.09
C1 NAG EA . -13.89 36.32 17.41
C2 NAG EA . -12.78 36.90 18.22
C3 NAG EA . -12.89 38.36 18.03
C4 NAG EA . -12.74 38.89 16.55
C5 NAG EA . -13.89 38.12 15.77
C6 NAG EA . -13.83 38.17 14.26
C7 NAG EA . -12.29 35.82 20.33
C8 NAG EA . -12.82 35.48 21.69
N2 NAG EA . -13.04 36.60 19.61
O3 NAG EA . -11.90 38.99 18.87
O4 NAG EA . -12.89 40.30 16.82
O5 NAG EA . -13.76 36.71 15.94
O6 NAG EA . -14.93 38.87 13.70
O7 NAG EA . -11.20 35.40 19.91
C1 NAG EA . -13.25 41.18 15.77
C2 NAG EA . -14.40 41.99 16.28
C3 NAG EA . -14.85 42.92 15.24
C4 NAG EA . -13.66 43.86 14.87
C5 NAG EA . -12.47 43.01 14.35
C6 NAG EA . -11.29 43.88 14.02
C7 NAG EA . -15.83 40.78 17.84
C8 NAG EA . -16.88 39.74 18.02
N2 NAG EA . -15.50 41.09 16.60
O3 NAG EA . -16.00 43.66 15.72
O4 NAG EA . -14.09 44.75 13.89
O5 NAG EA . -12.06 42.11 15.40
O6 NAG EA . -11.69 45.05 13.32
O7 NAG EA . -15.30 41.35 18.80
C1 NAG FA . 29.70 30.49 22.32
C2 NAG FA . 31.07 30.34 21.72
C3 NAG FA . 31.54 31.68 21.34
C4 NAG FA . 30.58 32.33 20.29
C5 NAG FA . 29.16 32.40 20.95
C6 NAG FA . 28.09 32.99 20.06
C7 NAG FA . 32.33 28.52 22.67
C8 NAG FA . 33.15 28.02 23.81
N2 NAG FA . 31.96 29.77 22.71
O3 NAG FA . 32.89 31.54 20.82
O4 NAG FA . 31.03 33.63 20.05
O5 NAG FA . 28.72 31.10 21.30
O6 NAG FA . 28.06 32.43 18.76
O7 NAG FA . 32.00 27.78 21.73
C1 NAG FA . 31.31 33.91 18.71
C2 NAG FA . 31.40 35.39 18.58
C3 NAG FA . 31.67 35.77 17.18
C4 NAG FA . 33.03 35.11 16.76
C5 NAG FA . 32.92 33.56 16.90
C6 NAG FA . 34.23 32.89 16.57
C7 NAG FA . 30.06 36.85 19.96
C8 NAG FA . 28.70 37.33 20.30
N2 NAG FA . 30.15 35.97 18.99
O3 NAG FA . 31.71 37.21 17.07
O4 NAG FA . 33.31 35.46 15.45
O5 NAG FA . 32.64 33.25 18.26
O6 NAG FA . 34.93 33.58 15.54
O7 NAG FA . 31.08 37.26 20.54
C1 NAG GA . -30.91 -22.56 -36.03
C2 NAG GA . -29.88 -23.04 -36.99
C3 NAG GA . -29.84 -22.08 -38.12
C4 NAG GA . -31.20 -21.96 -38.88
C5 NAG GA . -32.20 -21.50 -37.79
C6 NAG GA . -33.61 -21.29 -38.25
C7 NAG GA . -27.64 -23.86 -36.70
C8 NAG GA . -26.31 -23.64 -36.06
N2 NAG GA . -28.58 -23.02 -36.38
O3 NAG GA . -28.77 -22.47 -39.01
O4 NAG GA . -31.03 -20.95 -39.85
O5 NAG GA . -32.28 -22.43 -36.72
O6 NAG GA . -34.09 -22.33 -39.08
O7 NAG GA . -27.86 -24.77 -37.49
C1 NAG GA . -31.53 -21.28 -41.13
C2 NAG GA . -31.74 -19.99 -41.85
C3 NAG GA . -32.29 -20.24 -43.19
C4 NAG GA . -31.26 -21.12 -43.98
C5 NAG GA . -31.04 -22.46 -43.22
C6 NAG GA . -30.02 -23.31 -43.92
C7 NAG GA . -32.44 -17.96 -40.75
C8 NAG GA . -33.49 -17.25 -39.97
N2 NAG GA . -32.70 -19.19 -41.12
O3 NAG GA . -32.54 -18.98 -43.85
O4 NAG GA . -31.77 -21.37 -45.24
O5 NAG GA . -30.53 -22.16 -41.91
O6 NAG GA . -30.22 -23.29 -45.34
O7 NAG GA . -31.37 -17.41 -41.05
C1 NAG HA . -2.34 -32.21 -16.98
C2 NAG HA . -3.31 -31.19 -17.47
C3 NAG HA . -3.48 -31.36 -18.93
C4 NAG HA . -2.13 -31.12 -19.67
C5 NAG HA . -1.13 -32.17 -19.10
C6 NAG HA . 0.25 -32.11 -19.67
C7 NAG HA . -5.40 -30.38 -16.57
C8 NAG HA . -6.67 -30.67 -15.86
N2 NAG HA . -4.59 -31.38 -16.81
O3 NAG HA . -4.49 -30.46 -19.43
O4 NAG HA . -2.35 -31.37 -21.04
O5 NAG HA . -0.99 -32.01 -17.69
O6 NAG HA . 0.79 -30.81 -19.74
O7 NAG HA . -5.09 -29.25 -16.92
C1 NAG HA . -1.88 -30.35 -21.90
C2 NAG HA . -1.71 -30.95 -23.24
C3 NAG HA . -1.19 -29.95 -24.19
C4 NAG HA . -2.25 -28.80 -24.31
C5 NAG HA . -2.46 -28.21 -22.89
C6 NAG HA . -3.57 -27.17 -22.89
C7 NAG HA . -1.13 -33.25 -23.69
C8 NAG HA . -0.15 -34.36 -23.58
N2 NAG HA . -0.80 -32.08 -23.20
O3 NAG HA . -0.93 -30.58 -25.45
O4 NAG HA . -1.69 -27.81 -25.14
O5 NAG HA . -2.92 -29.21 -22.00
O6 NAG HA . -4.85 -27.76 -23.01
O7 NAG HA . -2.24 -33.41 -24.23
C1 BMA HA . -2.44 -27.58 -26.37
C2 BMA HA . -2.05 -26.20 -26.91
C3 BMA HA . -2.77 -25.88 -28.16
C4 BMA HA . -2.38 -26.95 -29.16
C5 BMA HA . -2.80 -28.35 -28.63
C6 BMA HA . -2.33 -29.46 -29.64
O2 BMA HA . -0.74 -26.23 -27.16
O3 BMA HA . -2.34 -24.57 -28.64
O4 BMA HA . -2.99 -26.70 -30.38
O5 BMA HA . -2.12 -28.57 -27.39
O6 BMA HA . -2.47 -29.10 -31.05
C1 MAN HA . -3.43 -23.59 -28.75
C2 MAN HA . -3.04 -22.52 -29.79
C3 MAN HA . -1.86 -21.74 -29.33
C4 MAN HA . -2.24 -21.05 -28.03
C5 MAN HA . -2.62 -22.15 -26.99
C6 MAN HA . -3.04 -21.51 -25.63
O2 MAN HA . -4.10 -21.67 -29.91
O3 MAN HA . -1.51 -20.76 -30.34
O4 MAN HA . -1.17 -20.31 -27.56
O5 MAN HA . -3.75 -22.91 -27.49
O6 MAN HA . -2.14 -20.42 -25.18
C1 MAN HA . -4.70 -21.67 -31.25
C2 MAN HA . -5.31 -20.29 -31.51
C3 MAN HA . -6.44 -19.99 -30.60
C4 MAN HA . -7.49 -21.06 -30.82
C5 MAN HA . -6.87 -22.45 -30.53
C6 MAN HA . -7.91 -23.61 -30.79
O2 MAN HA . -5.77 -20.29 -32.78
O3 MAN HA . -6.97 -18.68 -30.90
O4 MAN HA . -8.57 -20.83 -29.98
O5 MAN HA . -5.76 -22.66 -31.43
O6 MAN HA . -9.32 -23.17 -30.74
C1 NAG IA . -4.27 -41.84 -24.14
C2 NAG IA . -4.26 -43.33 -24.04
C3 NAG IA . -2.90 -43.82 -24.26
C4 NAG IA . -2.37 -43.40 -25.67
C5 NAG IA . -2.42 -41.82 -25.70
C6 NAG IA . -1.96 -41.25 -27.00
C7 NAG IA . -5.85 -44.27 -22.48
C8 NAG IA . -6.28 -44.44 -21.05
N2 NAG IA . -4.70 -43.68 -22.70
O3 NAG IA . -2.89 -45.26 -24.10
O4 NAG IA . -1.02 -43.80 -25.79
O5 NAG IA . -3.76 -41.36 -25.51
O6 NAG IA . -1.77 -39.85 -26.92
O7 NAG IA . -6.53 -44.69 -23.42
C1 NAG IA . -0.80 -44.82 -26.74
C2 NAG IA . 0.66 -44.84 -27.02
C3 NAG IA . 0.97 -45.89 -28.02
C4 NAG IA . 0.53 -47.26 -27.41
C5 NAG IA . -1.00 -47.24 -27.12
C6 NAG IA . -1.45 -48.51 -26.47
C7 NAG IA . 1.94 -42.80 -26.95
C8 NAG IA . 2.25 -41.48 -27.58
N2 NAG IA . 1.06 -43.56 -27.54
O3 NAG IA . 2.38 -45.86 -28.33
O4 NAG IA . 0.83 -48.27 -28.32
O5 NAG IA . -1.26 -46.19 -26.18
O6 NAG IA . -0.76 -49.64 -27.00
O7 NAG IA . 2.51 -43.16 -25.90
C1 NAG JA . -12.36 -44.53 -25.61
C2 NAG JA . -11.98 -43.66 -26.78
C3 NAG JA . -12.98 -43.84 -27.83
C4 NAG JA . -13.02 -45.33 -28.30
C5 NAG JA . -13.33 -46.19 -27.04
C6 NAG JA . -13.23 -47.66 -27.30
C7 NAG JA . -10.85 -41.58 -26.37
C8 NAG JA . -10.85 -40.31 -25.59
N2 NAG JA . -11.95 -42.29 -26.34
O3 NAG JA . -12.64 -42.95 -28.92
O4 NAG JA . -14.14 -45.49 -29.17
O5 NAG JA . -12.38 -46.00 -26.00
O6 NAG JA . -13.98 -48.43 -26.38
O7 NAG JA . -9.85 -41.95 -27.02
C1 NAG JA . -13.81 -45.51 -30.55
C2 NAG JA . -14.83 -46.35 -31.24
C3 NAG JA . -14.47 -46.47 -32.66
C4 NAG JA . -14.51 -45.04 -33.32
C5 NAG JA . -13.51 -44.16 -32.51
C6 NAG JA . -13.56 -42.74 -33.00
C7 NAG JA . -15.96 -47.98 -29.89
C8 NAG JA . -15.98 -49.35 -29.31
N2 NAG JA . -14.94 -47.67 -30.65
O3 NAG JA . -15.36 -47.41 -33.28
O4 NAG JA . -13.93 -45.14 -34.61
O5 NAG JA . -13.83 -44.10 -31.14
O6 NAG JA . -13.17 -42.65 -34.35
O7 NAG JA . -16.85 -47.16 -29.67
C1 BMA JA . -14.89 -45.21 -35.72
C2 BMA JA . -14.19 -44.68 -36.96
C3 BMA JA . -15.07 -44.72 -38.14
C4 BMA JA . -15.42 -46.18 -38.37
C5 BMA JA . -16.16 -46.72 -37.11
C6 BMA JA . -16.45 -48.27 -37.27
O2 BMA JA . -13.11 -45.46 -37.18
O3 BMA JA . -14.36 -44.19 -39.31
O4 BMA JA . -16.21 -46.28 -39.49
O5 BMA JA . -15.29 -46.59 -35.98
O6 BMA JA . -16.13 -48.81 -38.61
C1 MAN JA . -14.63 -42.75 -39.51
C2 MAN JA . -14.26 -42.36 -40.96
C3 MAN JA . -12.78 -42.49 -41.19
C4 MAN JA . -12.09 -41.54 -40.22
C5 MAN JA . -12.47 -41.97 -38.78
C6 MAN JA . -11.80 -41.01 -37.72
O2 MAN JA . -14.63 -41.06 -41.09
O3 MAN JA . -12.43 -42.18 -42.55
O4 MAN JA . -10.71 -41.63 -40.40
O5 MAN JA . -13.90 -41.88 -38.60
O6 MAN JA . -10.37 -40.73 -37.99
C1 MAN JA . -15.36 -40.82 -42.35
C2 MAN JA . -15.28 -39.33 -42.69
C3 MAN JA . -16.00 -38.48 -41.70
C4 MAN JA . -17.45 -38.91 -41.72
C5 MAN JA . -17.53 -40.43 -41.33
C6 MAN JA . -19.00 -40.98 -41.38
O2 MAN JA . -15.84 -39.19 -43.89
O3 MAN JA . -15.88 -37.10 -42.08
O4 MAN JA . -18.13 -38.14 -40.78
O5 MAN JA . -16.77 -41.19 -42.31
O6 MAN JA . -19.25 -41.98 -42.46
C1 MAN JA . -15.80 -50.24 -38.60
C2 MAN JA . -14.28 -50.42 -38.50
C3 MAN JA . -13.57 -49.88 -39.68
C4 MAN JA . -14.08 -50.64 -40.89
C5 MAN JA . -15.62 -50.44 -41.01
C6 MAN JA . -16.19 -51.25 -42.22
O2 MAN JA . -14.04 -51.73 -38.41
O3 MAN JA . -12.14 -50.08 -39.50
O4 MAN JA . -13.46 -50.16 -42.03
O5 MAN JA . -16.25 -50.94 -39.81
O6 MAN JA . -15.35 -51.24 -43.43
C1 NAG KA . -24.28 -41.41 -13.94
C2 NAG KA . -25.30 -40.56 -13.28
C3 NAG KA . -26.13 -41.45 -12.46
C4 NAG KA . -26.84 -42.55 -13.32
C5 NAG KA . -25.70 -43.35 -14.02
C6 NAG KA . -26.17 -44.46 -14.93
C7 NAG KA . -24.83 -38.34 -12.46
C8 NAG KA . -24.06 -37.51 -11.48
N2 NAG KA . -24.64 -39.63 -12.40
O3 NAG KA . -27.09 -40.66 -11.72
O4 NAG KA . -27.53 -43.40 -12.44
O5 NAG KA . -24.91 -42.48 -14.83
O6 NAG KA . -27.15 -44.03 -15.85
O7 NAG KA . -25.61 -37.85 -13.28
C1 NAG KA . -28.84 -43.69 -12.86
C2 NAG KA . -29.31 -44.84 -12.03
C3 NAG KA . -30.66 -45.26 -12.45
C4 NAG KA . -31.61 -44.03 -12.25
C5 NAG KA . -31.11 -42.82 -13.10
C6 NAG KA . -31.97 -41.61 -12.90
C7 NAG KA . -27.76 -46.51 -11.22
C8 NAG KA . -26.83 -47.62 -11.54
N2 NAG KA . -28.40 -45.96 -12.22
O3 NAG KA . -31.07 -46.40 -11.70
O4 NAG KA . -32.90 -44.38 -12.64
O5 NAG KA . -29.78 -42.48 -12.67
O6 NAG KA . -33.33 -41.96 -12.69
O7 NAG KA . -27.93 -46.12 -10.06
C1 NAG LA . -13.19 -37.38 15.62
C2 NAG LA . -12.34 -37.72 16.80
C3 NAG LA . -13.25 -38.37 17.75
C4 NAG LA . -14.46 -37.50 18.27
C5 NAG LA . -15.23 -37.09 16.94
C6 NAG LA . -16.27 -36.01 17.06
C7 NAG LA . -10.08 -38.46 16.32
C8 NAG LA . -9.25 -39.51 15.68
N2 NAG LA . -11.37 -38.69 16.37
O3 NAG LA . -12.46 -38.81 18.88
O4 NAG LA . -15.05 -38.46 19.16
O5 NAG LA . -14.34 -36.45 16.03
O6 NAG LA . -17.58 -36.48 16.78
O7 NAG LA . -9.60 -37.42 16.79
C1 NAG LA . -16.40 -38.32 19.57
C2 NAG LA . -17.05 -39.65 19.32
C3 NAG LA . -18.47 -39.57 19.68
C4 NAG LA . -18.58 -39.22 21.20
C5 NAG LA . -17.88 -37.84 21.44
C6 NAG LA . -17.93 -37.47 22.90
C7 NAG LA . -16.13 -40.86 17.42
C8 NAG LA . -16.03 -40.96 15.93
N2 NAG LA . -16.96 -39.95 17.89
O3 NAG LA . -19.11 -40.85 19.39
O4 NAG LA . -19.92 -39.14 21.55
O5 NAG LA . -16.50 -37.95 21.07
O6 NAG LA . -19.21 -37.73 23.47
O7 NAG LA . -15.46 -41.58 18.17
C1 NAG MA . 15.92 -17.04 42.03
C2 NAG MA . 16.29 -15.89 42.90
C3 NAG MA . 15.61 -16.05 44.19
C4 NAG MA . 14.06 -16.08 44.00
C5 NAG MA . 13.74 -17.28 43.03
C6 NAG MA . 12.27 -17.45 42.72
C7 NAG MA . 18.52 -15.05 42.46
C8 NAG MA . 19.98 -15.23 42.65
N2 NAG MA . 17.73 -15.88 43.10
O3 NAG MA . 16.03 -14.96 45.05
O4 NAG MA . 13.49 -16.35 45.24
O5 NAG MA . 14.40 -17.08 41.79
O6 NAG MA . 11.63 -16.23 42.33
O7 NAG MA . 18.05 -14.17 41.73
C1 NAG MA . 12.56 -15.37 45.67
C2 NAG MA . 11.79 -15.99 46.80
C3 NAG MA . 10.77 -15.04 47.28
C4 NAG MA . 11.52 -13.75 47.78
C5 NAG MA . 12.32 -13.13 46.59
C6 NAG MA . 13.11 -11.93 47.05
C7 NAG MA . 11.32 -18.34 46.86
C8 NAG MA . 10.60 -19.50 46.23
N2 NAG MA . 11.13 -17.17 46.31
O3 NAG MA . 10.00 -15.66 48.34
O4 NAG MA . 10.59 -12.84 48.25
O5 NAG MA . 13.28 -14.09 46.14
O6 NAG MA . 12.43 -11.19 48.05
O7 NAG MA . 12.05 -18.49 47.84
C1 NAG NA . -36.77 9.44 -32.89
C2 NAG NA . -36.13 9.69 -34.24
C3 NAG NA . -37.18 9.83 -35.26
C4 NAG NA . -38.03 8.52 -35.32
C5 NAG NA . -38.69 8.30 -33.93
C6 NAG NA . -39.51 7.04 -33.90
C7 NAG NA . -34.10 11.03 -34.20
C8 NAG NA . -33.53 12.40 -34.21
N2 NAG NA . -35.41 10.95 -34.21
O3 NAG NA . -36.58 10.13 -36.54
O4 NAG NA . -39.00 8.66 -36.30
O5 NAG NA . -37.64 8.17 -32.95
O6 NAG NA . -40.29 6.90 -35.08
O7 NAG NA . -33.36 10.04 -34.17
C1 NAG OA . -14.67 1.19 -38.14
C2 NAG OA . -15.19 2.53 -38.62
C3 NAG OA . -15.41 2.54 -40.07
C4 NAG OA . -14.01 2.30 -40.72
C5 NAG OA . -13.44 0.94 -40.26
C6 NAG OA . -12.06 0.71 -40.83
C7 NAG OA . -16.46 3.95 -37.14
C8 NAG OA . -17.62 4.09 -36.21
N2 NAG OA . -16.41 2.87 -37.90
O3 NAG OA . -16.01 3.79 -40.47
O4 NAG OA . -14.14 2.33 -42.11
O5 NAG OA . -13.31 0.95 -38.83
O6 NAG OA . -11.88 1.42 -42.05
O7 NAG OA . -15.57 4.80 -37.22
C1 NAG PA . -19.41 36.03 -28.37
C2 NAG PA . -18.46 37.12 -27.96
C3 NAG PA . -18.88 37.72 -26.69
C4 NAG PA . -20.31 38.33 -26.88
C5 NAG PA . -21.27 37.19 -27.29
C6 NAG PA . -22.67 37.71 -27.47
C7 NAG PA . -16.16 36.73 -28.59
C8 NAG PA . -14.86 36.13 -28.22
N2 NAG PA . -17.13 36.56 -27.75
O3 NAG PA . -17.92 38.71 -26.29
O4 NAG PA . -20.75 38.92 -25.69
O5 NAG PA . -20.83 36.63 -28.53
O6 NAG PA . -22.94 38.72 -26.50
O7 NAG PA . -16.31 37.37 -29.64
C1 NAG QA . 15.15 30.02 -47.33
C2 NAG QA . 14.78 31.22 -48.16
C3 NAG QA . 14.99 30.91 -49.59
C4 NAG QA . 16.51 30.58 -49.78
C5 NAG QA . 16.89 29.36 -48.89
C6 NAG QA . 18.34 28.99 -49.01
C7 NAG QA . 13.10 32.67 -47.19
C8 NAG QA . 11.66 32.89 -46.84
N2 NAG QA . 13.39 31.60 -47.90
O3 NAG QA . 14.57 32.04 -50.39
O4 NAG QA . 16.74 30.28 -51.10
O5 NAG QA . 16.64 29.69 -47.52
O6 NAG QA . 18.79 29.02 -50.35
O7 NAG QA . 13.97 33.45 -46.81
C1 NAG RA . 5.80 23.27 -52.28
C2 NAG RA . 4.35 22.82 -52.26
C3 NAG RA . 3.85 22.71 -53.63
C4 NAG RA . 3.94 24.12 -54.30
C5 NAG RA . 5.42 24.58 -54.30
C6 NAG RA . 5.57 25.97 -54.89
C7 NAG RA . 3.63 21.43 -50.42
C8 NAG RA . 3.70 20.11 -49.72
N2 NAG RA . 4.23 21.53 -51.58
O3 NAG RA . 2.49 22.22 -53.60
O4 NAG RA . 3.46 24.04 -55.60
O5 NAG RA . 5.90 24.65 -52.96
O6 NAG RA . 4.61 26.20 -55.92
O7 NAG RA . 3.01 22.40 -49.97
C1 NAG SA . 9.50 31.60 -25.67
C2 NAG SA . 8.81 31.71 -24.34
C3 NAG SA . 8.92 33.06 -23.77
C4 NAG SA . 10.43 33.32 -23.53
C5 NAG SA . 11.19 33.21 -24.88
C6 NAG SA . 12.66 33.41 -24.68
C7 NAG SA . 6.97 30.25 -23.92
C8 NAG SA . 5.57 29.88 -24.19
N2 NAG SA . 7.42 31.36 -24.45
O3 NAG SA . 8.15 33.13 -22.54
O4 NAG SA . 10.59 34.58 -22.98
O5 NAG SA . 11.00 31.90 -25.41
O6 NAG SA . 12.94 34.13 -23.49
O7 NAG SA . 7.70 29.55 -23.20
C1 NAG TA . 40.77 18.22 -10.02
C2 NAG TA . 40.97 18.36 -8.53
C3 NAG TA . 41.79 19.55 -8.24
C4 NAG TA . 43.18 19.36 -8.94
C5 NAG TA . 42.95 19.22 -10.47
C6 NAG TA . 44.24 19.02 -11.22
C7 NAG TA . 39.31 17.70 -6.94
C8 NAG TA . 37.93 17.88 -6.42
N2 NAG TA . 39.71 18.53 -7.86
O3 NAG TA . 41.93 19.70 -6.80
O4 NAG TA . 43.98 20.48 -8.68
O5 NAG TA . 42.13 18.06 -10.72
O6 NAG TA . 45.30 19.79 -10.64
O7 NAG TA . 40.07 16.82 -6.52
C1 NAG UA . 27.08 11.05 -29.82
C2 NAG UA . 26.92 10.34 -31.13
C3 NAG UA . 27.58 9.03 -31.04
C4 NAG UA . 29.09 9.25 -30.74
C5 NAG UA . 29.22 10.02 -29.39
C6 NAG UA . 30.65 10.30 -29.04
C7 NAG UA . 24.94 10.53 -32.51
C8 NAG UA . 23.45 10.32 -32.65
N2 NAG UA . 25.50 10.15 -31.40
O3 NAG UA . 27.37 8.31 -32.28
O4 NAG UA . 29.73 8.03 -30.66
O5 NAG UA . 28.56 11.28 -29.49
O6 NAG UA . 31.50 9.24 -29.47
O7 NAG UA . 25.61 11.02 -33.42
C1 NAG VA . 31.93 19.29 -43.44
C2 NAG VA . 33.32 19.08 -43.98
C3 NAG VA . 34.21 20.11 -43.40
C4 NAG VA . 33.66 21.50 -43.86
C5 NAG VA . 32.21 21.68 -43.33
C6 NAG VA . 31.62 23.00 -43.77
C7 NAG VA . 34.12 16.87 -44.53
C8 NAG VA . 34.51 15.51 -44.04
N2 NAG VA . 33.79 17.75 -43.61
O3 NAG VA . 35.58 19.87 -43.84
O4 NAG VA . 34.49 22.50 -43.34
O5 NAG VA . 31.37 20.66 -43.86
O6 NAG VA . 32.54 24.07 -43.59
O7 NAG VA . 34.13 17.15 -45.73
C1 NAG WA . 55.07 1.80 -4.91
C2 NAG WA . 55.27 3.23 -5.31
C3 NAG WA . 56.70 3.58 -5.26
C4 NAG WA . 57.17 3.35 -3.78
C5 NAG WA . 56.95 1.86 -3.37
C6 NAG WA . 57.36 1.57 -1.96
C7 NAG WA . 53.87 4.33 -6.92
C8 NAG WA . 53.31 4.37 -8.30
N2 NAG WA . 54.76 3.41 -6.66
O3 NAG WA . 56.87 4.95 -5.68
O4 NAG WA . 58.52 3.68 -3.68
O5 NAG WA . 55.55 1.55 -3.47
O6 NAG WA . 58.44 2.41 -1.55
O7 NAG WA . 53.52 5.13 -6.05
C1 NAG XA . 36.39 -9.30 -12.90
C2 NAG XA . 37.54 -8.42 -13.32
C3 NAG XA . 37.33 -7.93 -14.68
C4 NAG XA . 37.26 -9.18 -15.63
C5 NAG XA . 36.07 -10.08 -15.19
C6 NAG XA . 35.96 -11.33 -16.04
C7 NAG XA . 38.69 -7.14 -11.62
C8 NAG XA . 38.60 -6.07 -10.59
N2 NAG XA . 37.64 -7.31 -12.40
O3 NAG XA . 38.43 -7.04 -15.03
O4 NAG XA . 37.07 -8.75 -16.93
O5 NAG XA . 36.30 -10.52 -13.85
O6 NAG XA . 36.37 -11.08 -17.38
O7 NAG XA . 39.70 -7.84 -11.76
C1 NAG YA . -46.72 1.31 -18.39
C2 NAG YA . -47.45 2.45 -17.72
C3 NAG YA . -48.77 2.61 -18.34
C4 NAG YA . -48.61 2.91 -19.86
C5 NAG YA . -47.89 1.70 -20.51
C6 NAG YA . -47.67 1.90 -21.99
C7 NAG YA . -47.02 2.73 -15.34
C8 NAG YA . -47.41 2.33 -13.97
N2 NAG YA . -47.67 2.15 -16.33
O3 NAG YA . -49.50 3.68 -17.66
O4 NAG YA . -49.87 3.08 -20.42
O5 NAG YA . -46.59 1.57 -19.90
O6 NAG YA . -48.83 2.46 -22.60
O7 NAG YA . -46.13 3.56 -15.53
C1 NAG ZA . -34.70 19.83 -8.57
C2 NAG ZA . -35.98 19.25 -7.97
C3 NAG ZA . -37.10 20.18 -8.09
C4 NAG ZA . -36.70 21.45 -7.26
C5 NAG ZA . -35.41 22.07 -7.83
C6 NAG ZA . -34.97 23.26 -7.01
C7 NAG ZA . -36.32 16.86 -7.89
C8 NAG ZA . -36.35 15.58 -8.63
N2 NAG ZA . -36.29 17.97 -8.61
O3 NAG ZA . -38.31 19.56 -7.62
O4 NAG ZA . -37.74 22.37 -7.30
O5 NAG ZA . -34.36 21.10 -7.77
O6 NAG ZA . -36.07 23.87 -6.35
O7 NAG ZA . -36.33 16.93 -6.66
C1 NAG AB . -47.67 -6.90 12.61
C2 NAG AB . -47.43 -7.29 14.05
C3 NAG AB . -47.08 -8.71 14.14
C4 NAG AB . -48.25 -9.56 13.58
C5 NAG AB . -48.47 -9.16 12.11
C6 NAG AB . -49.59 -9.96 11.50
C7 NAG AB . -46.48 -5.54 15.41
C8 NAG AB . -45.23 -4.88 15.88
N2 NAG AB . -46.31 -6.53 14.58
O3 NAG AB . -46.78 -9.04 15.52
O4 NAG AB . -47.95 -10.92 13.66
O5 NAG AB . -48.82 -7.77 12.05
O6 NAG AB . -49.56 -11.29 11.99
O7 NAG AB . -47.59 -5.17 15.77
C1 NAG BB . -39.75 26.37 33.10
C2 NAG BB . -41.11 26.19 33.72
C3 NAG BB . -41.84 27.48 33.68
C4 NAG BB . -41.01 28.51 34.51
C5 NAG BB . -39.58 28.66 33.89
C6 NAG BB . -38.73 29.62 34.66
C7 NAG BB . -42.03 23.96 33.53
C8 NAG BB . -42.65 22.91 32.67
N2 NAG BB . -41.85 25.15 33.01
O3 NAG BB . -43.18 27.28 34.20
O4 NAG BB . -41.66 29.73 34.50
O5 NAG BB . -38.93 27.39 33.91
O6 NAG BB . -39.44 30.79 35.02
O7 NAG BB . -41.70 23.72 34.70
C1 NAG CB . -44.73 28.82 21.85
C2 NAG CB . -45.25 28.33 20.51
C3 NAG CB . -46.41 29.14 20.11
C4 NAG CB . -47.52 28.96 21.19
C5 NAG CB . -46.98 29.44 22.57
C6 NAG CB . -47.99 29.25 23.66
C7 NAG CB . -43.67 27.36 18.97
C8 NAG CB . -42.48 27.54 18.07
N2 NAG CB . -44.20 28.43 19.49
O3 NAG CB . -46.86 28.70 18.80
O4 NAG CB . -48.64 29.69 20.83
O5 NAG CB . -45.83 28.67 22.92
O6 NAG CB . -49.32 29.40 23.18
O7 NAG CB . -44.15 26.24 19.20
C1 NAG DB . -28.48 7.26 29.74
C2 NAG DB . -27.96 5.91 29.30
C3 NAG DB . -28.18 4.87 30.31
C4 NAG DB . -27.36 5.31 31.56
C5 NAG DB . -27.84 6.70 32.05
C6 NAG DB . -27.03 7.16 33.23
C7 NAG DB . -27.91 5.46 26.96
C8 NAG DB . -28.65 5.17 25.72
N2 NAG DB . -28.60 5.51 28.07
O3 NAG DB . -27.77 3.60 29.80
O4 NAG DB . -27.52 4.37 32.57
O5 NAG DB . -27.65 7.64 31.00
O6 NAG DB . -26.41 6.07 33.91
O7 NAG DB . -26.69 5.64 26.96
C1 NAG EB . 5.37 17.70 41.86
C2 NAG EB . 6.45 16.66 42.07
C3 NAG EB . 6.49 16.26 43.48
C4 NAG EB . 6.81 17.52 44.34
C5 NAG EB . 5.71 18.58 44.11
C6 NAG EB . 5.97 19.83 44.90
C7 NAG EB . 7.00 15.05 40.39
C8 NAG EB . 6.55 13.93 39.53
N2 NAG EB . 6.16 15.48 41.28
O3 NAG EB . 7.48 15.21 43.65
O4 NAG EB . 6.87 17.15 45.68
O5 NAG EB . 5.68 18.94 42.72
O6 NAG EB . 6.54 19.55 46.17
O7 NAG EB . 8.13 15.56 40.28
C1 NAG FB . -11.97 28.97 27.60
C2 NAG FB . -12.60 30.20 27.01
C3 NAG FB . -11.55 31.11 26.55
C4 NAG FB . -10.66 31.50 27.76
C5 NAG FB . -10.04 30.21 28.37
C6 NAG FB . -9.18 30.51 29.56
C7 NAG FB . -14.69 30.15 25.79
C8 NAG FB . -15.46 29.63 24.60
N2 NAG FB . -13.44 29.80 25.89
O3 NAG FB . -12.16 32.26 25.91
O4 NAG FB . -9.66 32.36 27.34
O5 NAG FB . -11.08 29.34 28.80
O6 NAG FB . -8.51 31.75 29.42
O7 NAG FB . -15.22 30.87 26.63
C1 NAG GB . -22.95 37.00 37.19
C2 NAG GB . -22.48 38.15 38.03
C3 NAG GB . -22.13 37.67 39.37
C4 NAG GB . -23.43 37.03 39.99
C5 NAG GB . -23.91 35.86 39.09
C6 NAG GB . -25.17 35.23 39.61
C7 NAG GB . -21.36 40.04 37.04
C8 NAG GB . -20.14 40.56 36.33
N2 NAG GB . -21.33 38.78 37.41
O3 NAG GB . -21.61 38.75 40.18
O4 NAG GB . -23.13 36.56 41.27
O5 NAG GB . -24.21 36.34 37.78
O6 NAG GB . -25.10 35.01 41.02
O7 NAG GB . -22.32 40.78 37.27
C1 NAG HB . 24.54 29.11 40.13
C2 NAG HB . 23.65 28.78 41.30
C3 NAG HB . 24.28 29.26 42.54
C4 NAG HB . 25.65 28.53 42.68
C5 NAG HB . 26.56 28.88 41.45
C6 NAG HB . 27.90 28.20 41.52
C7 NAG HB . 21.27 28.72 41.13
C8 NAG HB . 20.00 29.42 40.79
N2 NAG HB . 22.37 29.41 41.09
O3 NAG HB . 23.39 28.96 43.65
O4 NAG HB . 26.27 28.93 43.86
O5 NAG HB . 25.91 28.42 40.26
O6 NAG HB . 28.33 28.00 42.85
O7 NAG HB . 21.29 27.52 41.43
C1 NAG IB . 14.72 31.44 19.29
C2 NAG IB . 14.60 31.85 20.73
C3 NAG IB . 13.30 32.49 20.98
C4 NAG IB . 13.22 33.76 20.06
C5 NAG IB . 13.35 33.32 18.56
C6 NAG IB . 13.32 34.50 17.63
C7 NAG IB . 15.74 30.55 22.42
C8 NAG IB . 15.88 29.21 23.08
N2 NAG IB . 14.74 30.68 21.58
O3 NAG IB . 13.19 32.82 22.39
O4 NAG IB . 12.01 34.40 20.26
O5 NAG IB . 14.62 32.68 18.38
O6 NAG IB . 12.48 35.54 18.12
O7 NAG IB . 16.51 31.47 22.64
C1 NAG JB . -37.85 -9.87 -31.50
C2 NAG JB . -38.34 -11.26 -31.21
C3 NAG JB . -39.54 -11.54 -32.01
C4 NAG JB . -40.66 -10.51 -31.66
C5 NAG JB . -40.13 -9.09 -31.99
C6 NAG JB . -41.15 -8.03 -31.66
C7 NAG JB . -36.61 -12.91 -30.77
C8 NAG JB . -35.66 -13.90 -31.36
N2 NAG JB . -37.35 -12.23 -31.62
O3 NAG JB . -39.98 -12.91 -31.79
O4 NAG JB . -41.79 -10.80 -32.42
O5 NAG JB . -38.97 -8.85 -31.19
O6 NAG JB . -42.45 -8.41 -32.06
O7 NAG JB . -36.68 -12.76 -29.55
C1 NAG KB . -33.93 -20.42 -10.12
C2 NAG KB . -33.90 -21.17 -11.44
C3 NAG KB . -35.03 -22.10 -11.56
C4 NAG KB . -34.87 -23.14 -10.41
C5 NAG KB . -34.91 -22.41 -9.04
C6 NAG KB . -34.69 -23.39 -7.91
C7 NAG KB . -32.84 -20.21 -13.38
C8 NAG KB . -32.73 -19.04 -14.30
N2 NAG KB . -33.87 -20.23 -12.56
O3 NAG KB . -35.02 -22.71 -12.88
O4 NAG KB . -35.90 -24.06 -10.48
O5 NAG KB . -33.83 -21.46 -8.99
O6 NAG KB . -35.12 -24.70 -8.26
O7 NAG KB . -32.02 -21.13 -13.37
C1 NAG LB . -12.80 -28.55 -38.74
C2 NAG LB . -11.49 -29.28 -38.88
C3 NAG LB . -10.53 -28.47 -39.63
C4 NAG LB . -11.11 -28.20 -41.06
C5 NAG LB . -12.45 -27.44 -40.89
C6 NAG LB . -13.06 -27.14 -42.23
C7 NAG LB . -10.91 -30.68 -36.99
C8 NAG LB . -10.26 -30.75 -35.66
N2 NAG LB . -10.91 -29.51 -37.57
O3 NAG LB . -9.26 -29.16 -39.69
O4 NAG LB . -10.23 -27.43 -41.81
O5 NAG LB . -13.36 -28.26 -40.15
O6 NAG LB . -12.04 -26.82 -43.17
O7 NAG LB . -11.43 -31.66 -37.52
C1 NAG MB . -10.93 -56.14 -10.01
C2 NAG MB . -11.13 -57.15 -11.11
C3 NAG MB . -12.17 -58.11 -10.71
C4 NAG MB . -11.67 -58.83 -9.41
C5 NAG MB . -11.43 -57.77 -8.28
C6 NAG MB . -10.93 -58.39 -7.01
C7 NAG MB . -10.63 -56.34 -13.34
C8 NAG MB . -11.04 -55.49 -14.49
N2 NAG MB . -11.49 -56.47 -12.34
O3 NAG MB . -12.42 -59.03 -11.80
O4 NAG MB . -12.63 -59.74 -8.99
O5 NAG MB . -10.44 -56.84 -8.72
O6 NAG MB . -11.63 -59.58 -6.69
O7 NAG MB . -9.53 -56.90 -13.31
C1 NAG NB . -22.55 -51.65 -11.50
C2 NAG NB . -23.51 -50.70 -12.18
C3 NAG NB . -24.79 -51.37 -12.42
C4 NAG NB . -24.53 -52.59 -13.36
C5 NAG NB . -23.54 -53.56 -12.67
C6 NAG NB . -23.22 -54.74 -13.54
C7 NAG NB . -23.27 -48.34 -11.73
C8 NAG NB . -23.37 -47.21 -10.74
N2 NAG NB . -23.71 -49.51 -11.36
O3 NAG NB . -25.72 -50.42 -13.01
O4 NAG NB . -25.74 -53.24 -13.61
O5 NAG NB . -22.31 -52.87 -12.42
O6 NAG NB . -24.32 -55.11 -14.36
O7 NAG NB . -22.81 -48.18 -12.87
C1 NAG OB . 2.11 -38.75 -15.58
C2 NAG OB . 2.73 -37.51 -16.16
C3 NAG OB . 3.84 -37.83 -17.07
C4 NAG OB . 4.92 -38.54 -16.22
C5 NAG OB . 4.32 -39.82 -15.58
C6 NAG OB . 5.33 -40.51 -14.71
C7 NAG OB . 1.37 -35.57 -16.39
C8 NAG OB . 0.26 -34.89 -17.09
N2 NAG OB . 1.76 -36.73 -16.86
O3 NAG OB . 4.34 -36.61 -17.68
O4 NAG OB . 6.01 -38.87 -17.03
O5 NAG OB . 3.22 -39.44 -14.75
O6 NAG OB . 6.66 -40.16 -15.06
O7 NAG OB . 1.92 -35.07 -15.40
C1 NAG PB . 23.06 -36.42 15.37
C2 NAG PB . 24.28 -35.54 15.37
C3 NAG PB . 25.48 -36.33 15.08
C4 NAG PB . 25.63 -37.43 16.19
C5 NAG PB . 24.36 -38.32 16.18
C6 NAG PB . 24.42 -39.39 17.23
C7 NAG PB . 24.21 -33.25 14.66
C8 NAG PB . 23.93 -32.28 13.57
N2 NAG PB . 24.17 -34.51 14.36
O3 NAG PB . 26.64 -35.45 15.02
O4 NAG PB . 26.76 -38.18 15.94
O5 NAG PB . 23.20 -37.52 16.44
O6 NAG PB . 25.75 -39.90 17.39
O7 NAG PB . 24.48 -32.89 15.81
C1 NAG QB . -1.49 -40.12 11.51
C2 NAG QB . -2.83 -40.62 11.95
C3 NAG QB . -3.06 -40.23 13.35
C4 NAG QB . -1.94 -40.87 14.22
C5 NAG QB . -0.56 -40.37 13.73
C6 NAG QB . 0.57 -40.95 14.52
C7 NAG QB . -4.75 -40.72 10.47
C8 NAG QB . -5.72 -39.97 9.59
N2 NAG QB . -3.85 -40.00 11.11
O3 NAG QB . -4.39 -40.64 13.75
O4 NAG QB . -2.14 -40.52 15.55
O5 NAG QB . -0.37 -40.74 12.37
O6 NAG QB . 0.21 -41.16 15.87
O7 NAG QB . -4.80 -41.94 10.60
C1 NAG RB . -4.56 -56.32 9.26
C2 NAG RB . -4.31 -57.28 10.40
C3 NAG RB . -2.95 -57.83 10.26
C4 NAG RB . -2.89 -58.59 8.88
C5 NAG RB . -3.19 -57.58 7.73
C6 NAG RB . -3.17 -58.26 6.38
C7 NAG RB . -5.34 -56.97 12.55
C8 NAG RB . -5.46 -56.14 13.79
N2 NAG RB . -4.45 -56.59 11.67
O3 NAG RB . -2.66 -58.71 11.38
O4 NAG RB . -1.62 -59.12 8.73
O5 NAG RB . -4.49 -57.03 7.89
O6 NAG RB . -2.05 -59.11 6.25
O7 NAG RB . -6.05 -57.97 12.38
C1 NAG SB . 26.25 -31.67 36.99
C2 NAG SB . 26.75 -32.76 36.11
C3 NAG SB . 27.71 -33.60 36.85
C4 NAG SB . 28.88 -32.67 37.30
C5 NAG SB . 28.34 -31.54 38.22
C6 NAG SB . 29.42 -30.60 38.67
C7 NAG SB . 25.42 -33.77 34.39
C8 NAG SB . 24.18 -34.49 34.00
N2 NAG SB . 25.63 -33.56 35.66
O3 NAG SB . 28.15 -34.68 35.99
O4 NAG SB . 29.82 -33.44 38.00
O5 NAG SB . 27.40 -30.76 37.46
O6 NAG SB . 30.66 -31.26 38.80
O7 NAG SB . 26.23 -33.37 33.55
C1 NAG TB . 5.51 -22.54 32.23
C2 NAG TB . 6.24 -23.84 32.41
C3 NAG TB . 5.41 -24.96 31.94
C4 NAG TB . 4.10 -24.97 32.80
C5 NAG TB . 3.35 -23.62 32.63
C6 NAG TB . 2.10 -23.55 33.46
C7 NAG TB . 8.65 -23.85 32.23
C8 NAG TB . 9.84 -23.61 31.38
N2 NAG TB . 7.48 -23.80 31.65
O3 NAG TB . 6.16 -26.20 32.06
O4 NAG TB . 3.29 -26.02 32.41
O5 NAG TB . 4.21 -22.56 33.07
O6 NAG TB . 1.49 -24.82 33.60
O7 NAG TB . 8.75 -24.10 33.44
#